data_8W4F
#
_entry.id   8W4F
#
loop_
_entity.id
_entity.type
_entity.pdbx_description
1 polymer 'Spike glycoprotein'
2 polymer Tribody
#
loop_
_entity_poly.entity_id
_entity_poly.type
_entity_poly.pdbx_seq_one_letter_code
_entity_poly.pdbx_strand_id
1 'polypeptide(L)'
;AYTNSFTRGVYYPDKVFRSSVLHSTQDLFLPFFSNVTWFHAIHVSGTNGTKRFDNPVLPFNDGVYFASTEKSNIIRGWIF
GTTLDSKTQSLLIVNNATNVVIKVCEFQFCNDPFLGVYYHKNNKSWMESEFRVYSSANNCTFEYVSQPFLMDLEGKQGNF
KNLREFVFKNIDGYFKIYSKHTPINLVRDLPQGFSALEPLVDLPIGINITRFQTLLALHRSYLTPGDSSSGWTAGAAAYY
VGYLQPRTFLLKYNENGTITDAVDCALDPLSETKCTLKSFTVEKGIYQTSNFRVQPTESIVRFPNITNLCPFGEVFNATR
FASVYAWNRKRISNCVADYSVLYNSASFSTFKCYGVSPTKLNDLCFTNVYADSFVIRGDEVRQIAPGQTGKIADYNYKLP
DDFTGCVIAWNSNNLDSKVGGNYNYLYRLFRKSNLKPFERDISTEIYQAGSTPCNGVEGFNCYFPLQSYGFQPTNGVGYQ
PYRVVVLSFELLHAPATVCGPKKSTNLVKNKCVNFNFNGLTGTGVLTESNKKFLPFQQFGRDIADTTDAVRDPQTLEILD
ITPCSFGGVSVITPGTNTSNQVAVLYQDVNCTEVPVAIHADQLTPTWRVYSTGSNVFQTRAGCLIGAEHVNNSYECDIPI
GAGICASYQTQTNSPRAAASVASQSIIAYTMSLGAENSVAYSNNSIAIPTNFTISVTTEILPVSMTKTSVDCTMYICGDS
TECSNLLLQYGSFCTQLNRALTGIAVEQDKNTQEVFAQVKQIYKTPPIKDFGGFNFSQILPDPSKPSKRSPIEDLLFNKV
TLADAGFIKQYGDCLGDIAARDLICAQKFNGLTVLPPLLTDEMIAQYTSALLAGTITSGWTFGAGPALQIPFPMQMAYRF
NGIGVTQNVLYENQKLIANQFNSAIGKIQDSLSSTPSALGKLQDVVNQNAQALNTLVKQLSSNFGAISSVLNDILSRLDP
PEAEVQIDRLITGRLQSLQTYVTQQLIRAAEIRASANLAATKMSECVLGQSKRVDFCGKGYHLMSFPQSAPHGVVFLHVT
YVPAQEKNFTTAPAICHDGKAHFPREGVFVSNGTHWFVTQRNFYEPQIITTDNTFVSGNCDVVIGIVNNTVYDPLQPELD
;
A,B,C
2 'polypeptide(L)'
;QVQLVESGGGLVQAGGSLRLSCAASGIIFGRNAMGWYRQAPGKERELVAGITRRGSITYYADSVKGRFTISRDNAKNTVY
LQMNSLKPEDTAVYYCAADPASPAPGDYWGQGTQVTVSSGAGGSGGSSGSDGASGSRVTAFSNMDDMLQKAHLVIEGTFI
YLRDSTEFFIRVRDGWKKLQLGELIPIPADSPPPPAL
;
D,E,F
#
# COMPACT_ATOMS: atom_id res chain seq x y z
N ALA A 1 -48.84 24.69 14.19
CA ALA A 1 -47.75 24.89 13.20
C ALA A 1 -46.51 24.32 13.81
N TYR A 2 -45.27 24.75 13.35
CA TYR A 2 -43.94 24.29 13.70
C TYR A 2 -43.10 25.55 13.95
N THR A 3 -41.91 25.34 14.68
CA THR A 3 -40.92 26.35 14.85
C THR A 3 -39.69 25.62 14.15
N ASN A 4 -38.48 26.28 14.18
CA ASN A 4 -37.35 25.71 13.52
C ASN A 4 -36.29 25.46 14.49
N SER A 5 -35.36 24.47 14.29
CA SER A 5 -34.22 24.28 15.08
C SER A 5 -33.11 25.19 14.72
N PHE A 6 -33.13 26.41 15.25
CA PHE A 6 -32.27 27.50 14.86
C PHE A 6 -30.82 27.29 15.26
N THR A 7 -30.15 26.35 14.52
CA THR A 7 -28.77 26.03 14.74
C THR A 7 -28.37 25.78 16.22
N ARG A 8 -29.24 24.92 16.82
CA ARG A 8 -29.24 24.47 18.26
C ARG A 8 -29.68 23.07 18.30
N GLY A 9 -29.31 22.44 19.47
CA GLY A 9 -29.62 21.10 19.82
C GLY A 9 -28.51 20.15 19.63
N VAL A 10 -27.26 20.67 19.96
CA VAL A 10 -26.03 19.93 19.81
C VAL A 10 -25.63 19.50 21.21
N TYR A 11 -25.26 18.23 21.41
CA TYR A 11 -24.97 17.62 22.73
C TYR A 11 -23.48 17.22 22.67
N TYR A 12 -22.78 16.90 23.75
CA TYR A 12 -21.40 16.49 23.74
C TYR A 12 -21.28 15.10 23.32
N PRO A 13 -20.62 14.65 22.27
CA PRO A 13 -20.66 13.27 21.85
C PRO A 13 -19.69 12.46 22.69
N ASP A 14 -18.87 13.20 23.48
CA ASP A 14 -17.75 12.56 24.15
C ASP A 14 -17.57 13.39 25.42
N LYS A 15 -16.63 12.88 26.30
CA LYS A 15 -16.43 13.48 27.54
C LYS A 15 -15.02 13.83 27.71
N VAL A 16 -14.24 13.86 26.59
CA VAL A 16 -12.76 13.99 26.56
C VAL A 16 -12.47 15.48 26.70
N PHE A 17 -11.30 15.89 27.32
CA PHE A 17 -10.95 17.30 27.61
C PHE A 17 -10.46 17.96 26.44
N ARG A 18 -11.31 18.38 25.51
CA ARG A 18 -10.84 19.18 24.38
C ARG A 18 -10.61 20.62 24.67
N SER A 19 -9.72 21.16 23.86
CA SER A 19 -9.38 22.54 23.81
C SER A 19 -9.20 23.00 22.42
N SER A 20 -9.86 24.10 22.00
CA SER A 20 -9.67 24.91 20.79
C SER A 20 -9.41 24.18 19.46
N VAL A 21 -10.38 23.30 19.10
CA VAL A 21 -10.18 22.31 18.12
C VAL A 21 -11.52 22.06 17.48
N LEU A 22 -11.45 21.74 16.17
CA LEU A 22 -12.63 21.28 15.41
C LEU A 22 -12.57 19.82 15.25
N HIS A 23 -13.79 19.23 15.24
CA HIS A 23 -13.88 17.87 14.96
C HIS A 23 -15.08 17.75 14.06
N SER A 24 -15.06 16.76 13.11
CA SER A 24 -16.20 16.44 12.39
C SER A 24 -16.65 15.08 12.88
N THR A 25 -17.87 15.07 13.41
CA THR A 25 -18.48 13.95 14.01
C THR A 25 -19.85 13.77 13.39
N GLN A 26 -20.36 12.50 13.68
CA GLN A 26 -21.69 12.23 13.27
C GLN A 26 -22.32 11.42 14.32
N ASP A 27 -23.58 11.84 14.79
CA ASP A 27 -24.36 11.04 15.76
C ASP A 27 -25.71 11.68 15.70
N LEU A 28 -26.62 11.30 16.64
CA LEU A 28 -27.98 11.62 16.70
C LEU A 28 -27.99 13.01 17.28
N PHE A 29 -27.74 14.05 16.42
CA PHE A 29 -27.87 15.46 16.82
C PHE A 29 -29.19 15.94 16.27
N LEU A 30 -29.78 17.12 16.73
CA LEU A 30 -30.95 17.76 16.18
C LEU A 30 -30.67 18.49 14.94
N PRO A 31 -31.17 18.03 13.81
CA PRO A 31 -30.85 18.66 12.56
C PRO A 31 -31.15 20.13 12.53
N PHE A 32 -30.23 20.96 11.91
CA PHE A 32 -30.45 22.39 11.90
C PHE A 32 -31.62 22.77 10.95
N PHE A 33 -32.42 23.72 11.43
CA PHE A 33 -33.60 24.32 10.92
C PHE A 33 -34.75 23.33 10.72
N SER A 34 -34.69 22.15 11.33
CA SER A 34 -35.79 21.21 11.23
C SER A 34 -36.94 21.64 11.86
N ASN A 35 -38.15 21.04 11.58
CA ASN A 35 -39.42 21.38 12.13
C ASN A 35 -39.54 20.82 13.51
N VAL A 36 -39.89 21.70 14.53
CA VAL A 36 -40.04 21.15 15.85
C VAL A 36 -41.44 21.36 16.07
N THR A 37 -42.16 20.29 16.42
CA THR A 37 -43.53 20.17 16.57
C THR A 37 -44.02 20.53 17.95
N TRP A 38 -45.05 21.37 17.93
CA TRP A 38 -45.74 21.89 19.18
C TRP A 38 -46.86 20.99 19.54
N PHE A 39 -46.96 20.70 20.86
CA PHE A 39 -48.10 20.00 21.26
C PHE A 39 -48.70 20.87 22.35
N HIS A 40 -50.05 20.81 22.43
CA HIS A 40 -50.92 21.54 23.33
C HIS A 40 -51.77 20.48 23.86
N ALA A 41 -52.37 20.63 25.05
CA ALA A 41 -53.26 19.69 25.72
C ALA A 41 -54.69 19.88 25.20
N ILE A 42 -54.96 19.33 23.99
CA ILE A 42 -56.14 19.59 23.20
C ILE A 42 -57.34 19.16 24.01
N HIS A 43 -58.28 20.13 24.19
CA HIS A 43 -59.53 19.99 24.87
C HIS A 43 -60.50 19.23 24.08
N VAL A 44 -61.20 18.29 24.77
CA VAL A 44 -62.15 17.31 24.33
C VAL A 44 -63.26 17.58 25.31
N SER A 45 -64.52 17.17 24.87
CA SER A 45 -65.75 17.32 25.63
C SER A 45 -65.71 16.32 26.75
N GLY A 46 -66.70 16.46 27.73
CA GLY A 46 -66.78 15.66 28.94
C GLY A 46 -65.81 16.22 29.92
N THR A 47 -65.65 17.62 29.95
CA THR A 47 -64.77 18.50 30.73
C THR A 47 -64.87 18.16 32.19
N ASN A 48 -66.08 18.02 32.74
CA ASN A 48 -66.49 17.72 34.11
C ASN A 48 -65.96 18.70 35.12
N GLY A 49 -65.48 19.86 34.61
CA GLY A 49 -64.93 20.87 35.37
C GLY A 49 -63.52 20.67 35.83
N THR A 50 -62.92 19.55 35.20
CA THR A 50 -61.61 19.06 35.55
C THR A 50 -60.61 19.53 34.57
N LYS A 51 -61.06 20.07 33.45
CA LYS A 51 -60.32 20.54 32.30
C LYS A 51 -59.77 19.34 31.63
N ARG A 52 -60.61 18.69 30.84
CA ARG A 52 -60.31 17.45 30.25
C ARG A 52 -59.66 17.73 28.90
N PHE A 53 -58.60 16.90 28.64
CA PHE A 53 -57.77 16.93 27.49
C PHE A 53 -57.47 15.50 27.08
N ASP A 54 -56.84 15.31 25.92
CA ASP A 54 -56.38 14.11 25.43
C ASP A 54 -54.96 14.37 25.04
N ASN A 55 -54.23 13.30 24.76
CA ASN A 55 -52.85 13.39 24.45
C ASN A 55 -52.64 12.03 23.76
N PRO A 56 -52.11 12.01 22.51
CA PRO A 56 -51.83 10.65 21.83
C PRO A 56 -50.62 10.02 22.39
N VAL A 57 -50.27 8.82 21.98
CA VAL A 57 -49.04 8.28 22.50
C VAL A 57 -47.95 8.45 21.39
N LEU A 58 -47.00 9.40 21.63
CA LEU A 58 -46.20 10.05 20.60
C LEU A 58 -45.09 9.20 20.09
N PRO A 59 -44.86 8.98 18.77
CA PRO A 59 -43.78 8.21 18.20
C PRO A 59 -42.44 8.72 18.74
N PHE A 60 -41.52 7.78 18.96
CA PHE A 60 -40.17 7.94 19.39
C PHE A 60 -39.49 7.28 18.22
N ASN A 61 -38.68 8.10 17.46
CA ASN A 61 -37.92 7.73 16.28
C ASN A 61 -36.56 8.27 16.20
N ASP A 62 -35.53 7.37 16.41
CA ASP A 62 -34.16 7.59 16.40
C ASP A 62 -33.73 8.65 17.43
N GLY A 63 -34.38 8.76 18.54
CA GLY A 63 -34.06 9.72 19.62
C GLY A 63 -34.90 10.95 19.38
N VAL A 64 -35.27 11.70 20.45
CA VAL A 64 -36.15 12.85 20.32
C VAL A 64 -35.51 14.01 21.09
N TYR A 65 -35.98 15.17 20.67
CA TYR A 65 -35.76 16.47 21.24
C TYR A 65 -37.08 16.63 21.93
N PHE A 66 -36.96 17.19 23.17
CA PHE A 66 -38.09 17.40 23.97
C PHE A 66 -37.80 18.61 24.69
N ALA A 67 -38.82 19.48 24.83
CA ALA A 67 -38.65 20.63 25.60
C ALA A 67 -39.96 21.01 26.12
N SER A 68 -39.97 21.78 27.18
CA SER A 68 -41.21 22.31 27.74
C SER A 68 -40.84 23.55 28.60
N THR A 69 -41.86 24.37 28.83
CA THR A 69 -41.71 25.46 29.73
C THR A 69 -42.52 25.12 30.98
N GLU A 70 -42.35 25.91 32.13
CA GLU A 70 -43.13 25.73 33.32
C GLU A 70 -43.49 27.10 33.86
N LYS A 71 -44.71 27.28 34.37
CA LYS A 71 -45.13 28.50 35.10
C LYS A 71 -45.48 28.26 36.56
N SER A 72 -46.03 27.04 36.87
CA SER A 72 -46.55 26.61 38.10
C SER A 72 -46.37 25.13 38.23
N ASN A 73 -45.37 24.53 37.49
CA ASN A 73 -45.21 23.08 37.42
C ASN A 73 -46.42 22.23 37.07
N ILE A 74 -47.22 22.60 36.07
CA ILE A 74 -48.43 21.98 35.72
C ILE A 74 -48.15 20.54 35.16
N ILE A 75 -46.88 20.37 34.58
CA ILE A 75 -46.33 19.15 34.08
C ILE A 75 -45.65 18.49 35.16
N ARG A 76 -46.15 17.22 35.39
CA ARG A 76 -45.71 16.42 36.51
C ARG A 76 -44.61 15.55 36.09
N GLY A 77 -44.37 15.37 34.84
CA GLY A 77 -43.33 14.60 34.28
C GLY A 77 -43.49 14.27 32.87
N TRP A 78 -42.93 13.05 32.57
CA TRP A 78 -43.07 12.50 31.20
C TRP A 78 -42.81 11.03 31.38
N ILE A 79 -43.24 10.29 30.34
CA ILE A 79 -43.21 8.86 30.40
C ILE A 79 -42.86 8.35 29.05
N PHE A 80 -41.86 7.46 29.03
CA PHE A 80 -41.36 6.81 27.85
C PHE A 80 -41.70 5.32 27.86
N GLY A 81 -42.28 4.81 26.75
CA GLY A 81 -42.67 3.45 26.88
C GLY A 81 -43.10 3.07 25.50
N THR A 82 -44.12 2.26 25.42
CA THR A 82 -44.64 1.83 24.14
C THR A 82 -46.10 2.18 24.03
N THR A 83 -47.07 1.25 24.39
CA THR A 83 -48.53 1.43 24.31
C THR A 83 -48.99 2.00 25.67
N LEU A 84 -48.13 1.88 26.75
CA LEU A 84 -48.37 2.39 28.10
C LEU A 84 -49.60 1.70 28.61
N ASP A 85 -49.71 0.32 28.60
CA ASP A 85 -50.84 -0.38 29.13
C ASP A 85 -50.67 -1.02 30.40
N SER A 86 -49.61 -0.72 31.16
CA SER A 86 -49.21 -1.34 32.45
C SER A 86 -48.98 -2.85 32.27
N LYS A 87 -48.76 -3.30 31.04
CA LYS A 87 -48.53 -4.64 30.58
C LYS A 87 -47.38 -4.41 29.64
N THR A 88 -46.58 -3.34 29.88
CA THR A 88 -45.42 -3.11 29.00
C THR A 88 -44.49 -2.24 29.80
N GLN A 89 -43.17 -2.46 29.70
CA GLN A 89 -42.07 -1.71 30.40
C GLN A 89 -42.04 -0.33 29.91
N SER A 90 -41.85 0.65 30.86
CA SER A 90 -41.84 2.12 30.70
C SER A 90 -41.03 2.79 31.72
N LEU A 91 -40.48 3.93 31.30
CA LEU A 91 -39.80 4.77 32.21
C LEU A 91 -40.71 5.82 32.74
N LEU A 92 -40.88 5.87 34.05
CA LEU A 92 -41.77 6.88 34.64
C LEU A 92 -40.86 7.86 35.28
N ILE A 93 -40.96 9.14 34.84
CA ILE A 93 -40.25 10.25 35.50
C ILE A 93 -41.24 11.07 36.24
N VAL A 94 -40.98 11.15 37.64
CA VAL A 94 -41.98 11.85 38.44
C VAL A 94 -41.28 13.07 38.89
N ASN A 95 -41.92 14.32 38.69
CA ASN A 95 -41.31 15.57 39.08
C ASN A 95 -42.01 15.79 40.37
N ASN A 96 -43.32 15.98 40.19
CA ASN A 96 -44.30 16.38 41.18
C ASN A 96 -43.87 17.57 42.07
N ALA A 97 -43.19 18.57 41.37
CA ALA A 97 -42.68 19.80 41.83
C ALA A 97 -41.76 19.53 42.90
N THR A 98 -41.00 18.42 42.92
CA THR A 98 -40.04 18.12 43.97
C THR A 98 -38.98 17.38 43.25
N ASN A 99 -38.11 16.62 44.01
CA ASN A 99 -37.06 15.79 43.53
C ASN A 99 -37.52 14.64 42.57
N VAL A 100 -36.68 14.48 41.51
CA VAL A 100 -36.90 13.51 40.42
C VAL A 100 -36.82 12.09 40.92
N VAL A 101 -37.79 11.19 40.50
CA VAL A 101 -37.87 9.83 40.80
C VAL A 101 -37.54 9.18 39.49
N ILE A 102 -36.51 8.28 39.48
CA ILE A 102 -36.23 7.50 38.36
C ILE A 102 -36.85 6.12 38.82
N LYS A 103 -37.72 5.54 38.01
CA LYS A 103 -38.35 4.29 38.18
C LYS A 103 -38.75 3.71 36.81
N VAL A 104 -38.29 2.44 36.57
CA VAL A 104 -38.59 1.72 35.30
C VAL A 104 -39.19 0.43 35.66
N CYS A 105 -40.49 0.27 35.18
CA CYS A 105 -41.36 -0.88 35.36
C CYS A 105 -42.54 -0.78 34.43
N GLU A 106 -43.61 -1.65 34.62
CA GLU A 106 -44.71 -1.59 33.77
C GLU A 106 -45.66 -0.55 34.22
N PHE A 107 -45.81 0.53 33.45
CA PHE A 107 -46.62 1.70 33.79
C PHE A 107 -47.58 1.98 32.70
N GLN A 108 -48.59 2.83 33.00
CA GLN A 108 -49.51 3.44 32.00
C GLN A 108 -49.62 4.86 32.35
N PHE A 109 -50.25 5.56 31.43
CA PHE A 109 -50.70 6.93 31.57
C PHE A 109 -51.67 6.97 30.50
N CYS A 110 -52.68 7.85 30.70
CA CYS A 110 -53.73 8.14 29.74
C CYS A 110 -53.75 9.62 29.55
N ASN A 111 -54.75 10.31 30.08
CA ASN A 111 -54.96 11.72 29.98
C ASN A 111 -55.74 12.19 31.24
N ASP A 112 -55.96 11.21 32.19
CA ASP A 112 -56.78 11.25 33.36
C ASP A 112 -55.87 10.82 34.54
N PRO A 113 -55.16 11.62 35.37
CA PRO A 113 -54.45 11.17 36.51
C PRO A 113 -55.33 10.80 37.74
N PHE A 114 -54.81 9.92 38.63
CA PHE A 114 -55.55 9.59 39.79
C PHE A 114 -54.96 10.27 41.04
N LEU A 115 -53.61 10.14 41.27
CA LEU A 115 -52.94 10.72 42.40
C LEU A 115 -51.91 11.68 41.88
N GLY A 116 -51.92 11.98 40.59
CA GLY A 116 -51.01 12.85 39.93
C GLY A 116 -51.61 14.20 39.84
N VAL A 117 -52.77 14.38 40.52
CA VAL A 117 -53.64 15.53 40.58
C VAL A 117 -52.92 16.71 41.08
N TYR A 118 -53.04 17.88 40.46
CA TYR A 118 -52.30 19.10 40.71
C TYR A 118 -52.43 19.52 42.12
N TYR A 119 -51.32 19.94 42.68
CA TYR A 119 -51.22 20.23 44.11
C TYR A 119 -52.09 21.43 44.55
N HIS A 120 -52.66 21.27 45.71
CA HIS A 120 -53.33 22.39 46.35
C HIS A 120 -53.08 22.02 47.72
N LYS A 121 -53.67 20.84 48.10
CA LYS A 121 -53.53 20.18 49.37
C LYS A 121 -53.09 18.80 49.05
N ASN A 122 -52.64 18.53 47.83
CA ASN A 122 -52.27 17.22 47.43
C ASN A 122 -50.86 17.23 47.10
N ASN A 123 -50.17 16.15 47.49
CA ASN A 123 -48.74 16.01 47.22
C ASN A 123 -47.86 17.23 47.64
N LYS A 124 -47.34 18.08 46.72
CA LYS A 124 -46.40 19.15 46.91
C LYS A 124 -45.05 18.56 47.02
N SER A 125 -44.99 17.21 47.09
CA SER A 125 -43.78 16.45 46.98
C SER A 125 -44.35 15.03 47.01
N TRP A 126 -43.82 14.01 46.27
CA TRP A 126 -44.20 12.62 46.39
C TRP A 126 -42.99 12.00 45.69
N MET A 127 -42.32 11.03 46.35
CA MET A 127 -41.16 10.34 45.83
C MET A 127 -41.41 8.91 45.41
N GLU A 128 -42.62 8.60 45.14
CA GLU A 128 -43.07 7.33 44.78
C GLU A 128 -43.78 7.42 43.48
N SER A 129 -43.91 6.27 42.79
CA SER A 129 -44.64 6.23 41.52
C SER A 129 -46.07 6.28 41.97
N GLU A 130 -47.01 6.58 41.02
CA GLU A 130 -48.45 6.50 41.14
C GLU A 130 -48.83 5.07 41.25
N PHE A 131 -49.69 4.67 42.14
CA PHE A 131 -49.89 3.24 42.42
C PHE A 131 -51.20 2.78 41.72
N ARG A 132 -51.77 3.82 41.04
CA ARG A 132 -53.06 3.67 40.40
C ARG A 132 -52.88 3.46 38.95
N VAL A 133 -51.56 3.18 38.55
CA VAL A 133 -51.22 2.95 37.14
C VAL A 133 -50.58 1.57 37.03
N TYR A 134 -50.78 0.66 37.97
CA TYR A 134 -50.30 -0.73 37.90
C TYR A 134 -51.51 -1.41 37.68
N SER A 135 -51.49 -2.52 36.93
CA SER A 135 -52.54 -3.43 36.65
C SER A 135 -52.11 -4.85 36.92
N SER A 136 -51.13 -4.96 37.87
CA SER A 136 -50.56 -6.21 38.29
C SER A 136 -49.95 -7.07 37.22
N ALA A 137 -49.48 -8.26 37.71
CA ALA A 137 -48.75 -9.38 37.14
C ALA A 137 -47.46 -8.90 36.62
N ASN A 138 -46.84 -7.93 37.36
CA ASN A 138 -45.61 -7.32 37.02
C ASN A 138 -44.44 -8.29 36.93
N ASN A 139 -43.59 -8.05 35.96
CA ASN A 139 -42.33 -8.71 35.71
C ASN A 139 -41.60 -7.67 34.97
N CYS A 140 -40.60 -7.09 35.71
CA CYS A 140 -39.70 -6.15 35.28
C CYS A 140 -38.42 -6.30 36.07
N THR A 141 -37.27 -5.85 35.51
CA THR A 141 -35.90 -6.01 36.06
C THR A 141 -35.07 -4.80 35.72
N PHE A 142 -34.11 -4.50 36.63
CA PHE A 142 -33.25 -3.33 36.41
C PHE A 142 -32.17 -3.48 37.50
N GLU A 143 -31.01 -2.79 37.33
CA GLU A 143 -29.91 -2.70 38.15
C GLU A 143 -29.29 -1.30 38.18
N TYR A 144 -29.94 -0.32 37.33
CA TYR A 144 -29.39 0.93 37.27
C TYR A 144 -30.47 1.93 37.62
N VAL A 145 -31.58 1.48 38.22
CA VAL A 145 -32.66 2.40 38.59
C VAL A 145 -32.42 2.83 40.04
N SER A 146 -32.56 4.15 40.33
CA SER A 146 -32.47 4.62 41.68
C SER A 146 -33.42 5.79 41.77
N GLN A 147 -34.37 5.69 42.68
CA GLN A 147 -35.42 6.67 42.82
C GLN A 147 -34.86 8.03 43.23
N PRO A 148 -34.17 8.29 44.35
CA PRO A 148 -33.65 9.65 44.67
C PRO A 148 -32.43 9.94 43.88
N PHE A 149 -32.65 10.23 42.58
CA PHE A 149 -31.57 10.38 41.61
C PHE A 149 -31.82 11.56 40.76
N LEU A 150 -30.76 12.34 40.33
CA LEU A 150 -30.88 13.52 39.45
C LEU A 150 -31.55 14.71 40.07
N MET A 151 -31.14 15.13 41.29
CA MET A 151 -31.58 16.18 42.04
C MET A 151 -30.74 17.33 41.60
N ASP A 152 -30.02 17.12 40.44
CA ASP A 152 -29.17 18.10 39.76
C ASP A 152 -30.01 18.80 38.67
N LEU A 153 -31.30 18.35 38.58
CA LEU A 153 -32.32 18.88 37.71
C LEU A 153 -33.44 19.43 38.59
N GLU A 154 -33.92 18.54 39.51
CA GLU A 154 -35.07 18.73 40.39
C GLU A 154 -36.30 18.90 39.49
N GLY A 155 -37.54 18.66 40.10
CA GLY A 155 -38.74 18.70 39.31
C GLY A 155 -39.36 20.03 39.48
N LYS A 156 -38.61 20.97 40.11
CA LYS A 156 -39.08 22.26 40.41
C LYS A 156 -37.99 23.24 40.12
N GLN A 157 -38.30 24.41 39.50
CA GLN A 157 -37.40 25.48 39.28
C GLN A 157 -37.40 26.64 40.29
N GLY A 158 -36.30 27.32 40.50
CA GLY A 158 -36.12 28.46 41.28
C GLY A 158 -36.91 29.65 40.82
N ASN A 159 -37.07 29.75 39.49
CA ASN A 159 -37.72 30.80 38.73
C ASN A 159 -38.43 30.09 37.68
N PHE A 160 -39.47 30.73 37.13
CA PHE A 160 -40.22 30.16 36.08
C PHE A 160 -40.07 31.03 34.94
N LYS A 161 -40.66 30.62 33.88
CA LYS A 161 -40.67 31.08 32.54
C LYS A 161 -39.36 30.82 31.89
N ASN A 162 -38.84 29.59 32.19
CA ASN A 162 -37.61 29.23 31.56
C ASN A 162 -37.96 28.11 30.69
N LEU A 163 -37.07 27.81 29.72
CA LEU A 163 -37.15 26.68 28.80
C LEU A 163 -36.11 25.67 29.18
N ARG A 164 -36.54 24.42 29.26
CA ARG A 164 -35.67 23.27 29.46
C ARG A 164 -35.75 22.47 28.29
N GLU A 165 -34.61 22.18 27.59
CA GLU A 165 -34.38 21.39 26.41
C GLU A 165 -33.80 20.13 26.91
N PHE A 166 -34.21 18.94 26.37
CA PHE A 166 -33.75 17.68 26.65
C PHE A 166 -33.62 17.03 25.36
N VAL A 167 -32.75 16.05 25.25
CA VAL A 167 -32.64 15.21 24.12
C VAL A 167 -32.56 13.92 24.87
N PHE A 168 -33.31 12.90 24.34
CA PHE A 168 -33.37 11.59 24.89
C PHE A 168 -32.82 10.77 23.73
N LYS A 169 -31.85 9.84 23.95
CA LYS A 169 -31.33 8.98 22.95
C LYS A 169 -30.73 7.76 23.63
N ASN A 170 -30.43 6.62 22.92
CA ASN A 170 -29.79 5.47 23.45
C ASN A 170 -28.45 5.29 22.70
N ILE A 171 -27.36 5.50 23.42
CA ILE A 171 -26.05 5.42 22.82
C ILE A 171 -25.23 4.56 23.69
N ASP A 172 -24.60 3.52 23.13
CA ASP A 172 -23.73 2.54 23.76
C ASP A 172 -24.37 1.83 24.91
N GLY A 173 -25.69 1.74 24.76
CA GLY A 173 -26.45 1.02 25.74
C GLY A 173 -26.84 1.95 26.98
N TYR A 174 -26.47 3.25 26.99
CA TYR A 174 -26.70 4.13 28.08
C TYR A 174 -27.92 4.86 27.70
N PHE A 175 -28.92 4.98 28.64
CA PHE A 175 -29.99 5.90 28.45
C PHE A 175 -29.61 7.32 28.82
N LYS A 176 -29.37 8.12 27.77
CA LYS A 176 -28.81 9.39 27.89
C LYS A 176 -29.88 10.49 27.82
N ILE A 177 -29.73 11.45 28.79
CA ILE A 177 -30.52 12.67 28.79
C ILE A 177 -29.39 13.71 28.89
N TYR A 178 -29.45 14.66 27.95
CA TYR A 178 -28.65 15.83 27.82
C TYR A 178 -29.76 16.84 27.77
N SER A 179 -29.43 18.05 28.37
CA SER A 179 -30.35 19.08 28.55
C SER A 179 -29.62 20.41 28.58
N LYS A 180 -30.40 21.50 28.42
CA LYS A 180 -29.87 22.86 28.66
C LYS A 180 -31.01 23.62 29.21
N HIS A 181 -30.64 24.48 30.22
CA HIS A 181 -31.59 25.39 30.88
C HIS A 181 -31.28 26.82 30.49
N THR A 182 -32.26 27.53 29.93
CA THR A 182 -32.10 28.93 29.43
C THR A 182 -33.38 29.71 29.69
N PRO A 183 -33.44 31.01 30.03
CA PRO A 183 -34.67 31.76 30.14
C PRO A 183 -35.24 32.10 28.76
N ILE A 184 -36.52 32.34 28.79
CA ILE A 184 -37.30 32.83 27.70
C ILE A 184 -38.10 33.97 28.37
N ASN A 185 -38.80 34.82 27.59
CA ASN A 185 -39.69 35.79 28.15
C ASN A 185 -41.08 35.32 27.84
N LEU A 186 -41.26 34.44 26.82
CA LEU A 186 -42.60 34.00 26.40
C LEU A 186 -42.46 32.66 25.75
N VAL A 187 -43.42 31.82 26.11
CA VAL A 187 -43.57 30.45 25.77
C VAL A 187 -43.75 30.24 24.37
N ARG A 188 -43.96 31.28 23.50
CA ARG A 188 -44.08 31.13 22.11
C ARG A 188 -42.77 31.10 21.43
N ASP A 189 -41.65 31.50 22.21
CA ASP A 189 -40.28 31.56 21.72
C ASP A 189 -39.57 30.55 22.33
N LEU A 190 -38.58 30.12 21.49
CA LEU A 190 -37.57 29.21 21.79
C LEU A 190 -36.26 29.90 21.39
N PRO A 191 -35.01 29.64 21.86
CA PRO A 191 -33.72 30.29 21.51
C PRO A 191 -33.37 30.36 20.01
N GLN A 192 -32.79 31.55 19.59
CA GLN A 192 -32.30 31.83 18.31
C GLN A 192 -30.83 31.57 18.26
N GLY A 193 -30.20 31.25 19.41
CA GLY A 193 -28.74 31.00 19.69
C GLY A 193 -28.48 29.55 19.64
N PHE A 194 -27.23 29.21 19.88
CA PHE A 194 -26.64 27.87 19.82
C PHE A 194 -26.98 27.33 21.13
N SER A 195 -27.41 26.06 21.22
CA SER A 195 -27.61 25.34 22.48
C SER A 195 -26.69 24.21 22.46
N ALA A 196 -25.78 24.24 23.45
CA ALA A 196 -24.92 23.11 23.71
C ALA A 196 -25.41 22.47 25.03
N LEU A 197 -25.91 21.22 24.93
CA LEU A 197 -26.58 20.48 26.01
C LEU A 197 -25.60 19.55 26.77
N GLU A 198 -25.70 19.58 28.15
CA GLU A 198 -24.81 18.95 29.13
C GLU A 198 -25.56 17.73 29.59
N PRO A 199 -24.94 16.62 30.05
CA PRO A 199 -25.65 15.43 30.50
C PRO A 199 -26.36 15.55 31.80
N LEU A 200 -27.42 14.81 32.01
CA LEU A 200 -28.14 14.58 33.23
C LEU A 200 -28.07 13.15 33.68
N VAL A 201 -28.43 12.15 32.84
CA VAL A 201 -28.65 10.76 33.12
C VAL A 201 -27.80 10.05 32.10
N ASP A 202 -27.11 8.98 32.58
CA ASP A 202 -26.23 8.21 31.78
C ASP A 202 -26.22 6.84 32.55
N LEU A 203 -27.44 6.29 32.52
CA LEU A 203 -27.82 5.09 33.18
C LEU A 203 -28.22 4.07 32.12
N PRO A 204 -27.49 3.00 31.99
CA PRO A 204 -27.81 2.00 30.99
C PRO A 204 -28.84 1.16 31.56
N ILE A 205 -30.07 1.69 31.79
CA ILE A 205 -31.05 0.86 32.50
C ILE A 205 -31.59 -0.27 31.60
N GLY A 206 -32.04 0.16 30.37
CA GLY A 206 -32.69 -0.67 29.37
C GLY A 206 -34.08 -0.34 29.53
N ILE A 207 -34.61 0.37 28.47
CA ILE A 207 -35.95 0.87 28.55
C ILE A 207 -36.66 0.65 27.20
N ASN A 208 -37.89 0.08 27.29
CA ASN A 208 -38.69 -0.29 26.12
C ASN A 208 -39.36 1.01 25.60
N ILE A 209 -38.74 1.62 24.52
CA ILE A 209 -39.28 2.87 24.00
C ILE A 209 -39.50 2.78 22.46
N THR A 210 -40.75 3.11 22.08
CA THR A 210 -41.24 3.20 20.74
C THR A 210 -42.04 4.45 20.80
N ARG A 211 -42.65 4.87 21.88
CA ARG A 211 -43.52 6.01 21.87
C ARG A 211 -43.34 6.65 23.29
N PHE A 212 -43.93 7.88 23.55
CA PHE A 212 -43.83 8.52 24.86
C PHE A 212 -45.01 9.41 25.03
N GLN A 213 -45.23 9.94 26.26
CA GLN A 213 -46.28 10.94 26.46
C GLN A 213 -45.64 11.84 27.42
N THR A 214 -46.25 12.99 27.54
CA THR A 214 -45.83 13.94 28.57
C THR A 214 -46.92 13.84 29.67
N LEU A 215 -46.42 13.90 30.93
CA LEU A 215 -47.42 13.66 32.01
C LEU A 215 -47.92 14.90 32.38
N LEU A 216 -49.13 15.20 32.01
CA LEU A 216 -49.72 16.43 32.34
C LEU A 216 -50.92 16.24 33.28
N ALA A 217 -50.98 17.09 34.30
CA ALA A 217 -52.04 17.18 35.29
C ALA A 217 -52.68 18.50 35.36
N LEU A 218 -53.88 18.60 34.77
CA LEU A 218 -54.73 19.80 34.73
C LEU A 218 -55.76 19.63 35.80
N HIS A 219 -55.97 18.31 36.14
CA HIS A 219 -56.96 17.91 37.09
C HIS A 219 -56.79 18.57 38.41
N ARG A 220 -57.91 19.04 39.03
CA ARG A 220 -57.79 19.69 40.30
C ARG A 220 -59.09 19.32 40.99
N SER A 221 -58.98 19.53 42.30
CA SER A 221 -59.98 19.24 43.28
C SER A 221 -61.10 20.27 43.34
N TYR A 222 -60.84 21.36 42.60
CA TYR A 222 -61.76 22.47 42.47
C TYR A 222 -62.54 22.31 41.17
N LEU A 223 -63.82 22.63 41.25
CA LEU A 223 -64.76 22.52 40.14
C LEU A 223 -65.42 23.85 39.96
N THR A 224 -64.60 24.91 40.16
CA THR A 224 -65.06 26.25 40.01
C THR A 224 -63.89 26.86 39.29
N PRO A 225 -64.06 27.74 38.33
CA PRO A 225 -62.98 28.34 37.60
C PRO A 225 -62.36 29.29 38.49
N GLY A 226 -63.12 29.63 39.62
CA GLY A 226 -62.77 30.70 40.61
C GLY A 226 -61.42 30.41 41.22
N ASP A 227 -61.15 29.09 41.32
CA ASP A 227 -60.00 28.54 41.96
C ASP A 227 -59.04 27.87 40.99
N SER A 228 -59.15 28.19 39.63
CA SER A 228 -58.30 27.64 38.55
C SER A 228 -56.91 28.22 38.53
N SER A 229 -55.83 27.31 38.51
CA SER A 229 -54.43 27.62 38.43
C SER A 229 -53.76 26.49 37.62
N SER A 230 -54.54 25.54 37.14
CA SER A 230 -54.04 24.37 36.43
C SER A 230 -54.89 24.25 35.19
N GLY A 231 -55.52 25.32 34.78
CA GLY A 231 -56.49 25.38 33.65
C GLY A 231 -55.80 25.67 32.34
N TRP A 232 -54.43 25.66 32.25
CA TRP A 232 -53.63 25.99 31.13
C TRP A 232 -53.64 24.75 30.26
N THR A 233 -53.76 24.99 28.92
CA THR A 233 -53.62 23.91 27.96
C THR A 233 -52.49 24.09 26.99
N ALA A 234 -51.72 25.18 27.16
CA ALA A 234 -50.64 25.62 26.31
C ALA A 234 -49.67 26.21 27.23
N GLY A 235 -48.44 26.61 26.73
CA GLY A 235 -47.43 27.27 27.46
C GLY A 235 -46.98 26.30 28.40
N ALA A 236 -47.36 26.46 29.66
CA ALA A 236 -46.89 25.63 30.72
C ALA A 236 -47.31 24.20 30.46
N ALA A 237 -48.45 24.07 29.71
CA ALA A 237 -49.02 22.78 29.46
C ALA A 237 -48.80 22.41 27.97
N ALA A 238 -47.72 23.03 27.36
CA ALA A 238 -47.37 22.79 25.99
C ALA A 238 -46.00 22.16 26.11
N TYR A 239 -45.56 21.43 25.09
CA TYR A 239 -44.22 20.90 25.04
C TYR A 239 -43.96 20.78 23.54
N TYR A 240 -42.61 20.57 23.22
CA TYR A 240 -42.09 20.70 21.91
C TYR A 240 -41.47 19.37 21.85
N VAL A 241 -41.52 18.83 20.68
CA VAL A 241 -40.95 17.52 20.36
C VAL A 241 -40.25 17.70 19.08
N GLY A 242 -39.03 17.19 18.99
CA GLY A 242 -38.37 17.06 17.70
C GLY A 242 -37.80 15.75 17.58
N TYR A 243 -37.23 15.42 16.36
CA TYR A 243 -36.73 14.03 16.19
C TYR A 243 -35.28 14.29 15.66
N LEU A 244 -34.35 13.35 15.95
CA LEU A 244 -32.98 13.40 15.60
C LEU A 244 -32.78 12.64 14.32
N GLN A 245 -31.66 12.95 13.59
CA GLN A 245 -31.26 12.25 12.38
C GLN A 245 -29.74 12.25 12.35
N PRO A 246 -29.06 11.15 12.06
CA PRO A 246 -27.55 11.08 12.00
C PRO A 246 -27.17 11.93 10.81
N ARG A 247 -26.54 13.08 11.11
CA ARG A 247 -26.03 14.03 10.16
C ARG A 247 -24.68 14.31 10.72
N THR A 248 -23.66 14.64 9.84
CA THR A 248 -22.28 15.02 10.18
C THR A 248 -22.38 16.51 10.59
N PHE A 249 -21.67 16.85 11.67
CA PHE A 249 -21.53 18.16 12.20
C PHE A 249 -20.12 18.47 12.34
N LEU A 250 -19.72 19.74 12.02
CA LEU A 250 -18.42 20.26 12.30
C LEU A 250 -18.53 21.03 13.51
N LEU A 251 -18.06 20.48 14.63
CA LEU A 251 -18.23 20.90 16.01
C LEU A 251 -16.98 21.74 16.29
N LYS A 252 -17.18 22.86 17.05
CA LYS A 252 -16.18 23.77 17.62
C LYS A 252 -16.15 23.79 19.13
N TYR A 253 -15.04 23.37 19.65
CA TYR A 253 -14.76 23.26 21.10
C TYR A 253 -13.86 24.38 21.36
N ASN A 254 -14.11 25.09 22.48
CA ASN A 254 -13.29 26.10 23.00
C ASN A 254 -12.24 25.50 23.98
N GLU A 255 -11.49 26.43 24.78
CA GLU A 255 -10.47 26.05 25.73
C GLU A 255 -11.02 25.00 26.68
N ASN A 256 -12.27 25.16 27.16
CA ASN A 256 -12.84 24.32 28.17
C ASN A 256 -13.34 22.99 27.76
N GLY A 257 -13.42 22.75 26.35
CA GLY A 257 -13.99 21.62 25.84
C GLY A 257 -15.44 21.77 25.61
N THR A 258 -15.93 23.05 25.76
CA THR A 258 -17.31 23.37 25.59
C THR A 258 -17.64 23.60 24.11
N ILE A 259 -18.73 22.95 23.61
CA ILE A 259 -19.11 23.12 22.17
C ILE A 259 -19.82 24.51 22.21
N THR A 260 -19.21 25.36 21.41
CA THR A 260 -19.68 26.77 21.33
C THR A 260 -20.29 27.00 20.02
N ASP A 261 -20.06 26.15 18.99
CA ASP A 261 -20.67 26.36 17.69
C ASP A 261 -20.67 25.06 16.92
N ALA A 262 -21.40 24.97 15.80
CA ALA A 262 -21.34 23.72 15.06
C ALA A 262 -21.91 24.01 13.69
N VAL A 263 -21.47 23.27 12.61
CA VAL A 263 -22.14 23.43 11.33
C VAL A 263 -22.69 22.07 10.93
N ASP A 264 -24.05 22.05 10.62
CA ASP A 264 -24.74 20.89 10.12
C ASP A 264 -24.50 20.75 8.62
N CYS A 265 -23.62 19.87 8.29
CA CYS A 265 -22.97 19.56 6.92
C CYS A 265 -24.07 19.28 5.93
N ALA A 266 -25.12 18.42 6.24
CA ALA A 266 -26.08 17.98 5.29
C ALA A 266 -27.25 18.94 5.61
N LEU A 267 -27.05 20.25 5.30
CA LEU A 267 -28.01 21.32 5.54
C LEU A 267 -28.01 22.00 4.21
N ASP A 268 -26.93 22.64 3.69
CA ASP A 268 -26.94 23.47 2.50
C ASP A 268 -25.55 23.31 1.96
N PRO A 269 -25.35 23.32 0.65
CA PRO A 269 -24.06 23.26 0.07
C PRO A 269 -22.96 24.09 0.67
N LEU A 270 -23.28 25.33 1.18
CA LEU A 270 -22.36 26.18 1.98
C LEU A 270 -21.82 25.51 3.20
N SER A 271 -22.67 24.85 4.07
CA SER A 271 -22.28 23.98 5.17
C SER A 271 -21.42 22.85 4.74
N GLU A 272 -21.69 22.18 3.54
CA GLU A 272 -20.83 21.19 2.97
C GLU A 272 -19.48 21.79 2.61
N THR A 273 -19.36 23.00 2.13
CA THR A 273 -18.11 23.64 1.83
C THR A 273 -17.29 23.69 3.12
N LYS A 274 -17.89 24.22 4.17
CA LYS A 274 -17.24 24.32 5.48
C LYS A 274 -16.87 22.99 6.08
N CYS A 275 -17.72 21.94 5.96
CA CYS A 275 -17.41 20.58 6.42
C CYS A 275 -16.27 19.96 5.64
N THR A 276 -16.21 20.32 4.32
CA THR A 276 -15.11 19.81 3.41
C THR A 276 -13.83 20.39 3.78
N LEU A 277 -13.87 21.66 4.03
CA LEU A 277 -12.69 22.48 4.39
C LEU A 277 -12.27 22.21 5.83
N LYS A 278 -13.18 21.81 6.76
CA LYS A 278 -12.91 21.68 8.16
C LYS A 278 -12.49 22.93 8.85
N SER A 279 -13.22 24.00 8.49
CA SER A 279 -12.97 25.39 8.95
C SER A 279 -14.31 26.01 8.81
N PHE A 280 -14.67 27.14 9.58
CA PHE A 280 -15.91 27.92 9.41
C PHE A 280 -15.63 29.05 8.42
N THR A 281 -14.38 29.12 7.85
CA THR A 281 -14.04 30.16 6.88
C THR A 281 -14.02 29.56 5.51
N VAL A 282 -14.70 30.27 4.55
CA VAL A 282 -14.82 29.95 3.15
C VAL A 282 -14.21 31.15 2.42
N GLU A 283 -13.37 30.95 1.33
CA GLU A 283 -12.77 32.11 0.64
C GLU A 283 -13.42 32.12 -0.69
N LYS A 284 -13.57 33.32 -1.38
CA LYS A 284 -14.25 33.45 -2.68
C LYS A 284 -13.70 32.50 -3.80
N GLY A 285 -14.64 31.77 -4.40
CA GLY A 285 -14.30 30.89 -5.49
C GLY A 285 -15.31 29.76 -5.50
N ILE A 286 -14.88 28.63 -6.03
CA ILE A 286 -15.62 27.32 -6.20
C ILE A 286 -14.95 26.19 -5.52
N TYR A 287 -15.79 25.41 -4.80
CA TYR A 287 -15.39 24.26 -4.02
C TYR A 287 -16.20 23.06 -4.50
N GLN A 288 -15.60 21.83 -4.40
CA GLN A 288 -16.27 20.55 -4.56
C GLN A 288 -16.72 20.18 -3.24
N THR A 289 -18.00 20.07 -2.85
CA THR A 289 -18.43 19.96 -1.51
C THR A 289 -18.99 18.58 -1.30
N SER A 290 -19.46 17.88 -2.37
CA SER A 290 -20.10 16.65 -2.21
C SER A 290 -20.24 16.30 -3.65
N ASN A 291 -21.09 15.25 -3.84
CA ASN A 291 -21.50 14.74 -5.10
C ASN A 291 -22.98 14.43 -4.99
N PHE A 292 -23.67 14.50 -6.12
CA PHE A 292 -25.09 14.05 -6.14
C PHE A 292 -25.06 12.72 -6.81
N ARG A 293 -25.88 11.76 -6.24
CA ARG A 293 -26.02 10.42 -6.74
C ARG A 293 -27.49 10.07 -6.65
N VAL A 294 -28.06 9.61 -7.80
CA VAL A 294 -29.48 9.29 -7.71
C VAL A 294 -29.63 8.01 -6.88
N GLN A 295 -30.63 7.98 -5.93
CA GLN A 295 -30.84 6.88 -5.02
C GLN A 295 -31.86 6.02 -5.71
N PRO A 296 -31.90 4.72 -5.40
CA PRO A 296 -32.84 3.72 -5.94
C PRO A 296 -34.35 4.20 -5.81
N THR A 297 -35.15 3.91 -6.88
CA THR A 297 -36.56 4.36 -6.96
C THR A 297 -37.37 3.15 -6.81
N GLU A 298 -36.77 1.95 -6.99
CA GLU A 298 -37.46 0.66 -7.01
C GLU A 298 -36.49 -0.40 -6.77
N SER A 299 -36.91 -1.59 -6.25
CA SER A 299 -36.11 -2.79 -6.06
C SER A 299 -36.92 -3.75 -6.82
N ILE A 300 -36.44 -4.21 -7.94
CA ILE A 300 -37.19 -5.06 -8.88
C ILE A 300 -36.76 -6.45 -8.56
N VAL A 301 -37.80 -7.32 -8.36
CA VAL A 301 -37.65 -8.68 -8.07
C VAL A 301 -38.58 -9.32 -9.04
N ARG A 302 -38.42 -10.62 -9.29
CA ARG A 302 -39.23 -11.38 -10.22
C ARG A 302 -39.74 -12.62 -9.60
N PHE A 303 -40.95 -13.04 -9.99
CA PHE A 303 -41.61 -14.19 -9.44
C PHE A 303 -41.46 -15.21 -10.56
N PRO A 304 -41.37 -16.53 -10.27
CA PRO A 304 -41.24 -17.63 -11.31
C PRO A 304 -42.27 -17.79 -12.37
N ASN A 305 -41.93 -18.48 -13.53
CA ASN A 305 -42.92 -18.79 -14.58
C ASN A 305 -43.81 -19.97 -14.09
N ILE A 306 -43.19 -20.86 -13.19
CA ILE A 306 -43.81 -22.05 -12.69
C ILE A 306 -43.54 -21.95 -11.21
N THR A 307 -44.62 -22.23 -10.40
CA THR A 307 -44.68 -22.26 -8.97
C THR A 307 -44.75 -23.77 -8.69
N ASN A 308 -43.85 -24.17 -7.72
CA ASN A 308 -43.73 -25.53 -7.18
C ASN A 308 -42.76 -25.30 -6.05
N LEU A 309 -42.43 -26.35 -5.29
CA LEU A 309 -41.43 -26.17 -4.28
C LEU A 309 -40.18 -26.80 -4.85
N CYS A 310 -38.94 -26.41 -4.48
CA CYS A 310 -37.77 -26.98 -5.07
C CYS A 310 -37.48 -28.30 -4.41
N PRO A 311 -37.09 -29.36 -5.12
CA PRO A 311 -36.94 -30.68 -4.54
C PRO A 311 -35.59 -30.80 -3.85
N PHE A 312 -35.56 -30.16 -2.69
CA PHE A 312 -34.52 -30.23 -1.68
C PHE A 312 -34.92 -31.12 -0.58
N GLY A 313 -36.23 -31.52 -0.67
CA GLY A 313 -36.97 -32.25 0.29
C GLY A 313 -36.61 -33.70 0.43
N GLU A 314 -35.69 -34.26 -0.34
CA GLU A 314 -35.34 -35.69 -0.28
C GLU A 314 -33.86 -35.88 0.05
N VAL A 315 -33.01 -34.81 0.04
CA VAL A 315 -31.60 -35.01 0.10
C VAL A 315 -31.10 -34.71 1.58
N PHE A 316 -32.01 -34.32 2.53
CA PHE A 316 -31.62 -34.06 3.92
C PHE A 316 -32.27 -35.00 4.87
N ASN A 317 -32.93 -36.10 4.25
CA ASN A 317 -33.62 -37.13 4.93
C ASN A 317 -32.58 -38.28 4.94
N ALA A 318 -32.09 -38.72 3.76
CA ALA A 318 -31.02 -39.68 3.53
C ALA A 318 -30.80 -39.71 2.08
N THR A 319 -29.56 -39.59 1.61
CA THR A 319 -29.35 -39.79 0.20
C THR A 319 -27.93 -40.06 -0.08
N ARG A 320 -27.57 -40.12 -1.40
CA ARG A 320 -26.16 -40.24 -1.86
C ARG A 320 -25.37 -38.94 -1.58
N PHE A 321 -24.16 -39.13 -1.05
CA PHE A 321 -23.27 -38.03 -0.63
C PHE A 321 -21.95 -38.09 -1.33
N ALA A 322 -21.93 -38.66 -2.59
CA ALA A 322 -20.84 -38.93 -3.50
C ALA A 322 -19.64 -37.95 -3.42
N SER A 323 -18.41 -38.58 -3.35
CA SER A 323 -17.09 -37.97 -3.49
C SER A 323 -16.99 -36.58 -2.88
N VAL A 324 -16.10 -35.76 -3.46
CA VAL A 324 -15.99 -34.35 -3.11
C VAL A 324 -16.08 -33.57 -4.44
N TYR A 325 -16.00 -34.31 -5.56
CA TYR A 325 -15.95 -33.72 -6.93
C TYR A 325 -17.19 -34.25 -7.67
N ALA A 326 -17.32 -35.60 -7.70
CA ALA A 326 -18.54 -36.23 -8.26
C ALA A 326 -19.66 -36.11 -7.22
N TRP A 327 -20.76 -35.37 -7.52
CA TRP A 327 -21.63 -34.88 -6.46
C TRP A 327 -23.00 -35.60 -6.63
N ASN A 328 -23.84 -35.60 -5.54
CA ASN A 328 -25.16 -36.00 -5.70
C ASN A 328 -25.84 -34.76 -6.26
N ARG A 329 -25.95 -34.73 -7.63
CA ARG A 329 -26.26 -33.66 -8.44
C ARG A 329 -27.79 -33.96 -8.45
N LYS A 330 -28.60 -32.95 -8.11
CA LYS A 330 -30.03 -33.00 -8.16
C LYS A 330 -30.40 -31.76 -8.94
N ARG A 331 -31.22 -31.88 -10.00
CA ARG A 331 -31.68 -30.75 -10.70
C ARG A 331 -32.80 -30.00 -10.09
N ILE A 332 -32.65 -28.64 -9.91
CA ILE A 332 -33.64 -27.84 -9.34
C ILE A 332 -34.21 -27.05 -10.47
N SER A 333 -35.56 -27.13 -10.63
CA SER A 333 -36.12 -26.41 -11.73
C SER A 333 -37.53 -26.27 -11.43
N ASN A 334 -38.17 -25.32 -12.21
CA ASN A 334 -39.58 -25.15 -12.21
C ASN A 334 -40.14 -24.95 -10.78
N CYS A 335 -39.67 -23.97 -9.99
CA CYS A 335 -40.05 -23.90 -8.58
C CYS A 335 -39.79 -22.51 -8.14
N VAL A 336 -40.25 -22.29 -6.96
CA VAL A 336 -40.00 -21.11 -6.09
C VAL A 336 -38.82 -21.47 -5.33
N ALA A 337 -37.78 -20.53 -5.44
CA ALA A 337 -36.48 -20.63 -4.84
C ALA A 337 -36.50 -20.94 -3.37
N ASP A 338 -35.75 -21.95 -2.99
CA ASP A 338 -35.62 -22.46 -1.71
C ASP A 338 -34.15 -22.25 -1.54
N TYR A 339 -33.59 -21.01 -1.95
CA TYR A 339 -32.23 -20.56 -1.80
C TYR A 339 -32.21 -19.51 -0.67
N SER A 340 -33.42 -19.48 -0.07
CA SER A 340 -33.86 -18.59 0.99
C SER A 340 -33.05 -18.70 2.27
N VAL A 341 -32.27 -19.83 2.48
CA VAL A 341 -31.33 -20.07 3.60
C VAL A 341 -30.08 -19.20 3.54
N LEU A 342 -29.74 -18.71 2.30
CA LEU A 342 -28.67 -17.79 2.09
C LEU A 342 -29.13 -16.32 2.24
N TYR A 343 -30.43 -16.10 1.75
CA TYR A 343 -31.16 -14.87 1.74
C TYR A 343 -31.28 -14.22 3.08
N ASN A 344 -31.76 -15.02 4.10
CA ASN A 344 -31.82 -14.59 5.51
C ASN A 344 -30.62 -15.12 6.31
N SER A 345 -29.73 -15.87 5.63
CA SER A 345 -28.52 -16.51 6.21
C SER A 345 -28.86 -17.50 7.31
N ALA A 346 -27.88 -18.30 7.79
CA ALA A 346 -27.95 -19.15 8.90
C ALA A 346 -27.02 -18.77 9.96
N SER A 347 -25.76 -19.30 9.89
CA SER A 347 -24.58 -19.02 10.63
C SER A 347 -23.50 -19.67 9.79
N PHE A 348 -23.81 -20.75 9.06
CA PHE A 348 -22.96 -21.49 8.20
C PHE A 348 -21.61 -21.88 8.78
N SER A 349 -20.66 -22.39 7.97
CA SER A 349 -19.26 -22.68 8.37
C SER A 349 -18.50 -22.17 7.14
N THR A 350 -19.21 -22.20 5.94
CA THR A 350 -18.71 -21.80 4.66
C THR A 350 -19.84 -20.92 4.17
N PHE A 351 -19.51 -19.74 3.69
CA PHE A 351 -20.45 -18.83 3.12
C PHE A 351 -19.69 -18.12 2.09
N LYS A 352 -19.50 -18.80 0.96
CA LYS A 352 -18.55 -18.22 -0.04
C LYS A 352 -19.38 -18.25 -1.29
N CYS A 353 -19.61 -17.12 -1.95
CA CYS A 353 -20.40 -17.12 -3.15
C CYS A 353 -19.67 -16.40 -4.18
N TYR A 354 -19.81 -16.94 -5.45
CA TYR A 354 -19.24 -16.20 -6.51
C TYR A 354 -20.25 -16.23 -7.59
N GLY A 355 -20.38 -15.13 -8.28
CA GLY A 355 -21.08 -14.89 -9.52
C GLY A 355 -22.55 -14.55 -9.29
N VAL A 356 -22.99 -14.76 -8.03
CA VAL A 356 -24.36 -14.49 -7.65
C VAL A 356 -24.24 -13.75 -6.29
N SER A 357 -25.22 -12.92 -5.84
CA SER A 357 -25.19 -12.31 -4.53
C SER A 357 -26.14 -13.21 -3.73
N PRO A 358 -25.73 -13.83 -2.65
CA PRO A 358 -26.49 -14.80 -1.94
C PRO A 358 -27.65 -14.23 -1.23
N THR A 359 -27.62 -12.87 -1.05
CA THR A 359 -28.55 -12.23 -0.20
C THR A 359 -29.70 -11.72 -0.98
N LYS A 360 -29.65 -11.93 -2.30
CA LYS A 360 -30.59 -11.39 -3.31
C LYS A 360 -31.02 -12.47 -4.25
N LEU A 361 -30.87 -13.83 -3.83
CA LEU A 361 -31.19 -14.97 -4.65
C LEU A 361 -32.68 -15.11 -4.87
N ASN A 362 -33.50 -14.39 -4.04
CA ASN A 362 -34.95 -14.41 -4.12
C ASN A 362 -35.49 -13.27 -4.96
N ASP A 363 -34.52 -12.52 -5.51
CA ASP A 363 -34.81 -11.41 -6.43
C ASP A 363 -34.51 -12.00 -7.76
N LEU A 364 -33.43 -12.80 -7.83
CA LEU A 364 -32.76 -13.37 -9.03
C LEU A 364 -33.31 -14.67 -9.46
N CYS A 365 -33.64 -14.68 -10.75
CA CYS A 365 -34.18 -15.80 -11.42
C CYS A 365 -33.00 -16.63 -12.00
N PHE A 366 -33.21 -17.95 -12.16
CA PHE A 366 -32.24 -18.83 -12.70
C PHE A 366 -32.97 -19.70 -13.71
N THR A 367 -32.26 -20.29 -14.65
CA THR A 367 -32.81 -21.21 -15.65
C THR A 367 -32.72 -22.57 -15.21
N ASN A 368 -31.58 -22.99 -14.58
CA ASN A 368 -31.39 -24.26 -13.99
C ASN A 368 -30.45 -24.02 -12.82
N VAL A 369 -30.71 -24.77 -11.70
CA VAL A 369 -29.78 -24.74 -10.59
C VAL A 369 -29.59 -26.15 -10.26
N TYR A 370 -28.30 -26.63 -10.03
CA TYR A 370 -28.05 -27.96 -9.72
C TYR A 370 -27.67 -27.88 -8.22
N ALA A 371 -28.22 -28.79 -7.38
CA ALA A 371 -27.84 -28.91 -5.99
C ALA A 371 -27.01 -30.08 -5.92
N ASP A 372 -25.75 -29.81 -5.49
CA ASP A 372 -24.68 -30.75 -5.46
C ASP A 372 -24.48 -30.97 -4.00
N SER A 373 -24.79 -32.18 -3.48
CA SER A 373 -24.68 -32.42 -2.07
C SER A 373 -23.44 -33.24 -1.78
N PHE A 374 -22.69 -33.06 -0.66
CA PHE A 374 -21.61 -33.98 -0.17
C PHE A 374 -21.45 -33.67 1.28
N VAL A 375 -20.74 -34.54 2.03
CA VAL A 375 -20.54 -34.36 3.40
C VAL A 375 -19.03 -34.33 3.62
N ILE A 376 -18.42 -33.33 4.32
CA ILE A 376 -16.98 -33.40 4.57
C ILE A 376 -16.72 -32.81 5.95
N ARG A 377 -15.54 -33.19 6.47
CA ARG A 377 -15.15 -32.87 7.80
C ARG A 377 -14.29 -31.58 7.75
N GLY A 378 -14.10 -30.97 8.96
CA GLY A 378 -13.39 -29.75 9.29
C GLY A 378 -12.10 -29.58 8.47
N ASP A 379 -11.20 -30.59 8.58
CA ASP A 379 -9.92 -30.72 7.87
C ASP A 379 -10.12 -30.75 6.42
N GLU A 380 -11.31 -30.97 5.86
CA GLU A 380 -11.59 -30.92 4.42
C GLU A 380 -12.38 -29.73 4.00
N VAL A 381 -13.23 -29.19 4.92
CA VAL A 381 -14.01 -27.96 4.62
C VAL A 381 -12.94 -26.88 4.32
N ARG A 382 -11.77 -26.85 5.11
CA ARG A 382 -10.75 -25.86 4.87
C ARG A 382 -10.21 -25.91 3.49
N GLN A 383 -10.38 -27.03 2.77
CA GLN A 383 -9.76 -27.22 1.49
C GLN A 383 -10.62 -26.72 0.33
N ILE A 384 -11.77 -26.18 0.67
CA ILE A 384 -12.67 -25.57 -0.28
C ILE A 384 -12.04 -24.33 -0.89
N ALA A 385 -11.40 -23.47 -0.01
CA ALA A 385 -10.68 -22.25 -0.26
C ALA A 385 -9.41 -22.53 -0.91
N PRO A 386 -8.90 -21.67 -1.86
CA PRO A 386 -7.57 -21.96 -2.43
C PRO A 386 -6.46 -21.78 -1.42
N GLY A 387 -5.46 -22.66 -1.65
CA GLY A 387 -4.25 -22.72 -1.02
C GLY A 387 -4.42 -23.58 0.26
N GLN A 388 -3.22 -24.18 0.68
CA GLN A 388 -3.05 -24.96 1.86
C GLN A 388 -2.99 -26.31 1.37
N THR A 389 -1.83 -27.01 1.69
CA THR A 389 -1.64 -28.34 1.32
C THR A 389 -2.75 -29.26 1.77
N GLY A 390 -3.29 -30.06 0.87
CA GLY A 390 -4.39 -30.93 1.20
C GLY A 390 -4.40 -32.05 0.20
N LYS A 391 -5.51 -32.77 0.13
CA LYS A 391 -5.73 -33.96 -0.67
C LYS A 391 -6.78 -33.53 -1.72
N ILE A 392 -7.67 -32.50 -1.53
CA ILE A 392 -8.72 -32.10 -2.49
C ILE A 392 -8.47 -30.57 -2.82
N ALA A 393 -7.73 -29.74 -2.09
CA ALA A 393 -7.54 -28.37 -2.35
C ALA A 393 -6.64 -28.13 -3.61
N ASP A 394 -5.87 -29.22 -3.86
CA ASP A 394 -4.73 -29.16 -4.70
C ASP A 394 -5.16 -29.78 -6.05
N TYR A 395 -6.44 -30.23 -6.25
CA TYR A 395 -6.86 -30.98 -7.40
C TYR A 395 -8.17 -30.39 -7.76
N ASN A 396 -8.36 -30.30 -9.13
CA ASN A 396 -9.60 -29.95 -9.70
C ASN A 396 -10.21 -28.70 -9.11
N TYR A 397 -11.48 -28.82 -8.66
CA TYR A 397 -12.31 -27.82 -8.16
C TYR A 397 -11.98 -27.46 -6.71
N LYS A 398 -11.80 -26.15 -6.50
CA LYS A 398 -11.53 -25.56 -5.21
C LYS A 398 -12.83 -24.77 -5.03
N LEU A 399 -12.80 -23.51 -5.47
CA LEU A 399 -13.89 -22.58 -5.56
C LEU A 399 -13.19 -21.37 -6.26
N PRO A 400 -13.04 -21.30 -7.58
CA PRO A 400 -12.42 -20.20 -8.26
C PRO A 400 -13.27 -18.96 -8.26
N ASP A 401 -12.55 -17.79 -8.45
CA ASP A 401 -13.25 -16.45 -8.42
C ASP A 401 -14.29 -16.37 -9.56
N ASP A 402 -14.15 -17.18 -10.61
CA ASP A 402 -14.98 -17.00 -11.78
C ASP A 402 -16.12 -18.08 -11.66
N PHE A 403 -16.24 -18.72 -10.51
CA PHE A 403 -17.28 -19.73 -10.24
C PHE A 403 -18.69 -19.10 -10.17
N THR A 404 -19.64 -19.80 -10.83
CA THR A 404 -21.07 -19.50 -10.89
C THR A 404 -21.83 -20.32 -9.91
N GLY A 405 -21.74 -20.00 -8.64
CA GLY A 405 -22.36 -20.95 -7.73
C GLY A 405 -22.02 -20.44 -6.33
N CYS A 406 -22.59 -21.04 -5.34
CA CYS A 406 -22.39 -20.69 -3.97
C CYS A 406 -22.00 -22.02 -3.29
N VAL A 407 -21.10 -21.94 -2.28
CA VAL A 407 -20.82 -23.12 -1.43
C VAL A 407 -21.36 -22.84 -0.09
N ILE A 408 -22.30 -23.73 0.42
CA ILE A 408 -23.02 -23.54 1.59
C ILE A 408 -22.59 -24.69 2.47
N ALA A 409 -22.06 -24.37 3.68
CA ALA A 409 -21.73 -25.44 4.64
C ALA A 409 -22.11 -25.06 6.00
N TRP A 410 -22.64 -26.03 6.72
CA TRP A 410 -23.11 -25.64 8.08
C TRP A 410 -22.87 -26.84 8.86
N ASN A 411 -22.86 -26.68 10.19
CA ASN A 411 -22.64 -27.60 11.27
C ASN A 411 -23.85 -28.44 11.62
N SER A 412 -23.83 -29.75 11.27
CA SER A 412 -24.84 -30.74 11.46
C SER A 412 -24.05 -32.00 11.45
N ASN A 413 -24.57 -32.82 12.43
CA ASN A 413 -24.02 -34.16 12.69
C ASN A 413 -24.90 -35.24 12.10
N ASN A 414 -25.87 -34.76 11.23
CA ASN A 414 -26.82 -35.62 10.57
C ASN A 414 -26.29 -36.10 9.27
N LEU A 415 -26.27 -37.46 8.99
CA LEU A 415 -25.98 -38.02 7.72
C LEU A 415 -24.47 -38.33 7.68
N ASP A 416 -24.13 -39.56 7.38
CA ASP A 416 -22.78 -40.13 7.40
C ASP A 416 -22.76 -41.12 6.23
N SER A 417 -21.59 -41.72 5.96
CA SER A 417 -21.38 -42.64 4.81
C SER A 417 -21.82 -42.20 3.45
N LYS A 418 -21.89 -43.23 2.53
CA LYS A 418 -22.35 -43.18 1.17
C LYS A 418 -21.57 -42.18 0.31
N VAL A 419 -20.24 -42.16 0.38
CA VAL A 419 -19.41 -41.16 -0.33
C VAL A 419 -18.49 -41.96 -1.21
N GLY A 420 -18.30 -43.27 -0.82
CA GLY A 420 -17.32 -44.17 -1.34
C GLY A 420 -17.92 -45.05 -2.41
N GLY A 421 -19.11 -44.57 -2.96
CA GLY A 421 -19.86 -45.31 -3.93
C GLY A 421 -19.40 -45.00 -5.35
N ASN A 422 -18.39 -44.12 -5.41
CA ASN A 422 -17.81 -43.61 -6.66
C ASN A 422 -16.63 -44.60 -6.99
N TYR A 423 -16.60 -45.01 -8.29
CA TYR A 423 -15.58 -45.76 -8.91
C TYR A 423 -15.61 -45.60 -10.40
N ASN A 424 -16.62 -44.76 -10.87
CA ASN A 424 -16.84 -44.42 -12.24
C ASN A 424 -16.47 -42.99 -12.39
N TYR A 425 -15.78 -42.48 -11.40
CA TYR A 425 -15.22 -41.21 -11.40
C TYR A 425 -13.80 -41.48 -10.90
N LEU A 426 -12.72 -41.41 -11.81
CA LEU A 426 -11.34 -41.48 -11.36
C LEU A 426 -10.53 -40.61 -12.18
N TYR A 427 -9.51 -39.93 -11.63
CA TYR A 427 -8.56 -39.13 -12.48
C TYR A 427 -7.17 -39.44 -11.92
N ARG A 428 -6.17 -39.16 -12.75
CA ARG A 428 -4.76 -39.42 -12.69
C ARG A 428 -4.17 -38.54 -11.61
N LEU A 429 -3.06 -39.15 -11.07
CA LEU A 429 -2.09 -38.47 -10.26
C LEU A 429 -0.88 -38.24 -11.08
N PHE A 430 -0.25 -39.43 -11.52
CA PHE A 430 0.96 -39.44 -12.29
C PHE A 430 0.32 -39.56 -13.66
N ARG A 431 0.93 -38.84 -14.61
CA ARG A 431 0.46 -38.75 -15.96
C ARG A 431 1.65 -38.33 -16.77
N LYS A 432 1.58 -38.70 -18.02
CA LYS A 432 2.58 -38.27 -19.02
C LYS A 432 1.84 -37.64 -20.20
N SER A 433 0.56 -37.91 -20.11
CA SER A 433 -0.38 -37.55 -21.18
C SER A 433 -1.22 -36.38 -20.69
N ASN A 434 -0.82 -35.67 -19.66
CA ASN A 434 -1.51 -34.59 -19.03
C ASN A 434 -2.77 -35.12 -18.29
N LEU A 435 -3.23 -34.16 -17.51
CA LEU A 435 -4.33 -34.17 -16.63
C LEU A 435 -5.13 -32.89 -16.86
N LYS A 436 -6.36 -33.18 -17.33
CA LYS A 436 -7.42 -32.35 -17.74
C LYS A 436 -8.19 -32.40 -16.48
N PRO A 437 -8.85 -31.32 -15.91
CA PRO A 437 -9.66 -31.31 -14.69
C PRO A 437 -10.83 -32.34 -14.66
N PHE A 438 -11.03 -33.11 -13.48
CA PHE A 438 -12.22 -33.90 -13.36
C PHE A 438 -12.40 -34.84 -14.53
N GLU A 439 -11.50 -35.86 -14.68
CA GLU A 439 -11.54 -36.92 -15.62
C GLU A 439 -12.32 -38.02 -15.09
N ARG A 440 -13.07 -38.70 -15.98
CA ARG A 440 -13.81 -39.84 -15.58
C ARG A 440 -13.15 -41.09 -16.29
N ASP A 441 -11.92 -40.99 -16.78
CA ASP A 441 -11.17 -41.97 -17.49
C ASP A 441 -10.55 -42.96 -16.54
N ILE A 442 -10.93 -44.24 -16.48
CA ILE A 442 -10.37 -45.09 -15.41
C ILE A 442 -9.16 -45.80 -15.97
N SER A 443 -8.96 -45.51 -17.28
CA SER A 443 -7.96 -45.91 -18.24
C SER A 443 -7.42 -47.29 -18.21
N THR A 444 -6.27 -47.56 -18.88
CA THR A 444 -5.43 -48.74 -18.77
C THR A 444 -4.16 -48.35 -19.43
N GLU A 445 -3.01 -48.51 -18.77
CA GLU A 445 -1.72 -48.27 -19.24
C GLU A 445 -0.94 -48.95 -18.16
N ILE A 446 0.24 -49.32 -18.57
CA ILE A 446 1.17 -49.93 -17.65
C ILE A 446 2.65 -49.48 -17.97
N TYR A 447 3.44 -49.18 -16.96
CA TYR A 447 4.80 -48.82 -17.14
C TYR A 447 5.46 -48.92 -15.85
N GLN A 448 6.79 -49.09 -15.93
CA GLN A 448 7.80 -48.98 -14.96
C GLN A 448 8.76 -47.94 -15.42
N ALA A 449 8.56 -47.32 -16.58
CA ALA A 449 9.48 -46.36 -17.04
C ALA A 449 9.10 -45.07 -16.45
N GLY A 450 10.02 -44.33 -15.76
CA GLY A 450 9.80 -43.09 -15.08
C GLY A 450 10.05 -41.92 -16.00
N SER A 451 10.56 -40.82 -15.36
CA SER A 451 10.79 -39.48 -15.96
C SER A 451 11.98 -39.14 -15.13
N THR A 452 11.83 -38.60 -13.87
CA THR A 452 12.88 -38.41 -12.90
C THR A 452 13.38 -39.81 -12.56
N PRO A 453 14.57 -40.00 -11.93
CA PRO A 453 15.09 -41.32 -11.50
C PRO A 453 14.05 -42.14 -10.76
N CYS A 454 14.02 -43.41 -11.04
CA CYS A 454 12.82 -44.22 -10.83
C CYS A 454 13.37 -45.55 -10.38
N ASN A 455 12.50 -46.29 -9.63
CA ASN A 455 12.67 -47.71 -9.25
C ASN A 455 13.81 -47.92 -8.21
N GLY A 456 13.52 -47.51 -6.95
CA GLY A 456 14.37 -47.71 -5.81
C GLY A 456 14.89 -46.35 -5.34
N VAL A 457 14.59 -45.19 -6.02
CA VAL A 457 15.09 -43.93 -5.67
C VAL A 457 13.95 -42.99 -5.53
N GLU A 458 12.76 -43.46 -5.09
CA GLU A 458 11.61 -42.61 -4.74
C GLU A 458 11.41 -41.62 -5.88
N GLY A 459 11.12 -42.12 -7.11
CA GLY A 459 10.94 -41.31 -8.30
C GLY A 459 9.51 -40.97 -8.44
N PHE A 460 9.27 -40.14 -9.51
CA PHE A 460 7.95 -39.78 -9.97
C PHE A 460 7.75 -40.47 -11.31
N ASN A 461 6.39 -40.73 -11.48
CA ASN A 461 5.79 -41.33 -12.65
C ASN A 461 6.35 -42.67 -12.72
N CYS A 462 6.56 -43.34 -11.58
CA CYS A 462 6.98 -44.69 -11.53
C CYS A 462 5.76 -45.65 -11.37
N TYR A 463 4.58 -45.08 -11.14
CA TYR A 463 3.34 -45.75 -10.84
C TYR A 463 2.29 -45.05 -11.68
N PHE A 464 1.06 -45.55 -11.64
CA PHE A 464 -0.06 -44.96 -12.39
C PHE A 464 -1.18 -45.04 -11.28
N PRO A 465 -1.12 -44.22 -10.20
CA PRO A 465 -2.25 -44.10 -9.26
C PRO A 465 -3.40 -43.38 -9.88
N LEU A 466 -4.57 -43.82 -9.48
CA LEU A 466 -5.76 -43.00 -9.75
C LEU A 466 -6.42 -42.58 -8.49
N GLN A 467 -7.12 -41.39 -8.46
CA GLN A 467 -7.67 -40.82 -7.25
C GLN A 467 -9.07 -40.33 -7.47
N SER A 468 -9.88 -40.36 -6.36
CA SER A 468 -11.18 -39.88 -6.25
C SER A 468 -11.40 -39.96 -4.79
N TYR A 469 -11.65 -38.78 -4.22
CA TYR A 469 -11.66 -38.46 -2.79
C TYR A 469 -13.07 -38.37 -2.30
N GLY A 470 -13.24 -38.89 -1.10
CA GLY A 470 -14.48 -38.94 -0.34
C GLY A 470 -14.22 -38.21 0.88
N PHE A 471 -14.82 -38.72 1.98
CA PHE A 471 -14.95 -38.20 3.30
C PHE A 471 -14.62 -39.35 4.24
N GLN A 472 -13.94 -39.03 5.33
CA GLN A 472 -13.71 -39.96 6.44
C GLN A 472 -14.79 -39.69 7.52
N PRO A 473 -15.58 -40.66 7.97
CA PRO A 473 -16.49 -40.49 9.12
C PRO A 473 -15.75 -40.07 10.33
N THR A 474 -16.43 -39.25 11.19
CA THR A 474 -15.99 -38.71 12.46
C THR A 474 -15.70 -39.77 13.51
N ASN A 475 -14.40 -39.88 13.99
CA ASN A 475 -13.93 -40.92 14.82
C ASN A 475 -13.25 -40.19 15.89
N GLY A 476 -13.84 -39.11 16.41
CA GLY A 476 -13.34 -38.46 17.59
C GLY A 476 -13.74 -37.05 17.32
N VAL A 477 -14.01 -36.29 18.42
CA VAL A 477 -14.34 -34.89 18.28
C VAL A 477 -13.18 -34.15 17.74
N GLY A 478 -13.32 -33.39 16.60
CA GLY A 478 -12.25 -32.78 15.90
C GLY A 478 -12.28 -33.14 14.44
N TYR A 479 -12.96 -34.23 14.18
CA TYR A 479 -13.22 -34.76 12.86
C TYR A 479 -14.65 -34.44 12.45
N GLN A 480 -15.13 -33.32 13.03
CA GLN A 480 -16.42 -32.68 13.02
C GLN A 480 -17.01 -32.68 11.61
N PRO A 481 -18.20 -33.24 11.34
CA PRO A 481 -18.68 -33.15 9.99
C PRO A 481 -19.31 -31.81 9.80
N TYR A 482 -19.40 -31.43 8.50
CA TYR A 482 -20.23 -30.34 8.02
C TYR A 482 -20.91 -30.82 6.78
N ARG A 483 -22.22 -30.40 6.54
CA ARG A 483 -22.94 -30.70 5.32
C ARG A 483 -22.73 -29.67 4.34
N VAL A 484 -22.33 -30.00 3.11
CA VAL A 484 -21.95 -28.94 2.11
C VAL A 484 -22.86 -29.17 1.02
N VAL A 485 -23.47 -28.09 0.49
CA VAL A 485 -24.30 -28.10 -0.69
C VAL A 485 -23.63 -27.02 -1.49
N VAL A 486 -23.42 -27.28 -2.81
CA VAL A 486 -22.88 -26.30 -3.73
C VAL A 486 -24.09 -26.09 -4.68
N LEU A 487 -24.41 -24.90 -4.97
CA LEU A 487 -25.52 -24.56 -5.89
C LEU A 487 -24.83 -24.04 -7.09
N SER A 488 -25.04 -24.74 -8.29
CA SER A 488 -24.48 -24.32 -9.48
C SER A 488 -25.66 -23.70 -10.18
N PHE A 489 -25.54 -22.41 -10.38
CA PHE A 489 -26.58 -21.50 -10.86
C PHE A 489 -26.24 -21.18 -12.32
N GLU A 490 -27.14 -21.60 -13.20
CA GLU A 490 -27.06 -21.44 -14.64
C GLU A 490 -27.68 -20.07 -15.00
N LEU A 491 -26.74 -19.12 -15.51
CA LEU A 491 -27.00 -17.72 -15.74
C LEU A 491 -27.16 -17.50 -17.18
N LEU A 492 -27.10 -18.64 -17.93
CA LEU A 492 -27.09 -18.79 -19.37
C LEU A 492 -28.50 -18.64 -19.91
N HIS A 493 -28.59 -18.27 -21.20
CA HIS A 493 -29.76 -18.07 -21.91
C HIS A 493 -30.63 -19.29 -21.94
N ALA A 494 -31.88 -19.05 -21.40
CA ALA A 494 -32.95 -19.96 -21.39
C ALA A 494 -33.93 -19.19 -20.56
N PRO A 495 -35.25 -19.44 -20.74
CA PRO A 495 -36.24 -18.76 -19.82
C PRO A 495 -36.03 -19.23 -18.37
N ALA A 496 -36.28 -18.29 -17.43
CA ALA A 496 -36.14 -18.59 -16.00
C ALA A 496 -37.12 -19.70 -15.63
N THR A 497 -36.76 -20.61 -14.65
CA THR A 497 -37.60 -21.62 -14.20
C THR A 497 -37.71 -21.51 -12.71
N VAL A 498 -36.77 -20.82 -12.05
CA VAL A 498 -36.71 -20.68 -10.62
C VAL A 498 -36.40 -19.20 -10.29
N CYS A 499 -37.15 -18.53 -9.39
CA CYS A 499 -36.93 -17.28 -8.81
C CYS A 499 -37.50 -17.30 -7.45
N GLY A 500 -37.48 -16.21 -6.60
CA GLY A 500 -38.04 -16.15 -5.28
C GLY A 500 -39.60 -16.04 -5.23
N PRO A 501 -40.16 -16.13 -3.95
CA PRO A 501 -41.54 -16.11 -3.60
C PRO A 501 -42.10 -14.68 -3.75
N LYS A 502 -41.23 -13.67 -3.97
CA LYS A 502 -41.62 -12.27 -3.95
C LYS A 502 -42.21 -12.00 -5.34
N LYS A 503 -43.28 -11.16 -5.38
CA LYS A 503 -44.06 -10.75 -6.54
C LYS A 503 -43.28 -9.99 -7.56
N SER A 504 -43.61 -10.36 -8.82
CA SER A 504 -42.91 -9.82 -9.91
C SER A 504 -43.11 -8.32 -9.89
N THR A 505 -42.04 -7.66 -10.21
CA THR A 505 -42.02 -6.26 -10.54
C THR A 505 -41.36 -6.26 -11.90
N ASN A 506 -42.00 -5.51 -12.91
CA ASN A 506 -41.51 -5.47 -14.25
C ASN A 506 -40.45 -4.30 -14.29
N LEU A 507 -39.74 -4.18 -15.43
CA LEU A 507 -38.70 -3.20 -15.79
C LEU A 507 -39.15 -1.76 -15.77
N VAL A 508 -38.42 -0.91 -15.04
CA VAL A 508 -38.69 0.46 -14.90
C VAL A 508 -37.57 1.23 -15.59
N LYS A 509 -37.90 1.83 -16.74
CA LYS A 509 -37.02 2.48 -17.71
C LYS A 509 -36.79 3.89 -17.32
N ASN A 510 -35.53 4.30 -17.41
CA ASN A 510 -34.97 5.63 -17.15
C ASN A 510 -35.19 6.10 -15.68
N LYS A 511 -35.14 5.19 -14.64
CA LYS A 511 -35.22 5.57 -13.24
C LYS A 511 -34.14 4.67 -12.73
N CYS A 512 -33.53 5.10 -11.55
CA CYS A 512 -32.54 4.39 -10.84
C CYS A 512 -33.22 3.32 -10.10
N VAL A 513 -32.82 1.98 -10.25
CA VAL A 513 -33.51 0.92 -9.57
C VAL A 513 -32.37 0.10 -9.09
N ASN A 514 -32.73 -0.85 -8.17
CA ASN A 514 -31.93 -1.94 -7.84
C ASN A 514 -32.36 -3.07 -8.71
N PHE A 515 -31.40 -3.64 -9.46
CA PHE A 515 -31.70 -4.70 -10.42
C PHE A 515 -30.91 -5.91 -9.98
N ASN A 516 -31.36 -7.08 -10.50
CA ASN A 516 -30.67 -8.31 -10.24
C ASN A 516 -31.26 -9.19 -11.32
N PHE A 517 -30.54 -9.40 -12.42
CA PHE A 517 -30.99 -10.31 -13.47
C PHE A 517 -29.69 -11.07 -13.78
N ASN A 518 -29.89 -12.35 -14.06
CA ASN A 518 -29.01 -13.43 -14.46
C ASN A 518 -27.68 -13.32 -13.86
N GLY A 519 -27.63 -13.04 -12.51
CA GLY A 519 -26.36 -13.01 -11.72
C GLY A 519 -25.82 -11.65 -11.61
N LEU A 520 -26.36 -10.77 -12.45
CA LEU A 520 -25.91 -9.43 -12.51
C LEU A 520 -26.84 -8.47 -11.82
N THR A 521 -26.33 -7.88 -10.75
CA THR A 521 -26.99 -7.03 -9.79
C THR A 521 -26.18 -5.80 -9.62
N GLY A 522 -26.79 -4.73 -9.03
CA GLY A 522 -26.00 -3.53 -8.78
C GLY A 522 -27.11 -2.53 -8.75
N THR A 523 -26.82 -1.21 -8.72
CA THR A 523 -27.76 -0.15 -8.70
C THR A 523 -27.62 0.59 -10.02
N GLY A 524 -28.69 0.74 -10.84
CA GLY A 524 -28.54 1.24 -12.13
C GLY A 524 -29.87 1.49 -12.75
N VAL A 525 -29.78 2.06 -13.98
CA VAL A 525 -30.86 2.50 -14.83
C VAL A 525 -30.95 1.49 -15.97
N LEU A 526 -32.19 0.94 -16.07
CA LEU A 526 -32.53 -0.13 -17.03
C LEU A 526 -32.98 0.64 -18.27
N THR A 527 -32.59 0.07 -19.49
CA THR A 527 -33.12 0.33 -20.83
C THR A 527 -33.02 -0.99 -21.54
N GLU A 528 -33.23 -0.94 -22.84
CA GLU A 528 -33.25 -2.09 -23.68
C GLU A 528 -32.18 -1.94 -24.74
N SER A 529 -31.59 -3.14 -25.15
CA SER A 529 -30.50 -3.41 -26.06
C SER A 529 -30.36 -2.59 -27.29
N ASN A 530 -29.18 -1.93 -27.31
CA ASN A 530 -28.78 -1.13 -28.46
C ASN A 530 -27.45 -1.75 -28.91
N LYS A 531 -26.79 -2.42 -27.95
CA LYS A 531 -25.55 -3.08 -28.09
C LYS A 531 -25.80 -4.35 -28.89
N LYS A 532 -24.81 -4.84 -29.67
CA LYS A 532 -24.84 -6.07 -30.47
C LYS A 532 -24.43 -7.15 -29.52
N PHE A 533 -25.07 -8.31 -29.70
CA PHE A 533 -24.71 -9.39 -28.85
C PHE A 533 -24.64 -10.59 -29.71
N LEU A 534 -23.79 -11.56 -29.21
CA LEU A 534 -23.76 -12.94 -29.57
C LEU A 534 -24.72 -13.69 -28.68
N PRO A 535 -25.25 -14.83 -29.07
CA PRO A 535 -26.19 -15.58 -28.26
C PRO A 535 -25.44 -16.22 -27.14
N PHE A 536 -24.16 -16.14 -27.03
CA PHE A 536 -23.47 -16.81 -26.01
C PHE A 536 -23.01 -15.73 -25.04
N GLN A 537 -23.19 -14.49 -25.44
CA GLN A 537 -22.69 -13.31 -24.73
C GLN A 537 -23.90 -12.48 -24.74
N GLN A 538 -24.84 -12.80 -23.81
CA GLN A 538 -26.02 -12.01 -23.71
C GLN A 538 -26.07 -11.32 -22.35
N PHE A 539 -24.98 -11.42 -21.66
CA PHE A 539 -24.77 -10.74 -20.46
C PHE A 539 -23.35 -10.41 -20.33
N GLY A 540 -23.14 -9.27 -19.64
CA GLY A 540 -21.83 -8.66 -19.53
C GLY A 540 -21.54 -8.09 -18.23
N ARG A 541 -20.27 -8.34 -17.85
CA ARG A 541 -19.65 -7.55 -16.81
C ARG A 541 -18.42 -7.02 -17.46
N ASP A 542 -18.20 -5.68 -17.13
CA ASP A 542 -17.06 -4.96 -17.69
C ASP A 542 -15.83 -5.14 -16.79
N ILE A 543 -14.65 -4.57 -17.22
CA ILE A 543 -13.36 -4.62 -16.59
C ILE A 543 -13.53 -3.97 -15.22
N ALA A 544 -14.51 -3.01 -15.00
CA ALA A 544 -14.69 -2.35 -13.74
C ALA A 544 -15.46 -3.19 -12.75
N ASP A 545 -15.89 -4.43 -13.10
CA ASP A 545 -16.60 -5.31 -12.28
C ASP A 545 -18.00 -4.86 -11.89
N THR A 546 -18.61 -4.24 -12.91
CA THR A 546 -19.95 -3.73 -12.86
C THR A 546 -20.68 -4.34 -14.01
N THR A 547 -22.04 -4.25 -13.99
CA THR A 547 -22.89 -4.76 -15.00
C THR A 547 -22.82 -3.85 -16.22
N ASP A 548 -22.68 -4.49 -17.46
CA ASP A 548 -22.70 -3.93 -18.75
C ASP A 548 -24.02 -4.23 -19.51
N ALA A 549 -24.45 -5.50 -19.45
CA ALA A 549 -25.63 -5.86 -20.15
C ALA A 549 -26.12 -7.17 -19.47
N VAL A 550 -27.43 -7.50 -19.66
CA VAL A 550 -27.94 -8.70 -19.09
C VAL A 550 -29.12 -9.02 -19.91
N ARG A 551 -29.42 -10.29 -20.05
CA ARG A 551 -30.60 -10.81 -20.66
C ARG A 551 -31.60 -11.03 -19.61
N ASP A 552 -32.83 -10.54 -19.90
CA ASP A 552 -34.06 -10.52 -19.05
C ASP A 552 -34.64 -11.92 -18.73
N PRO A 553 -34.99 -12.37 -17.47
CA PRO A 553 -35.39 -13.76 -17.24
C PRO A 553 -36.78 -14.16 -17.72
N GLN A 554 -37.60 -13.13 -18.04
CA GLN A 554 -38.99 -13.47 -18.31
C GLN A 554 -39.28 -13.09 -19.75
N THR A 555 -38.64 -12.04 -20.27
CA THR A 555 -38.97 -11.60 -21.57
C THR A 555 -37.85 -12.21 -22.44
N LEU A 556 -37.90 -11.90 -23.77
CA LEU A 556 -36.91 -12.38 -24.75
C LEU A 556 -35.90 -11.28 -25.05
N GLU A 557 -35.90 -10.10 -24.41
CA GLU A 557 -35.07 -8.91 -24.73
C GLU A 557 -33.77 -8.98 -23.98
N ILE A 558 -32.66 -8.41 -24.49
CA ILE A 558 -31.44 -8.30 -23.79
C ILE A 558 -31.55 -6.85 -23.30
N LEU A 559 -31.15 -6.55 -22.06
CA LEU A 559 -31.24 -5.24 -21.43
C LEU A 559 -29.81 -4.73 -21.49
N ASP A 560 -29.66 -3.39 -21.74
CA ASP A 560 -28.47 -2.64 -21.49
C ASP A 560 -28.65 -1.90 -20.19
N ILE A 561 -27.71 -1.98 -19.20
CA ILE A 561 -27.88 -1.43 -17.93
C ILE A 561 -26.68 -0.56 -17.77
N THR A 562 -26.95 0.69 -17.37
CA THR A 562 -25.85 1.62 -17.17
C THR A 562 -25.97 2.13 -15.69
N PRO A 563 -24.92 2.07 -14.90
CA PRO A 563 -24.94 2.47 -13.50
C PRO A 563 -25.58 3.83 -13.26
N CYS A 564 -26.36 4.07 -12.13
CA CYS A 564 -27.09 5.34 -11.93
C CYS A 564 -26.33 6.61 -11.94
N SER A 565 -26.92 7.71 -12.51
CA SER A 565 -26.28 9.02 -12.69
C SER A 565 -25.80 9.67 -11.41
N PHE A 566 -24.65 10.41 -11.47
CA PHE A 566 -24.13 11.19 -10.42
C PHE A 566 -23.33 12.31 -10.92
N GLY A 567 -22.94 13.34 -10.10
CA GLY A 567 -22.09 14.39 -10.65
C GLY A 567 -21.75 15.26 -9.51
N GLY A 568 -20.67 15.98 -9.83
CA GLY A 568 -20.03 16.84 -8.82
C GLY A 568 -20.89 17.91 -8.35
N VAL A 569 -20.70 18.40 -7.03
CA VAL A 569 -21.37 19.53 -6.52
C VAL A 569 -20.34 20.60 -6.44
N SER A 570 -20.44 21.58 -7.38
CA SER A 570 -19.54 22.69 -7.42
C SER A 570 -20.27 23.88 -7.00
N VAL A 571 -19.90 24.52 -5.83
CA VAL A 571 -20.66 25.56 -5.23
C VAL A 571 -19.91 26.78 -5.52
N ILE A 572 -20.66 27.82 -5.99
CA ILE A 572 -20.13 29.12 -6.22
C ILE A 572 -20.52 29.89 -5.00
N THR A 573 -19.48 30.29 -4.24
CA THR A 573 -19.75 30.96 -2.93
C THR A 573 -18.65 31.97 -2.76
N PRO A 574 -18.91 33.15 -2.22
CA PRO A 574 -17.91 34.25 -1.82
C PRO A 574 -17.20 33.90 -0.56
N GLY A 575 -16.55 34.86 -0.03
CA GLY A 575 -15.90 34.95 1.29
C GLY A 575 -17.01 35.01 2.34
N THR A 576 -16.64 35.04 3.61
CA THR A 576 -17.59 34.96 4.82
C THR A 576 -17.46 36.39 5.47
N ASN A 577 -16.90 37.34 4.65
CA ASN A 577 -16.68 38.72 4.97
C ASN A 577 -17.80 39.40 4.24
N THR A 578 -18.77 38.66 3.72
CA THR A 578 -19.82 39.24 2.98
C THR A 578 -20.85 38.12 3.18
N SER A 579 -22.10 38.47 2.93
CA SER A 579 -23.10 37.46 2.92
C SER A 579 -22.83 36.38 1.88
N ASN A 580 -23.01 35.07 2.27
CA ASN A 580 -22.75 33.90 1.42
C ASN A 580 -23.87 33.65 0.50
N GLN A 581 -23.55 33.22 -0.75
CA GLN A 581 -24.47 32.81 -1.77
C GLN A 581 -24.13 31.42 -2.09
N VAL A 582 -25.10 30.70 -2.63
CA VAL A 582 -24.96 29.31 -3.00
C VAL A 582 -25.56 29.13 -4.37
N ALA A 583 -24.73 28.98 -5.43
CA ALA A 583 -25.21 28.50 -6.72
C ALA A 583 -24.49 27.18 -6.84
N VAL A 584 -25.18 26.13 -7.42
CA VAL A 584 -24.59 24.85 -7.52
C VAL A 584 -24.57 24.48 -8.95
N LEU A 585 -23.37 24.04 -9.50
CA LEU A 585 -23.30 23.45 -10.82
C LEU A 585 -23.44 21.96 -10.51
N TYR A 586 -24.45 21.33 -11.18
CA TYR A 586 -24.74 19.93 -11.19
C TYR A 586 -24.05 19.42 -12.46
N GLN A 587 -22.82 18.85 -12.29
CA GLN A 587 -21.91 18.46 -13.39
C GLN A 587 -22.62 17.48 -14.34
N ASP A 588 -22.47 17.83 -15.61
CA ASP A 588 -22.80 17.17 -16.78
C ASP A 588 -24.23 16.53 -16.96
N VAL A 589 -25.27 17.34 -16.61
CA VAL A 589 -26.68 16.98 -16.76
C VAL A 589 -27.40 18.09 -17.48
N ASN A 590 -28.58 17.81 -17.95
CA ASN A 590 -29.51 18.81 -18.57
C ASN A 590 -30.30 19.60 -17.44
N CYS A 591 -31.16 20.58 -17.84
CA CYS A 591 -31.88 21.37 -16.76
C CYS A 591 -33.27 20.95 -16.72
N THR A 592 -33.59 19.64 -17.07
CA THR A 592 -34.89 19.09 -16.93
C THR A 592 -34.91 18.03 -15.84
N GLU A 593 -33.79 17.34 -15.51
CA GLU A 593 -33.69 16.33 -14.48
C GLU A 593 -32.54 16.92 -13.69
N VAL A 594 -32.90 17.86 -12.82
CA VAL A 594 -31.82 18.46 -12.02
C VAL A 594 -31.84 17.86 -10.59
N PRO A 595 -32.89 17.18 -10.05
CA PRO A 595 -32.87 16.61 -8.78
C PRO A 595 -31.70 15.74 -8.47
N VAL A 596 -31.27 15.87 -7.17
CA VAL A 596 -30.21 15.20 -6.36
C VAL A 596 -30.57 13.76 -6.36
N ALA A 597 -31.87 13.47 -6.22
CA ALA A 597 -32.31 12.13 -6.40
C ALA A 597 -33.56 12.34 -7.17
N ILE A 598 -33.71 11.47 -8.16
CA ILE A 598 -34.81 11.58 -9.10
C ILE A 598 -35.82 10.55 -8.72
N HIS A 599 -37.04 10.94 -8.37
CA HIS A 599 -38.07 10.09 -7.84
C HIS A 599 -37.59 9.27 -6.61
N ALA A 600 -36.66 9.82 -5.74
CA ALA A 600 -36.07 9.16 -4.56
C ALA A 600 -35.57 10.31 -3.74
N ASP A 601 -35.08 9.98 -2.50
CA ASP A 601 -34.58 10.90 -1.60
C ASP A 601 -33.47 10.33 -0.70
N GLN A 602 -32.83 11.18 0.15
CA GLN A 602 -31.87 10.70 1.10
C GLN A 602 -32.35 10.88 2.53
N LEU A 603 -33.63 10.70 2.75
CA LEU A 603 -34.40 10.88 3.95
C LEU A 603 -34.36 12.40 4.34
N THR A 604 -34.26 13.25 3.37
CA THR A 604 -34.16 14.65 3.46
C THR A 604 -34.87 15.17 2.28
N PRO A 605 -35.47 16.37 2.17
CA PRO A 605 -36.16 16.93 1.04
C PRO A 605 -35.43 16.69 -0.29
N THR A 606 -36.15 16.64 -1.42
CA THR A 606 -35.65 16.09 -2.68
C THR A 606 -34.30 16.68 -3.02
N TRP A 607 -34.03 18.03 -2.83
CA TRP A 607 -32.80 18.64 -3.26
C TRP A 607 -31.96 18.29 -2.10
N ARG A 608 -31.99 19.05 -1.00
CA ARG A 608 -31.22 18.77 0.20
C ARG A 608 -32.05 19.27 1.35
N VAL A 609 -32.46 20.52 1.35
CA VAL A 609 -33.51 20.96 2.30
C VAL A 609 -34.52 21.69 1.46
N TYR A 610 -34.42 21.66 0.11
CA TYR A 610 -35.39 22.43 -0.69
C TYR A 610 -35.95 21.31 -1.50
N SER A 611 -37.07 21.49 -2.26
CA SER A 611 -37.65 20.41 -3.05
C SER A 611 -37.79 20.87 -4.49
N THR A 612 -37.16 22.03 -4.71
CA THR A 612 -37.10 22.71 -5.92
C THR A 612 -35.81 23.46 -5.86
N GLY A 613 -35.11 23.70 -6.96
CA GLY A 613 -34.01 24.55 -7.05
C GLY A 613 -34.19 26.04 -7.22
N SER A 614 -34.95 26.41 -8.40
CA SER A 614 -35.13 27.76 -8.91
C SER A 614 -33.81 28.21 -9.48
N ASN A 615 -33.84 29.31 -10.23
CA ASN A 615 -32.76 30.03 -10.92
C ASN A 615 -31.80 29.06 -11.64
N VAL A 616 -32.31 28.37 -12.68
CA VAL A 616 -31.83 27.29 -13.37
C VAL A 616 -31.37 27.85 -14.69
N PHE A 617 -30.05 27.63 -15.01
CA PHE A 617 -29.38 28.17 -16.13
C PHE A 617 -28.74 26.97 -16.72
N GLN A 618 -29.04 26.69 -18.01
CA GLN A 618 -28.37 25.56 -18.69
C GLN A 618 -27.03 26.12 -19.20
N THR A 619 -25.88 25.49 -18.77
CA THR A 619 -24.49 25.80 -19.07
C THR A 619 -23.99 24.61 -19.97
N ARG A 620 -22.71 24.70 -20.37
CA ARG A 620 -21.93 23.75 -21.16
C ARG A 620 -21.05 22.93 -20.24
N ALA A 621 -21.33 22.92 -18.94
CA ALA A 621 -20.63 22.07 -17.99
C ALA A 621 -21.66 21.40 -17.09
N GLY A 622 -22.93 21.50 -17.43
CA GLY A 622 -23.97 20.92 -16.58
C GLY A 622 -25.01 21.94 -16.43
N CYS A 623 -25.69 21.87 -15.30
CA CYS A 623 -26.80 22.78 -15.16
C CYS A 623 -26.51 23.47 -13.88
N LEU A 624 -26.64 24.82 -13.96
CA LEU A 624 -26.25 25.70 -12.87
C LEU A 624 -27.54 26.10 -12.25
N ILE A 625 -27.70 25.86 -10.91
CA ILE A 625 -28.88 26.15 -10.16
C ILE A 625 -28.55 27.11 -9.13
N GLY A 626 -29.29 28.18 -9.04
CA GLY A 626 -29.10 29.32 -8.20
C GLY A 626 -28.55 30.51 -8.93
N ALA A 627 -28.55 30.43 -10.26
CA ALA A 627 -27.96 31.56 -10.95
C ALA A 627 -28.67 31.47 -12.24
N GLU A 628 -28.87 32.71 -12.80
CA GLU A 628 -29.57 32.85 -14.02
C GLU A 628 -28.65 33.56 -14.91
N HIS A 629 -28.85 33.29 -16.21
CA HIS A 629 -28.12 33.99 -17.29
C HIS A 629 -28.54 35.42 -17.47
N VAL A 630 -27.58 36.31 -17.66
CA VAL A 630 -27.72 37.80 -17.92
C VAL A 630 -26.98 38.08 -19.18
N ASN A 631 -27.38 39.19 -19.89
CA ASN A 631 -26.82 39.57 -21.20
C ASN A 631 -25.68 40.54 -20.98
N ASN A 632 -25.32 40.87 -19.64
CA ASN A 632 -24.20 41.80 -19.26
C ASN A 632 -23.09 40.94 -18.86
N SER A 633 -22.00 40.91 -19.57
CA SER A 633 -20.87 40.05 -19.37
C SER A 633 -19.74 40.88 -18.87
N TYR A 634 -18.74 40.13 -18.34
CA TYR A 634 -17.43 40.62 -17.85
C TYR A 634 -16.38 39.72 -18.49
N GLU A 635 -15.05 40.13 -18.34
CA GLU A 635 -13.94 39.26 -18.73
C GLU A 635 -13.71 38.24 -17.62
N CYS A 636 -14.78 37.48 -17.16
CA CYS A 636 -14.86 36.61 -15.97
C CYS A 636 -14.42 37.17 -14.59
N ASP A 637 -14.85 36.40 -13.59
CA ASP A 637 -14.51 36.70 -12.17
C ASP A 637 -14.28 35.37 -11.54
N ILE A 638 -15.36 34.57 -11.30
CA ILE A 638 -15.27 33.20 -10.85
C ILE A 638 -15.55 32.33 -12.07
N PRO A 639 -14.54 31.59 -12.62
CA PRO A 639 -14.77 30.73 -13.74
C PRO A 639 -15.45 29.46 -13.42
N ILE A 640 -16.36 29.04 -14.38
CA ILE A 640 -17.11 27.86 -14.23
C ILE A 640 -16.60 26.91 -15.29
N GLY A 641 -16.49 27.35 -16.58
CA GLY A 641 -15.95 26.44 -17.58
C GLY A 641 -16.76 26.58 -18.83
N ALA A 642 -16.10 26.25 -19.98
CA ALA A 642 -16.66 26.33 -21.27
C ALA A 642 -17.14 27.67 -21.61
N GLY A 643 -16.44 28.75 -21.19
CA GLY A 643 -16.70 30.13 -21.53
C GLY A 643 -17.71 30.56 -20.62
N ILE A 644 -18.22 29.80 -19.60
CA ILE A 644 -19.29 30.20 -18.68
C ILE A 644 -18.58 30.74 -17.43
N CYS A 645 -18.97 31.86 -16.91
CA CYS A 645 -18.47 32.45 -15.65
C CYS A 645 -19.59 33.07 -14.91
N ALA A 646 -19.22 33.41 -13.64
CA ALA A 646 -20.11 34.19 -12.67
C ALA A 646 -19.21 35.17 -11.99
N SER A 647 -19.89 36.18 -11.35
CA SER A 647 -19.22 37.25 -10.65
C SER A 647 -20.10 37.57 -9.49
N TYR A 648 -19.56 37.98 -8.37
CA TYR A 648 -20.26 38.37 -7.23
C TYR A 648 -19.59 39.62 -6.87
N GLN A 649 -20.32 40.74 -6.84
CA GLN A 649 -19.70 42.04 -6.62
C GLN A 649 -20.57 42.79 -5.64
N THR A 650 -20.82 42.13 -4.46
CA THR A 650 -21.65 42.74 -3.43
C THR A 650 -22.95 43.22 -4.09
N GLN A 651 -23.65 42.42 -4.87
CA GLN A 651 -24.87 42.77 -5.63
C GLN A 651 -26.03 42.29 -4.78
N THR A 652 -25.83 42.17 -3.50
CA THR A 652 -26.83 41.75 -2.51
C THR A 652 -27.42 40.48 -3.04
N ASN A 653 -26.47 39.61 -3.32
CA ASN A 653 -26.66 38.24 -3.81
C ASN A 653 -26.52 38.26 -5.27
N SER A 654 -25.54 37.52 -5.88
CA SER A 654 -25.43 37.46 -7.33
C SER A 654 -25.66 35.95 -7.68
N PRO A 655 -24.89 34.99 -7.33
CA PRO A 655 -25.23 33.58 -7.60
C PRO A 655 -26.20 33.11 -6.52
N ARG A 656 -27.23 33.89 -6.25
CA ARG A 656 -28.30 33.48 -5.42
C ARG A 656 -29.50 34.30 -5.57
N ALA A 657 -29.75 34.68 -6.86
CA ALA A 657 -30.77 35.60 -7.28
C ALA A 657 -31.13 35.38 -8.74
N ALA A 658 -32.27 35.96 -9.12
CA ALA A 658 -32.76 36.00 -10.41
C ALA A 658 -31.94 37.08 -11.13
N ALA A 659 -31.83 36.92 -12.45
CA ALA A 659 -31.19 37.72 -13.45
C ALA A 659 -31.88 39.09 -13.64
N SER A 660 -31.08 40.11 -13.95
CA SER A 660 -31.55 41.41 -14.45
C SER A 660 -30.35 41.86 -15.26
N VAL A 661 -30.72 42.64 -16.33
CA VAL A 661 -29.79 43.27 -17.13
C VAL A 661 -29.95 44.77 -17.02
N ALA A 662 -30.89 45.26 -16.21
CA ALA A 662 -31.22 46.71 -15.99
C ALA A 662 -30.90 47.15 -14.62
N SER A 663 -30.26 46.30 -13.79
CA SER A 663 -29.92 46.53 -12.42
C SER A 663 -28.80 45.60 -12.09
N GLN A 664 -28.17 45.81 -10.94
CA GLN A 664 -26.96 45.08 -10.56
C GLN A 664 -27.39 43.75 -10.00
N SER A 665 -27.65 42.83 -10.91
CA SER A 665 -27.94 41.35 -10.67
C SER A 665 -27.39 40.69 -11.91
N ILE A 666 -26.06 40.97 -12.17
CA ILE A 666 -25.31 40.55 -13.24
C ILE A 666 -24.58 39.35 -12.69
N ILE A 667 -25.09 38.15 -13.02
CA ILE A 667 -24.82 36.93 -12.29
C ILE A 667 -23.97 36.04 -13.12
N ALA A 668 -24.52 35.31 -14.08
CA ALA A 668 -23.80 34.35 -14.88
C ALA A 668 -24.03 34.64 -16.35
N TYR A 669 -23.00 34.36 -17.21
CA TYR A 669 -22.98 34.77 -18.56
C TYR A 669 -21.89 33.93 -19.17
N THR A 670 -21.94 33.88 -20.52
CA THR A 670 -20.85 33.43 -21.37
C THR A 670 -19.90 34.62 -21.37
N MET A 671 -18.58 34.41 -21.08
CA MET A 671 -17.54 35.39 -20.93
C MET A 671 -17.32 36.07 -22.20
N SER A 672 -16.91 37.35 -22.24
CA SER A 672 -16.50 37.98 -23.45
C SER A 672 -15.01 38.07 -23.42
N LEU A 673 -14.45 37.94 -24.62
CA LEU A 673 -13.09 38.05 -24.90
C LEU A 673 -12.76 39.44 -25.06
N GLY A 674 -12.94 40.27 -24.00
CA GLY A 674 -12.73 41.72 -24.01
C GLY A 674 -13.67 42.38 -24.96
N ALA A 675 -13.24 43.53 -25.54
CA ALA A 675 -14.05 44.23 -26.46
C ALA A 675 -13.17 44.22 -27.68
N GLU A 676 -13.90 44.62 -28.78
CA GLU A 676 -13.23 44.83 -30.04
C GLU A 676 -12.59 46.14 -29.93
N ASN A 677 -11.42 46.30 -30.63
CA ASN A 677 -10.72 47.55 -30.70
C ASN A 677 -10.53 47.87 -32.20
N SER A 678 -11.23 48.75 -32.80
CA SER A 678 -11.19 49.02 -34.21
C SER A 678 -9.84 49.41 -34.78
N VAL A 679 -9.43 48.73 -35.87
CA VAL A 679 -8.27 48.98 -36.59
C VAL A 679 -8.72 48.41 -37.99
N ALA A 680 -8.06 48.93 -39.06
CA ALA A 680 -8.15 48.57 -40.44
C ALA A 680 -6.77 48.54 -40.95
N TYR A 681 -6.38 47.59 -41.89
CA TYR A 681 -5.06 47.65 -42.60
C TYR A 681 -5.14 48.84 -43.53
N SER A 682 -3.99 49.53 -43.56
CA SER A 682 -3.74 50.69 -44.42
C SER A 682 -2.34 50.58 -44.98
N ASN A 683 -2.17 51.01 -46.25
CA ASN A 683 -0.85 51.09 -46.91
C ASN A 683 -0.64 52.46 -47.38
N ASN A 684 -1.36 53.44 -46.83
CA ASN A 684 -1.28 54.82 -47.25
C ASN A 684 -0.86 55.69 -46.12
N SER A 685 -0.97 55.24 -44.87
CA SER A 685 -0.83 56.00 -43.64
C SER A 685 -0.12 55.09 -42.58
N ILE A 686 0.41 55.78 -41.55
CA ILE A 686 1.03 55.21 -40.43
C ILE A 686 0.48 55.99 -39.23
N ALA A 687 0.20 55.23 -38.12
CA ALA A 687 -0.15 55.77 -36.79
C ALA A 687 1.19 55.87 -36.02
N ILE A 688 1.63 57.10 -35.65
CA ILE A 688 2.94 57.28 -34.92
C ILE A 688 2.61 57.97 -33.63
N PRO A 689 3.12 57.51 -32.43
CA PRO A 689 2.95 58.18 -31.12
C PRO A 689 3.42 59.55 -31.11
N THR A 690 2.66 60.44 -30.50
CA THR A 690 2.89 61.80 -30.26
C THR A 690 2.98 62.06 -28.72
N ASN A 691 2.53 61.08 -27.86
CA ASN A 691 2.61 61.19 -26.44
C ASN A 691 2.74 59.83 -25.98
N PHE A 692 3.26 59.74 -24.69
CA PHE A 692 3.51 58.38 -24.20
C PHE A 692 3.45 58.43 -22.72
N THR A 693 3.37 57.26 -22.06
CA THR A 693 3.39 57.12 -20.66
C THR A 693 4.45 56.06 -20.25
N ILE A 694 5.24 56.40 -19.24
CA ILE A 694 6.14 55.56 -18.57
C ILE A 694 5.32 55.01 -17.30
N SER A 695 5.29 53.63 -17.33
CA SER A 695 4.49 52.84 -16.32
C SER A 695 5.42 51.99 -15.56
N VAL A 696 5.09 51.69 -14.26
CA VAL A 696 5.92 50.80 -13.55
C VAL A 696 4.92 49.74 -13.10
N THR A 697 5.25 48.47 -13.32
CA THR A 697 4.45 47.35 -12.99
C THR A 697 5.21 46.48 -11.95
N THR A 698 4.50 45.62 -11.21
CA THR A 698 5.08 44.83 -10.13
C THR A 698 4.86 43.36 -10.47
N GLU A 699 5.90 42.51 -10.35
CA GLU A 699 5.78 41.11 -10.53
C GLU A 699 6.52 40.57 -9.29
N ILE A 700 6.03 39.46 -8.64
CA ILE A 700 6.60 38.98 -7.47
C ILE A 700 6.87 37.52 -7.88
N LEU A 701 8.11 37.03 -7.64
CA LEU A 701 8.47 35.65 -7.88
C LEU A 701 9.01 34.97 -6.56
N PRO A 702 8.39 33.94 -6.01
CA PRO A 702 8.97 33.20 -4.86
C PRO A 702 10.33 32.60 -5.08
N VAL A 703 11.12 32.65 -3.98
CA VAL A 703 12.48 32.10 -3.92
C VAL A 703 12.59 31.09 -2.83
N SER A 704 11.62 31.07 -1.87
CA SER A 704 11.82 30.13 -0.83
C SER A 704 10.52 29.83 -0.22
N MET A 705 10.50 28.71 0.60
CA MET A 705 9.48 28.28 1.59
C MET A 705 10.16 27.81 2.87
N THR A 706 9.33 27.59 3.94
CA THR A 706 9.80 27.16 5.22
C THR A 706 10.62 25.85 5.21
N LYS A 707 11.86 25.79 5.82
CA LYS A 707 12.71 24.69 5.70
C LYS A 707 12.25 23.63 6.66
N THR A 708 11.08 23.04 6.41
CA THR A 708 10.43 22.06 7.29
C THR A 708 11.00 20.72 7.15
N SER A 709 10.64 19.85 8.16
CA SER A 709 10.94 18.41 8.11
C SER A 709 9.98 17.79 9.12
N VAL A 710 9.99 16.46 9.07
CA VAL A 710 9.29 15.55 9.96
C VAL A 710 10.32 14.44 10.08
N ASP A 711 10.51 13.87 11.30
CA ASP A 711 11.37 12.75 11.56
C ASP A 711 10.38 11.60 11.45
N CYS A 712 10.65 10.75 10.43
CA CYS A 712 9.88 9.55 10.04
C CYS A 712 9.63 8.65 11.23
N THR A 713 10.70 8.38 12.00
CA THR A 713 10.74 7.41 13.11
C THR A 713 9.81 7.94 14.20
N MET A 714 9.95 9.27 14.53
CA MET A 714 9.10 9.89 15.50
C MET A 714 7.67 9.91 15.27
N TYR A 715 7.28 10.23 13.93
CA TYR A 715 5.92 10.27 13.44
C TYR A 715 5.24 8.99 13.66
N ILE A 716 5.94 7.87 13.35
CA ILE A 716 5.35 6.48 13.33
C ILE A 716 5.45 5.78 14.65
N CYS A 717 6.65 5.81 15.29
CA CYS A 717 6.86 4.95 16.51
C CYS A 717 7.22 5.79 17.71
N GLY A 718 7.97 6.97 17.59
CA GLY A 718 8.36 7.74 18.72
C GLY A 718 9.28 6.96 19.63
N ASP A 719 8.64 6.37 20.71
CA ASP A 719 9.28 5.87 21.88
C ASP A 719 9.03 4.42 21.90
N SER A 720 8.24 3.82 20.99
CA SER A 720 7.78 2.45 20.93
C SER A 720 8.81 1.52 20.41
N THR A 721 9.42 0.70 21.28
CA THR A 721 10.47 -0.28 20.79
C THR A 721 9.95 -1.31 19.85
N GLU A 722 8.76 -1.91 20.12
CA GLU A 722 8.09 -2.94 19.37
C GLU A 722 7.76 -2.53 17.94
N CYS A 723 7.27 -1.26 17.85
CA CYS A 723 6.94 -0.55 16.62
C CYS A 723 8.18 -0.29 15.82
N SER A 724 9.21 0.25 16.50
CA SER A 724 10.46 0.51 15.91
C SER A 724 11.14 -0.67 15.28
N ASN A 725 11.11 -1.87 15.92
CA ASN A 725 11.59 -3.13 15.34
C ASN A 725 10.91 -3.60 14.03
N LEU A 726 9.62 -3.34 13.95
CA LEU A 726 8.79 -3.61 12.81
C LEU A 726 8.97 -2.52 11.75
N LEU A 727 9.23 -1.26 12.13
CA LEU A 727 9.54 -0.17 11.25
C LEU A 727 10.87 -0.34 10.56
N LEU A 728 11.90 -0.80 11.25
CA LEU A 728 13.22 -1.09 10.73
C LEU A 728 13.27 -2.09 9.65
N GLN A 729 12.25 -3.02 9.60
CA GLN A 729 12.08 -3.93 8.56
C GLN A 729 11.64 -3.35 7.30
N TYR A 730 11.32 -2.02 7.25
CA TYR A 730 11.01 -1.42 5.95
C TYR A 730 12.26 -0.88 5.27
N GLY A 731 13.44 -1.04 5.95
CA GLY A 731 14.70 -0.57 5.52
C GLY A 731 15.11 0.91 5.73
N SER A 732 15.73 1.47 4.70
CA SER A 732 16.32 2.78 4.65
C SER A 732 15.24 3.71 4.19
N PHE A 733 13.94 3.25 4.03
CA PHE A 733 12.93 4.09 3.56
C PHE A 733 12.72 5.36 4.35
N CYS A 734 12.58 5.28 5.68
CA CYS A 734 12.54 6.44 6.52
C CYS A 734 13.68 7.35 6.42
N THR A 735 14.93 6.82 6.38
CA THR A 735 16.17 7.60 6.19
C THR A 735 16.16 8.40 4.89
N GLN A 736 15.68 7.73 3.75
CA GLN A 736 15.52 8.49 2.57
C GLN A 736 14.54 9.65 2.53
N LEU A 737 13.44 9.50 3.22
CA LEU A 737 12.44 10.56 3.43
C LEU A 737 13.01 11.73 4.16
N ASN A 738 13.78 11.40 5.23
CA ASN A 738 14.47 12.38 6.05
C ASN A 738 15.46 13.13 5.25
N ARG A 739 16.33 12.41 4.40
CA ARG A 739 17.35 13.00 3.50
C ARG A 739 16.84 13.90 2.45
N ALA A 740 15.69 13.58 1.85
CA ALA A 740 14.92 14.34 0.88
C ALA A 740 14.48 15.69 1.39
N LEU A 741 14.03 15.72 2.61
CA LEU A 741 13.63 16.90 3.31
C LEU A 741 14.75 17.78 3.56
N THR A 742 15.93 17.21 3.91
CA THR A 742 17.18 17.97 4.01
C THR A 742 17.64 18.53 2.72
N GLY A 743 17.55 17.64 1.70
CA GLY A 743 17.93 18.06 0.34
C GLY A 743 17.11 19.31 0.04
N ILE A 744 15.82 19.34 0.24
CA ILE A 744 14.97 20.53 0.03
C ILE A 744 15.38 21.72 0.78
N ALA A 745 15.71 21.69 2.12
CA ALA A 745 16.15 22.77 2.98
C ALA A 745 17.31 23.51 2.44
N VAL A 746 18.29 22.70 1.94
CA VAL A 746 19.47 23.18 1.26
C VAL A 746 19.13 23.90 -0.03
N GLU A 747 18.23 23.39 -0.86
CA GLU A 747 17.79 24.03 -2.07
C GLU A 747 17.08 25.39 -1.96
N GLN A 748 16.28 25.55 -0.92
CA GLN A 748 15.53 26.75 -0.58
C GLN A 748 16.47 27.93 -0.30
N ASP A 749 17.63 27.78 0.40
CA ASP A 749 18.67 28.74 0.57
C ASP A 749 19.49 29.01 -0.66
N LYS A 750 19.81 28.05 -1.49
CA LYS A 750 20.47 28.29 -2.80
C LYS A 750 19.57 29.06 -3.65
N ASN A 751 18.25 28.75 -3.64
CA ASN A 751 17.36 29.53 -4.44
C ASN A 751 17.41 31.00 -4.18
N THR A 752 17.38 31.38 -2.89
CA THR A 752 17.56 32.76 -2.44
C THR A 752 18.96 33.29 -2.85
N GLN A 753 20.07 32.58 -2.68
CA GLN A 753 21.38 33.03 -2.99
C GLN A 753 21.60 33.47 -4.46
N GLU A 754 21.07 32.64 -5.40
CA GLU A 754 21.09 32.82 -6.82
C GLU A 754 20.38 34.07 -7.32
N VAL A 755 19.32 34.52 -6.64
CA VAL A 755 18.56 35.66 -7.04
C VAL A 755 19.18 36.99 -6.52
N PHE A 756 19.57 36.94 -5.25
CA PHE A 756 19.93 38.15 -4.62
C PHE A 756 21.45 38.20 -4.56
N ALA A 757 22.14 37.06 -4.12
CA ALA A 757 23.53 37.14 -3.83
C ALA A 757 24.45 36.95 -5.00
N GLN A 758 23.79 36.97 -6.26
CA GLN A 758 24.57 36.89 -7.43
C GLN A 758 25.56 38.10 -7.54
N VAL A 759 25.32 39.19 -6.81
CA VAL A 759 26.30 40.28 -6.73
C VAL A 759 26.62 40.36 -5.26
N LYS A 760 27.89 40.15 -5.00
CA LYS A 760 28.54 40.04 -3.73
C LYS A 760 29.13 41.35 -3.26
N GLN A 761 28.74 42.48 -3.88
CA GLN A 761 29.12 43.77 -3.44
C GLN A 761 27.98 44.62 -2.96
N ILE A 762 28.17 45.10 -1.70
CA ILE A 762 27.07 45.83 -1.14
C ILE A 762 27.36 47.22 -1.45
N TYR A 763 26.34 47.79 -2.11
CA TYR A 763 26.38 49.19 -2.52
C TYR A 763 25.47 49.94 -1.60
N LYS A 764 25.84 51.27 -1.31
CA LYS A 764 24.96 52.15 -0.58
C LYS A 764 24.10 53.07 -1.48
N THR A 765 23.03 53.69 -0.94
CA THR A 765 22.12 54.62 -1.57
C THR A 765 22.79 55.92 -1.92
N PRO A 766 22.40 56.69 -2.89
CA PRO A 766 22.92 57.97 -3.20
C PRO A 766 23.04 58.93 -1.99
N PRO A 767 24.12 59.47 -1.59
CA PRO A 767 24.22 60.39 -0.49
C PRO A 767 23.56 61.67 -0.85
N ILE A 768 24.01 62.27 -1.93
CA ILE A 768 23.34 63.51 -2.48
C ILE A 768 22.13 63.01 -3.30
N LYS A 769 21.03 63.70 -3.30
CA LYS A 769 19.79 63.39 -4.02
C LYS A 769 19.71 64.54 -5.04
N ASP A 770 19.86 64.09 -6.33
CA ASP A 770 19.79 64.82 -7.61
C ASP A 770 19.65 63.79 -8.68
N PHE A 771 18.40 63.58 -9.12
CA PHE A 771 18.09 62.62 -10.16
C PHE A 771 17.40 63.31 -11.24
N GLY A 772 17.63 64.62 -11.54
CA GLY A 772 17.00 65.48 -12.51
C GLY A 772 15.67 65.65 -11.90
N GLY A 773 14.54 65.31 -12.66
CA GLY A 773 13.19 65.55 -12.22
C GLY A 773 12.62 64.42 -11.43
N PHE A 774 13.43 63.30 -11.28
CA PHE A 774 13.11 62.05 -10.59
C PHE A 774 13.32 62.15 -9.08
N ASN A 775 12.49 61.38 -8.35
CA ASN A 775 12.58 61.36 -6.94
C ASN A 775 12.69 59.90 -6.61
N PHE A 776 13.90 59.45 -6.21
CA PHE A 776 14.16 58.14 -5.73
C PHE A 776 14.35 58.33 -4.29
N SER A 777 13.32 58.00 -3.52
CA SER A 777 13.21 57.95 -2.07
C SER A 777 12.25 56.94 -1.67
N GLN A 778 11.47 56.48 -2.68
CA GLN A 778 10.36 55.60 -2.50
C GLN A 778 10.74 54.17 -2.80
N ILE A 779 11.95 53.85 -3.37
CA ILE A 779 12.29 52.48 -3.65
C ILE A 779 13.55 52.27 -2.88
N LEU A 780 14.20 53.34 -2.40
CA LEU A 780 15.47 53.31 -1.64
C LEU A 780 15.01 52.81 -0.19
N PRO A 781 15.81 52.05 0.59
CA PRO A 781 15.46 51.55 1.89
C PRO A 781 15.48 52.48 3.07
N ASP A 782 14.69 53.60 3.00
CA ASP A 782 14.38 54.63 4.03
C ASP A 782 15.42 54.58 5.12
N PRO A 783 16.62 55.12 4.78
CA PRO A 783 17.76 55.14 5.71
C PRO A 783 17.48 55.94 6.95
N SER A 784 16.53 56.82 6.89
CA SER A 784 16.05 57.66 7.92
C SER A 784 15.27 56.96 9.04
N LYS A 785 14.54 55.93 8.62
CA LYS A 785 13.75 55.14 9.49
C LYS A 785 14.61 54.09 10.20
N PRO A 786 14.42 53.78 11.53
CA PRO A 786 15.25 52.73 12.16
C PRO A 786 15.07 51.41 11.42
N SER A 787 14.02 51.21 10.73
CA SER A 787 13.76 49.97 9.98
C SER A 787 14.00 50.38 8.46
N LYS A 788 15.13 49.96 7.89
CA LYS A 788 15.63 50.34 6.56
C LYS A 788 14.92 49.48 5.54
N ARG A 789 13.67 49.87 5.25
CA ARG A 789 12.76 49.35 4.32
C ARG A 789 12.21 50.51 3.62
N SER A 790 12.02 50.31 2.31
CA SER A 790 11.54 51.34 1.49
C SER A 790 10.09 51.54 1.83
N PRO A 791 9.47 52.65 1.59
CA PRO A 791 8.04 52.74 1.71
C PRO A 791 7.24 51.65 1.02
N ILE A 792 7.69 51.03 -0.13
CA ILE A 792 7.01 49.86 -0.76
C ILE A 792 7.15 48.67 0.02
N GLU A 793 8.36 48.37 0.47
CA GLU A 793 8.78 47.18 1.23
C GLU A 793 8.06 47.05 2.51
N ASP A 794 7.82 48.21 3.16
CA ASP A 794 6.97 48.30 4.32
C ASP A 794 5.63 47.64 4.15
N LEU A 795 5.06 47.67 2.93
CA LEU A 795 3.73 47.09 2.62
C LEU A 795 3.97 45.65 2.20
N LEU A 796 5.05 45.28 1.51
CA LEU A 796 5.39 43.94 1.04
C LEU A 796 5.58 42.98 2.16
N PHE A 797 6.13 43.40 3.27
CA PHE A 797 6.32 42.58 4.41
C PHE A 797 5.14 42.48 5.30
N ASN A 798 4.56 43.64 5.62
CA ASN A 798 3.52 43.77 6.60
C ASN A 798 2.17 43.28 6.10
N LYS A 799 2.09 43.00 4.77
CA LYS A 799 0.83 42.53 4.19
C LYS A 799 0.82 41.06 3.86
N VAL A 800 1.89 40.38 4.42
CA VAL A 800 2.12 38.94 4.39
C VAL A 800 2.08 38.61 5.76
N THR A 801 1.20 37.64 6.14
CA THR A 801 1.11 37.25 7.55
C THR A 801 1.85 35.97 7.55
N LEU A 802 2.95 36.07 8.30
CA LEU A 802 3.91 34.98 8.43
C LEU A 802 3.52 34.17 9.63
N ALA A 803 3.55 32.84 9.42
CA ALA A 803 3.21 31.87 10.50
C ALA A 803 4.15 30.72 10.35
N ASP A 804 5.39 30.98 9.87
CA ASP A 804 6.45 30.08 9.56
C ASP A 804 6.88 29.27 10.76
N ALA A 805 7.04 27.96 10.64
CA ALA A 805 7.52 27.11 11.67
C ALA A 805 8.97 27.41 12.08
N GLY A 806 9.32 27.27 13.46
CA GLY A 806 10.65 27.52 13.95
C GLY A 806 10.81 29.01 14.36
N PHE A 807 9.79 29.76 14.08
CA PHE A 807 9.69 31.10 14.46
C PHE A 807 8.53 31.05 15.43
N ILE A 808 7.48 30.24 15.12
CA ILE A 808 6.57 29.78 16.02
C ILE A 808 7.16 28.49 16.53
N LYS A 809 7.67 28.56 17.75
CA LYS A 809 8.56 27.65 18.35
C LYS A 809 7.77 26.46 18.85
N GLN A 810 6.73 26.66 19.63
CA GLN A 810 6.03 25.64 20.35
C GLN A 810 4.60 26.03 20.61
N TYR A 811 3.75 25.04 20.35
CA TYR A 811 2.34 25.07 20.70
C TYR A 811 2.10 23.62 20.83
N GLY A 812 1.58 23.20 21.99
CA GLY A 812 1.38 21.81 22.30
C GLY A 812 1.84 21.71 23.76
N ASP A 813 2.22 22.91 24.29
CA ASP A 813 2.62 23.22 25.75
C ASP A 813 3.78 22.38 26.30
N CYS A 814 5.05 22.55 25.81
CA CYS A 814 6.26 21.93 26.30
C CYS A 814 6.89 22.94 27.17
N LEU A 815 7.40 22.46 28.35
CA LEU A 815 7.93 23.36 29.33
C LEU A 815 9.27 23.78 28.87
N GLY A 816 9.57 25.03 29.21
CA GLY A 816 10.94 25.54 28.93
C GLY A 816 11.00 27.01 28.95
N ASP A 817 12.25 27.61 28.97
CA ASP A 817 12.55 29.08 28.96
C ASP A 817 12.01 29.58 27.59
N ILE A 818 11.58 30.79 27.52
CA ILE A 818 11.00 31.41 26.39
C ILE A 818 12.01 32.44 26.08
N ALA A 819 13.24 32.42 26.69
CA ALA A 819 14.28 33.37 26.43
C ALA A 819 14.98 32.99 25.13
N ALA A 820 15.58 33.96 24.39
CA ALA A 820 16.51 33.72 23.32
C ALA A 820 15.92 32.69 22.38
N ARG A 821 16.61 31.51 22.29
CA ARG A 821 16.32 30.34 21.49
C ARG A 821 16.27 29.16 22.47
N ASP A 822 15.87 29.39 23.74
CA ASP A 822 15.98 28.43 24.83
C ASP A 822 14.67 27.66 24.96
N LEU A 823 13.73 27.88 24.00
CA LEU A 823 12.44 27.18 24.11
C LEU A 823 12.40 26.00 23.19
N ILE A 824 12.00 24.81 23.65
CA ILE A 824 11.94 23.48 22.91
C ILE A 824 11.05 23.72 21.77
N CYS A 825 11.35 23.30 20.52
CA CYS A 825 10.62 23.40 19.36
C CYS A 825 10.55 22.04 18.76
N ALA A 826 9.36 21.45 18.62
CA ALA A 826 9.16 20.18 18.08
C ALA A 826 7.75 20.10 17.64
N GLN A 827 6.97 21.09 17.99
CA GLN A 827 5.57 21.24 17.91
C GLN A 827 4.84 20.13 18.62
N LYS A 828 4.30 19.23 17.79
CA LYS A 828 3.51 18.07 18.25
C LYS A 828 4.35 16.90 18.49
N PHE A 829 5.69 17.09 18.32
CA PHE A 829 6.78 16.16 18.64
C PHE A 829 6.74 15.04 17.61
N ASN A 830 6.70 15.45 16.33
CA ASN A 830 6.96 14.56 15.16
C ASN A 830 8.30 15.09 14.60
N GLY A 831 9.11 15.87 15.36
CA GLY A 831 10.34 16.27 14.72
C GLY A 831 10.07 17.44 13.80
N LEU A 832 9.08 18.30 14.13
CA LEU A 832 8.70 19.37 13.32
C LEU A 832 9.46 20.63 13.79
N THR A 833 10.69 20.79 13.20
CA THR A 833 11.54 21.92 13.47
C THR A 833 12.02 22.53 12.14
N VAL A 834 12.57 23.74 12.06
CA VAL A 834 13.07 24.47 10.96
C VAL A 834 14.41 25.04 11.40
N LEU A 835 15.46 24.89 10.59
CA LEU A 835 16.81 25.51 10.77
C LEU A 835 16.58 26.87 10.03
N PRO A 836 16.72 28.07 10.68
CA PRO A 836 16.40 29.39 10.07
C PRO A 836 17.22 29.57 8.85
N PRO A 837 16.71 30.03 7.74
CA PRO A 837 17.44 30.12 6.52
C PRO A 837 18.87 30.80 6.64
N LEU A 838 19.88 30.39 5.77
CA LEU A 838 21.24 30.96 5.65
C LEU A 838 21.07 32.47 5.33
N LEU A 839 20.23 32.84 4.30
CA LEU A 839 19.96 34.16 3.93
C LEU A 839 18.61 34.63 4.38
N THR A 840 18.59 35.50 5.45
CA THR A 840 17.37 36.05 6.04
C THR A 840 16.79 37.22 5.30
N ASP A 841 15.56 37.50 5.73
CA ASP A 841 14.75 38.57 5.21
C ASP A 841 15.53 39.92 5.12
N GLU A 842 16.38 40.26 6.11
CA GLU A 842 17.30 41.37 6.23
C GLU A 842 18.46 41.28 5.32
N MET A 843 19.05 40.06 5.24
CA MET A 843 20.19 39.84 4.34
C MET A 843 19.88 40.02 2.89
N ILE A 844 18.68 39.53 2.58
CA ILE A 844 18.02 39.66 1.34
C ILE A 844 17.77 41.12 0.97
N ALA A 845 17.25 41.90 1.96
CA ALA A 845 16.96 43.33 1.90
C ALA A 845 18.17 44.13 1.55
N GLN A 846 19.30 43.78 2.14
CA GLN A 846 20.63 44.30 1.88
C GLN A 846 21.24 43.95 0.58
N TYR A 847 21.13 42.70 0.09
CA TYR A 847 21.48 42.34 -1.33
C TYR A 847 20.58 43.08 -2.36
N THR A 848 19.30 43.16 -2.05
CA THR A 848 18.33 43.86 -2.83
C THR A 848 18.63 45.39 -3.01
N SER A 849 18.90 46.07 -1.89
CA SER A 849 19.29 47.44 -1.77
C SER A 849 20.56 47.67 -2.50
N ALA A 850 21.54 46.76 -2.42
CA ALA A 850 22.79 46.77 -3.17
C ALA A 850 22.65 46.74 -4.63
N LEU A 851 21.85 45.87 -5.17
CA LEU A 851 21.50 45.76 -6.56
C LEU A 851 20.76 46.88 -7.13
N LEU A 852 19.82 47.44 -6.30
CA LEU A 852 19.06 48.65 -6.59
C LEU A 852 19.87 49.91 -6.69
N ALA A 853 20.62 50.20 -5.57
CA ALA A 853 21.53 51.24 -5.40
C ALA A 853 22.67 51.15 -6.36
N GLY A 854 23.15 49.87 -6.67
CA GLY A 854 24.17 49.53 -7.60
C GLY A 854 23.83 50.02 -8.91
N THR A 855 22.63 49.66 -9.43
CA THR A 855 22.10 50.12 -10.71
C THR A 855 22.17 51.63 -10.84
N ILE A 856 21.85 52.40 -9.77
CA ILE A 856 21.87 53.86 -9.84
C ILE A 856 23.28 54.38 -9.76
N THR A 857 24.03 53.92 -8.70
CA THR A 857 25.28 54.59 -8.29
C THR A 857 26.49 53.99 -8.98
N SER A 858 26.45 52.70 -9.51
CA SER A 858 27.63 52.06 -10.02
C SER A 858 27.38 51.70 -11.46
N GLY A 859 26.31 52.40 -11.95
CA GLY A 859 25.94 52.12 -13.38
C GLY A 859 25.18 50.83 -13.47
N TRP A 860 24.74 50.42 -14.64
CA TRP A 860 23.97 49.27 -14.86
C TRP A 860 24.69 47.95 -15.04
N THR A 861 26.01 47.99 -15.25
CA THR A 861 26.85 46.80 -15.31
C THR A 861 27.90 47.06 -14.32
N PHE A 862 27.75 46.28 -13.21
CA PHE A 862 28.50 46.19 -11.96
C PHE A 862 28.44 44.76 -11.53
N GLY A 863 27.53 43.93 -12.13
CA GLY A 863 27.21 42.60 -11.68
C GLY A 863 28.18 41.61 -12.32
N ALA A 864 28.88 42.07 -13.40
CA ALA A 864 29.80 41.30 -14.20
C ALA A 864 31.05 42.21 -14.32
N GLY A 865 32.14 41.88 -13.54
CA GLY A 865 33.41 42.62 -13.36
C GLY A 865 33.32 43.92 -12.55
N PRO A 866 34.37 44.73 -12.49
CA PRO A 866 34.44 46.00 -11.79
C PRO A 866 33.37 47.12 -12.02
N ALA A 867 32.98 47.72 -10.90
CA ALA A 867 31.98 48.73 -10.74
C ALA A 867 32.24 49.97 -11.58
N LEU A 868 31.21 50.55 -12.15
CA LEU A 868 31.39 51.71 -13.04
C LEU A 868 30.77 52.89 -12.25
N GLN A 869 30.83 54.06 -12.89
CA GLN A 869 30.17 55.24 -12.40
C GLN A 869 29.67 55.82 -13.67
N ILE A 870 28.31 55.98 -13.78
CA ILE A 870 27.72 56.47 -15.01
C ILE A 870 26.85 57.51 -14.56
N PRO A 871 26.93 58.77 -14.94
CA PRO A 871 26.04 59.85 -14.60
C PRO A 871 24.59 59.46 -14.91
N PHE A 872 23.62 59.87 -14.07
CA PHE A 872 22.21 59.53 -14.24
C PHE A 872 21.56 60.07 -15.42
N PRO A 873 21.76 61.24 -15.93
CA PRO A 873 21.29 61.71 -17.17
C PRO A 873 21.54 60.81 -18.35
N MET A 874 22.69 60.19 -18.32
CA MET A 874 23.10 59.36 -19.36
C MET A 874 22.40 58.01 -19.35
N GLN A 875 22.13 57.52 -18.12
CA GLN A 875 21.30 56.37 -17.86
C GLN A 875 19.94 56.46 -18.37
N MET A 876 19.27 57.64 -18.27
CA MET A 876 17.99 57.92 -18.79
C MET A 876 18.08 57.95 -20.34
N ALA A 877 19.07 58.54 -21.01
CA ALA A 877 19.19 58.49 -22.45
C ALA A 877 19.37 57.13 -23.00
N TYR A 878 20.32 56.36 -22.37
CA TYR A 878 20.61 54.92 -22.68
C TYR A 878 19.38 54.19 -22.57
N ARG A 879 18.53 54.31 -21.47
CA ARG A 879 17.33 53.67 -21.23
C ARG A 879 16.35 53.71 -22.40
N PHE A 880 16.12 54.96 -22.83
CA PHE A 880 15.16 55.26 -23.83
C PHE A 880 15.57 54.72 -25.17
N ASN A 881 16.86 54.90 -25.42
CA ASN A 881 17.58 54.46 -26.63
C ASN A 881 17.48 52.95 -26.89
N GLY A 882 17.43 52.06 -25.87
CA GLY A 882 17.35 50.63 -25.90
C GLY A 882 16.15 50.03 -26.59
N ILE A 883 15.08 50.87 -26.74
CA ILE A 883 13.88 50.48 -27.35
C ILE A 883 13.62 51.31 -28.54
N GLY A 884 14.66 52.04 -29.01
CA GLY A 884 14.60 52.83 -30.24
C GLY A 884 13.88 54.08 -30.13
N VAL A 885 13.90 54.80 -28.96
CA VAL A 885 13.31 56.05 -28.83
C VAL A 885 14.44 56.97 -28.64
N THR A 886 14.62 57.96 -29.56
CA THR A 886 15.68 58.94 -29.50
C THR A 886 15.75 59.74 -28.22
N GLN A 887 16.97 59.86 -27.54
CA GLN A 887 17.21 60.50 -26.28
C GLN A 887 16.72 61.91 -26.16
N ASN A 888 16.51 62.58 -27.30
CA ASN A 888 16.00 63.96 -27.38
C ASN A 888 14.73 64.15 -26.63
N VAL A 889 13.93 63.06 -26.65
CA VAL A 889 12.65 62.86 -26.07
C VAL A 889 12.77 62.84 -24.56
N LEU A 890 13.85 62.22 -24.09
CA LEU A 890 14.07 62.10 -22.68
C LEU A 890 14.24 63.50 -22.05
N TYR A 891 15.16 64.37 -22.69
CA TYR A 891 15.48 65.69 -22.19
C TYR A 891 14.33 66.61 -22.24
N GLU A 892 13.56 66.49 -23.35
CA GLU A 892 12.37 67.39 -23.68
C GLU A 892 11.27 67.28 -22.74
N ASN A 893 10.94 66.00 -22.50
CA ASN A 893 9.74 65.58 -21.76
C ASN A 893 10.22 65.10 -20.47
N GLN A 894 11.49 65.46 -19.99
CA GLN A 894 12.05 64.96 -18.76
C GLN A 894 11.20 65.06 -17.51
N LYS A 895 10.54 66.21 -17.40
CA LYS A 895 9.62 66.50 -16.28
C LYS A 895 8.40 65.66 -16.30
N LEU A 896 7.84 65.41 -17.54
CA LEU A 896 6.64 64.55 -17.69
C LEU A 896 6.97 63.15 -17.28
N ILE A 897 8.07 62.66 -17.83
CA ILE A 897 8.66 61.32 -17.73
C ILE A 897 8.92 61.05 -16.26
N ALA A 898 9.60 61.99 -15.49
CA ALA A 898 9.82 61.86 -14.10
C ALA A 898 8.49 61.77 -13.31
N ASN A 899 7.49 62.67 -13.57
CA ASN A 899 6.24 62.63 -12.86
C ASN A 899 5.54 61.38 -13.13
N GLN A 900 5.55 60.75 -14.35
CA GLN A 900 4.88 59.56 -14.55
C GLN A 900 5.44 58.42 -13.71
N PHE A 901 6.83 58.34 -13.66
CA PHE A 901 7.50 57.37 -12.85
C PHE A 901 7.21 57.52 -11.39
N ASN A 902 7.41 58.74 -10.93
CA ASN A 902 7.23 59.14 -9.54
C ASN A 902 5.85 58.73 -9.10
N SER A 903 4.85 59.05 -10.01
CA SER A 903 3.46 58.71 -9.70
C SER A 903 3.24 57.22 -9.71
N ALA A 904 3.79 56.47 -10.74
CA ALA A 904 3.60 55.06 -10.91
C ALA A 904 4.00 54.33 -9.70
N ILE A 905 5.22 54.80 -9.14
CA ILE A 905 5.66 54.26 -7.84
C ILE A 905 4.73 54.49 -6.66
N GLY A 906 4.11 55.69 -6.53
CA GLY A 906 3.05 55.95 -5.55
C GLY A 906 1.89 55.01 -5.69
N LYS A 907 1.38 54.87 -6.93
CA LYS A 907 0.25 54.08 -7.27
C LYS A 907 0.47 52.61 -6.87
N ILE A 908 1.70 52.10 -7.03
CA ILE A 908 2.05 50.81 -6.57
C ILE A 908 1.93 50.70 -5.07
N GLN A 909 2.40 51.69 -4.37
CA GLN A 909 2.21 51.64 -2.90
C GLN A 909 0.78 51.60 -2.42
N ASP A 910 -0.04 52.42 -3.06
CA ASP A 910 -1.43 52.59 -2.88
C ASP A 910 -2.14 51.29 -3.21
N SER A 911 -1.72 50.53 -4.30
CA SER A 911 -2.23 49.29 -4.73
C SER A 911 -2.04 48.27 -3.68
N LEU A 912 -0.78 48.26 -3.15
CA LEU A 912 -0.40 47.43 -2.07
C LEU A 912 -1.01 47.69 -0.77
N SER A 913 -1.30 48.92 -0.38
CA SER A 913 -1.95 49.37 0.78
C SER A 913 -3.34 48.90 0.91
N SER A 914 -4.17 49.03 -0.19
CA SER A 914 -5.56 48.63 -0.30
C SER A 914 -5.86 47.24 -0.81
N THR A 915 -5.18 46.77 -1.93
CA THR A 915 -5.51 45.54 -2.57
C THR A 915 -4.17 44.82 -2.85
N PRO A 916 -3.39 44.22 -1.88
CA PRO A 916 -2.08 43.75 -2.33
C PRO A 916 -2.23 42.32 -2.93
N SER A 917 -2.96 42.27 -4.06
CA SER A 917 -3.21 41.03 -4.75
C SER A 917 -2.03 40.30 -5.21
N ALA A 918 -0.92 41.01 -5.43
CA ALA A 918 0.43 40.68 -5.85
C ALA A 918 1.15 39.76 -5.02
N LEU A 919 0.86 39.81 -3.73
CA LEU A 919 1.49 39.03 -2.66
C LEU A 919 0.84 37.65 -2.61
N GLY A 920 -0.17 37.31 -3.42
CA GLY A 920 -0.89 36.03 -3.46
C GLY A 920 0.06 34.93 -3.56
N LYS A 921 1.08 35.12 -4.39
CA LYS A 921 2.20 34.24 -4.71
C LYS A 921 3.12 34.01 -3.52
N LEU A 922 3.11 34.86 -2.49
CA LEU A 922 3.99 34.65 -1.34
C LEU A 922 3.32 34.13 -0.16
N GLN A 923 2.06 34.62 0.13
CA GLN A 923 1.12 34.20 1.18
C GLN A 923 0.68 32.81 0.99
N ASP A 924 0.50 32.42 -0.34
CA ASP A 924 0.23 31.00 -0.62
C ASP A 924 1.26 29.96 -0.17
N VAL A 925 2.54 30.34 -0.26
CA VAL A 925 3.66 29.56 0.16
C VAL A 925 3.68 29.36 1.65
N VAL A 926 3.47 30.42 2.40
CA VAL A 926 3.41 30.51 3.85
C VAL A 926 2.22 29.65 4.36
N ASN A 927 1.01 29.79 3.67
CA ASN A 927 -0.26 29.08 3.95
C ASN A 927 0.00 27.58 3.74
N GLN A 928 0.56 27.17 2.62
CA GLN A 928 0.80 25.74 2.34
C GLN A 928 1.76 25.09 3.23
N ASN A 929 2.80 25.81 3.72
CA ASN A 929 3.74 25.37 4.71
C ASN A 929 3.08 24.97 5.97
N ALA A 930 2.30 25.91 6.50
CA ALA A 930 1.46 25.70 7.61
C ALA A 930 0.36 24.72 7.46
N GLN A 931 -0.38 24.66 6.33
CA GLN A 931 -1.41 23.71 6.08
C GLN A 931 -0.88 22.33 5.95
N ALA A 932 0.32 22.11 5.33
CA ALA A 932 1.02 20.88 5.12
C ALA A 932 1.41 20.26 6.46
N LEU A 933 1.93 21.08 7.39
CA LEU A 933 2.32 20.73 8.72
C LEU A 933 1.09 20.42 9.48
N ASN A 934 0.03 21.23 9.40
CA ASN A 934 -1.26 20.98 10.03
C ASN A 934 -1.94 19.74 9.52
N THR A 935 -1.98 19.48 8.21
CA THR A 935 -2.48 18.26 7.59
C THR A 935 -1.73 16.96 8.05
N LEU A 936 -0.37 17.01 8.11
CA LEU A 936 0.54 16.00 8.66
C LEU A 936 0.22 15.59 10.09
N VAL A 937 0.00 16.62 10.98
CA VAL A 937 -0.43 16.41 12.34
C VAL A 937 -1.78 15.74 12.42
N LYS A 938 -2.77 16.26 11.58
CA LYS A 938 -4.08 15.69 11.52
C LYS A 938 -4.06 14.28 10.99
N GLN A 939 -3.03 13.85 10.23
CA GLN A 939 -3.14 12.50 9.73
C GLN A 939 -2.83 11.53 10.83
N LEU A 940 -2.38 12.04 11.99
CA LEU A 940 -2.01 11.25 13.21
C LEU A 940 -3.28 10.59 13.68
N SER A 941 -4.45 11.21 13.34
CA SER A 941 -5.77 10.70 13.77
C SER A 941 -6.10 9.49 13.04
N SER A 942 -5.40 9.19 11.93
CA SER A 942 -5.67 7.96 11.10
C SER A 942 -5.25 6.72 11.71
N ASN A 943 -6.05 5.66 11.38
CA ASN A 943 -6.05 4.30 11.74
C ASN A 943 -5.45 3.43 10.68
N PHE A 944 -5.78 3.81 9.44
CA PHE A 944 -5.34 3.10 8.23
C PHE A 944 -5.70 1.69 8.36
N GLY A 945 -6.87 1.33 8.90
CA GLY A 945 -7.35 0.01 9.15
C GLY A 945 -7.10 -0.56 10.56
N ALA A 946 -6.28 0.19 11.34
CA ALA A 946 -6.05 -0.22 12.78
C ALA A 946 -7.35 0.20 13.44
N ILE A 947 -7.51 -0.13 14.77
CA ILE A 947 -8.71 0.28 15.52
C ILE A 947 -8.22 1.23 16.60
N SER A 948 -6.94 1.79 16.47
CA SER A 948 -6.40 2.85 17.35
C SER A 948 -5.33 3.59 16.66
N SER A 949 -5.30 4.89 16.97
CA SER A 949 -4.37 5.77 16.38
C SER A 949 -3.30 6.14 17.36
N VAL A 950 -3.48 5.77 18.65
CA VAL A 950 -2.77 6.37 19.72
C VAL A 950 -1.66 5.36 19.82
N LEU A 951 -0.45 5.73 19.31
CA LEU A 951 0.74 4.93 19.33
C LEU A 951 1.19 4.55 20.77
N ASN A 952 1.06 5.53 21.74
CA ASN A 952 1.39 5.34 23.19
C ASN A 952 0.51 4.35 23.92
N ASP A 953 -0.81 4.42 23.69
CA ASP A 953 -1.75 3.47 24.31
C ASP A 953 -1.55 2.07 23.79
N ILE A 954 -1.24 1.91 22.48
CA ILE A 954 -0.92 0.60 21.81
C ILE A 954 0.26 -0.08 22.40
N LEU A 955 1.32 0.68 22.64
CA LEU A 955 2.59 0.31 23.27
C LEU A 955 2.27 -0.19 24.69
N SER A 956 1.55 0.72 25.45
CA SER A 956 1.39 0.49 26.84
C SER A 956 0.25 -0.37 27.23
N ARG A 957 -0.84 -0.38 26.45
CA ARG A 957 -2.01 -1.14 26.84
C ARG A 957 -2.24 -2.45 26.09
N LEU A 958 -1.68 -2.61 24.92
CA LEU A 958 -1.93 -3.82 24.14
C LEU A 958 -0.73 -4.68 24.17
N ASP A 959 -0.92 -5.94 23.89
CA ASP A 959 0.13 -6.92 23.82
C ASP A 959 0.24 -7.44 22.45
N PRO A 960 1.27 -8.00 22.03
CA PRO A 960 1.43 -8.51 20.67
C PRO A 960 0.29 -9.10 19.91
N PRO A 961 -0.61 -10.03 20.27
CA PRO A 961 -1.65 -10.58 19.48
C PRO A 961 -2.47 -9.49 18.86
N GLU A 962 -2.59 -8.32 19.47
CA GLU A 962 -3.40 -7.19 18.95
C GLU A 962 -2.54 -6.08 18.49
N ALA A 963 -1.45 -5.79 19.29
CA ALA A 963 -0.59 -4.62 19.11
C ALA A 963 0.05 -4.69 17.76
N GLU A 964 0.62 -5.91 17.41
CA GLU A 964 1.43 -6.12 16.17
C GLU A 964 0.55 -5.84 14.91
N VAL A 965 -0.70 -6.27 15.02
CA VAL A 965 -1.68 -6.18 13.99
C VAL A 965 -1.95 -4.70 13.68
N GLN A 966 -2.23 -3.88 14.74
CA GLN A 966 -2.43 -2.50 14.58
C GLN A 966 -1.25 -1.72 14.14
N ILE A 967 -0.09 -2.10 14.62
CA ILE A 967 1.24 -1.51 14.29
C ILE A 967 1.66 -1.75 12.83
N ASP A 968 1.54 -3.01 12.37
CA ASP A 968 1.83 -3.38 10.92
C ASP A 968 1.06 -2.47 9.98
N ARG A 969 -0.24 -2.27 10.24
CA ARG A 969 -1.19 -1.33 9.61
C ARG A 969 -0.93 0.16 9.79
N LEU A 970 -0.57 0.71 11.04
CA LEU A 970 -0.14 2.06 11.20
C LEU A 970 1.16 2.41 10.57
N ILE A 971 2.21 1.56 10.60
CA ILE A 971 3.44 1.85 10.01
C ILE A 971 3.32 2.11 8.47
N THR A 972 2.75 1.08 7.77
CA THR A 972 2.49 1.18 6.28
C THR A 972 1.66 2.35 5.90
N GLY A 973 0.54 2.64 6.63
CA GLY A 973 -0.34 3.74 6.43
C GLY A 973 0.27 5.12 6.52
N ARG A 974 0.98 5.30 7.69
CA ARG A 974 1.67 6.48 8.10
C ARG A 974 2.78 6.79 7.19
N LEU A 975 3.48 5.74 6.72
CA LEU A 975 4.54 5.89 5.71
C LEU A 975 4.04 6.40 4.41
N GLN A 976 2.88 5.93 3.99
CA GLN A 976 2.26 6.44 2.79
C GLN A 976 2.02 7.96 2.92
N SER A 977 1.48 8.48 4.07
CA SER A 977 1.22 9.83 4.43
C SER A 977 2.52 10.66 4.50
N LEU A 978 3.62 10.03 5.08
CA LEU A 978 4.92 10.71 5.14
C LEU A 978 5.52 10.83 3.73
N GLN A 979 5.40 9.72 3.00
CA GLN A 979 5.89 9.63 1.60
C GLN A 979 5.24 10.78 0.77
N THR A 980 3.88 10.89 0.98
CA THR A 980 3.10 11.98 0.45
C THR A 980 3.47 13.30 0.90
N TYR A 981 3.69 13.61 2.22
CA TYR A 981 4.20 14.82 2.66
C TYR A 981 5.50 15.29 1.99
N VAL A 982 6.50 14.35 1.93
CA VAL A 982 7.79 14.62 1.26
C VAL A 982 7.67 14.83 -0.18
N THR A 983 6.91 14.02 -0.86
CA THR A 983 6.59 14.10 -2.28
C THR A 983 5.94 15.50 -2.62
N GLN A 984 4.91 15.96 -1.83
CA GLN A 984 4.33 17.22 -1.97
C GLN A 984 5.37 18.38 -1.81
N GLN A 985 6.31 18.30 -0.79
CA GLN A 985 7.38 19.25 -0.54
C GLN A 985 8.41 19.31 -1.58
N LEU A 986 8.78 18.14 -2.25
CA LEU A 986 9.67 18.01 -3.38
C LEU A 986 9.07 18.75 -4.57
N ILE A 987 7.75 18.63 -4.84
CA ILE A 987 7.08 19.27 -5.94
C ILE A 987 7.01 20.78 -5.64
N ARG A 988 6.61 21.18 -4.42
CA ARG A 988 6.57 22.61 -3.95
C ARG A 988 7.99 23.17 -4.11
N ALA A 989 8.99 22.40 -3.71
CA ALA A 989 10.38 22.85 -3.87
C ALA A 989 10.76 23.08 -5.31
N ALA A 990 10.36 22.23 -6.31
CA ALA A 990 10.60 22.35 -7.72
C ALA A 990 10.01 23.49 -8.38
N GLU A 991 8.73 23.78 -7.98
CA GLU A 991 7.93 24.90 -8.44
C GLU A 991 8.66 26.15 -7.99
N ILE A 992 9.07 26.28 -6.72
CA ILE A 992 9.82 27.44 -6.22
C ILE A 992 11.21 27.53 -6.80
N ARG A 993 11.98 26.43 -6.89
CA ARG A 993 13.30 26.43 -7.57
C ARG A 993 13.24 26.92 -9.03
N ALA A 994 12.28 26.43 -9.79
CA ALA A 994 12.11 26.99 -11.13
C ALA A 994 11.84 28.41 -11.27
N SER A 995 10.97 28.89 -10.35
CA SER A 995 10.60 30.29 -10.21
C SER A 995 11.80 31.12 -9.76
N ALA A 996 12.62 30.55 -8.85
CA ALA A 996 13.82 31.18 -8.45
C ALA A 996 14.81 31.31 -9.54
N ASN A 997 15.02 30.25 -10.37
CA ASN A 997 15.97 30.24 -11.48
C ASN A 997 15.46 31.40 -12.46
N LEU A 998 14.10 31.46 -12.71
CA LEU A 998 13.44 32.48 -13.49
C LEU A 998 13.67 33.84 -12.92
N ALA A 999 13.48 34.04 -11.59
CA ALA A 999 13.78 35.30 -10.87
C ALA A 999 15.16 35.72 -10.92
N ALA A 1000 16.13 34.79 -10.78
CA ALA A 1000 17.56 35.01 -10.83
C ALA A 1000 17.88 35.48 -12.24
N THR A 1001 17.27 34.84 -13.24
CA THR A 1001 17.44 35.21 -14.69
C THR A 1001 17.02 36.59 -14.93
N LYS A 1002 15.80 36.95 -14.45
CA LYS A 1002 15.26 38.24 -14.47
C LYS A 1002 16.01 39.26 -13.71
N MET A 1003 16.64 38.95 -12.53
CA MET A 1003 17.47 39.89 -11.84
C MET A 1003 18.57 40.29 -12.76
N SER A 1004 19.24 39.30 -13.44
CA SER A 1004 20.37 39.58 -14.28
C SER A 1004 19.93 40.31 -15.54
N GLU A 1005 18.84 39.92 -16.21
CA GLU A 1005 18.42 40.49 -17.51
C GLU A 1005 17.58 41.77 -17.31
N CYS A 1006 16.87 41.97 -16.17
CA CYS A 1006 15.97 43.15 -15.98
C CYS A 1006 16.53 44.17 -15.08
N VAL A 1007 17.40 43.88 -14.09
CA VAL A 1007 17.88 44.95 -13.16
C VAL A 1007 19.28 45.34 -13.72
N LEU A 1008 20.13 44.33 -14.01
CA LEU A 1008 21.45 44.56 -14.58
C LEU A 1008 21.27 44.73 -16.02
N GLY A 1009 21.85 45.86 -16.53
CA GLY A 1009 21.67 46.20 -17.95
C GLY A 1009 20.27 46.29 -18.38
N GLN A 1010 20.00 45.75 -19.58
CA GLN A 1010 18.66 45.60 -20.26
C GLN A 1010 18.56 44.25 -20.89
N SER A 1011 17.32 43.78 -20.85
CA SER A 1011 16.78 42.57 -21.37
C SER A 1011 16.47 42.97 -22.76
N LYS A 1012 16.54 41.90 -23.63
CA LYS A 1012 16.21 41.85 -24.98
C LYS A 1012 14.89 41.15 -25.24
N ARG A 1013 14.31 40.60 -24.16
CA ARG A 1013 13.07 39.77 -24.19
C ARG A 1013 12.03 40.85 -23.90
N VAL A 1014 10.77 40.50 -24.28
CA VAL A 1014 9.66 41.41 -24.17
C VAL A 1014 8.75 40.58 -23.32
N ASP A 1015 7.82 41.12 -22.50
CA ASP A 1015 6.85 40.45 -21.64
C ASP A 1015 7.66 39.47 -20.78
N PHE A 1016 8.83 39.97 -20.28
CA PHE A 1016 9.73 39.15 -19.45
C PHE A 1016 9.95 40.01 -18.23
N CYS A 1017 10.25 41.28 -18.58
CA CYS A 1017 10.64 42.38 -17.71
C CYS A 1017 9.55 43.42 -17.73
N GLY A 1018 8.31 42.92 -17.54
CA GLY A 1018 7.02 43.66 -17.34
C GLY A 1018 6.24 43.94 -18.67
N LYS A 1019 5.07 44.64 -18.62
CA LYS A 1019 4.29 44.82 -19.94
C LYS A 1019 4.73 46.07 -20.66
N GLY A 1020 4.69 46.14 -22.01
CA GLY A 1020 5.05 47.32 -22.82
C GLY A 1020 6.49 47.16 -23.15
N TYR A 1021 7.21 48.23 -23.56
CA TYR A 1021 8.62 48.09 -24.02
C TYR A 1021 9.59 48.20 -22.92
N HIS A 1022 10.41 47.15 -22.70
CA HIS A 1022 11.32 47.10 -21.57
C HIS A 1022 12.29 48.26 -21.52
N LEU A 1023 12.34 49.04 -20.39
CA LEU A 1023 13.33 50.11 -20.23
C LEU A 1023 14.29 49.73 -19.15
N MET A 1024 13.83 49.36 -17.92
CA MET A 1024 14.69 48.91 -16.84
C MET A 1024 13.81 48.41 -15.76
N SER A 1025 14.41 47.88 -14.65
CA SER A 1025 13.62 47.50 -13.48
C SER A 1025 14.34 47.73 -12.24
N PHE A 1026 13.71 47.86 -11.00
CA PHE A 1026 14.43 47.87 -9.74
C PHE A 1026 13.95 46.78 -8.91
N PRO A 1027 14.72 46.02 -8.08
CA PRO A 1027 14.19 45.05 -7.19
C PRO A 1027 13.64 45.62 -5.87
N GLN A 1028 12.72 44.90 -5.13
CA GLN A 1028 12.30 45.17 -3.76
C GLN A 1028 12.25 43.88 -3.00
N SER A 1029 12.48 43.84 -1.66
CA SER A 1029 12.44 42.51 -0.94
C SER A 1029 11.12 42.28 -0.46
N ALA A 1030 10.77 41.03 -0.20
CA ALA A 1030 9.49 40.61 0.38
C ALA A 1030 9.93 39.33 0.94
N PRO A 1031 9.21 38.87 1.90
CA PRO A 1031 9.56 37.63 2.52
C PRO A 1031 9.21 36.51 1.57
N HIS A 1032 10.20 35.61 1.38
CA HIS A 1032 10.16 34.36 0.56
C HIS A 1032 10.08 34.65 -0.92
N GLY A 1033 10.39 35.95 -1.38
CA GLY A 1033 10.38 36.22 -2.76
C GLY A 1033 11.18 37.47 -3.00
N VAL A 1034 11.20 37.83 -4.32
CA VAL A 1034 11.85 38.99 -4.89
C VAL A 1034 10.74 39.67 -5.53
N VAL A 1035 10.68 41.00 -5.44
CA VAL A 1035 9.63 41.77 -6.04
C VAL A 1035 10.38 42.62 -7.12
N PHE A 1036 9.91 42.74 -8.39
CA PHE A 1036 10.50 43.55 -9.37
C PHE A 1036 9.56 44.71 -9.67
N LEU A 1037 10.13 45.96 -9.88
CA LEU A 1037 9.43 47.17 -10.29
C LEU A 1037 9.94 47.33 -11.72
N HIS A 1038 9.07 46.85 -12.70
CA HIS A 1038 9.42 46.81 -14.05
C HIS A 1038 9.00 48.12 -14.68
N VAL A 1039 9.91 48.89 -15.30
CA VAL A 1039 9.72 50.11 -15.90
C VAL A 1039 9.67 49.93 -17.43
N THR A 1040 8.59 50.32 -18.04
CA THR A 1040 8.32 50.17 -19.45
C THR A 1040 7.70 51.37 -20.11
N TYR A 1041 7.81 51.46 -21.44
CA TYR A 1041 7.26 52.52 -22.29
C TYR A 1041 6.08 51.99 -22.95
N VAL A 1042 4.96 52.68 -22.86
CA VAL A 1042 3.75 52.37 -23.50
C VAL A 1042 3.33 53.71 -24.16
N PRO A 1043 2.99 53.74 -25.47
CA PRO A 1043 2.50 54.94 -26.09
C PRO A 1043 1.14 55.30 -25.59
N ALA A 1044 0.76 56.60 -25.60
CA ALA A 1044 -0.45 57.06 -25.06
C ALA A 1044 -1.22 57.72 -26.18
N GLN A 1045 -0.61 58.44 -27.19
CA GLN A 1045 -1.41 59.19 -28.12
C GLN A 1045 -0.80 59.08 -29.40
N GLU A 1046 -1.52 58.84 -30.52
CA GLU A 1046 -0.90 58.65 -31.79
C GLU A 1046 -1.64 59.51 -32.80
N LYS A 1047 -0.97 59.98 -33.88
CA LYS A 1047 -1.63 60.64 -34.95
C LYS A 1047 -1.29 59.94 -36.22
N ASN A 1048 -2.19 60.01 -37.28
CA ASN A 1048 -2.02 59.38 -38.58
C ASN A 1048 -1.44 60.36 -39.50
N PHE A 1049 -0.42 59.93 -40.20
CA PHE A 1049 0.35 60.65 -41.21
C PHE A 1049 0.35 59.74 -42.41
N THR A 1050 0.39 60.33 -43.63
CA THR A 1050 0.58 59.74 -44.92
C THR A 1050 2.04 59.28 -45.11
N THR A 1051 2.29 58.02 -45.63
CA THR A 1051 3.59 57.46 -45.61
C THR A 1051 4.11 57.68 -47.05
N ALA A 1052 5.42 57.47 -47.14
CA ALA A 1052 6.08 57.17 -48.41
C ALA A 1052 7.14 56.12 -48.08
N PRO A 1053 7.41 55.03 -48.76
CA PRO A 1053 8.40 54.05 -48.41
C PRO A 1053 9.82 54.60 -48.70
N ALA A 1054 9.87 55.54 -49.61
CA ALA A 1054 11.06 56.17 -50.09
C ALA A 1054 10.55 57.31 -50.86
N ILE A 1055 11.43 58.33 -50.97
CA ILE A 1055 11.25 59.56 -51.73
C ILE A 1055 12.24 59.57 -52.88
N CYS A 1056 11.77 59.73 -54.13
CA CYS A 1056 12.67 59.87 -55.24
C CYS A 1056 12.88 61.33 -55.53
N HIS A 1057 14.14 61.80 -55.71
CA HIS A 1057 14.62 63.19 -55.95
C HIS A 1057 14.64 63.41 -57.39
N ASP A 1058 15.33 62.57 -58.19
CA ASP A 1058 15.52 62.85 -59.60
C ASP A 1058 15.60 61.51 -60.34
N GLY A 1059 14.98 60.40 -59.72
CA GLY A 1059 15.00 59.03 -60.15
C GLY A 1059 15.77 58.22 -59.12
N LYS A 1060 16.62 58.84 -58.31
CA LYS A 1060 17.31 58.22 -57.19
C LYS A 1060 16.35 58.12 -56.08
N ALA A 1061 16.24 56.89 -55.50
CA ALA A 1061 15.32 56.70 -54.42
C ALA A 1061 16.05 56.79 -53.11
N HIS A 1062 15.54 57.76 -52.28
CA HIS A 1062 16.17 57.99 -51.04
C HIS A 1062 15.38 57.26 -49.98
N PHE A 1063 16.13 56.48 -49.21
CA PHE A 1063 15.59 55.70 -48.14
C PHE A 1063 16.13 56.35 -46.90
N PRO A 1064 15.54 56.34 -45.75
CA PRO A 1064 16.06 56.87 -44.52
C PRO A 1064 17.07 56.04 -43.87
N ARG A 1065 18.03 56.68 -43.12
CA ARG A 1065 18.98 55.93 -42.31
C ARG A 1065 18.29 55.13 -41.19
N GLU A 1066 17.22 55.77 -40.62
CA GLU A 1066 16.39 55.31 -39.55
C GLU A 1066 15.24 56.14 -39.75
N GLY A 1067 14.08 55.62 -39.49
CA GLY A 1067 12.79 56.22 -39.57
C GLY A 1067 12.05 55.93 -40.82
N VAL A 1068 10.93 56.68 -40.97
CA VAL A 1068 10.06 56.45 -42.08
C VAL A 1068 9.86 57.84 -42.51
N PHE A 1069 9.43 57.99 -43.83
CA PHE A 1069 9.03 59.30 -44.40
C PHE A 1069 7.59 59.48 -44.15
N VAL A 1070 7.16 60.70 -43.64
CA VAL A 1070 5.71 60.94 -43.51
C VAL A 1070 5.45 62.34 -43.97
N SER A 1071 4.19 62.64 -44.38
CA SER A 1071 3.80 63.92 -44.74
C SER A 1071 3.19 64.59 -43.55
N ASN A 1072 3.46 65.95 -43.49
CA ASN A 1072 2.74 66.82 -42.55
C ASN A 1072 2.55 68.10 -43.27
N GLY A 1073 1.20 68.30 -43.70
CA GLY A 1073 0.83 69.37 -44.61
C GLY A 1073 1.24 69.00 -46.01
N THR A 1074 2.19 69.80 -46.50
CA THR A 1074 2.72 69.71 -47.79
C THR A 1074 4.25 69.41 -47.69
N HIS A 1075 4.73 69.16 -46.43
CA HIS A 1075 6.14 69.00 -46.26
C HIS A 1075 6.30 67.59 -45.85
N TRP A 1076 7.45 66.99 -46.23
CA TRP A 1076 7.78 65.74 -45.73
C TRP A 1076 8.94 65.74 -44.75
N PHE A 1077 8.85 64.76 -43.72
CA PHE A 1077 9.76 64.69 -42.64
C PHE A 1077 10.12 63.25 -42.48
N VAL A 1078 11.31 63.07 -41.87
CA VAL A 1078 11.77 61.73 -41.45
C VAL A 1078 11.25 61.76 -39.98
N THR A 1079 10.70 60.68 -39.42
CA THR A 1079 10.22 60.62 -38.10
C THR A 1079 10.52 59.11 -37.76
N GLN A 1080 10.68 58.73 -36.43
CA GLN A 1080 10.63 57.35 -35.94
C GLN A 1080 9.22 56.79 -35.80
N ARG A 1081 9.08 55.38 -35.70
CA ARG A 1081 7.82 54.71 -35.52
C ARG A 1081 7.36 54.81 -34.08
N ASN A 1082 8.24 55.11 -33.14
CA ASN A 1082 7.95 55.13 -31.66
C ASN A 1082 7.64 56.49 -31.05
N PHE A 1083 7.85 57.57 -31.85
CA PHE A 1083 7.57 58.87 -31.35
C PHE A 1083 7.58 59.81 -32.56
N TYR A 1084 6.65 60.76 -32.70
CA TYR A 1084 6.62 61.66 -33.90
C TYR A 1084 7.66 62.66 -33.64
N GLU A 1085 8.75 62.71 -34.50
CA GLU A 1085 9.82 63.69 -34.20
C GLU A 1085 10.24 64.04 -35.57
N PRO A 1086 9.63 64.98 -36.27
CA PRO A 1086 9.93 65.33 -37.65
C PRO A 1086 11.31 65.84 -37.77
N GLN A 1087 12.06 65.40 -38.75
CA GLN A 1087 13.41 65.78 -39.07
C GLN A 1087 13.34 66.03 -40.61
N ILE A 1088 14.25 66.96 -41.13
CA ILE A 1088 14.28 67.27 -42.56
C ILE A 1088 14.95 66.18 -43.43
N ILE A 1089 14.35 65.88 -44.61
CA ILE A 1089 14.75 64.95 -45.65
C ILE A 1089 15.81 65.61 -46.52
N THR A 1090 17.06 65.24 -46.29
CA THR A 1090 18.29 65.84 -46.80
C THR A 1090 18.90 64.66 -47.44
N THR A 1091 20.10 64.89 -48.09
CA THR A 1091 20.82 63.80 -48.73
C THR A 1091 21.79 63.15 -47.76
N ASP A 1092 21.75 63.76 -46.54
CA ASP A 1092 22.64 63.40 -45.44
C ASP A 1092 22.00 62.43 -44.45
N ASN A 1093 20.67 62.67 -44.26
CA ASN A 1093 19.83 61.89 -43.34
C ASN A 1093 19.26 60.72 -44.09
N THR A 1094 19.59 60.61 -45.41
CA THR A 1094 19.04 59.54 -46.19
C THR A 1094 20.20 58.88 -46.89
N PHE A 1095 19.95 57.78 -47.68
CA PHE A 1095 20.93 57.13 -48.56
C PHE A 1095 20.10 56.68 -49.83
N VAL A 1096 20.86 56.45 -50.94
CA VAL A 1096 20.33 56.08 -52.24
C VAL A 1096 20.60 54.70 -52.56
N SER A 1097 19.62 53.94 -53.09
CA SER A 1097 19.79 52.55 -53.53
C SER A 1097 18.76 52.30 -54.56
N GLY A 1098 18.95 51.24 -55.39
CA GLY A 1098 18.00 50.79 -56.32
C GLY A 1098 17.48 51.82 -57.31
N ASN A 1099 16.11 51.84 -57.41
CA ASN A 1099 15.39 52.81 -58.28
C ASN A 1099 14.02 52.85 -57.77
N CYS A 1100 13.22 53.67 -58.48
CA CYS A 1100 11.86 54.09 -58.09
C CYS A 1100 10.87 53.03 -58.53
N ASP A 1101 11.30 52.06 -59.43
CA ASP A 1101 10.40 51.13 -60.11
C ASP A 1101 10.36 49.74 -59.36
N VAL A 1102 11.11 49.64 -58.22
CA VAL A 1102 11.17 48.47 -57.40
C VAL A 1102 10.66 48.66 -55.98
N VAL A 1103 10.08 49.85 -55.77
CA VAL A 1103 9.58 50.31 -54.43
C VAL A 1103 8.10 50.45 -54.75
N ILE A 1104 7.23 49.85 -53.96
CA ILE A 1104 5.84 49.90 -54.11
C ILE A 1104 5.23 51.05 -53.21
N GLY A 1105 4.61 52.06 -53.92
CA GLY A 1105 4.07 53.29 -53.45
C GLY A 1105 5.07 54.51 -53.24
N ILE A 1106 6.07 54.52 -54.14
CA ILE A 1106 7.19 55.42 -54.24
C ILE A 1106 6.55 56.79 -54.41
N VAL A 1107 7.05 57.83 -53.76
CA VAL A 1107 6.60 59.19 -53.85
C VAL A 1107 7.82 59.95 -54.37
N ASN A 1108 7.53 60.79 -55.33
CA ASN A 1108 8.42 61.77 -55.98
C ASN A 1108 8.22 63.13 -55.26
N ASN A 1109 9.32 63.68 -54.78
CA ASN A 1109 9.36 64.93 -54.00
C ASN A 1109 10.84 65.40 -54.05
N THR A 1110 11.23 66.43 -53.27
CA THR A 1110 12.55 67.09 -53.33
C THR A 1110 13.26 66.65 -52.12
N VAL A 1111 14.54 66.30 -52.22
CA VAL A 1111 15.42 65.98 -51.18
C VAL A 1111 16.41 67.17 -51.26
N TYR A 1112 16.61 67.78 -50.11
CA TYR A 1112 17.40 68.99 -49.81
C TYR A 1112 18.84 68.61 -49.67
N ASP A 1113 19.81 69.55 -50.01
CA ASP A 1113 21.26 69.23 -49.88
C ASP A 1113 21.86 70.42 -49.19
N PRO A 1114 22.39 70.41 -48.00
CA PRO A 1114 22.76 71.65 -47.30
C PRO A 1114 23.95 72.21 -47.87
N LEU A 1115 24.78 71.41 -48.60
CA LEU A 1115 26.02 71.73 -49.17
C LEU A 1115 25.90 72.37 -50.47
N GLN A 1116 25.14 71.72 -51.42
CA GLN A 1116 25.04 72.25 -52.78
C GLN A 1116 24.97 73.75 -52.93
N PRO A 1117 24.21 74.66 -52.33
CA PRO A 1117 24.23 76.10 -52.68
C PRO A 1117 25.60 76.79 -52.36
N GLU A 1118 26.46 76.17 -51.58
CA GLU A 1118 27.74 76.66 -51.17
C GLU A 1118 28.89 76.28 -52.18
N LEU A 1119 28.53 75.52 -53.27
CA LEU A 1119 29.33 75.04 -54.33
C LEU A 1119 29.17 75.93 -55.58
N ASP A 1120 28.46 77.08 -55.46
CA ASP A 1120 28.16 78.08 -56.50
C ASP A 1120 29.11 79.26 -56.17
N ALA B 1 41.32 -1.34 39.01
CA ALA B 1 40.25 -0.50 38.37
C ALA B 1 39.64 -1.27 37.25
N TYR B 2 39.82 -0.79 35.99
CA TYR B 2 39.12 -1.33 34.88
C TYR B 2 39.93 -0.90 33.67
N THR B 3 39.63 -1.52 32.52
CA THR B 3 40.16 -1.21 31.24
C THR B 3 39.02 -0.86 30.46
N ASN B 4 39.15 0.17 29.68
CA ASN B 4 38.11 0.66 28.87
C ASN B 4 38.02 -0.35 27.76
N SER B 5 36.82 -0.71 27.25
CA SER B 5 36.62 -1.64 26.16
C SER B 5 36.92 -1.01 24.81
N PHE B 6 38.23 -0.91 24.51
CA PHE B 6 38.75 -0.36 23.28
C PHE B 6 38.41 -1.09 22.02
N THR B 7 37.14 -0.90 21.64
CA THR B 7 36.54 -1.59 20.52
C THR B 7 36.66 -3.07 20.55
N ARG B 8 36.44 -3.71 21.74
CA ARG B 8 36.54 -5.12 21.91
C ARG B 8 35.18 -5.69 22.21
N GLY B 9 35.02 -7.02 22.10
CA GLY B 9 33.84 -7.77 22.60
C GLY B 9 32.67 -7.70 21.67
N VAL B 10 33.03 -7.62 20.35
CA VAL B 10 32.06 -7.59 19.24
C VAL B 10 32.32 -8.98 18.60
N TYR B 11 31.22 -9.71 18.27
CA TYR B 11 31.32 -11.08 17.80
C TYR B 11 30.37 -11.21 16.66
N TYR B 12 30.58 -12.17 15.73
CA TYR B 12 29.71 -12.26 14.58
C TYR B 12 28.39 -12.80 15.19
N PRO B 13 27.21 -12.24 15.06
CA PRO B 13 26.07 -12.61 15.88
C PRO B 13 25.32 -13.73 15.15
N ASP B 14 25.90 -14.22 14.06
CA ASP B 14 25.29 -15.12 13.17
C ASP B 14 26.37 -16.16 12.87
N LYS B 15 26.04 -17.16 12.01
CA LYS B 15 27.06 -18.15 11.64
C LYS B 15 27.16 -18.14 10.17
N VAL B 16 26.08 -17.58 9.53
CA VAL B 16 25.99 -17.57 8.05
C VAL B 16 27.06 -16.83 7.41
N PHE B 17 27.62 -17.43 6.34
CA PHE B 17 28.78 -16.98 5.64
C PHE B 17 28.40 -15.64 4.98
N ARG B 18 29.33 -14.68 5.10
CA ARG B 18 29.29 -13.53 4.41
C ARG B 18 30.67 -13.26 4.00
N SER B 19 30.91 -12.44 2.90
CA SER B 19 32.21 -12.07 2.35
C SER B 19 32.10 -10.68 1.75
N SER B 20 32.94 -9.75 2.28
CA SER B 20 33.12 -8.37 1.87
C SER B 20 31.80 -7.67 1.76
N VAL B 21 31.11 -7.62 2.93
CA VAL B 21 29.79 -7.08 3.10
C VAL B 21 29.84 -5.98 4.13
N LEU B 22 28.85 -5.06 4.22
CA LEU B 22 28.74 -4.05 5.25
C LEU B 22 27.35 -3.97 5.67
N HIS B 23 27.14 -4.30 6.96
CA HIS B 23 25.82 -4.45 7.55
C HIS B 23 25.94 -3.76 8.85
N SER B 24 24.82 -3.22 9.36
CA SER B 24 24.59 -2.69 10.71
C SER B 24 23.75 -3.78 11.39
N THR B 25 24.23 -4.12 12.65
CA THR B 25 23.57 -5.17 13.46
C THR B 25 23.30 -4.64 14.90
N GLN B 26 22.46 -5.36 15.68
CA GLN B 26 22.22 -4.96 17.06
C GLN B 26 22.09 -6.20 17.83
N ASP B 27 22.71 -6.33 19.01
CA ASP B 27 22.62 -7.42 19.90
C ASP B 27 23.31 -6.87 21.10
N LEU B 28 23.48 -7.75 22.08
CA LEU B 28 24.19 -7.46 23.22
C LEU B 28 25.61 -7.61 23.07
N PHE B 29 26.39 -6.48 23.03
CA PHE B 29 27.81 -6.51 22.81
C PHE B 29 28.37 -5.74 23.97
N LEU B 30 29.71 -5.90 24.15
CA LEU B 30 30.48 -5.13 25.11
C LEU B 30 30.52 -3.77 24.55
N PRO B 31 29.85 -2.71 25.16
CA PRO B 31 29.82 -1.39 24.66
C PRO B 31 31.16 -0.71 24.56
N PHE B 32 31.49 0.10 23.57
CA PHE B 32 32.79 0.66 23.48
C PHE B 32 33.12 1.64 24.63
N PHE B 33 34.36 1.42 25.11
CA PHE B 33 35.00 2.15 26.14
C PHE B 33 34.25 1.90 27.44
N SER B 34 33.45 0.79 27.52
CA SER B 34 32.85 0.41 28.78
C SER B 34 34.00 -0.07 29.68
N ASN B 35 33.71 -0.12 30.99
CA ASN B 35 34.54 -0.41 32.10
C ASN B 35 34.53 -1.94 32.20
N VAL B 36 35.64 -2.59 32.00
CA VAL B 36 35.83 -3.99 32.11
C VAL B 36 36.66 -4.18 33.36
N THR B 37 36.11 -4.90 34.32
CA THR B 37 36.53 -5.05 35.73
C THR B 37 37.77 -5.98 35.86
N TRP B 38 38.84 -5.61 36.58
CA TRP B 38 39.95 -6.39 36.77
C TRP B 38 39.68 -7.41 37.77
N PHE B 39 40.19 -8.64 37.62
CA PHE B 39 40.23 -9.57 38.73
C PHE B 39 41.53 -10.22 38.73
N HIS B 40 41.96 -10.59 40.00
CA HIS B 40 43.20 -11.32 40.19
C HIS B 40 42.87 -12.31 41.26
N ALA B 41 43.57 -13.49 41.31
CA ALA B 41 43.45 -14.50 42.38
C ALA B 41 44.22 -14.03 43.51
N ILE B 42 43.53 -13.19 44.32
CA ILE B 42 44.00 -12.47 45.52
C ILE B 42 44.48 -13.51 46.50
N HIS B 43 45.71 -13.30 47.03
CA HIS B 43 46.37 -14.20 47.95
C HIS B 43 45.67 -14.06 49.23
N VAL B 44 45.40 -15.20 49.92
CA VAL B 44 44.79 -15.21 51.22
C VAL B 44 45.60 -16.10 52.09
N SER B 45 45.35 -16.08 53.44
CA SER B 45 45.97 -16.88 54.51
C SER B 45 45.61 -18.35 54.41
N GLY B 46 46.37 -19.19 55.22
CA GLY B 46 46.28 -20.62 55.15
C GLY B 46 47.10 -21.16 54.04
N THR B 47 48.11 -20.39 53.73
CA THR B 47 49.05 -20.47 52.70
C THR B 47 49.75 -21.84 52.64
N ASN B 48 50.32 -22.38 53.72
CA ASN B 48 50.94 -23.65 53.93
C ASN B 48 52.25 -23.56 53.27
N GLY B 49 52.27 -22.88 52.09
CA GLY B 49 53.43 -22.52 51.29
C GLY B 49 53.05 -22.88 49.85
N THR B 50 51.80 -23.42 49.70
CA THR B 50 51.15 -23.92 48.46
C THR B 50 50.41 -22.79 47.85
N LYS B 51 49.90 -21.89 48.71
CA LYS B 51 49.23 -20.64 48.47
C LYS B 51 47.81 -20.86 48.19
N ARG B 52 46.88 -20.07 48.72
CA ARG B 52 45.46 -20.16 48.50
C ARG B 52 45.10 -18.83 47.92
N PHE B 53 43.95 -18.81 47.24
CA PHE B 53 43.27 -17.69 46.57
C PHE B 53 41.88 -17.36 47.03
N ASP B 54 41.48 -16.10 46.76
CA ASP B 54 40.10 -15.71 46.85
C ASP B 54 39.76 -15.57 45.40
N ASN B 55 38.56 -15.99 45.15
CA ASN B 55 37.80 -15.94 43.95
C ASN B 55 36.50 -15.32 44.33
N PRO B 56 36.19 -14.05 43.98
CA PRO B 56 34.86 -13.46 44.29
C PRO B 56 33.87 -14.10 43.39
N VAL B 57 32.57 -14.11 43.81
CA VAL B 57 31.49 -14.52 42.96
C VAL B 57 31.40 -13.49 41.85
N LEU B 58 31.38 -13.95 40.58
CA LEU B 58 31.46 -13.08 39.43
C LEU B 58 30.17 -12.88 38.87
N PRO B 59 29.55 -11.65 38.83
CA PRO B 59 28.21 -11.46 38.32
C PRO B 59 27.98 -11.91 36.91
N PHE B 60 26.78 -12.37 36.60
CA PHE B 60 26.35 -12.79 35.29
C PHE B 60 25.02 -11.96 35.27
N ASN B 61 24.83 -11.11 34.25
CA ASN B 61 23.67 -10.25 34.10
C ASN B 61 23.41 -10.06 32.65
N ASP B 62 22.49 -10.87 32.02
CA ASP B 62 22.03 -10.89 30.58
C ASP B 62 23.19 -10.96 29.64
N GLY B 63 24.15 -11.89 29.97
CA GLY B 63 25.36 -12.22 29.19
C GLY B 63 26.41 -11.42 29.76
N VAL B 64 27.67 -11.96 29.54
CA VAL B 64 28.83 -11.34 30.09
C VAL B 64 29.90 -11.25 28.96
N TYR B 65 30.91 -10.38 29.26
CA TYR B 65 32.13 -10.43 28.52
C TYR B 65 33.11 -11.11 29.49
N PHE B 66 34.01 -12.03 29.05
CA PHE B 66 34.96 -12.67 29.94
C PHE B 66 36.28 -12.84 29.27
N ALA B 67 37.35 -12.69 30.05
CA ALA B 67 38.66 -12.90 29.46
C ALA B 67 39.57 -13.48 30.48
N SER B 68 40.56 -14.20 29.98
CA SER B 68 41.53 -14.80 30.90
C SER B 68 42.89 -14.87 30.29
N THR B 69 43.90 -14.85 31.11
CA THR B 69 45.29 -14.92 30.67
C THR B 69 45.87 -16.28 30.99
N GLU B 70 46.75 -16.70 30.02
CA GLU B 70 47.39 -17.97 30.08
C GLU B 70 48.86 -17.66 30.08
N LYS B 71 49.59 -18.12 31.12
CA LYS B 71 50.99 -18.01 31.15
C LYS B 71 51.36 -19.36 31.81
N SER B 72 50.63 -19.79 32.83
CA SER B 72 51.06 -20.91 33.63
C SER B 72 49.95 -21.81 34.10
N ASN B 73 48.80 -21.59 33.40
CA ASN B 73 47.57 -22.33 33.54
C ASN B 73 46.90 -22.47 34.93
N ILE B 74 46.97 -21.29 35.66
CA ILE B 74 46.36 -21.04 36.92
C ILE B 74 44.85 -21.01 36.76
N ILE B 75 44.35 -20.42 35.74
CA ILE B 75 42.94 -20.40 35.36
C ILE B 75 42.72 -21.66 34.48
N ARG B 76 42.12 -22.76 35.13
CA ARG B 76 42.04 -24.13 34.66
C ARG B 76 40.61 -24.47 34.26
N GLY B 77 39.76 -23.40 34.16
CA GLY B 77 38.39 -23.50 33.72
C GLY B 77 37.56 -22.71 34.58
N TRP B 78 36.24 -22.96 34.47
CA TRP B 78 35.30 -22.23 35.24
C TRP B 78 34.02 -22.92 35.22
N ILE B 79 33.11 -22.51 36.24
CA ILE B 79 31.82 -23.08 36.59
C ILE B 79 30.75 -22.09 36.56
N PHE B 80 29.58 -22.42 35.92
CA PHE B 80 28.42 -21.56 35.90
C PHE B 80 27.44 -22.11 36.83
N GLY B 81 26.75 -21.33 37.69
CA GLY B 81 25.84 -21.98 38.50
C GLY B 81 25.36 -20.83 39.48
N THR B 82 25.04 -21.28 40.73
CA THR B 82 24.56 -20.35 41.70
C THR B 82 25.53 -20.30 42.90
N THR B 83 25.30 -21.15 43.90
CA THR B 83 26.13 -21.20 45.05
C THR B 83 27.16 -22.35 44.95
N LEU B 84 26.86 -23.21 43.94
CA LEU B 84 27.81 -24.30 43.70
C LEU B 84 28.04 -25.12 44.89
N ASP B 85 27.01 -25.64 45.55
CA ASP B 85 27.18 -26.56 46.70
C ASP B 85 26.22 -27.77 46.38
N SER B 86 26.16 -28.19 45.14
CA SER B 86 25.41 -29.30 44.55
C SER B 86 24.03 -29.35 44.90
N LYS B 87 23.35 -28.18 44.74
CA LYS B 87 22.00 -27.96 44.93
C LYS B 87 21.45 -27.31 43.64
N THR B 88 22.25 -27.20 42.55
CA THR B 88 21.74 -26.61 41.32
C THR B 88 22.56 -27.34 40.32
N GLN B 89 21.94 -27.41 39.06
CA GLN B 89 22.57 -28.01 37.91
C GLN B 89 23.57 -27.01 37.27
N SER B 90 24.91 -27.23 37.45
CA SER B 90 25.93 -26.27 37.14
C SER B 90 26.68 -26.98 36.00
N LEU B 91 27.44 -26.12 35.13
CA LEU B 91 28.28 -26.60 34.12
C LEU B 91 29.64 -26.41 34.66
N LEU B 92 30.35 -27.50 34.54
CA LEU B 92 31.69 -27.62 34.88
C LEU B 92 32.47 -27.67 33.59
N ILE B 93 33.40 -26.72 33.38
CA ILE B 93 34.31 -26.70 32.26
C ILE B 93 35.70 -26.89 32.80
N VAL B 94 36.41 -27.98 32.54
CA VAL B 94 37.76 -28.20 33.09
C VAL B 94 38.55 -28.20 31.93
N ASN B 95 39.69 -27.46 31.93
CA ASN B 95 40.67 -27.37 30.87
C ASN B 95 41.76 -28.27 31.38
N ASN B 96 42.33 -27.84 32.58
CA ASN B 96 43.36 -28.52 33.25
C ASN B 96 44.48 -28.82 32.21
N ALA B 97 44.75 -27.74 31.31
CA ALA B 97 45.73 -27.68 30.28
C ALA B 97 45.71 -28.97 29.43
N THR B 98 44.49 -29.55 29.18
CA THR B 98 44.35 -30.75 28.41
C THR B 98 42.95 -30.53 27.78
N ASN B 99 42.32 -31.63 27.28
CA ASN B 99 41.04 -31.73 26.67
C ASN B 99 39.93 -31.22 27.53
N VAL B 100 39.02 -30.37 26.95
CA VAL B 100 37.99 -29.67 27.68
C VAL B 100 36.84 -30.60 28.04
N VAL B 101 36.52 -30.64 29.37
CA VAL B 101 35.53 -31.50 29.94
C VAL B 101 34.31 -30.69 30.06
N ILE B 102 33.18 -31.27 29.46
CA ILE B 102 31.84 -30.73 29.56
C ILE B 102 31.04 -31.80 30.24
N LYS B 103 30.30 -31.38 31.28
CA LYS B 103 29.34 -32.24 31.96
C LYS B 103 28.55 -31.29 32.70
N VAL B 104 27.24 -31.59 32.80
CA VAL B 104 26.36 -30.87 33.71
C VAL B 104 25.67 -31.79 34.67
N CYS B 105 25.73 -31.43 35.98
CA CYS B 105 25.05 -32.06 37.04
C CYS B 105 25.14 -31.21 38.29
N GLU B 106 24.71 -31.74 39.52
CA GLU B 106 24.77 -30.95 40.74
C GLU B 106 26.19 -30.96 41.34
N PHE B 107 26.99 -29.91 41.04
CA PHE B 107 28.36 -29.78 41.33
C PHE B 107 28.56 -28.87 42.50
N GLN B 108 29.59 -29.08 43.30
CA GLN B 108 30.10 -28.18 44.29
C GLN B 108 31.44 -27.72 43.88
N PHE B 109 31.77 -26.56 44.36
CA PHE B 109 32.98 -25.82 44.31
C PHE B 109 33.03 -24.85 45.44
N CYS B 110 34.30 -24.65 45.94
CA CYS B 110 34.66 -23.72 47.01
C CYS B 110 36.06 -23.35 46.56
N ASN B 111 36.67 -22.36 47.25
CA ASN B 111 37.99 -21.88 46.78
C ASN B 111 39.08 -22.83 47.28
N ASP B 112 39.05 -24.07 46.82
CA ASP B 112 40.01 -25.04 47.21
C ASP B 112 40.02 -25.97 45.99
N PRO B 113 41.00 -26.15 45.14
CA PRO B 113 40.84 -27.00 43.96
C PRO B 113 40.89 -28.45 44.36
N PHE B 114 40.31 -29.28 43.44
CA PHE B 114 40.04 -30.62 43.52
C PHE B 114 41.27 -31.41 43.07
N LEU B 115 41.82 -31.00 41.92
CA LEU B 115 42.86 -31.60 41.22
C LEU B 115 43.75 -30.52 40.69
N GLY B 116 43.40 -29.22 41.02
CA GLY B 116 44.15 -28.06 40.43
C GLY B 116 45.40 -27.95 41.23
N VAL B 117 46.39 -28.71 40.79
CA VAL B 117 47.74 -28.78 41.32
C VAL B 117 48.65 -28.50 40.22
N TYR B 118 49.55 -27.45 40.35
CA TYR B 118 50.47 -27.16 39.26
C TYR B 118 51.21 -28.49 39.14
N TYR B 119 51.28 -29.00 37.95
CA TYR B 119 51.86 -30.27 37.61
C TYR B 119 53.23 -30.40 38.22
N HIS B 120 53.39 -31.62 38.70
CA HIS B 120 54.53 -32.23 39.35
C HIS B 120 54.68 -33.63 38.82
N LYS B 121 53.64 -34.37 39.12
CA LYS B 121 53.48 -35.84 38.88
C LYS B 121 52.41 -36.06 37.91
N ASN B 122 51.47 -35.05 37.64
CA ASN B 122 50.27 -35.38 36.88
C ASN B 122 49.75 -34.09 36.29
N ASN B 123 48.56 -34.27 35.63
CA ASN B 123 47.71 -33.29 34.90
C ASN B 123 48.30 -33.15 33.56
N LYS B 124 47.75 -32.17 32.77
CA LYS B 124 48.20 -31.91 31.38
C LYS B 124 47.92 -33.15 30.48
N SER B 125 47.10 -34.00 31.07
CA SER B 125 46.66 -35.13 30.39
C SER B 125 45.62 -35.59 31.31
N TRP B 126 44.31 -35.30 30.87
CA TRP B 126 43.21 -35.71 31.72
C TRP B 126 41.90 -35.65 30.92
N MET B 127 41.24 -36.79 30.88
CA MET B 127 40.01 -37.10 30.10
C MET B 127 38.69 -37.14 31.00
N GLU B 128 38.87 -37.55 32.26
CA GLU B 128 37.82 -37.79 33.15
C GLU B 128 37.23 -36.53 33.63
N SER B 129 36.01 -36.67 34.13
CA SER B 129 35.39 -35.63 34.81
C SER B 129 35.79 -35.64 36.30
N GLU B 130 35.48 -34.59 37.08
CA GLU B 130 35.80 -34.46 38.47
C GLU B 130 34.76 -35.29 39.16
N PHE B 131 35.17 -35.94 40.23
CA PHE B 131 34.36 -36.81 41.05
C PHE B 131 34.10 -36.23 42.37
N ARG B 132 34.91 -35.16 42.72
CA ARG B 132 34.89 -34.47 44.03
C ARG B 132 33.92 -33.36 44.09
N VAL B 133 33.19 -33.26 42.99
CA VAL B 133 32.16 -32.28 42.81
C VAL B 133 30.84 -32.94 43.18
N TYR B 134 30.86 -34.32 43.52
CA TYR B 134 29.67 -34.97 43.92
C TYR B 134 29.69 -35.11 45.44
N SER B 135 28.47 -35.48 46.04
CA SER B 135 28.31 -35.73 47.45
C SER B 135 27.33 -36.99 47.54
N SER B 136 25.99 -36.79 47.71
CA SER B 136 25.05 -37.91 47.70
C SER B 136 23.72 -37.41 47.14
N ALA B 137 22.93 -38.41 46.55
CA ALA B 137 21.63 -38.26 45.87
C ALA B 137 21.55 -37.19 44.84
N ASN B 138 22.69 -37.16 43.97
CA ASN B 138 22.88 -36.17 42.91
C ASN B 138 22.08 -36.79 41.76
N ASN B 139 20.78 -36.35 41.72
CA ASN B 139 19.77 -36.81 40.79
C ASN B 139 19.58 -35.64 40.04
N CYS B 140 20.05 -35.62 38.71
CA CYS B 140 20.10 -34.49 37.88
C CYS B 140 19.81 -34.73 36.55
N THR B 141 19.52 -33.65 35.82
CA THR B 141 19.37 -33.65 34.36
C THR B 141 20.77 -33.74 33.84
N PHE B 142 21.02 -34.68 32.88
CA PHE B 142 22.35 -34.77 32.28
C PHE B 142 22.30 -34.18 30.97
N GLU B 143 23.34 -33.40 30.59
CA GLU B 143 23.45 -32.68 29.31
C GLU B 143 24.61 -33.32 28.53
N TYR B 144 25.00 -32.60 27.49
CA TYR B 144 26.07 -32.89 26.60
C TYR B 144 27.24 -33.12 27.49
N VAL B 145 27.97 -34.24 27.22
CA VAL B 145 29.10 -34.61 27.89
C VAL B 145 30.10 -34.79 26.79
N SER B 146 31.33 -34.36 26.99
CA SER B 146 32.37 -34.61 26.04
C SER B 146 33.64 -34.49 26.81
N GLN B 147 34.63 -35.25 26.41
CA GLN B 147 35.98 -35.37 26.88
C GLN B 147 36.81 -34.74 25.81
N PRO B 148 37.06 -35.20 24.54
CA PRO B 148 37.87 -34.43 23.64
C PRO B 148 37.14 -33.25 23.02
N PHE B 149 36.68 -32.27 23.96
CA PHE B 149 35.85 -31.15 23.51
C PHE B 149 36.73 -30.00 23.06
N LEU B 150 36.40 -29.36 21.94
CA LEU B 150 37.11 -28.14 21.38
C LEU B 150 38.54 -28.29 21.06
N MET B 151 38.88 -29.16 20.05
CA MET B 151 40.27 -29.43 19.75
C MET B 151 40.67 -28.28 18.86
N ASP B 152 39.75 -27.37 18.63
CA ASP B 152 40.08 -26.18 17.89
C ASP B 152 40.61 -25.08 18.76
N LEU B 153 40.53 -25.28 20.09
CA LEU B 153 40.96 -24.33 21.00
C LEU B 153 41.81 -24.98 22.00
N GLU B 154 41.35 -26.21 22.38
CA GLU B 154 41.90 -26.93 23.51
C GLU B 154 41.91 -26.05 24.79
N GLY B 155 42.40 -26.67 25.89
CA GLY B 155 42.48 -26.14 27.19
C GLY B 155 43.82 -25.64 27.37
N LYS B 156 44.66 -25.77 26.21
CA LYS B 156 46.03 -25.36 26.26
C LYS B 156 46.43 -24.79 24.95
N GLN B 157 47.32 -23.75 24.94
CA GLN B 157 47.88 -23.27 23.72
C GLN B 157 49.28 -23.70 23.74
N GLY B 158 49.88 -23.80 22.55
CA GLY B 158 51.30 -24.01 22.51
C GLY B 158 52.09 -22.78 22.65
N ASN B 159 51.39 -21.65 22.69
CA ASN B 159 52.06 -20.35 22.86
C ASN B 159 51.49 -19.63 24.13
N PHE B 160 52.40 -19.34 25.13
CA PHE B 160 52.01 -18.74 26.42
C PHE B 160 52.10 -17.28 26.30
N LYS B 161 51.53 -16.55 27.32
CA LYS B 161 51.43 -15.12 27.38
C LYS B 161 50.38 -14.63 26.43
N ASN B 162 49.20 -15.23 26.49
CA ASN B 162 48.06 -14.80 25.59
C ASN B 162 46.86 -14.63 26.48
N LEU B 163 45.99 -13.85 25.85
CA LEU B 163 44.69 -13.50 26.35
C LEU B 163 43.66 -14.22 25.50
N ARG B 164 42.64 -14.81 26.10
CA ARG B 164 41.54 -15.32 25.39
C ARG B 164 40.31 -14.56 25.92
N GLU B 165 39.52 -14.09 24.97
CA GLU B 165 38.32 -13.31 25.19
C GLU B 165 37.27 -14.31 24.95
N PHE B 166 36.13 -14.27 25.70
CA PHE B 166 34.96 -15.08 25.57
C PHE B 166 33.78 -14.12 25.77
N VAL B 167 32.59 -14.47 25.16
CA VAL B 167 31.32 -13.92 25.43
C VAL B 167 30.45 -15.06 25.65
N PHE B 168 29.57 -15.02 26.71
CA PHE B 168 28.62 -16.02 27.06
C PHE B 168 27.26 -15.42 27.06
N LYS B 169 26.18 -16.04 26.50
CA LYS B 169 24.82 -15.56 26.57
C LYS B 169 23.98 -16.77 26.20
N ASN B 170 22.65 -16.67 26.34
CA ASN B 170 21.83 -17.88 26.07
C ASN B 170 20.88 -17.45 25.05
N ILE B 171 20.89 -18.07 23.83
CA ILE B 171 19.88 -17.71 22.83
C ILE B 171 19.34 -19.03 22.33
N ASP B 172 18.00 -19.14 22.43
CA ASP B 172 17.13 -20.19 22.09
C ASP B 172 17.41 -21.50 22.69
N GLY B 173 18.09 -21.51 23.84
CA GLY B 173 18.21 -22.72 24.55
C GLY B 173 19.60 -23.22 24.25
N TYR B 174 20.29 -22.51 23.33
CA TYR B 174 21.62 -22.86 22.90
C TYR B 174 22.59 -22.02 23.75
N PHE B 175 23.67 -22.62 24.25
CA PHE B 175 24.64 -21.86 25.02
C PHE B 175 25.68 -21.51 24.06
N LYS B 176 25.74 -20.21 23.76
CA LYS B 176 26.55 -19.68 22.72
C LYS B 176 27.70 -19.04 23.40
N ILE B 177 28.92 -19.46 22.93
CA ILE B 177 30.15 -19.01 23.52
C ILE B 177 30.87 -18.53 22.31
N TYR B 178 31.44 -17.30 22.27
CA TYR B 178 32.23 -16.94 21.17
C TYR B 178 33.61 -16.68 21.85
N SER B 179 34.74 -16.75 21.06
CA SER B 179 36.06 -16.69 21.71
C SER B 179 36.92 -15.94 20.74
N LYS B 180 38.01 -15.44 21.28
CA LYS B 180 39.08 -14.89 20.46
C LYS B 180 40.38 -15.11 21.19
N HIS B 181 41.49 -15.44 20.44
CA HIS B 181 42.79 -15.68 20.96
C HIS B 181 43.73 -14.60 20.38
N THR B 182 44.33 -13.82 21.32
CA THR B 182 45.19 -12.66 20.95
C THR B 182 46.36 -12.60 21.91
N PRO B 183 47.59 -12.21 21.47
CA PRO B 183 48.79 -12.14 22.38
C PRO B 183 48.72 -10.96 23.28
N ILE B 184 49.50 -11.08 24.44
CA ILE B 184 49.69 -10.04 25.36
C ILE B 184 51.18 -10.10 25.63
N ASN B 185 51.73 -9.08 26.38
CA ASN B 185 53.05 -9.24 26.99
C ASN B 185 52.86 -9.29 28.50
N LEU B 186 52.01 -8.40 29.05
CA LEU B 186 51.76 -8.35 30.47
C LEU B 186 50.26 -8.61 30.50
N VAL B 187 49.72 -9.12 31.63
CA VAL B 187 48.38 -9.36 31.74
C VAL B 187 47.44 -8.17 31.60
N ARG B 188 47.98 -6.90 31.70
CA ARG B 188 47.18 -5.68 31.60
C ARG B 188 47.10 -5.30 30.16
N ASP B 189 47.67 -6.08 29.26
CA ASP B 189 47.61 -5.81 27.80
C ASP B 189 46.42 -6.43 27.35
N LEU B 190 45.51 -5.62 26.83
CA LEU B 190 44.29 -6.00 26.16
C LEU B 190 44.42 -5.19 24.89
N PRO B 191 43.90 -5.74 23.75
CA PRO B 191 43.93 -4.99 22.46
C PRO B 191 43.37 -3.60 22.52
N GLN B 192 44.11 -2.67 21.83
CA GLN B 192 43.75 -1.22 21.75
C GLN B 192 43.00 -0.98 20.45
N GLY B 193 43.26 -1.98 19.57
CA GLY B 193 42.64 -2.08 18.25
C GLY B 193 41.39 -2.92 18.34
N PHE B 194 40.69 -3.14 17.17
CA PHE B 194 39.43 -3.89 17.14
C PHE B 194 39.70 -5.39 17.35
N SER B 195 38.83 -6.08 18.12
CA SER B 195 39.00 -7.50 18.25
C SER B 195 37.63 -8.23 18.00
N ALA B 196 37.53 -8.98 16.89
CA ALA B 196 36.33 -9.75 16.57
C ALA B 196 36.43 -11.14 17.24
N LEU B 197 35.27 -11.63 17.78
CA LEU B 197 35.19 -12.96 18.35
C LEU B 197 34.40 -13.76 17.27
N GLU B 198 34.66 -15.12 17.26
CA GLU B 198 34.07 -16.14 16.40
C GLU B 198 33.45 -17.27 17.25
N PRO B 199 32.44 -18.02 16.73
CA PRO B 199 31.74 -19.14 17.38
C PRO B 199 32.66 -20.25 18.04
N LEU B 200 32.40 -20.64 19.29
CA LEU B 200 33.18 -21.71 19.96
C LEU B 200 32.18 -22.83 20.27
N VAL B 201 31.10 -22.49 20.96
CA VAL B 201 30.24 -23.54 21.38
C VAL B 201 28.91 -23.00 20.96
N ASP B 202 28.03 -23.90 20.46
CA ASP B 202 26.71 -23.50 20.08
C ASP B 202 25.92 -24.71 20.33
N LEU B 203 25.80 -25.03 21.66
CA LEU B 203 25.18 -26.34 22.08
C LEU B 203 24.11 -26.13 23.07
N PRO B 204 22.96 -26.85 23.03
CA PRO B 204 21.94 -26.69 24.01
C PRO B 204 22.43 -27.46 25.21
N ILE B 205 22.79 -26.65 26.27
CA ILE B 205 23.25 -27.16 27.51
C ILE B 205 22.45 -26.41 28.55
N GLY B 206 21.72 -27.22 29.34
CA GLY B 206 20.82 -26.75 30.33
C GLY B 206 21.64 -26.39 31.57
N ILE B 207 22.10 -25.14 31.65
CA ILE B 207 22.95 -24.54 32.66
C ILE B 207 22.00 -23.56 33.37
N ASN B 208 22.07 -23.59 34.72
CA ASN B 208 21.47 -22.63 35.55
C ASN B 208 22.62 -21.70 35.64
N ILE B 209 22.51 -20.44 35.19
CA ILE B 209 23.52 -19.45 35.16
C ILE B 209 22.86 -18.30 35.94
N THR B 210 23.51 -17.89 37.04
CA THR B 210 23.00 -16.70 37.70
C THR B 210 24.23 -16.01 38.04
N ARG B 211 25.33 -16.65 38.39
CA ARG B 211 26.57 -16.14 38.75
C ARG B 211 27.50 -17.21 38.13
N PHE B 212 28.80 -16.86 38.18
CA PHE B 212 29.76 -17.95 37.81
C PHE B 212 31.05 -17.66 38.63
N GLN B 213 31.94 -18.68 38.70
CA GLN B 213 33.18 -18.66 39.47
C GLN B 213 34.20 -19.28 38.59
N THR B 214 35.51 -18.99 38.84
CA THR B 214 36.66 -19.31 38.03
C THR B 214 37.43 -20.43 38.80
N LEU B 215 37.91 -21.47 38.06
CA LEU B 215 38.66 -22.57 38.65
C LEU B 215 40.01 -22.02 38.63
N LEU B 216 40.61 -21.91 39.79
CA LEU B 216 41.89 -21.32 39.94
C LEU B 216 42.66 -22.31 40.69
N ALA B 217 43.94 -22.29 40.49
CA ALA B 217 44.79 -23.02 41.36
C ALA B 217 46.09 -22.33 41.47
N LEU B 218 46.54 -21.91 42.70
CA LEU B 218 47.88 -21.36 42.86
C LEU B 218 48.69 -22.49 43.45
N HIS B 219 48.04 -23.66 43.72
CA HIS B 219 48.48 -24.77 44.51
C HIS B 219 49.53 -25.56 43.71
N ARG B 220 50.44 -26.17 44.43
CA ARG B 220 51.41 -27.03 43.88
C ARG B 220 51.65 -27.97 45.10
N SER B 221 52.18 -29.21 44.91
CA SER B 221 52.45 -30.13 45.99
C SER B 221 53.52 -29.63 46.94
N TYR B 222 54.37 -28.66 46.46
CA TYR B 222 55.47 -28.11 47.22
C TYR B 222 54.97 -27.01 48.12
N LEU B 223 55.51 -26.94 49.35
CA LEU B 223 55.23 -25.97 50.37
C LEU B 223 56.38 -25.02 50.50
N THR B 224 57.28 -25.04 49.46
CA THR B 224 58.42 -24.21 49.36
C THR B 224 58.05 -22.94 48.60
N PRO B 225 58.03 -21.72 49.03
CA PRO B 225 57.54 -20.66 48.20
C PRO B 225 58.47 -20.36 47.09
N GLY B 226 59.76 -20.81 47.27
CA GLY B 226 60.86 -20.73 46.44
C GLY B 226 60.59 -21.53 45.14
N ASP B 227 59.85 -22.61 45.16
CA ASP B 227 59.65 -23.51 44.05
C ASP B 227 58.44 -22.98 43.36
N SER B 228 58.52 -21.78 42.78
CA SER B 228 57.47 -21.12 42.11
C SER B 228 57.71 -21.30 40.63
N SER B 229 56.59 -21.54 39.86
CA SER B 229 56.61 -21.50 38.45
C SER B 229 55.31 -20.87 38.09
N SER B 230 54.48 -20.67 39.16
CA SER B 230 53.17 -20.14 39.04
C SER B 230 52.78 -19.40 40.28
N GLY B 231 53.70 -19.27 41.30
CA GLY B 231 53.31 -18.84 42.60
C GLY B 231 53.36 -17.43 42.53
N TRP B 232 52.31 -16.86 41.87
CA TRP B 232 52.12 -15.43 41.71
C TRP B 232 50.62 -15.22 41.56
N THR B 233 50.08 -13.98 41.70
CA THR B 233 48.69 -13.61 41.65
C THR B 233 48.50 -12.72 40.39
N ALA B 234 49.50 -12.66 39.58
CA ALA B 234 49.42 -11.93 38.32
C ALA B 234 50.41 -12.64 37.41
N GLY B 235 50.00 -12.85 36.21
CA GLY B 235 50.75 -13.53 35.16
C GLY B 235 49.90 -14.48 34.48
N ALA B 236 49.09 -15.33 35.15
CA ALA B 236 48.11 -16.16 34.59
C ALA B 236 46.94 -16.22 35.54
N ALA B 237 46.87 -15.29 36.45
CA ALA B 237 45.93 -15.36 37.46
C ALA B 237 45.14 -14.09 37.28
N ALA B 238 45.08 -13.46 36.15
CA ALA B 238 44.33 -12.25 35.89
C ALA B 238 43.29 -12.70 34.98
N TYR B 239 42.06 -12.16 35.15
CA TYR B 239 41.00 -12.42 34.27
C TYR B 239 40.08 -11.27 34.38
N TYR B 240 39.16 -11.17 33.44
CA TYR B 240 38.25 -10.01 33.30
C TYR B 240 36.81 -10.47 33.11
N VAL B 241 35.87 -9.55 33.62
CA VAL B 241 34.43 -9.73 33.45
C VAL B 241 34.03 -8.31 33.02
N GLY B 242 33.20 -8.16 31.96
CA GLY B 242 32.60 -6.98 31.49
C GLY B 242 31.14 -7.25 31.32
N TYR B 243 30.33 -6.23 30.81
CA TYR B 243 28.84 -6.40 30.65
C TYR B 243 28.39 -6.03 29.25
N LEU B 244 27.25 -6.61 28.75
CA LEU B 244 26.75 -6.43 27.41
C LEU B 244 25.56 -5.52 27.51
N GLN B 245 25.37 -4.69 26.45
CA GLN B 245 24.18 -3.84 26.42
C GLN B 245 23.71 -3.87 25.02
N PRO B 246 22.39 -3.73 24.79
CA PRO B 246 21.90 -3.72 23.41
C PRO B 246 22.31 -2.43 22.77
N ARG B 247 23.27 -2.44 21.80
CA ARG B 247 23.68 -1.22 21.15
C ARG B 247 23.87 -1.68 19.69
N THR B 248 23.72 -0.70 18.75
CA THR B 248 23.89 -0.84 17.23
C THR B 248 25.37 -0.59 16.83
N PHE B 249 25.94 -1.53 15.98
CA PHE B 249 27.25 -1.50 15.60
C PHE B 249 27.20 -1.56 14.08
N LEU B 250 28.06 -0.86 13.35
CA LEU B 250 28.23 -0.96 11.94
C LEU B 250 29.46 -1.81 11.83
N LEU B 251 29.28 -2.99 11.12
CA LEU B 251 30.28 -3.97 11.14
C LEU B 251 30.78 -4.11 9.74
N LYS B 252 32.01 -3.98 9.52
CA LYS B 252 32.66 -4.06 8.22
C LYS B 252 33.32 -5.40 8.28
N TYR B 253 33.11 -6.24 7.28
CA TYR B 253 33.58 -7.62 7.13
C TYR B 253 34.58 -7.70 6.05
N ASN B 254 35.60 -8.61 6.10
CA ASN B 254 36.45 -8.85 5.02
C ASN B 254 35.99 -10.02 4.13
N GLU B 255 36.80 -10.52 3.14
CA GLU B 255 36.53 -11.65 2.25
C GLU B 255 36.22 -12.90 3.01
N ASN B 256 36.92 -13.09 4.21
CA ASN B 256 36.75 -14.31 4.98
C ASN B 256 35.43 -14.30 5.65
N GLY B 257 34.99 -13.13 6.02
CA GLY B 257 33.76 -13.03 6.74
C GLY B 257 34.01 -12.68 8.16
N THR B 258 35.25 -12.18 8.51
CA THR B 258 35.72 -11.76 9.73
C THR B 258 35.47 -10.30 9.84
N ILE B 259 34.92 -9.85 10.99
CA ILE B 259 34.65 -8.41 11.18
C ILE B 259 35.99 -7.82 11.33
N THR B 260 36.39 -6.72 10.56
CA THR B 260 37.72 -6.11 10.67
C THR B 260 37.63 -4.83 11.45
N ASP B 261 36.41 -4.16 11.57
CA ASP B 261 36.23 -2.97 12.30
C ASP B 261 34.78 -2.86 12.60
N ALA B 262 34.46 -2.00 13.54
CA ALA B 262 33.15 -1.75 13.98
C ALA B 262 33.06 -0.39 14.56
N VAL B 263 31.84 0.22 14.32
CA VAL B 263 31.52 1.49 14.87
C VAL B 263 30.44 1.23 15.82
N ASP B 264 30.58 1.57 17.14
CA ASP B 264 29.51 1.60 18.15
C ASP B 264 28.81 2.94 18.03
N CYS B 265 27.58 2.94 17.42
CA CYS B 265 26.89 4.21 17.03
C CYS B 265 26.71 5.23 18.09
N ALA B 266 26.36 4.66 19.33
CA ALA B 266 25.93 5.43 20.54
C ALA B 266 27.23 5.83 21.29
N LEU B 267 28.11 6.64 20.69
CA LEU B 267 29.32 7.24 21.30
C LEU B 267 29.30 8.75 21.11
N ASP B 268 29.37 9.14 19.84
CA ASP B 268 29.54 10.51 19.47
C ASP B 268 28.80 10.68 18.10
N PRO B 269 28.29 11.86 17.68
CA PRO B 269 27.62 11.98 16.39
C PRO B 269 28.52 11.55 15.28
N LEU B 270 29.91 11.54 15.35
CA LEU B 270 30.65 11.01 14.23
C LEU B 270 30.41 9.53 13.92
N SER B 271 30.39 8.75 15.04
CA SER B 271 30.00 7.34 14.99
C SER B 271 28.57 7.13 14.48
N GLU B 272 27.59 7.95 14.88
CA GLU B 272 26.20 7.88 14.35
C GLU B 272 26.13 8.13 12.83
N THR B 273 26.99 9.06 12.34
CA THR B 273 27.12 9.46 10.91
C THR B 273 27.63 8.29 10.16
N LYS B 274 28.71 7.61 10.70
CA LYS B 274 29.24 6.48 10.02
C LYS B 274 28.08 5.40 9.85
N CYS B 275 27.32 5.17 10.94
CA CYS B 275 26.14 4.29 11.11
C CYS B 275 24.91 4.61 10.31
N THR B 276 24.72 5.96 10.02
CA THR B 276 23.65 6.50 9.27
C THR B 276 23.98 6.33 7.79
N LEU B 277 25.23 6.67 7.32
CA LEU B 277 25.66 6.67 5.96
C LEU B 277 25.89 5.23 5.50
N LYS B 278 26.26 4.30 6.52
CA LYS B 278 26.71 2.98 6.33
C LYS B 278 28.07 3.04 5.63
N SER B 279 28.95 3.79 6.26
CA SER B 279 30.31 3.97 5.74
C SER B 279 31.25 4.29 6.90
N PHE B 280 32.46 3.92 6.86
CA PHE B 280 33.55 4.27 7.81
C PHE B 280 34.31 5.46 7.44
N THR B 281 33.97 6.12 6.37
CA THR B 281 34.62 7.34 5.88
C THR B 281 33.51 8.36 5.89
N VAL B 282 33.71 9.52 6.57
CA VAL B 282 32.80 10.63 6.70
C VAL B 282 33.73 11.75 6.28
N GLU B 283 33.26 12.49 5.29
CA GLU B 283 33.87 13.70 4.69
C GLU B 283 33.15 14.98 5.02
N LYS B 284 33.87 16.06 4.64
CA LYS B 284 33.48 17.40 4.98
C LYS B 284 32.04 17.65 4.61
N GLY B 285 31.22 18.18 5.58
CA GLY B 285 29.78 18.52 5.36
C GLY B 285 29.10 18.59 6.71
N ILE B 286 27.77 18.62 6.67
CA ILE B 286 26.90 18.72 7.76
C ILE B 286 25.93 17.57 7.75
N TYR B 287 25.60 16.87 8.92
CA TYR B 287 24.75 15.68 8.81
C TYR B 287 23.70 15.75 9.83
N GLN B 288 22.56 15.04 9.52
CA GLN B 288 21.52 14.74 10.43
C GLN B 288 21.47 13.27 10.55
N THR B 289 21.72 12.80 11.79
CA THR B 289 21.96 11.38 12.15
C THR B 289 20.91 11.01 13.14
N SER B 290 20.51 12.00 13.89
CA SER B 290 19.67 11.79 14.98
C SER B 290 19.11 13.12 15.31
N ASN B 291 18.03 13.06 16.15
CA ASN B 291 17.45 14.25 16.76
C ASN B 291 17.23 13.83 18.16
N PHE B 292 17.93 14.44 19.13
CA PHE B 292 17.92 13.89 20.48
C PHE B 292 16.55 14.03 21.03
N ARG B 293 16.17 13.09 21.91
CA ARG B 293 14.86 13.11 22.50
C ARG B 293 15.16 12.48 23.78
N VAL B 294 14.77 13.05 24.93
CA VAL B 294 14.84 12.53 26.23
C VAL B 294 13.87 11.35 26.35
N GLN B 295 14.36 10.20 26.88
CA GLN B 295 13.65 8.93 26.94
C GLN B 295 12.99 8.95 28.30
N PRO B 296 11.85 8.27 28.60
CA PRO B 296 11.29 8.22 29.95
C PRO B 296 12.24 7.50 30.94
N THR B 297 12.12 8.01 32.18
CA THR B 297 13.04 7.65 33.22
C THR B 297 12.44 6.43 33.99
N GLU B 298 11.09 6.27 34.10
CA GLU B 298 10.35 5.24 34.79
C GLU B 298 9.00 5.43 34.34
N SER B 299 8.08 4.52 34.62
CA SER B 299 6.66 4.81 34.39
C SER B 299 6.05 5.23 35.74
N ILE B 300 4.89 5.90 35.81
CA ILE B 300 4.27 6.37 37.05
C ILE B 300 3.09 5.55 37.17
N VAL B 301 2.94 4.82 38.27
CA VAL B 301 1.72 4.13 38.47
C VAL B 301 1.32 4.66 39.83
N ARG B 302 0.00 5.00 39.90
CA ARG B 302 -0.58 5.69 41.10
C ARG B 302 -1.41 4.80 41.88
N PHE B 303 -1.74 5.17 43.16
CA PHE B 303 -2.67 4.60 44.04
C PHE B 303 -3.67 5.70 44.29
N PRO B 304 -5.00 5.44 44.52
CA PRO B 304 -6.01 6.41 44.87
C PRO B 304 -6.03 7.00 46.31
N ASN B 305 -6.72 8.15 46.52
CA ASN B 305 -7.01 8.80 47.82
C ASN B 305 -7.48 7.84 48.82
N ILE B 306 -8.35 6.88 48.34
CA ILE B 306 -8.81 5.91 49.29
C ILE B 306 -8.43 4.54 48.73
N THR B 307 -7.73 3.67 49.51
CA THR B 307 -7.20 2.39 49.18
C THR B 307 -7.83 1.36 50.07
N ASN B 308 -8.89 0.64 49.63
CA ASN B 308 -9.38 -0.44 50.40
C ASN B 308 -9.19 -1.64 49.49
N LEU B 309 -9.94 -2.68 49.79
CA LEU B 309 -9.93 -4.01 49.03
C LEU B 309 -10.90 -3.89 47.98
N CYS B 310 -10.60 -4.41 46.80
CA CYS B 310 -11.55 -4.42 45.66
C CYS B 310 -12.38 -5.67 45.65
N PRO B 311 -13.66 -5.65 45.80
CA PRO B 311 -14.46 -6.89 45.89
C PRO B 311 -14.76 -7.52 44.55
N PHE B 312 -13.70 -8.06 43.88
CA PHE B 312 -13.86 -8.73 42.65
C PHE B 312 -14.44 -10.16 42.85
N GLY B 313 -14.67 -10.72 44.08
CA GLY B 313 -15.09 -12.07 44.25
C GLY B 313 -16.25 -12.61 43.52
N GLU B 314 -17.25 -11.68 43.26
CA GLU B 314 -18.48 -12.04 42.55
C GLU B 314 -18.23 -12.81 41.28
N VAL B 315 -17.17 -12.50 40.56
CA VAL B 315 -16.96 -13.15 39.31
C VAL B 315 -15.73 -14.05 39.44
N PHE B 316 -14.68 -13.76 40.31
CA PHE B 316 -13.47 -14.59 40.43
C PHE B 316 -13.64 -15.76 41.34
N ASN B 317 -14.72 -15.71 42.19
CA ASN B 317 -15.06 -16.91 42.91
C ASN B 317 -16.14 -17.60 42.23
N ALA B 318 -16.56 -17.08 41.04
CA ALA B 318 -17.69 -17.62 40.30
C ALA B 318 -18.93 -17.73 41.07
N THR B 319 -19.43 -16.56 41.58
CA THR B 319 -20.56 -16.66 42.54
C THR B 319 -21.73 -16.97 41.77
N ARG B 320 -22.09 -16.15 40.74
CA ARG B 320 -23.28 -16.45 39.96
C ARG B 320 -22.93 -15.89 38.63
N PHE B 321 -23.30 -16.54 37.50
CA PHE B 321 -23.37 -15.94 36.21
C PHE B 321 -24.91 -15.96 35.95
N ALA B 322 -25.45 -14.86 35.31
CA ALA B 322 -26.87 -14.85 34.92
C ALA B 322 -27.19 -13.59 34.19
N SER B 323 -28.35 -13.54 33.42
CA SER B 323 -29.01 -12.37 33.17
C SER B 323 -28.18 -11.26 32.47
N VAL B 324 -27.88 -11.34 31.13
CA VAL B 324 -26.87 -10.58 30.44
C VAL B 324 -27.11 -9.13 30.52
N TYR B 325 -28.39 -8.69 30.63
CA TYR B 325 -28.76 -7.33 30.61
C TYR B 325 -29.30 -6.86 31.95
N ALA B 326 -29.19 -7.72 32.96
CA ALA B 326 -29.71 -7.51 34.29
C ALA B 326 -28.79 -8.30 35.13
N TRP B 327 -27.49 -7.97 35.14
CA TRP B 327 -26.31 -8.58 35.72
C TRP B 327 -26.33 -8.68 37.31
N ASN B 328 -25.63 -9.74 37.79
CA ASN B 328 -25.17 -9.98 39.15
C ASN B 328 -23.80 -9.31 39.05
N ARG B 329 -23.50 -8.17 39.81
CA ARG B 329 -22.32 -7.48 39.55
C ARG B 329 -22.03 -6.79 40.76
N LYS B 330 -20.72 -6.40 40.84
CA LYS B 330 -20.30 -5.51 41.95
C LYS B 330 -19.61 -4.32 41.39
N ARG B 331 -19.70 -3.15 42.05
CA ARG B 331 -18.92 -1.94 41.67
C ARG B 331 -17.65 -1.90 42.40
N ILE B 332 -16.54 -1.67 41.68
CA ILE B 332 -15.18 -1.51 42.23
C ILE B 332 -14.77 -0.08 42.14
N SER B 333 -14.50 0.39 43.37
CA SER B 333 -14.13 1.80 43.54
C SER B 333 -13.40 1.81 44.80
N ASN B 334 -12.63 2.87 45.08
CA ASN B 334 -11.79 3.22 46.24
C ASN B 334 -10.84 2.13 46.61
N CYS B 335 -10.08 1.55 45.64
CA CYS B 335 -9.33 0.40 46.14
C CYS B 335 -8.10 -0.09 45.28
N VAL B 336 -7.29 -1.11 45.89
CA VAL B 336 -6.15 -1.74 45.24
C VAL B 336 -6.67 -3.05 44.77
N ALA B 337 -6.63 -3.18 43.45
CA ALA B 337 -7.23 -4.31 42.77
C ALA B 337 -6.19 -5.35 42.62
N ASP B 338 -6.60 -6.60 42.70
CA ASP B 338 -5.73 -7.71 42.38
C ASP B 338 -6.39 -8.27 41.13
N TYR B 339 -5.69 -8.31 40.01
CA TYR B 339 -6.04 -8.75 38.71
C TYR B 339 -5.26 -10.02 38.49
N SER B 340 -4.97 -10.74 39.62
CA SER B 340 -4.18 -11.92 39.73
C SER B 340 -4.60 -12.98 38.77
N VAL B 341 -5.95 -13.14 38.63
CA VAL B 341 -6.55 -14.12 37.78
C VAL B 341 -6.26 -13.85 36.29
N LEU B 342 -6.37 -12.54 35.95
CA LEU B 342 -6.24 -12.04 34.66
C LEU B 342 -4.88 -11.44 34.39
N TYR B 343 -3.96 -11.68 35.38
CA TYR B 343 -2.54 -11.33 35.21
C TYR B 343 -1.78 -12.62 35.02
N ASN B 344 -1.92 -13.64 35.82
CA ASN B 344 -1.07 -14.83 35.69
C ASN B 344 -1.64 -15.89 34.82
N SER B 345 -2.77 -15.64 34.08
CA SER B 345 -3.33 -16.62 33.18
C SER B 345 -3.69 -15.87 31.93
N ALA B 346 -3.24 -16.45 30.80
CA ALA B 346 -3.61 -15.94 29.52
C ALA B 346 -4.07 -17.03 28.71
N SER B 347 -4.67 -18.07 29.38
CA SER B 347 -5.08 -19.27 28.63
C SER B 347 -6.61 -19.15 28.56
N PHE B 348 -7.35 -19.90 29.49
CA PHE B 348 -8.77 -20.08 29.52
C PHE B 348 -9.33 -20.83 28.32
N SER B 349 -10.41 -20.24 27.71
CA SER B 349 -11.07 -20.68 26.52
C SER B 349 -11.05 -19.64 25.43
N THR B 350 -11.41 -18.38 25.68
CA THR B 350 -11.30 -17.33 24.80
C THR B 350 -10.94 -16.21 25.77
N PHE B 351 -9.92 -15.42 25.51
CA PHE B 351 -9.51 -14.35 26.39
C PHE B 351 -9.15 -13.24 25.43
N LYS B 352 -10.09 -12.25 25.45
CA LYS B 352 -9.89 -11.18 24.51
C LYS B 352 -10.30 -10.01 25.36
N CYS B 353 -9.35 -9.00 25.41
CA CYS B 353 -9.61 -7.76 26.04
C CYS B 353 -9.72 -6.82 24.96
N TYR B 354 -10.45 -5.74 25.23
CA TYR B 354 -10.71 -4.77 24.24
C TYR B 354 -10.25 -3.58 24.96
N GLY B 355 -9.53 -2.72 24.19
CA GLY B 355 -9.04 -1.49 24.74
C GLY B 355 -7.67 -1.72 25.30
N VAL B 356 -7.52 -2.90 26.03
CA VAL B 356 -6.25 -3.29 26.77
C VAL B 356 -6.03 -4.71 26.26
N SER B 357 -4.90 -5.35 26.56
CA SER B 357 -4.67 -6.75 26.36
C SER B 357 -4.48 -7.21 27.82
N PRO B 358 -4.62 -8.55 28.14
CA PRO B 358 -4.46 -9.11 29.51
C PRO B 358 -3.05 -8.83 30.15
N THR B 359 -2.85 -8.95 31.46
CA THR B 359 -1.59 -8.76 32.07
C THR B 359 -1.05 -7.34 31.77
N LYS B 360 -1.94 -6.29 31.80
CA LYS B 360 -1.55 -4.90 31.52
C LYS B 360 -2.28 -4.15 32.69
N LEU B 361 -3.15 -4.88 33.40
CA LEU B 361 -4.13 -4.25 34.30
C LEU B 361 -3.46 -3.82 35.57
N ASN B 362 -2.16 -4.33 35.69
CA ASN B 362 -1.25 -4.18 36.73
C ASN B 362 -0.67 -2.74 36.56
N ASP B 363 -0.75 -2.08 35.32
CA ASP B 363 -0.15 -0.76 35.18
C ASP B 363 -1.27 0.27 35.29
N LEU B 364 -2.47 -0.12 34.78
CA LEU B 364 -3.58 0.90 34.55
C LEU B 364 -4.46 1.07 35.80
N CYS B 365 -4.93 2.36 35.92
CA CYS B 365 -5.88 2.83 36.92
C CYS B 365 -7.13 3.11 36.14
N PHE B 366 -8.29 3.02 36.74
CA PHE B 366 -9.54 3.35 36.00
C PHE B 366 -10.43 4.04 36.97
N THR B 367 -11.47 4.65 36.46
CA THR B 367 -12.44 5.45 37.28
C THR B 367 -13.26 4.50 38.05
N ASN B 368 -13.93 3.51 37.46
CA ASN B 368 -14.68 2.53 38.15
C ASN B 368 -14.38 1.24 37.43
N VAL B 369 -14.51 0.08 38.08
CA VAL B 369 -14.52 -1.18 37.41
C VAL B 369 -15.65 -1.95 37.96
N TYR B 370 -16.36 -2.65 36.99
CA TYR B 370 -17.51 -3.42 37.26
C TYR B 370 -17.14 -4.82 37.02
N ALA B 371 -17.53 -5.74 37.91
CA ALA B 371 -17.30 -7.16 37.81
C ALA B 371 -18.61 -7.81 37.47
N ASP B 372 -18.83 -8.17 36.20
CA ASP B 372 -20.07 -8.58 35.57
C ASP B 372 -19.98 -10.01 35.19
N SER B 373 -21.07 -10.77 35.09
CA SER B 373 -21.08 -12.15 34.71
C SER B 373 -22.35 -12.63 34.09
N PHE B 374 -22.24 -13.49 33.07
CA PHE B 374 -23.35 -14.12 32.44
C PHE B 374 -22.85 -15.31 31.61
N VAL B 375 -23.80 -16.12 31.05
CA VAL B 375 -23.36 -17.29 30.33
C VAL B 375 -23.95 -17.22 28.96
N ILE B 376 -23.12 -17.53 27.86
CA ILE B 376 -23.67 -17.57 26.54
C ILE B 376 -22.96 -18.74 25.88
N ARG B 377 -23.35 -19.07 24.62
CA ARG B 377 -22.71 -20.13 23.88
C ARG B 377 -21.49 -19.62 23.12
N GLY B 378 -20.51 -20.49 22.80
CA GLY B 378 -19.46 -20.18 21.91
C GLY B 378 -19.72 -19.49 20.69
N ASP B 379 -20.77 -19.79 19.92
CA ASP B 379 -21.08 -18.99 18.70
C ASP B 379 -21.46 -17.58 19.00
N GLU B 380 -21.84 -17.33 20.23
CA GLU B 380 -22.31 -16.04 20.75
C GLU B 380 -21.15 -15.33 21.34
N VAL B 381 -20.17 -16.01 21.94
CA VAL B 381 -18.97 -15.38 22.51
C VAL B 381 -18.20 -14.58 21.50
N ARG B 382 -18.06 -15.18 20.30
CA ARG B 382 -17.38 -14.49 19.27
C ARG B 382 -18.11 -13.21 18.81
N GLN B 383 -19.42 -12.95 19.18
CA GLN B 383 -20.19 -11.82 18.72
C GLN B 383 -19.97 -10.54 19.55
N ILE B 384 -19.15 -10.65 20.63
CA ILE B 384 -18.72 -9.55 21.48
C ILE B 384 -17.72 -8.75 20.68
N ALA B 385 -16.82 -9.40 19.91
CA ALA B 385 -15.90 -8.90 18.98
C ALA B 385 -16.61 -8.67 17.66
N PRO B 386 -16.19 -7.85 16.71
CA PRO B 386 -16.83 -7.77 15.43
C PRO B 386 -16.79 -9.12 14.79
N GLY B 387 -17.94 -9.82 15.02
CA GLY B 387 -18.07 -11.26 14.84
C GLY B 387 -18.78 -11.49 13.58
N GLN B 388 -19.63 -12.60 13.52
CA GLN B 388 -20.22 -13.09 12.26
C GLN B 388 -21.69 -12.71 12.12
N THR B 389 -22.27 -12.84 10.86
CA THR B 389 -23.69 -12.70 10.54
C THR B 389 -24.26 -14.05 10.88
N GLY B 390 -25.61 -13.96 10.89
CA GLY B 390 -26.45 -15.13 11.08
C GLY B 390 -27.36 -14.77 12.19
N LYS B 391 -28.24 -15.76 12.52
CA LYS B 391 -29.32 -15.60 13.47
C LYS B 391 -28.80 -15.85 14.83
N ILE B 392 -27.44 -16.02 14.91
CA ILE B 392 -26.76 -16.08 16.22
C ILE B 392 -26.77 -14.74 16.90
N ALA B 393 -27.06 -13.66 16.07
CA ALA B 393 -27.25 -12.26 16.35
C ALA B 393 -26.04 -11.48 16.75
N ASP B 394 -26.04 -10.12 16.58
CA ASP B 394 -24.95 -9.27 17.05
C ASP B 394 -25.15 -8.80 18.51
N TYR B 395 -26.40 -8.74 19.01
CA TYR B 395 -26.77 -8.22 20.25
C TYR B 395 -27.03 -9.33 21.18
N ASN B 396 -26.11 -9.66 22.11
CA ASN B 396 -26.10 -10.58 23.19
C ASN B 396 -24.94 -10.10 23.98
N TYR B 397 -24.97 -8.75 24.30
CA TYR B 397 -23.94 -7.90 24.79
C TYR B 397 -23.12 -7.66 23.54
N LYS B 398 -22.21 -6.69 23.58
CA LYS B 398 -21.43 -6.53 22.45
C LYS B 398 -20.43 -5.62 23.19
N LEU B 399 -19.08 -5.67 22.94
CA LEU B 399 -18.20 -4.78 23.63
C LEU B 399 -17.15 -4.22 22.66
N PRO B 400 -17.42 -3.20 21.83
CA PRO B 400 -16.40 -2.53 21.03
C PRO B 400 -15.26 -1.88 21.87
N ASP B 401 -14.00 -1.86 21.35
CA ASP B 401 -12.75 -1.33 21.98
C ASP B 401 -12.90 0.05 22.36
N ASP B 402 -13.88 0.84 21.89
CA ASP B 402 -14.09 2.20 22.26
C ASP B 402 -14.36 2.18 23.76
N PHE B 403 -14.85 1.03 24.24
CA PHE B 403 -15.22 0.79 25.63
C PHE B 403 -14.28 -0.30 25.93
N THR B 404 -13.55 0.02 27.02
CA THR B 404 -12.51 -0.79 27.57
C THR B 404 -13.20 -1.83 28.41
N GLY B 405 -12.74 -3.09 28.30
CA GLY B 405 -13.24 -4.15 29.08
C GLY B 405 -12.50 -5.31 28.69
N CYS B 406 -12.56 -6.33 29.54
CA CYS B 406 -11.94 -7.66 29.28
C CYS B 406 -13.05 -8.61 29.38
N VAL B 407 -13.08 -9.54 28.37
CA VAL B 407 -14.22 -10.49 28.33
C VAL B 407 -13.49 -11.77 28.20
N ILE B 408 -13.77 -12.63 29.25
CA ILE B 408 -13.04 -13.88 29.39
C ILE B 408 -14.09 -14.97 29.40
N ALA B 409 -13.83 -15.95 28.49
CA ALA B 409 -14.69 -17.10 28.37
C ALA B 409 -13.91 -18.16 28.95
N TRP B 410 -14.61 -18.97 29.78
CA TRP B 410 -14.01 -20.16 30.39
C TRP B 410 -15.19 -21.05 30.62
N ASN B 411 -14.97 -22.38 30.87
CA ASN B 411 -16.02 -23.37 31.10
C ASN B 411 -15.67 -24.16 32.30
N SER B 412 -16.45 -23.89 33.34
CA SER B 412 -16.49 -24.57 34.61
C SER B 412 -17.90 -24.39 35.04
N ASN B 413 -18.85 -24.44 34.06
CA ASN B 413 -20.27 -24.06 34.39
C ASN B 413 -20.72 -24.87 35.50
N ASN B 414 -21.11 -24.18 36.61
CA ASN B 414 -21.60 -24.75 37.86
C ASN B 414 -22.24 -23.63 38.65
N LEU B 415 -23.10 -24.01 39.53
CA LEU B 415 -23.81 -23.11 40.42
C LEU B 415 -24.65 -21.97 39.87
N ASP B 416 -25.17 -22.06 38.66
CA ASP B 416 -25.88 -20.81 38.17
C ASP B 416 -27.27 -21.30 38.03
N SER B 417 -28.15 -20.80 38.87
CA SER B 417 -29.55 -21.25 38.83
C SER B 417 -30.43 -20.34 38.01
N LYS B 418 -31.46 -20.96 37.42
CA LYS B 418 -32.50 -20.40 36.62
C LYS B 418 -31.81 -19.70 35.47
N VAL B 419 -30.80 -20.33 34.76
CA VAL B 419 -30.15 -19.72 33.61
C VAL B 419 -30.37 -20.56 32.49
N GLY B 420 -30.95 -21.75 32.65
CA GLY B 420 -31.16 -22.55 31.48
C GLY B 420 -32.04 -21.97 30.39
N GLY B 421 -33.23 -21.59 30.81
CA GLY B 421 -34.17 -20.85 30.03
C GLY B 421 -33.92 -19.48 30.38
N ASN B 422 -34.02 -18.61 29.37
CA ASN B 422 -33.74 -17.20 29.51
C ASN B 422 -35.04 -16.58 29.29
N TYR B 423 -35.55 -16.11 30.42
CA TYR B 423 -36.79 -15.57 30.59
C TYR B 423 -36.71 -14.49 31.59
N ASN B 424 -37.80 -13.72 31.96
CA ASN B 424 -37.77 -12.46 32.79
C ASN B 424 -37.22 -11.26 32.03
N TYR B 425 -36.76 -11.50 30.80
CA TYR B 425 -36.48 -10.36 29.98
C TYR B 425 -36.53 -10.97 28.54
N LEU B 426 -36.64 -10.03 27.64
CA LEU B 426 -36.87 -10.40 26.21
C LEU B 426 -36.53 -9.05 25.60
N TYR B 427 -35.77 -9.08 24.45
CA TYR B 427 -35.38 -7.88 23.77
C TYR B 427 -35.38 -8.13 22.31
N ARG B 428 -35.40 -6.94 21.53
CA ARG B 428 -35.51 -7.01 20.04
C ARG B 428 -34.14 -6.97 19.45
N LEU B 429 -33.99 -7.55 18.26
CA LEU B 429 -32.85 -7.43 17.30
C LEU B 429 -32.89 -6.13 16.53
N PHE B 430 -34.08 -5.51 16.16
CA PHE B 430 -34.28 -4.24 15.52
C PHE B 430 -35.34 -3.46 16.34
N ARG B 431 -35.16 -2.16 16.37
CA ARG B 431 -36.18 -1.35 16.97
C ARG B 431 -36.01 0.05 16.49
N LYS B 432 -36.99 0.87 16.87
CA LYS B 432 -37.08 2.29 16.43
C LYS B 432 -36.37 3.29 17.29
N SER B 433 -35.75 2.78 18.35
CA SER B 433 -35.14 3.65 19.35
C SER B 433 -33.79 3.17 19.56
N ASN B 434 -33.17 2.81 18.40
CA ASN B 434 -31.76 2.53 18.24
C ASN B 434 -31.29 1.50 19.27
N LEU B 435 -31.36 0.16 18.94
CA LEU B 435 -30.99 -0.95 19.76
C LEU B 435 -29.55 -0.88 20.14
N LYS B 436 -29.37 -0.96 21.48
CA LYS B 436 -28.08 -1.04 22.00
C LYS B 436 -28.09 -2.15 23.07
N PRO B 437 -26.97 -2.68 23.52
CA PRO B 437 -27.04 -3.65 24.62
C PRO B 437 -27.51 -2.97 25.88
N PHE B 438 -28.01 -3.73 26.86
CA PHE B 438 -28.50 -3.40 28.13
C PHE B 438 -29.79 -2.75 27.76
N GLU B 439 -30.58 -3.42 26.80
CA GLU B 439 -31.91 -2.96 26.45
C GLU B 439 -32.96 -4.13 26.51
N ARG B 440 -34.25 -3.84 26.86
CA ARG B 440 -35.26 -4.84 26.90
C ARG B 440 -36.43 -4.21 26.23
N ASP B 441 -37.11 -5.09 25.42
CA ASP B 441 -38.12 -4.62 24.55
C ASP B 441 -39.25 -5.65 24.73
N ILE B 442 -40.51 -5.14 24.63
CA ILE B 442 -41.68 -5.93 24.40
C ILE B 442 -42.39 -5.52 23.17
N SER B 443 -42.39 -6.41 22.13
CA SER B 443 -42.88 -6.05 20.78
C SER B 443 -44.38 -5.90 20.66
N THR B 444 -44.94 -4.82 20.03
CA THR B 444 -46.34 -4.69 19.70
C THR B 444 -46.43 -4.29 18.29
N GLU B 445 -45.25 -3.96 17.63
CA GLU B 445 -45.33 -3.45 16.27
C GLU B 445 -44.34 -4.20 15.49
N ILE B 446 -44.63 -4.43 14.23
CA ILE B 446 -43.90 -4.93 13.13
C ILE B 446 -42.76 -3.98 12.66
N TYR B 447 -41.62 -4.57 12.45
CA TYR B 447 -40.49 -3.93 11.96
C TYR B 447 -40.56 -4.32 10.48
N GLN B 448 -40.64 -3.27 9.63
CA GLN B 448 -40.78 -3.36 8.23
C GLN B 448 -39.70 -2.52 7.57
N ALA B 449 -38.57 -3.22 7.26
CA ALA B 449 -37.44 -2.51 6.69
C ALA B 449 -36.74 -3.28 5.58
N GLY B 450 -37.42 -4.12 4.86
CA GLY B 450 -36.73 -4.91 3.80
C GLY B 450 -36.19 -4.25 2.54
N SER B 451 -35.22 -4.77 1.78
CA SER B 451 -34.70 -4.22 0.52
C SER B 451 -35.74 -4.17 -0.58
N THR B 452 -36.85 -5.05 -0.43
CA THR B 452 -38.02 -5.13 -1.21
C THR B 452 -39.00 -4.80 -0.10
N PRO B 453 -39.90 -3.81 -0.27
CA PRO B 453 -40.93 -3.35 0.74
C PRO B 453 -41.86 -4.39 1.27
N CYS B 454 -42.22 -4.37 2.61
CA CYS B 454 -43.16 -5.32 3.30
C CYS B 454 -44.64 -5.03 2.93
N ASN B 455 -45.67 -5.82 3.50
CA ASN B 455 -47.06 -5.69 3.24
C ASN B 455 -47.29 -6.09 1.81
N GLY B 456 -46.60 -7.19 1.33
CA GLY B 456 -46.78 -7.65 -0.04
C GLY B 456 -45.99 -8.80 -0.51
N VAL B 457 -44.67 -8.71 -0.13
CA VAL B 457 -43.73 -9.83 -0.59
C VAL B 457 -43.29 -10.53 0.73
N GLU B 458 -43.33 -9.76 1.86
CA GLU B 458 -42.97 -10.08 3.28
C GLU B 458 -41.70 -10.83 3.47
N GLY B 459 -40.58 -10.22 2.99
CA GLY B 459 -39.25 -10.65 2.96
C GLY B 459 -38.55 -10.38 4.29
N PHE B 460 -37.25 -10.10 4.09
CA PHE B 460 -36.30 -9.76 5.10
C PHE B 460 -36.78 -8.47 5.86
N ASN B 461 -36.68 -8.45 7.19
CA ASN B 461 -37.11 -7.38 8.13
C ASN B 461 -38.54 -7.08 7.99
N CYS B 462 -39.40 -8.13 7.93
CA CYS B 462 -40.80 -8.09 7.95
C CYS B 462 -41.29 -9.04 8.96
N TYR B 463 -40.75 -8.98 10.17
CA TYR B 463 -41.04 -9.87 11.21
C TYR B 463 -40.79 -8.99 12.44
N PHE B 464 -41.05 -9.70 13.59
CA PHE B 464 -41.11 -9.22 14.95
C PHE B 464 -39.90 -9.79 15.62
N PRO B 465 -38.68 -9.17 15.68
CA PRO B 465 -37.66 -9.87 16.36
C PRO B 465 -37.96 -9.87 17.87
N LEU B 466 -37.61 -10.99 18.63
CA LEU B 466 -37.60 -11.03 20.06
C LEU B 466 -36.54 -12.00 20.40
N GLN B 467 -35.68 -11.70 21.47
CA GLN B 467 -34.54 -12.48 21.73
C GLN B 467 -34.42 -12.61 23.24
N SER B 468 -33.93 -13.81 23.60
CA SER B 468 -33.43 -13.99 25.04
C SER B 468 -32.73 -15.37 25.04
N TYR B 469 -31.39 -15.33 24.94
CA TYR B 469 -30.55 -16.46 24.69
C TYR B 469 -30.19 -17.34 25.92
N GLY B 470 -30.36 -18.73 25.85
CA GLY B 470 -30.03 -19.74 26.86
C GLY B 470 -28.76 -20.40 26.37
N PHE B 471 -28.34 -21.55 26.94
CA PHE B 471 -27.18 -22.33 26.60
C PHE B 471 -27.56 -23.67 27.11
N GLN B 472 -26.82 -24.71 26.56
CA GLN B 472 -27.01 -26.05 27.04
C GLN B 472 -25.58 -26.59 27.04
N PRO B 473 -25.20 -27.66 27.77
CA PRO B 473 -23.89 -28.38 27.86
C PRO B 473 -23.25 -28.86 26.56
N THR B 474 -21.85 -29.10 26.66
CA THR B 474 -20.95 -29.49 25.64
C THR B 474 -21.40 -30.77 25.04
N ASN B 475 -21.31 -30.85 23.66
CA ASN B 475 -21.69 -32.12 23.09
C ASN B 475 -20.79 -32.37 21.87
N GLY B 476 -20.20 -31.27 21.33
CA GLY B 476 -19.49 -31.32 20.10
C GLY B 476 -18.96 -29.98 19.93
N VAL B 477 -18.48 -29.63 18.73
CA VAL B 477 -17.87 -28.39 18.44
C VAL B 477 -18.90 -27.41 18.07
N GLY B 478 -18.97 -26.23 18.71
CA GLY B 478 -19.79 -25.11 18.37
C GLY B 478 -21.13 -25.30 19.07
N TYR B 479 -21.12 -26.25 20.04
CA TYR B 479 -22.24 -26.67 20.94
C TYR B 479 -21.87 -26.44 22.39
N GLN B 480 -20.71 -25.76 22.61
CA GLN B 480 -20.07 -25.67 23.91
C GLN B 480 -20.45 -24.27 24.49
N PRO B 481 -21.01 -24.18 25.75
CA PRO B 481 -21.27 -22.95 26.54
C PRO B 481 -19.99 -22.47 27.14
N TYR B 482 -20.00 -21.19 27.40
CA TYR B 482 -18.91 -20.63 28.15
C TYR B 482 -19.48 -19.61 29.17
N ARG B 483 -18.88 -19.49 30.33
CA ARG B 483 -19.20 -18.52 31.30
C ARG B 483 -18.37 -17.33 30.95
N VAL B 484 -18.94 -16.19 31.00
CA VAL B 484 -18.31 -15.00 30.54
C VAL B 484 -18.23 -14.10 31.77
N VAL B 485 -17.04 -13.57 32.01
CA VAL B 485 -16.81 -12.53 32.94
C VAL B 485 -16.44 -11.34 32.12
N VAL B 486 -16.99 -10.12 32.45
CA VAL B 486 -16.67 -8.93 31.72
C VAL B 486 -16.14 -8.15 32.83
N LEU B 487 -14.98 -7.50 32.75
CA LEU B 487 -14.64 -6.48 33.74
C LEU B 487 -14.77 -5.30 32.85
N SER B 488 -15.62 -4.38 33.31
CA SER B 488 -15.79 -3.14 32.51
C SER B 488 -14.99 -2.11 33.17
N PHE B 489 -14.09 -1.50 32.40
CA PHE B 489 -13.14 -0.62 32.93
C PHE B 489 -13.76 0.66 32.29
N GLU B 490 -14.16 1.42 33.31
CA GLU B 490 -14.75 2.68 33.07
C GLU B 490 -13.83 3.91 33.18
N LEU B 491 -13.67 4.64 32.09
CA LEU B 491 -12.74 5.80 31.98
C LEU B 491 -13.55 7.00 31.81
N LEU B 492 -13.77 7.74 32.90
CA LEU B 492 -14.51 8.94 32.96
C LEU B 492 -13.82 10.10 33.66
N HIS B 493 -14.46 11.33 33.58
CA HIS B 493 -14.08 12.46 34.32
C HIS B 493 -14.24 12.08 35.78
N ALA B 494 -13.59 12.86 36.65
CA ALA B 494 -13.43 12.67 38.09
C ALA B 494 -12.16 11.79 38.29
N PRO B 495 -11.44 11.79 39.39
CA PRO B 495 -10.24 11.03 39.74
C PRO B 495 -10.39 9.55 39.62
N ALA B 496 -9.35 8.79 39.16
CA ALA B 496 -9.34 7.41 39.23
C ALA B 496 -9.29 6.83 40.65
N THR B 497 -10.02 5.74 40.84
CA THR B 497 -10.29 5.22 42.17
C THR B 497 -9.79 3.76 42.21
N VAL B 498 -9.52 3.07 41.06
CA VAL B 498 -9.18 1.65 41.08
C VAL B 498 -7.85 1.60 40.55
N CYS B 499 -6.83 1.14 41.20
CA CYS B 499 -5.53 1.02 40.63
C CYS B 499 -5.00 -0.41 41.01
N GLY B 500 -3.87 -0.77 40.32
CA GLY B 500 -3.24 -2.05 40.63
C GLY B 500 -2.32 -2.04 41.82
N PRO B 501 -1.67 -3.19 42.21
CA PRO B 501 -0.87 -3.21 43.39
C PRO B 501 0.54 -2.76 43.00
N LYS B 502 0.83 -2.41 41.75
CA LYS B 502 2.10 -2.12 41.24
C LYS B 502 2.56 -0.92 41.90
N LYS B 503 3.90 -0.91 42.07
CA LYS B 503 4.65 0.11 42.74
C LYS B 503 4.17 1.53 42.83
N SER B 504 4.26 2.09 44.06
CA SER B 504 3.88 3.42 44.38
C SER B 504 4.92 4.42 43.92
N THR B 505 4.53 5.22 42.92
CA THR B 505 5.29 6.35 42.25
C THR B 505 4.53 7.62 42.38
N ASN B 506 3.65 7.68 43.44
CA ASN B 506 2.75 8.79 43.69
C ASN B 506 3.54 10.05 43.92
N LEU B 507 3.03 11.13 43.21
CA LEU B 507 3.40 12.47 43.22
C LEU B 507 4.80 12.70 42.74
N VAL B 508 5.36 11.74 41.95
CA VAL B 508 6.65 11.95 41.30
C VAL B 508 6.40 12.76 40.03
N LYS B 509 7.01 13.93 39.90
CA LYS B 509 6.68 14.80 38.79
C LYS B 509 7.92 15.46 38.27
N ASN B 510 7.73 16.29 37.16
CA ASN B 510 8.75 17.15 36.63
C ASN B 510 9.95 16.42 36.07
N LYS B 511 9.65 15.22 35.45
CA LYS B 511 10.64 14.51 34.64
C LYS B 511 9.93 13.68 33.74
N CYS B 512 10.71 13.28 32.74
CA CYS B 512 10.13 12.55 31.62
C CYS B 512 9.83 11.16 32.14
N VAL B 513 8.53 10.79 32.11
CA VAL B 513 8.03 9.49 32.59
C VAL B 513 7.00 8.92 31.62
N ASN B 514 6.63 7.64 31.68
CA ASN B 514 5.49 7.03 31.06
C ASN B 514 4.37 7.06 32.11
N PHE B 515 3.20 7.61 31.89
CA PHE B 515 2.23 7.70 32.96
C PHE B 515 1.16 6.68 32.54
N ASN B 516 0.47 6.14 33.61
CA ASN B 516 -0.72 5.30 33.47
C ASN B 516 -1.77 5.86 34.31
N PHE B 517 -2.50 6.88 33.78
CA PHE B 517 -3.45 7.74 34.51
C PHE B 517 -4.78 7.50 33.94
N ASN B 518 -5.66 6.86 34.77
CA ASN B 518 -7.07 6.54 34.46
C ASN B 518 -7.30 5.78 33.15
N GLY B 519 -6.38 4.80 32.91
CA GLY B 519 -6.42 3.85 31.81
C GLY B 519 -5.85 4.48 30.54
N LEU B 520 -5.41 5.77 30.58
CA LEU B 520 -4.90 6.51 29.43
C LEU B 520 -3.40 6.52 29.74
N THR B 521 -2.61 6.40 28.72
CA THR B 521 -1.17 6.38 28.93
C THR B 521 -0.57 7.41 28.04
N GLY B 522 0.80 7.73 28.25
CA GLY B 522 1.49 8.63 27.32
C GLY B 522 2.83 8.93 27.89
N THR B 523 3.65 9.76 27.25
CA THR B 523 4.96 10.04 27.72
C THR B 523 5.10 11.57 27.83
N GLY B 524 5.73 11.90 28.99
CA GLY B 524 5.89 13.29 29.13
C GLY B 524 6.29 13.63 30.52
N VAL B 525 6.23 14.95 30.70
CA VAL B 525 6.55 15.61 31.92
C VAL B 525 5.35 16.16 32.53
N LEU B 526 5.04 15.62 33.75
CA LEU B 526 3.87 15.82 34.50
C LEU B 526 4.07 17.09 35.38
N THR B 527 3.10 18.04 35.29
CA THR B 527 3.08 19.28 36.03
C THR B 527 1.57 19.62 36.23
N GLU B 528 1.23 20.66 37.00
CA GLU B 528 -0.18 21.13 37.21
C GLU B 528 -0.89 21.75 36.01
N SER B 529 -2.24 21.54 35.82
CA SER B 529 -2.87 22.08 34.65
C SER B 529 -2.77 23.58 34.47
N ASN B 530 -2.60 23.99 33.20
CA ASN B 530 -2.45 25.34 32.81
C ASN B 530 -3.61 25.86 32.03
N LYS B 531 -4.84 25.18 32.10
CA LYS B 531 -6.00 25.67 31.32
C LYS B 531 -7.28 25.28 32.15
N LYS B 532 -8.35 26.03 31.73
CA LYS B 532 -9.67 26.01 32.23
C LYS B 532 -10.45 24.82 31.61
N PHE B 533 -11.52 24.33 32.38
CA PHE B 533 -12.20 23.23 32.02
C PHE B 533 -13.71 23.20 32.24
N LEU B 534 -14.37 22.32 31.43
CA LEU B 534 -15.76 22.05 31.68
C LEU B 534 -15.57 20.91 32.66
N PRO B 535 -16.20 20.80 33.80
CA PRO B 535 -16.00 19.67 34.76
C PRO B 535 -16.31 18.33 34.20
N PHE B 536 -17.01 18.19 33.11
CA PHE B 536 -17.43 16.95 32.58
C PHE B 536 -16.35 16.39 31.67
N GLN B 537 -15.34 17.22 31.29
CA GLN B 537 -14.37 16.94 30.33
C GLN B 537 -12.96 17.26 30.91
N GLN B 538 -12.35 16.29 31.48
CA GLN B 538 -11.12 16.47 32.33
C GLN B 538 -10.01 15.58 31.89
N PHE B 539 -10.32 14.59 30.98
CA PHE B 539 -9.35 13.69 30.46
C PHE B 539 -9.24 13.86 28.98
N GLY B 540 -8.09 14.43 28.43
CA GLY B 540 -7.79 14.92 27.09
C GLY B 540 -7.79 13.97 25.93
N ARG B 541 -8.03 14.58 24.77
CA ARG B 541 -7.98 13.93 23.50
C ARG B 541 -7.53 15.08 22.65
N ASP B 542 -6.34 14.89 22.01
CA ASP B 542 -5.79 15.90 21.09
C ASP B 542 -6.18 15.40 19.73
N ILE B 543 -5.74 16.23 18.76
CA ILE B 543 -5.89 16.02 17.35
C ILE B 543 -5.32 14.65 17.04
N ALA B 544 -4.20 14.33 17.74
CA ALA B 544 -3.58 13.00 17.67
C ALA B 544 -4.22 11.92 18.46
N ASP B 545 -5.31 12.21 19.16
CA ASP B 545 -6.18 11.25 19.99
C ASP B 545 -5.43 10.88 21.22
N THR B 546 -4.37 11.57 21.50
CA THR B 546 -3.47 11.47 22.63
C THR B 546 -4.09 12.29 23.76
N THR B 547 -3.53 12.03 25.04
CA THR B 547 -4.03 12.68 26.17
C THR B 547 -3.00 13.50 26.72
N ASP B 548 -3.44 14.71 27.00
CA ASP B 548 -2.60 15.77 27.43
C ASP B 548 -2.93 16.11 28.85
N ALA B 549 -4.17 15.75 29.31
CA ALA B 549 -4.80 16.18 30.49
C ALA B 549 -5.36 15.04 31.17
N VAL B 550 -5.20 14.94 32.55
CA VAL B 550 -5.94 13.94 33.23
C VAL B 550 -6.42 14.54 34.47
N ARG B 551 -7.43 13.97 35.10
CA ARG B 551 -7.75 14.34 36.48
C ARG B 551 -6.93 13.36 37.32
N ASP B 552 -6.18 13.93 38.31
CA ASP B 552 -5.29 13.26 39.21
C ASP B 552 -6.01 12.27 40.12
N PRO B 553 -5.47 11.06 40.34
CA PRO B 553 -6.22 10.12 41.16
C PRO B 553 -6.09 10.36 42.67
N GLN B 554 -5.15 11.25 43.20
CA GLN B 554 -4.88 11.39 44.56
C GLN B 554 -5.37 12.74 44.96
N THR B 555 -5.11 13.76 44.13
CA THR B 555 -5.52 15.09 44.45
C THR B 555 -6.78 15.26 43.65
N LEU B 556 -7.29 16.50 43.71
CA LEU B 556 -8.56 17.06 43.14
C LEU B 556 -8.16 17.87 41.97
N GLU B 557 -6.84 17.83 41.63
CA GLU B 557 -6.32 18.67 40.56
C GLU B 557 -6.34 17.91 39.30
N ILE B 558 -6.22 18.67 38.23
CA ILE B 558 -6.10 18.23 36.89
C ILE B 558 -4.60 18.32 36.63
N LEU B 559 -3.99 17.30 36.01
CA LEU B 559 -2.61 17.17 35.80
C LEU B 559 -2.47 17.22 34.33
N ASP B 560 -1.58 18.12 33.83
CA ASP B 560 -1.34 18.20 32.43
C ASP B 560 0.06 17.58 32.25
N ILE B 561 0.22 16.91 31.11
CA ILE B 561 1.42 16.20 30.72
C ILE B 561 1.95 16.97 29.53
N THR B 562 3.21 17.52 29.72
CA THR B 562 3.86 18.29 28.73
C THR B 562 4.89 17.41 28.06
N PRO B 563 5.03 17.36 26.69
CA PRO B 563 6.02 16.47 26.02
C PRO B 563 7.49 16.69 26.41
N CYS B 564 8.32 15.62 26.39
CA CYS B 564 9.74 15.58 26.64
C CYS B 564 10.64 16.32 25.73
N SER B 565 11.71 16.88 26.29
CA SER B 565 12.69 17.75 25.63
C SER B 565 13.22 17.11 24.35
N PHE B 566 13.36 17.97 23.36
CA PHE B 566 13.72 17.60 22.02
C PHE B 566 14.42 18.73 21.32
N GLY B 567 15.29 18.41 20.35
CA GLY B 567 15.89 19.36 19.42
C GLY B 567 16.61 18.53 18.40
N GLY B 568 16.83 19.01 17.20
CA GLY B 568 17.57 18.39 16.14
C GLY B 568 19.02 18.45 16.42
N VAL B 569 19.79 17.46 15.84
CA VAL B 569 21.20 17.45 16.01
C VAL B 569 21.66 17.64 14.60
N SER B 570 22.50 18.65 14.38
CA SER B 570 23.09 18.94 13.07
C SER B 570 24.53 18.92 13.37
N VAL B 571 25.23 17.95 12.70
CA VAL B 571 26.59 17.60 12.94
C VAL B 571 27.42 18.24 11.94
N ILE B 572 28.45 19.02 12.33
CA ILE B 572 29.42 19.51 11.36
C ILE B 572 30.79 18.95 11.58
N THR B 573 31.34 18.43 10.46
CA THR B 573 32.62 17.75 10.51
C THR B 573 33.44 18.19 9.28
N PRO B 574 34.84 18.38 9.40
CA PRO B 574 35.66 18.52 8.22
C PRO B 574 35.79 17.14 7.64
N GLY B 575 36.62 17.11 6.64
CA GLY B 575 36.99 16.02 5.87
C GLY B 575 38.07 15.15 6.61
N THR B 576 38.52 14.12 5.85
CA THR B 576 39.44 13.17 6.39
C THR B 576 40.85 13.55 5.99
N ASN B 577 41.01 14.82 5.42
CA ASN B 577 42.35 15.29 4.98
C ASN B 577 43.12 15.46 6.30
N THR B 578 42.34 15.75 7.37
CA THR B 578 42.73 16.01 8.69
C THR B 578 41.96 15.08 9.58
N SER B 579 42.11 15.28 10.92
CA SER B 579 41.34 14.62 11.99
C SER B 579 39.92 15.14 11.78
N ASN B 580 39.00 14.41 12.40
CA ASN B 580 37.56 14.60 12.35
C ASN B 580 37.20 15.30 13.62
N GLN B 581 37.06 16.61 13.53
CA GLN B 581 36.54 17.45 14.58
C GLN B 581 35.08 17.61 14.33
N VAL B 582 34.40 17.67 15.47
CA VAL B 582 32.93 17.63 15.50
C VAL B 582 32.52 18.79 16.39
N ALA B 583 31.55 19.54 15.85
CA ALA B 583 30.84 20.55 16.57
C ALA B 583 29.43 20.23 16.26
N VAL B 584 28.57 20.38 17.32
CA VAL B 584 27.28 19.81 17.23
C VAL B 584 26.36 20.93 17.50
N LEU B 585 25.33 21.24 16.62
CA LEU B 585 24.27 22.26 16.88
C LEU B 585 23.06 21.47 17.27
N TYR B 586 22.49 21.91 18.36
CA TYR B 586 21.34 21.37 19.00
C TYR B 586 20.33 22.39 18.79
N GLN B 587 19.22 22.21 18.04
CA GLN B 587 18.15 23.20 17.73
C GLN B 587 17.25 23.45 18.91
N ASP B 588 17.20 24.81 19.16
CA ASP B 588 16.44 25.45 20.10
C ASP B 588 16.51 24.92 21.48
N VAL B 589 17.71 24.93 22.09
CA VAL B 589 17.90 24.50 23.38
C VAL B 589 18.57 25.56 24.29
N ASN B 590 18.43 25.47 25.67
CA ASN B 590 19.08 26.35 26.66
C ASN B 590 20.51 25.90 26.83
N CYS B 591 21.48 26.85 26.59
CA CYS B 591 22.85 26.47 26.56
C CYS B 591 23.38 26.21 27.94
N THR B 592 22.59 26.41 29.04
CA THR B 592 23.08 26.14 30.43
C THR B 592 22.89 24.64 30.67
N GLU B 593 22.19 23.93 29.76
CA GLU B 593 21.94 22.47 29.81
C GLU B 593 22.78 21.98 28.66
N VAL B 594 24.10 21.69 29.01
CA VAL B 594 25.07 21.25 28.00
C VAL B 594 24.82 19.75 27.85
N PRO B 595 24.48 18.91 28.82
CA PRO B 595 24.12 17.51 28.51
C PRO B 595 22.99 17.34 27.46
N VAL B 596 23.04 16.27 26.60
CA VAL B 596 22.10 16.05 25.48
C VAL B 596 20.72 15.71 25.90
N ALA B 597 20.57 14.77 26.89
CA ALA B 597 19.41 14.25 27.42
C ALA B 597 19.56 14.56 28.91
N ILE B 598 18.37 14.92 29.55
CA ILE B 598 18.41 15.27 30.99
C ILE B 598 17.70 14.22 31.70
N HIS B 599 18.40 13.62 32.74
CA HIS B 599 18.01 12.52 33.56
C HIS B 599 17.89 11.23 32.80
N ALA B 600 18.46 11.24 31.58
CA ALA B 600 18.37 10.09 30.70
C ALA B 600 19.52 10.18 29.86
N ASP B 601 19.86 8.94 29.29
CA ASP B 601 20.81 8.68 28.26
C ASP B 601 20.18 8.77 26.91
N GLN B 602 21.03 8.54 25.86
CA GLN B 602 20.66 8.36 24.41
C GLN B 602 21.33 7.13 23.97
N LEU B 603 21.29 6.08 24.81
CA LEU B 603 21.98 4.85 24.74
C LEU B 603 23.42 5.19 24.97
N THR B 604 23.74 6.45 25.41
CA THR B 604 25.15 6.85 25.69
C THR B 604 24.97 7.92 26.79
N PRO B 605 25.90 8.13 27.76
CA PRO B 605 25.95 9.09 28.77
C PRO B 605 25.45 10.54 28.54
N THR B 606 25.01 11.28 29.63
CA THR B 606 24.20 12.48 29.55
C THR B 606 24.69 13.49 28.48
N TRP B 607 26.04 13.69 28.40
CA TRP B 607 26.44 14.41 27.27
C TRP B 607 26.69 13.44 26.08
N ARG B 608 27.87 12.71 26.00
CA ARG B 608 28.19 11.71 25.01
C ARG B 608 29.00 10.54 25.68
N VAL B 609 30.12 10.96 26.28
CA VAL B 609 31.01 10.15 26.99
C VAL B 609 31.24 10.87 28.26
N TYR B 610 30.81 12.11 28.53
CA TYR B 610 31.09 12.82 29.70
C TYR B 610 29.83 13.54 30.20
N SER B 611 29.95 14.69 30.91
CA SER B 611 28.81 15.48 31.31
C SER B 611 28.84 16.90 30.77
N THR B 612 29.95 17.28 30.06
CA THR B 612 30.14 18.65 29.53
C THR B 612 30.91 18.55 28.19
N GLY B 613 30.46 19.26 27.16
CA GLY B 613 31.15 19.29 25.85
C GLY B 613 31.99 20.57 25.82
N SER B 614 31.57 21.59 26.62
CA SER B 614 32.20 22.91 26.69
C SER B 614 32.19 23.68 25.44
N ASN B 615 32.87 24.88 25.43
CA ASN B 615 32.91 25.79 24.25
C ASN B 615 31.51 25.92 23.68
N VAL B 616 30.71 26.61 24.53
CA VAL B 616 29.30 26.70 24.44
C VAL B 616 29.09 28.13 23.84
N PHE B 617 28.41 28.11 22.58
CA PHE B 617 28.11 29.28 21.76
C PHE B 617 26.61 29.25 21.65
N GLN B 618 25.88 30.25 22.18
CA GLN B 618 24.39 30.42 22.06
C GLN B 618 24.16 31.14 20.76
N THR B 619 23.49 30.41 19.78
CA THR B 619 23.29 30.87 18.51
C THR B 619 21.78 31.23 18.27
N ARG B 620 21.47 31.79 17.09
CA ARG B 620 20.17 32.11 16.67
C ARG B 620 19.42 30.93 16.21
N ALA B 621 20.04 29.70 16.18
CA ALA B 621 19.46 28.53 15.67
C ALA B 621 19.40 27.49 16.69
N GLY B 622 19.94 27.84 17.92
CA GLY B 622 20.01 26.83 18.94
C GLY B 622 21.35 26.90 19.64
N CYS B 623 21.85 25.83 20.20
CA CYS B 623 23.10 26.02 20.96
C CYS B 623 24.20 25.20 20.28
N LEU B 624 25.39 25.76 20.04
CA LEU B 624 26.46 25.11 19.30
C LEU B 624 27.46 24.88 20.33
N ILE B 625 27.83 23.56 20.50
CA ILE B 625 28.74 23.07 21.48
C ILE B 625 29.89 22.66 20.70
N GLY B 626 31.05 23.09 21.21
CA GLY B 626 32.34 22.83 20.58
C GLY B 626 32.71 23.98 19.62
N ALA B 627 32.29 25.26 20.01
CA ALA B 627 32.59 26.38 19.12
C ALA B 627 32.47 27.59 19.98
N GLU B 628 33.13 28.61 19.52
CA GLU B 628 33.00 29.93 20.01
C GLU B 628 33.01 30.85 18.79
N HIS B 629 32.40 32.04 18.83
CA HIS B 629 32.33 33.13 17.91
C HIS B 629 33.64 33.82 17.72
N VAL B 630 33.92 34.14 16.43
CA VAL B 630 35.06 34.80 15.96
C VAL B 630 34.51 35.92 15.14
N ASN B 631 35.30 37.03 15.06
CA ASN B 631 35.04 38.30 14.35
C ASN B 631 35.29 38.08 12.92
N ASN B 632 36.23 37.14 12.60
CA ASN B 632 36.74 36.82 11.27
C ASN B 632 35.69 36.05 10.55
N SER B 633 35.53 36.27 9.22
CA SER B 633 34.37 35.67 8.59
C SER B 633 34.83 35.42 7.22
N TYR B 634 34.03 34.56 6.56
CA TYR B 634 34.01 34.18 5.15
C TYR B 634 32.59 34.30 4.71
N GLU B 635 32.38 34.12 3.39
CA GLU B 635 31.09 34.09 2.78
C GLU B 635 30.13 33.07 3.42
N CYS B 636 30.63 31.85 3.57
CA CYS B 636 30.09 30.76 4.27
C CYS B 636 31.06 29.62 3.95
N ASP B 637 30.97 28.43 4.67
CA ASP B 637 31.74 27.24 4.23
C ASP B 637 30.63 26.21 4.44
N ILE B 638 30.42 25.85 5.79
CA ILE B 638 29.38 24.88 6.06
C ILE B 638 28.38 25.79 6.94
N PRO B 639 27.11 25.91 6.49
CA PRO B 639 26.10 26.64 7.21
C PRO B 639 25.83 25.93 8.46
N ILE B 640 25.62 26.72 9.53
CA ILE B 640 25.22 26.24 10.89
C ILE B 640 23.75 26.48 10.97
N GLY B 641 23.33 27.74 10.55
CA GLY B 641 21.92 28.06 10.51
C GLY B 641 21.86 29.44 11.03
N ALA B 642 20.74 30.16 10.63
CA ALA B 642 20.41 31.55 11.00
C ALA B 642 21.46 32.55 10.55
N GLY B 643 22.18 32.30 9.43
CA GLY B 643 23.09 33.24 8.84
C GLY B 643 24.44 33.03 9.49
N ILE B 644 24.54 31.99 10.32
CA ILE B 644 25.76 31.71 11.03
C ILE B 644 26.36 30.51 10.26
N CYS B 645 27.64 30.66 10.05
CA CYS B 645 28.39 29.65 9.33
C CYS B 645 29.56 29.21 10.08
N ALA B 646 30.08 28.04 9.72
CA ALA B 646 31.32 27.56 10.31
C ALA B 646 32.22 27.57 9.21
N SER B 647 33.55 27.56 9.52
CA SER B 647 34.54 27.36 8.48
C SER B 647 35.62 26.41 8.99
N TYR B 648 36.31 25.74 8.02
CA TYR B 648 37.50 24.92 8.28
C TYR B 648 38.33 25.14 7.01
N GLN B 649 39.48 25.68 7.28
CA GLN B 649 40.49 26.17 6.38
C GLN B 649 41.75 25.46 6.77
N THR B 650 41.56 24.13 7.13
CA THR B 650 42.67 23.28 7.47
C THR B 650 43.56 24.01 8.44
N GLN B 651 42.93 24.40 9.55
CA GLN B 651 43.49 25.22 10.62
C GLN B 651 44.02 24.43 11.69
N THR B 652 44.32 23.10 11.43
CA THR B 652 44.87 22.12 12.34
C THR B 652 43.92 22.11 13.56
N ASN B 653 42.61 21.85 13.26
CA ASN B 653 41.52 21.77 14.24
C ASN B 653 41.03 23.08 14.62
N SER B 654 39.69 23.35 14.40
CA SER B 654 39.02 24.65 14.69
C SER B 654 37.56 24.40 15.16
N PRO B 655 36.72 23.64 14.48
CA PRO B 655 35.31 23.53 14.95
C PRO B 655 35.28 22.53 16.08
N ARG B 656 36.00 22.77 17.24
CA ARG B 656 35.94 22.02 18.44
C ARG B 656 36.35 22.93 19.61
N ALA B 657 37.23 23.85 19.29
CA ALA B 657 38.11 24.49 20.21
C ALA B 657 37.42 25.82 20.47
N ALA B 658 38.02 26.62 21.40
CA ALA B 658 37.69 27.96 21.78
C ALA B 658 38.25 28.79 20.72
N ALA B 659 37.71 30.03 20.60
CA ALA B 659 38.07 31.10 19.62
C ALA B 659 39.28 31.90 19.65
N SER B 660 39.73 32.39 18.48
CA SER B 660 40.74 33.38 18.45
C SER B 660 40.38 34.05 17.13
N VAL B 661 40.70 35.32 17.07
CA VAL B 661 40.65 36.17 15.91
C VAL B 661 42.07 36.70 15.54
N ALA B 662 43.09 36.42 16.42
CA ALA B 662 44.40 36.97 16.20
C ALA B 662 45.25 35.90 15.71
N SER B 663 44.69 34.68 15.53
CA SER B 663 45.41 33.46 15.13
C SER B 663 44.29 32.60 14.62
N GLN B 664 44.75 31.47 14.03
CA GLN B 664 43.95 30.37 13.53
C GLN B 664 43.05 29.79 14.64
N SER B 665 41.80 29.58 14.23
CA SER B 665 40.60 29.14 15.00
C SER B 665 39.59 30.08 14.54
N ILE B 666 39.30 30.18 13.22
CA ILE B 666 38.14 30.87 12.72
C ILE B 666 37.12 29.82 12.76
N ILE B 667 36.12 29.94 13.66
CA ILE B 667 35.26 28.81 14.01
C ILE B 667 33.89 29.14 13.40
N ALA B 668 33.15 30.00 14.14
CA ALA B 668 31.78 30.26 13.78
C ALA B 668 31.52 31.76 13.81
N TYR B 669 30.68 32.22 12.86
CA TYR B 669 30.53 33.62 12.66
C TYR B 669 29.31 33.85 11.92
N THR B 670 28.77 35.11 12.01
CA THR B 670 27.79 35.53 11.09
C THR B 670 28.37 35.78 9.78
N MET B 671 27.75 35.23 8.73
CA MET B 671 28.23 35.24 7.37
C MET B 671 28.40 36.64 6.85
N SER B 672 29.47 36.68 5.94
CA SER B 672 29.72 37.88 5.12
C SER B 672 28.75 37.97 3.99
N LEU B 673 28.33 39.19 3.73
CA LEU B 673 27.37 39.45 2.75
C LEU B 673 28.14 40.13 1.65
N GLY B 674 29.51 40.06 1.72
CA GLY B 674 30.39 40.60 0.64
C GLY B 674 30.95 41.97 0.93
N ALA B 675 31.44 42.69 -0.14
CA ALA B 675 32.24 43.94 -0.02
C ALA B 675 31.49 45.07 0.51
N GLU B 676 32.23 45.97 1.24
CA GLU B 676 31.84 47.25 1.90
C GLU B 676 32.23 48.39 0.95
N ASN B 677 32.67 48.04 -0.28
CA ASN B 677 33.09 48.98 -1.26
C ASN B 677 31.86 49.31 -2.06
N SER B 678 31.45 50.60 -1.98
CA SER B 678 30.33 51.23 -2.47
C SER B 678 30.99 52.26 -3.38
N VAL B 679 30.23 52.74 -4.38
CA VAL B 679 30.66 53.72 -5.28
C VAL B 679 29.79 54.99 -5.05
N ALA B 680 30.39 56.22 -5.01
CA ALA B 680 29.79 57.55 -4.85
C ALA B 680 28.88 57.84 -5.99
N TYR B 681 27.73 58.52 -5.74
CA TYR B 681 26.76 58.98 -6.68
C TYR B 681 27.20 60.29 -7.15
N SER B 682 27.24 60.58 -8.50
CA SER B 682 27.61 61.81 -9.19
C SER B 682 26.95 61.76 -10.52
N ASN B 683 26.56 63.00 -11.00
CA ASN B 683 26.03 63.16 -12.35
C ASN B 683 27.10 63.84 -13.22
N ASN B 684 28.38 63.99 -12.91
CA ASN B 684 29.24 64.59 -13.79
C ASN B 684 30.62 63.86 -13.99
N SER B 685 30.72 62.62 -13.58
CA SER B 685 31.94 61.76 -13.59
C SER B 685 31.57 60.36 -14.03
N ILE B 686 32.31 59.84 -14.96
CA ILE B 686 32.02 58.56 -15.60
C ILE B 686 33.30 57.75 -15.49
N ALA B 687 33.19 56.44 -15.17
CA ALA B 687 34.37 55.59 -15.13
C ALA B 687 34.53 54.99 -16.52
N ILE B 688 35.73 55.17 -17.27
CA ILE B 688 35.84 54.61 -18.56
C ILE B 688 36.92 53.58 -18.54
N PRO B 689 36.76 52.31 -19.12
CA PRO B 689 37.79 51.27 -19.07
C PRO B 689 39.07 51.86 -19.73
N THR B 690 40.25 51.54 -19.16
CA THR B 690 41.54 51.74 -19.67
C THR B 690 42.26 50.45 -20.02
N ASN B 691 41.68 49.35 -19.44
CA ASN B 691 42.10 48.03 -19.76
C ASN B 691 41.01 47.03 -19.53
N PHE B 692 41.19 45.86 -20.19
CA PHE B 692 40.22 44.74 -20.21
C PHE B 692 40.97 43.46 -20.32
N THR B 693 40.23 42.35 -19.92
CA THR B 693 40.78 41.00 -20.05
C THR B 693 39.71 40.20 -20.82
N ILE B 694 40.24 39.44 -21.81
CA ILE B 694 39.45 38.45 -22.53
C ILE B 694 39.72 37.15 -21.89
N SER B 695 38.71 36.70 -21.20
CA SER B 695 38.90 35.57 -20.36
C SER B 695 37.89 34.50 -20.76
N VAL B 696 38.20 33.26 -20.38
CA VAL B 696 37.41 32.09 -20.70
C VAL B 696 37.11 31.51 -19.33
N THR B 697 35.80 31.16 -19.15
CA THR B 697 35.29 30.47 -17.96
C THR B 697 34.70 29.23 -18.41
N THR B 698 34.53 28.27 -17.48
CA THR B 698 34.07 26.95 -17.68
C THR B 698 32.77 26.73 -16.87
N GLU B 699 31.76 26.10 -17.58
CA GLU B 699 30.49 25.67 -17.05
C GLU B 699 30.39 24.21 -17.24
N ILE B 700 30.08 23.45 -16.21
CA ILE B 700 29.85 22.05 -16.21
C ILE B 700 28.35 21.89 -16.10
N LEU B 701 27.72 21.42 -17.17
CA LEU B 701 26.27 21.43 -17.28
C LEU B 701 25.77 20.10 -17.73
N PRO B 702 25.28 19.16 -16.85
CA PRO B 702 24.75 17.87 -17.23
C PRO B 702 23.66 17.85 -18.29
N VAL B 703 23.75 16.79 -19.16
CA VAL B 703 22.88 16.66 -20.34
C VAL B 703 22.13 15.41 -20.13
N SER B 704 22.78 14.33 -19.67
CA SER B 704 22.16 13.00 -19.79
C SER B 704 22.56 12.28 -18.52
N MET B 705 21.86 11.12 -18.29
CA MET B 705 22.34 10.19 -17.20
C MET B 705 22.33 8.85 -17.76
N THR B 706 22.85 7.95 -16.95
CA THR B 706 22.97 6.52 -17.18
C THR B 706 21.59 5.89 -17.44
N LYS B 707 21.40 5.12 -18.52
CA LYS B 707 20.17 4.55 -18.96
C LYS B 707 19.91 3.24 -18.24
N THR B 708 19.47 3.37 -16.97
CA THR B 708 19.15 2.13 -16.22
C THR B 708 17.82 1.52 -16.47
N SER B 709 17.63 0.24 -16.08
CA SER B 709 16.34 -0.41 -16.08
C SER B 709 16.51 -1.48 -15.07
N VAL B 710 15.34 -1.66 -14.35
CA VAL B 710 15.11 -2.62 -13.31
C VAL B 710 13.86 -3.17 -13.80
N ASP B 711 13.80 -4.55 -13.80
CA ASP B 711 12.62 -5.26 -14.05
C ASP B 711 11.95 -5.47 -12.64
N CYS B 712 10.78 -4.91 -12.48
CA CYS B 712 9.95 -4.97 -11.33
C CYS B 712 9.66 -6.38 -10.99
N THR B 713 9.25 -7.25 -11.88
CA THR B 713 8.89 -8.62 -11.49
C THR B 713 10.04 -9.38 -10.87
N MET B 714 11.21 -9.25 -11.51
CA MET B 714 12.47 -9.79 -11.03
C MET B 714 12.94 -9.35 -9.69
N TYR B 715 12.79 -8.03 -9.43
CA TYR B 715 13.15 -7.40 -8.19
C TYR B 715 12.33 -8.05 -7.09
N ILE B 716 10.95 -8.15 -7.30
CA ILE B 716 10.01 -8.58 -6.30
C ILE B 716 9.93 -10.05 -6.13
N CYS B 717 9.60 -10.78 -7.21
CA CYS B 717 9.24 -12.19 -7.07
C CYS B 717 10.27 -13.09 -7.71
N GLY B 718 11.02 -12.61 -8.77
CA GLY B 718 11.93 -13.51 -9.46
C GLY B 718 11.15 -14.57 -10.13
N ASP B 719 11.41 -15.87 -9.81
CA ASP B 719 10.72 -16.96 -10.51
C ASP B 719 9.64 -17.53 -9.59
N SER B 720 9.35 -16.84 -8.45
CA SER B 720 8.36 -17.20 -7.44
C SER B 720 7.00 -17.12 -8.15
N THR B 721 6.31 -18.29 -8.26
CA THR B 721 5.05 -18.51 -9.02
C THR B 721 3.91 -17.80 -8.35
N GLU B 722 3.70 -18.09 -7.04
CA GLU B 722 2.62 -17.57 -6.26
C GLU B 722 2.71 -16.13 -6.18
N CYS B 723 3.90 -15.60 -5.99
CA CYS B 723 4.15 -14.19 -5.95
C CYS B 723 3.83 -13.51 -7.25
N SER B 724 4.33 -14.06 -8.38
CA SER B 724 4.05 -13.55 -9.71
C SER B 724 2.55 -13.50 -10.03
N ASN B 725 1.87 -14.47 -9.62
CA ASN B 725 0.46 -14.39 -9.77
C ASN B 725 -0.24 -13.31 -8.84
N LEU B 726 0.14 -13.31 -7.62
CA LEU B 726 -0.45 -12.34 -6.66
C LEU B 726 -0.15 -10.94 -6.97
N LEU B 727 1.03 -10.70 -7.52
CA LEU B 727 1.62 -9.46 -7.98
C LEU B 727 0.65 -8.75 -8.95
N LEU B 728 -0.21 -9.54 -9.72
CA LEU B 728 -1.16 -9.10 -10.70
C LEU B 728 -2.31 -8.40 -10.16
N GLN B 729 -2.67 -8.75 -8.86
CA GLN B 729 -3.81 -8.38 -8.12
C GLN B 729 -3.65 -7.04 -7.59
N TYR B 730 -2.46 -6.48 -7.82
CA TYR B 730 -2.02 -5.13 -7.42
C TYR B 730 -2.05 -4.28 -8.68
N GLY B 731 -2.50 -4.85 -9.80
CA GLY B 731 -2.71 -4.19 -11.06
C GLY B 731 -1.42 -3.87 -11.76
N SER B 732 -1.46 -2.75 -12.46
CA SER B 732 -0.56 -2.18 -13.39
C SER B 732 0.66 -1.48 -12.73
N PHE B 733 0.90 -1.49 -11.41
CA PHE B 733 1.98 -0.90 -10.66
C PHE B 733 3.32 -1.31 -11.28
N CYS B 734 3.53 -2.65 -11.48
CA CYS B 734 4.79 -3.06 -12.13
C CYS B 734 4.94 -2.60 -13.57
N THR B 735 3.83 -2.66 -14.34
CA THR B 735 3.78 -2.14 -15.71
C THR B 735 4.15 -0.63 -15.78
N GLN B 736 3.60 0.24 -14.88
CA GLN B 736 4.01 1.67 -14.77
C GLN B 736 5.47 1.90 -14.31
N LEU B 737 5.98 1.06 -13.31
CA LEU B 737 7.33 1.14 -12.91
C LEU B 737 8.34 0.82 -13.96
N ASN B 738 8.10 -0.22 -14.73
CA ASN B 738 8.92 -0.62 -15.87
C ASN B 738 8.96 0.34 -17.03
N ARG B 739 7.75 0.88 -17.47
CA ARG B 739 7.61 1.86 -18.52
C ARG B 739 8.26 3.16 -18.19
N ALA B 740 8.15 3.55 -16.89
CA ALA B 740 8.81 4.76 -16.45
C ALA B 740 10.29 4.70 -16.62
N LEU B 741 10.94 3.65 -16.16
CA LEU B 741 12.40 3.52 -16.33
C LEU B 741 12.83 3.46 -17.80
N THR B 742 12.05 2.75 -18.68
CA THR B 742 12.23 2.68 -20.12
C THR B 742 12.14 4.04 -20.78
N GLY B 743 11.13 4.89 -20.49
CA GLY B 743 11.02 6.18 -20.94
C GLY B 743 12.09 7.11 -20.53
N ILE B 744 12.54 7.01 -19.23
CA ILE B 744 13.56 7.83 -18.79
C ILE B 744 14.80 7.59 -19.64
N ALA B 745 15.11 6.25 -19.85
CA ALA B 745 16.22 5.71 -20.63
C ALA B 745 16.16 6.29 -22.08
N VAL B 746 14.98 6.25 -22.70
CA VAL B 746 14.81 6.82 -24.05
C VAL B 746 15.09 8.32 -24.16
N GLU B 747 14.65 9.18 -23.22
CA GLU B 747 14.79 10.59 -23.02
C GLU B 747 16.22 10.94 -22.92
N GLN B 748 17.10 10.05 -22.41
CA GLN B 748 18.49 10.37 -22.26
C GLN B 748 19.13 10.59 -23.60
N ASP B 749 18.73 9.83 -24.62
CA ASP B 749 19.16 9.93 -25.98
C ASP B 749 18.59 11.16 -26.65
N LYS B 750 17.30 11.49 -26.38
CA LYS B 750 16.81 12.73 -26.81
C LYS B 750 17.48 13.96 -26.29
N ASN B 751 17.72 14.04 -25.01
CA ASN B 751 18.47 15.13 -24.35
C ASN B 751 19.86 15.25 -24.98
N THR B 752 20.57 14.13 -25.18
CA THR B 752 21.84 14.14 -25.79
C THR B 752 21.94 14.71 -27.16
N GLN B 753 21.02 14.26 -28.08
CA GLN B 753 20.88 14.73 -29.44
C GLN B 753 20.42 16.08 -29.49
N GLU B 754 19.49 16.61 -28.66
CA GLU B 754 19.05 17.99 -28.72
C GLU B 754 20.15 18.95 -28.45
N VAL B 755 21.17 18.52 -27.61
CA VAL B 755 22.31 19.32 -27.30
C VAL B 755 23.41 19.23 -28.22
N PHE B 756 23.87 17.99 -28.58
CA PHE B 756 25.08 17.89 -29.30
C PHE B 756 24.93 17.82 -30.76
N ALA B 757 23.74 17.27 -31.19
CA ALA B 757 23.60 16.86 -32.56
C ALA B 757 22.86 17.89 -33.28
N GLN B 758 22.95 19.19 -32.83
CA GLN B 758 22.28 20.35 -33.43
C GLN B 758 22.82 20.70 -34.83
N VAL B 759 24.16 20.35 -35.00
CA VAL B 759 24.91 20.55 -36.27
C VAL B 759 24.95 19.21 -36.91
N LYS B 760 24.49 19.10 -38.21
CA LYS B 760 24.37 17.89 -39.05
C LYS B 760 25.46 17.77 -40.03
N GLN B 761 26.40 18.74 -40.01
CA GLN B 761 27.59 18.82 -40.87
C GLN B 761 28.77 18.68 -40.00
N ILE B 762 29.58 17.62 -40.38
CA ILE B 762 30.75 17.35 -39.54
C ILE B 762 31.87 18.03 -40.21
N TYR B 763 32.45 18.96 -39.43
CA TYR B 763 33.53 19.83 -39.86
C TYR B 763 34.70 19.25 -39.22
N LYS B 764 35.82 19.30 -39.95
CA LYS B 764 37.14 18.98 -39.35
C LYS B 764 37.79 20.34 -39.21
N THR B 765 38.71 20.36 -38.24
CA THR B 765 39.58 21.45 -37.84
C THR B 765 40.64 21.72 -38.91
N PRO B 766 41.09 22.98 -39.15
CA PRO B 766 42.13 23.23 -40.13
C PRO B 766 43.56 22.82 -39.65
N PRO B 767 44.45 22.50 -40.58
CA PRO B 767 45.81 22.23 -40.20
C PRO B 767 46.50 23.59 -39.96
N ILE B 768 45.81 24.65 -40.44
CA ILE B 768 46.39 25.99 -40.37
C ILE B 768 46.12 26.67 -38.98
N LYS B 769 47.17 27.19 -38.29
CA LYS B 769 47.04 27.80 -36.90
C LYS B 769 47.12 29.29 -36.93
N ASP B 770 46.95 29.90 -38.12
CA ASP B 770 47.08 31.35 -38.38
C ASP B 770 45.74 31.94 -37.80
N PHE B 771 45.60 31.99 -36.48
CA PHE B 771 44.45 32.50 -35.79
C PHE B 771 44.81 33.80 -35.22
N GLY B 772 46.06 34.24 -35.30
CA GLY B 772 46.38 35.55 -34.75
C GLY B 772 47.10 35.24 -33.48
N GLY B 773 47.61 34.02 -33.39
CA GLY B 773 48.41 33.67 -32.19
C GLY B 773 47.60 33.05 -31.14
N PHE B 774 46.48 32.39 -31.45
CA PHE B 774 45.62 31.77 -30.45
C PHE B 774 45.90 30.31 -30.56
N ASN B 775 46.30 29.76 -29.37
CA ASN B 775 46.80 28.46 -29.21
C ASN B 775 45.59 27.57 -29.15
N PHE B 776 45.02 27.32 -30.35
CA PHE B 776 43.92 26.35 -30.59
C PHE B 776 44.52 25.06 -30.93
N SER B 777 44.96 24.34 -29.85
CA SER B 777 45.60 23.04 -29.78
C SER B 777 45.15 22.49 -28.48
N GLN B 778 44.42 23.27 -27.70
CA GLN B 778 44.10 22.99 -26.37
C GLN B 778 42.69 22.51 -26.30
N ILE B 779 41.80 23.01 -27.19
CA ILE B 779 40.39 22.73 -27.13
C ILE B 779 40.04 21.85 -28.33
N LEU B 780 41.05 21.60 -29.21
CA LEU B 780 40.87 20.84 -30.42
C LEU B 780 41.44 19.51 -30.21
N PRO B 781 40.94 18.46 -30.93
CA PRO B 781 41.26 17.07 -30.86
C PRO B 781 42.71 16.97 -30.96
N ASP B 782 43.26 16.05 -30.10
CA ASP B 782 44.64 15.69 -30.03
C ASP B 782 44.74 14.25 -30.55
N PRO B 783 45.23 14.04 -31.74
CA PRO B 783 45.15 12.71 -32.38
C PRO B 783 46.25 11.94 -31.72
N SER B 784 46.18 11.74 -30.36
CA SER B 784 47.14 10.91 -29.72
C SER B 784 46.53 10.43 -28.49
N LYS B 785 45.32 10.99 -28.18
CA LYS B 785 44.47 10.72 -27.05
C LYS B 785 43.39 9.84 -27.81
N PRO B 786 42.64 9.01 -27.20
CA PRO B 786 41.60 8.19 -27.81
C PRO B 786 40.55 9.09 -28.27
N SER B 787 39.99 8.65 -29.46
CA SER B 787 38.91 9.34 -30.18
C SER B 787 39.19 10.84 -30.45
N LYS B 788 38.23 11.63 -30.94
CA LYS B 788 38.36 12.96 -31.32
C LYS B 788 38.15 13.82 -30.07
N ARG B 789 39.16 13.69 -29.10
CA ARG B 789 39.13 14.34 -27.80
C ARG B 789 40.31 15.21 -27.80
N SER B 790 40.08 16.43 -27.31
CA SER B 790 41.10 17.47 -27.00
C SER B 790 41.76 17.09 -25.71
N PRO B 791 42.97 17.63 -25.37
CA PRO B 791 43.65 17.52 -24.10
C PRO B 791 42.78 17.80 -22.99
N ILE B 792 41.83 18.77 -23.16
CA ILE B 792 40.88 19.07 -22.11
C ILE B 792 39.86 17.91 -21.90
N GLU B 793 39.29 17.43 -23.07
CA GLU B 793 38.34 16.37 -23.20
C GLU B 793 38.88 15.13 -22.55
N ASP B 794 40.15 14.83 -22.77
CA ASP B 794 40.89 13.74 -22.12
C ASP B 794 40.79 13.83 -20.59
N LEU B 795 41.03 15.01 -20.00
CA LEU B 795 40.90 15.19 -18.61
C LEU B 795 39.46 15.08 -18.25
N LEU B 796 38.48 15.60 -19.07
CA LEU B 796 37.03 15.55 -18.77
C LEU B 796 36.38 14.22 -18.64
N PHE B 797 36.94 13.26 -19.38
CA PHE B 797 36.51 11.86 -19.23
C PHE B 797 37.27 11.14 -18.18
N ASN B 798 38.70 11.34 -18.18
CA ASN B 798 39.48 10.57 -17.28
C ASN B 798 39.17 11.01 -15.80
N LYS B 799 38.69 12.27 -15.62
CA LYS B 799 38.50 12.68 -14.23
C LYS B 799 37.11 12.52 -13.60
N VAL B 800 36.26 11.76 -14.35
CA VAL B 800 34.95 11.43 -13.90
C VAL B 800 35.04 9.91 -13.71
N THR B 801 34.74 9.30 -12.48
CA THR B 801 34.84 7.92 -12.17
C THR B 801 33.45 7.14 -12.28
N LEU B 802 33.36 6.14 -13.22
CA LEU B 802 32.19 5.43 -13.58
C LEU B 802 32.39 4.03 -13.03
N ALA B 803 31.60 3.52 -12.16
CA ALA B 803 31.61 2.26 -11.54
C ALA B 803 30.16 1.91 -11.22
N ASP B 804 29.16 2.53 -12.01
CA ASP B 804 27.77 2.37 -11.96
C ASP B 804 27.43 1.43 -13.12
N ALA B 805 26.15 1.48 -13.51
CA ALA B 805 25.60 0.61 -14.47
C ALA B 805 26.36 0.48 -15.82
N GLY B 806 26.54 -0.81 -16.16
CA GLY B 806 27.14 -1.37 -17.26
C GLY B 806 28.61 -1.64 -17.16
N PHE B 807 29.22 -1.12 -16.00
CA PHE B 807 30.60 -1.28 -15.66
C PHE B 807 30.62 -2.33 -14.68
N ILE B 808 29.52 -2.86 -14.16
CA ILE B 808 29.56 -4.00 -13.32
C ILE B 808 28.69 -4.94 -14.10
N LYS B 809 29.23 -6.17 -14.44
CA LYS B 809 28.61 -7.17 -15.20
C LYS B 809 28.39 -8.37 -14.34
N GLN B 810 29.33 -8.69 -13.38
CA GLN B 810 29.33 -9.84 -12.49
C GLN B 810 29.48 -9.29 -11.10
N TYR B 811 29.01 -10.08 -10.06
CA TYR B 811 29.02 -9.67 -8.74
C TYR B 811 29.12 -10.96 -7.87
N GLY B 812 29.81 -10.82 -6.71
CA GLY B 812 29.91 -11.88 -5.71
C GLY B 812 31.01 -12.93 -5.97
N ASP B 813 31.98 -12.48 -6.77
CA ASP B 813 33.13 -13.29 -7.16
C ASP B 813 32.72 -14.50 -7.87
N CYS B 814 31.75 -14.33 -8.78
CA CYS B 814 31.22 -15.32 -9.72
C CYS B 814 32.24 -15.42 -10.88
N LEU B 815 32.31 -16.64 -11.52
CA LEU B 815 33.19 -16.77 -12.68
C LEU B 815 32.64 -16.22 -13.95
N GLY B 816 33.54 -15.69 -14.89
CA GLY B 816 33.12 -15.27 -16.18
C GLY B 816 33.70 -13.94 -16.37
N ASP B 817 33.70 -13.55 -17.67
CA ASP B 817 34.22 -12.34 -18.10
C ASP B 817 33.52 -11.16 -17.50
N ILE B 818 34.34 -10.12 -17.20
CA ILE B 818 33.85 -8.94 -16.72
C ILE B 818 34.29 -7.87 -17.72
N ALA B 819 34.45 -8.31 -19.05
CA ALA B 819 34.98 -7.40 -20.14
C ALA B 819 34.23 -7.59 -21.45
N ALA B 820 34.38 -6.58 -22.38
CA ALA B 820 33.81 -6.49 -23.75
C ALA B 820 32.34 -6.72 -23.73
N ARG B 821 31.82 -7.71 -24.60
CA ARG B 821 30.41 -8.07 -24.69
C ARG B 821 30.50 -9.55 -24.64
N ASP B 822 31.48 -10.15 -23.95
CA ASP B 822 31.64 -11.58 -24.11
C ASP B 822 30.78 -12.38 -23.10
N LEU B 823 30.10 -11.70 -22.11
CA LEU B 823 29.29 -12.31 -21.06
C LEU B 823 28.32 -11.27 -20.66
N ILE B 824 27.08 -11.82 -20.33
CA ILE B 824 25.85 -11.13 -19.99
C ILE B 824 25.98 -10.27 -18.78
N CYS B 825 25.58 -8.92 -18.86
CA CYS B 825 25.59 -7.97 -17.77
C CYS B 825 24.36 -8.38 -17.03
N ALA B 826 24.61 -8.58 -15.70
CA ALA B 826 23.66 -8.91 -14.71
C ALA B 826 24.12 -8.26 -13.47
N GLN B 827 24.00 -6.92 -13.43
CA GLN B 827 24.88 -6.10 -12.58
C GLN B 827 25.14 -6.66 -11.19
N LYS B 828 24.08 -7.00 -10.38
CA LYS B 828 24.24 -7.57 -9.09
C LYS B 828 23.22 -8.72 -9.12
N PHE B 829 22.86 -9.27 -10.29
CA PHE B 829 21.91 -10.35 -10.46
C PHE B 829 20.50 -10.08 -9.82
N ASN B 830 20.12 -8.79 -9.67
CA ASN B 830 18.94 -8.35 -9.02
C ASN B 830 18.00 -7.69 -9.97
N GLY B 831 18.01 -8.10 -11.30
CA GLY B 831 17.12 -7.68 -12.34
C GLY B 831 17.53 -6.32 -12.81
N LEU B 832 18.89 -5.97 -12.52
CA LEU B 832 19.45 -4.69 -12.91
C LEU B 832 20.17 -4.88 -14.23
N THR B 833 19.74 -4.11 -15.24
CA THR B 833 20.37 -4.19 -16.64
C THR B 833 20.67 -2.72 -16.96
N VAL B 834 21.39 -2.55 -18.17
CA VAL B 834 21.74 -1.30 -18.66
C VAL B 834 21.44 -1.26 -20.12
N LEU B 835 20.95 -0.06 -20.58
CA LEU B 835 20.71 0.22 -21.97
C LEU B 835 21.87 1.15 -22.46
N PRO B 836 22.44 0.76 -23.65
CA PRO B 836 23.61 1.45 -24.31
C PRO B 836 23.05 2.75 -24.84
N PRO B 837 23.74 3.80 -24.89
CA PRO B 837 23.30 5.02 -25.61
C PRO B 837 23.28 4.81 -27.05
N LEU B 838 22.44 5.64 -27.74
CA LEU B 838 22.41 5.60 -29.24
C LEU B 838 23.51 6.56 -29.64
N LEU B 839 23.44 7.83 -29.12
CA LEU B 839 24.49 8.68 -29.58
C LEU B 839 25.56 8.51 -28.51
N THR B 840 26.69 7.83 -28.87
CA THR B 840 27.73 7.38 -28.00
C THR B 840 28.64 8.51 -27.63
N ASP B 841 29.46 8.37 -26.55
CA ASP B 841 30.44 9.33 -26.02
C ASP B 841 31.34 9.69 -27.09
N GLU B 842 31.86 8.77 -27.98
CA GLU B 842 32.65 9.11 -29.09
C GLU B 842 31.95 9.97 -30.20
N MET B 843 30.67 9.71 -30.55
CA MET B 843 29.90 10.37 -31.50
C MET B 843 29.61 11.76 -31.09
N ILE B 844 29.42 11.91 -29.77
CA ILE B 844 29.28 13.17 -29.10
C ILE B 844 30.56 14.07 -29.24
N ALA B 845 31.74 13.43 -29.04
CA ALA B 845 33.01 14.07 -29.30
C ALA B 845 33.19 14.50 -30.73
N GLN B 846 32.71 13.70 -31.72
CA GLN B 846 32.74 14.07 -33.13
C GLN B 846 31.86 15.24 -33.48
N TYR B 847 30.64 15.24 -32.90
CA TYR B 847 29.84 16.39 -33.00
C TYR B 847 30.43 17.63 -32.39
N THR B 848 31.09 17.49 -31.18
CA THR B 848 31.88 18.56 -30.59
C THR B 848 32.96 19.09 -31.41
N SER B 849 33.75 18.23 -32.09
CA SER B 849 34.78 18.58 -32.98
C SER B 849 34.31 19.44 -34.14
N ALA B 850 33.14 19.05 -34.67
CA ALA B 850 32.44 19.79 -35.76
C ALA B 850 32.05 21.22 -35.44
N LEU B 851 31.54 21.41 -34.19
CA LEU B 851 31.19 22.57 -33.55
C LEU B 851 32.39 23.40 -33.26
N LEU B 852 33.45 22.73 -32.78
CA LEU B 852 34.68 23.49 -32.50
C LEU B 852 35.16 24.13 -33.83
N ALA B 853 35.37 23.27 -34.88
CA ALA B 853 35.83 23.65 -36.23
C ALA B 853 34.91 24.68 -36.91
N GLY B 854 33.56 24.62 -36.74
CA GLY B 854 32.55 25.54 -37.26
C GLY B 854 32.92 26.94 -36.74
N THR B 855 32.97 27.09 -35.36
CA THR B 855 33.07 28.41 -34.68
C THR B 855 34.33 29.09 -35.12
N ILE B 856 35.39 28.30 -35.40
CA ILE B 856 36.70 28.63 -35.82
C ILE B 856 36.81 28.98 -37.33
N THR B 857 36.15 28.23 -38.22
CA THR B 857 36.26 28.47 -39.65
C THR B 857 35.21 29.24 -40.33
N SER B 858 34.03 29.28 -39.72
CA SER B 858 32.88 29.84 -40.26
C SER B 858 32.16 30.66 -39.24
N GLY B 859 32.66 30.97 -38.03
CA GLY B 859 31.89 31.68 -37.01
C GLY B 859 30.65 30.86 -36.65
N TRP B 860 29.54 31.57 -36.40
CA TRP B 860 28.29 31.03 -35.99
C TRP B 860 27.57 30.68 -37.22
N THR B 861 28.05 31.12 -38.43
CA THR B 861 27.34 31.08 -39.67
C THR B 861 27.62 29.80 -40.34
N PHE B 862 27.15 28.74 -39.66
CA PHE B 862 27.07 27.39 -40.12
C PHE B 862 25.93 26.81 -39.36
N GLY B 863 25.38 27.58 -38.37
CA GLY B 863 24.35 27.00 -37.51
C GLY B 863 23.10 26.92 -38.20
N ALA B 864 22.99 27.63 -39.40
CA ALA B 864 21.76 27.63 -40.20
C ALA B 864 22.17 27.97 -41.58
N GLY B 865 21.68 27.17 -42.56
CA GLY B 865 22.08 27.50 -43.94
C GLY B 865 23.51 27.07 -44.32
N PRO B 866 23.96 27.25 -45.53
CA PRO B 866 25.37 26.86 -45.96
C PRO B 866 26.34 27.71 -45.17
N ALA B 867 27.54 27.15 -44.74
CA ALA B 867 28.66 27.80 -44.04
C ALA B 867 29.39 28.85 -44.92
N LEU B 868 29.62 29.90 -44.17
CA LEU B 868 30.30 30.94 -44.75
C LEU B 868 31.69 30.83 -44.27
N GLN B 869 32.64 31.16 -45.18
CA GLN B 869 34.06 31.31 -44.75
C GLN B 869 34.18 32.65 -44.07
N ILE B 870 34.85 32.69 -42.91
CA ILE B 870 35.36 33.92 -42.23
C ILE B 870 36.48 33.50 -41.33
N PRO B 871 37.69 34.11 -41.45
CA PRO B 871 38.80 33.76 -40.59
C PRO B 871 38.60 34.32 -39.21
N PHE B 872 39.40 33.73 -38.26
CA PHE B 872 39.27 34.01 -36.87
C PHE B 872 39.49 35.54 -36.50
N PRO B 873 40.53 36.25 -36.95
CA PRO B 873 40.55 37.72 -36.74
C PRO B 873 39.40 38.51 -37.07
N MET B 874 38.66 38.13 -38.16
CA MET B 874 37.50 38.80 -38.56
C MET B 874 36.27 38.46 -37.80
N GLN B 875 36.18 37.14 -37.36
CA GLN B 875 35.13 36.65 -36.37
C GLN B 875 35.25 37.47 -35.06
N MET B 876 36.47 37.75 -34.50
CA MET B 876 36.59 38.65 -33.40
C MET B 876 36.17 40.06 -33.63
N ALA B 877 36.53 40.63 -34.83
CA ALA B 877 36.11 41.98 -35.18
C ALA B 877 34.60 42.18 -35.08
N TYR B 878 33.78 41.16 -35.52
CA TYR B 878 32.34 41.16 -35.33
C TYR B 878 31.86 40.82 -33.91
N ARG B 879 32.51 39.85 -33.16
CA ARG B 879 32.17 39.52 -31.80
C ARG B 879 32.33 40.71 -30.87
N PHE B 880 33.39 41.53 -31.03
CA PHE B 880 33.70 42.76 -30.41
C PHE B 880 32.84 43.93 -30.82
N ASN B 881 32.58 44.17 -32.15
CA ASN B 881 31.66 45.19 -32.66
C ASN B 881 30.28 45.11 -32.09
N GLY B 882 29.87 43.82 -31.81
CA GLY B 882 28.65 43.42 -31.20
C GLY B 882 28.46 43.66 -29.72
N ILE B 883 29.55 44.11 -28.99
CA ILE B 883 29.44 44.46 -27.56
C ILE B 883 29.79 45.91 -27.40
N GLY B 884 30.32 46.44 -28.54
CA GLY B 884 30.50 47.84 -28.69
C GLY B 884 32.00 48.17 -28.48
N VAL B 885 32.93 47.27 -28.96
CA VAL B 885 34.38 47.52 -28.93
C VAL B 885 34.70 47.38 -30.29
N THR B 886 35.50 48.44 -30.70
CA THR B 886 35.79 48.57 -32.11
C THR B 886 36.82 47.57 -32.54
N GLN B 887 36.92 47.38 -33.88
CA GLN B 887 37.91 46.61 -34.53
C GLN B 887 39.36 47.02 -34.33
N ASN B 888 39.61 48.38 -34.22
CA ASN B 888 40.86 48.95 -33.96
C ASN B 888 41.44 48.49 -32.65
N VAL B 889 40.59 48.57 -31.59
CA VAL B 889 40.97 48.07 -30.25
C VAL B 889 41.34 46.58 -30.22
N LEU B 890 40.55 45.78 -30.95
CA LEU B 890 40.88 44.37 -31.12
C LEU B 890 42.28 44.27 -31.62
N TYR B 891 42.58 44.99 -32.71
CA TYR B 891 43.89 44.81 -33.28
C TYR B 891 45.04 45.36 -32.49
N GLU B 892 44.80 46.54 -31.86
CA GLU B 892 45.74 47.31 -31.06
C GLU B 892 46.24 46.39 -29.93
N ASN B 893 45.29 45.56 -29.42
CA ASN B 893 45.55 44.64 -28.35
C ASN B 893 45.67 43.24 -28.80
N GLN B 894 45.94 43.00 -30.12
CA GLN B 894 45.98 41.63 -30.68
C GLN B 894 46.74 40.57 -29.90
N LYS B 895 48.01 40.93 -29.59
CA LYS B 895 48.97 40.16 -28.85
C LYS B 895 48.52 39.92 -27.33
N LEU B 896 47.94 40.98 -26.75
CA LEU B 896 47.44 40.88 -25.39
C LEU B 896 46.32 39.93 -25.28
N ILE B 897 45.27 40.03 -26.15
CA ILE B 897 44.09 39.25 -26.14
C ILE B 897 44.47 37.79 -26.34
N ALA B 898 45.35 37.46 -27.30
CA ALA B 898 45.83 36.20 -27.56
C ALA B 898 46.48 35.53 -26.37
N ASN B 899 47.32 36.23 -25.63
CA ASN B 899 47.98 35.76 -24.45
C ASN B 899 46.97 35.49 -23.31
N GLN B 900 45.98 36.42 -23.19
CA GLN B 900 44.95 36.33 -22.14
C GLN B 900 44.08 35.05 -22.30
N PHE B 901 43.65 34.81 -23.55
CA PHE B 901 42.83 33.74 -24.05
C PHE B 901 43.52 32.45 -23.79
N ASN B 902 44.83 32.41 -24.30
CA ASN B 902 45.69 31.20 -24.24
C ASN B 902 45.90 30.73 -22.84
N SER B 903 46.12 31.72 -21.91
CA SER B 903 46.26 31.56 -20.48
C SER B 903 45.01 31.08 -19.82
N ALA B 904 43.85 31.67 -20.23
CA ALA B 904 42.65 31.20 -19.62
C ALA B 904 42.33 29.71 -19.86
N ILE B 905 42.51 29.29 -21.08
CA ILE B 905 42.33 27.99 -21.61
C ILE B 905 43.35 27.10 -20.89
N GLY B 906 44.65 27.52 -20.68
CA GLY B 906 45.69 26.85 -19.97
C GLY B 906 45.24 26.43 -18.58
N LYS B 907 44.77 27.50 -17.81
CA LYS B 907 44.28 27.41 -16.44
C LYS B 907 43.10 26.49 -16.35
N ILE B 908 42.18 26.50 -17.33
CA ILE B 908 41.09 25.59 -17.34
C ILE B 908 41.49 24.15 -17.44
N GLN B 909 42.41 23.78 -18.42
CA GLN B 909 42.90 22.52 -18.66
C GLN B 909 43.56 21.96 -17.47
N ASP B 910 44.46 22.82 -16.94
CA ASP B 910 45.19 22.62 -15.71
C ASP B 910 44.35 22.46 -14.43
N SER B 911 43.23 23.16 -14.21
CA SER B 911 42.37 22.92 -13.13
C SER B 911 41.73 21.53 -13.08
N LEU B 912 41.32 20.98 -14.19
CA LEU B 912 40.71 19.70 -14.34
C LEU B 912 41.63 18.57 -13.92
N SER B 913 42.94 18.79 -14.33
CA SER B 913 44.12 18.00 -14.02
C SER B 913 44.45 18.09 -12.62
N SER B 914 44.45 19.31 -12.01
CA SER B 914 44.84 19.49 -10.61
C SER B 914 43.94 18.78 -9.62
N THR B 915 42.60 18.81 -9.78
CA THR B 915 41.66 18.22 -8.95
C THR B 915 40.53 17.79 -9.89
N PRO B 916 39.90 16.60 -9.73
CA PRO B 916 38.71 16.13 -10.41
C PRO B 916 37.50 16.78 -10.01
N SER B 917 37.60 17.47 -8.81
CA SER B 917 36.37 18.04 -8.17
C SER B 917 35.56 19.06 -8.96
N ALA B 918 36.13 19.74 -9.94
CA ALA B 918 35.55 20.74 -10.84
C ALA B 918 34.38 20.16 -11.63
N LEU B 919 34.44 18.84 -11.78
CA LEU B 919 33.47 18.11 -12.61
C LEU B 919 32.45 17.44 -11.61
N GLY B 920 32.35 17.87 -10.39
CA GLY B 920 31.43 17.32 -9.41
C GLY B 920 30.03 17.15 -9.80
N LYS B 921 29.62 18.14 -10.65
CA LYS B 921 28.28 18.25 -11.15
C LYS B 921 27.97 17.07 -12.02
N LEU B 922 29.02 16.42 -12.63
CA LEU B 922 28.88 15.22 -13.48
C LEU B 922 29.00 13.92 -12.62
N GLN B 923 29.96 13.95 -11.67
CA GLN B 923 30.25 12.88 -10.78
C GLN B 923 29.00 12.60 -9.87
N ASP B 924 28.27 13.64 -9.46
CA ASP B 924 27.05 13.69 -8.72
C ASP B 924 25.92 12.89 -9.43
N VAL B 925 25.81 12.90 -10.79
CA VAL B 925 24.85 12.12 -11.65
C VAL B 925 25.19 10.61 -11.50
N VAL B 926 26.50 10.24 -11.53
CA VAL B 926 27.09 8.88 -11.45
C VAL B 926 26.83 8.42 -10.05
N ASN B 927 27.15 9.25 -9.07
CA ASN B 927 27.13 8.96 -7.68
C ASN B 927 25.67 8.59 -7.28
N GLN B 928 24.72 9.51 -7.58
CA GLN B 928 23.35 9.32 -7.29
C GLN B 928 22.75 8.17 -8.05
N ASN B 929 23.15 7.91 -9.34
CA ASN B 929 22.70 6.74 -9.99
C ASN B 929 23.21 5.48 -9.26
N ALA B 930 24.54 5.27 -8.89
CA ALA B 930 25.11 4.19 -8.20
C ALA B 930 24.50 4.03 -6.85
N GLN B 931 24.25 5.13 -6.03
CA GLN B 931 23.62 5.14 -4.79
C GLN B 931 22.17 4.71 -4.80
N ALA B 932 21.37 5.11 -5.81
CA ALA B 932 20.05 4.60 -6.10
C ALA B 932 19.98 3.09 -6.50
N LEU B 933 20.90 2.59 -7.36
CA LEU B 933 20.99 1.24 -7.70
C LEU B 933 21.37 0.30 -6.51
N ASN B 934 22.37 0.73 -5.76
CA ASN B 934 22.88 0.12 -4.58
C ASN B 934 21.88 0.23 -3.55
N THR B 935 21.14 1.32 -3.21
CA THR B 935 20.15 1.30 -2.20
C THR B 935 19.00 0.41 -2.45
N LEU B 936 18.52 0.32 -3.70
CA LEU B 936 17.44 -0.49 -4.17
C LEU B 936 17.65 -1.96 -3.85
N VAL B 937 18.87 -2.44 -4.16
CA VAL B 937 19.38 -3.76 -3.95
C VAL B 937 19.45 -3.99 -2.45
N LYS B 938 20.04 -2.98 -1.70
CA LYS B 938 20.13 -3.14 -0.25
C LYS B 938 18.73 -3.31 0.40
N GLN B 939 17.73 -2.60 -0.16
CA GLN B 939 16.37 -2.78 0.31
C GLN B 939 15.76 -4.23 0.20
N LEU B 940 16.38 -5.12 -0.63
CA LEU B 940 15.95 -6.52 -0.79
C LEU B 940 16.00 -7.25 0.51
N SER B 941 16.82 -6.72 1.49
CA SER B 941 16.87 -7.35 2.79
C SER B 941 15.74 -6.98 3.75
N SER B 942 14.88 -6.05 3.36
CA SER B 942 13.77 -5.61 4.11
C SER B 942 12.75 -6.72 4.10
N ASN B 943 11.98 -6.85 5.25
CA ASN B 943 10.97 -7.83 5.49
C ASN B 943 9.58 -7.29 5.40
N PHE B 944 9.40 -5.98 5.82
CA PHE B 944 8.22 -5.21 5.91
C PHE B 944 7.28 -5.99 6.75
N GLY B 945 7.69 -6.65 7.83
CA GLY B 945 6.78 -7.33 8.76
C GLY B 945 6.72 -8.77 8.42
N ALA B 946 7.48 -9.23 7.45
CA ALA B 946 7.58 -10.59 6.93
C ALA B 946 8.61 -11.30 7.82
N ILE B 947 8.70 -12.60 7.78
CA ILE B 947 9.78 -13.41 8.42
C ILE B 947 10.76 -13.98 7.47
N SER B 948 10.76 -13.58 6.16
CA SER B 948 11.73 -14.01 5.20
C SER B 948 11.75 -12.91 4.17
N SER B 949 12.91 -12.62 3.50
CA SER B 949 12.99 -11.51 2.60
C SER B 949 12.97 -12.11 1.26
N VAL B 950 12.93 -13.46 1.03
CA VAL B 950 13.14 -14.15 -0.22
C VAL B 950 11.80 -14.71 -0.57
N LEU B 951 11.25 -14.35 -1.74
CA LEU B 951 9.94 -14.77 -2.19
C LEU B 951 9.88 -16.24 -2.59
N ASN B 952 10.99 -16.69 -3.10
CA ASN B 952 11.30 -18.11 -3.43
C ASN B 952 11.29 -19.04 -2.27
N ASP B 953 11.78 -18.67 -1.06
CA ASP B 953 11.79 -19.39 0.17
C ASP B 953 10.45 -19.32 0.81
N ILE B 954 9.72 -18.14 0.80
CA ILE B 954 8.40 -18.03 1.35
C ILE B 954 7.48 -19.01 0.61
N LEU B 955 7.51 -18.98 -0.75
CA LEU B 955 6.73 -19.92 -1.55
C LEU B 955 6.98 -21.35 -1.21
N SER B 956 8.30 -21.76 -1.13
CA SER B 956 8.79 -23.06 -0.92
C SER B 956 8.69 -23.61 0.50
N ARG B 957 8.91 -22.74 1.52
CA ARG B 957 9.05 -23.18 2.82
C ARG B 957 7.70 -23.11 3.50
N LEU B 958 6.88 -22.03 3.23
CA LEU B 958 5.72 -21.76 4.12
C LEU B 958 4.51 -22.25 3.32
N ASP B 959 3.58 -22.85 4.03
CA ASP B 959 2.27 -23.28 3.52
C ASP B 959 1.43 -22.06 3.24
N PRO B 960 0.70 -22.01 2.16
CA PRO B 960 -0.08 -20.87 1.78
C PRO B 960 -0.89 -20.03 2.81
N PRO B 961 -1.50 -20.53 3.90
CA PRO B 961 -2.18 -19.68 4.88
C PRO B 961 -1.35 -18.57 5.48
N GLU B 962 -0.05 -18.79 5.41
CA GLU B 962 0.96 -17.85 5.87
C GLU B 962 1.72 -17.27 4.72
N ALA B 963 2.12 -18.09 3.73
CA ALA B 963 2.99 -17.78 2.59
C ALA B 963 2.40 -16.69 1.78
N GLU B 964 1.06 -16.74 1.39
CA GLU B 964 0.48 -15.72 0.49
C GLU B 964 0.53 -14.35 1.19
N VAL B 965 0.29 -14.38 2.54
CA VAL B 965 0.28 -13.19 3.34
C VAL B 965 1.71 -12.59 3.41
N GLN B 966 2.73 -13.53 3.62
CA GLN B 966 4.10 -13.10 3.70
C GLN B 966 4.57 -12.46 2.48
N ILE B 967 4.11 -12.95 1.32
CA ILE B 967 4.36 -12.50 -0.05
C ILE B 967 3.76 -11.14 -0.24
N ASP B 968 2.46 -10.92 0.17
CA ASP B 968 1.72 -9.70 0.10
C ASP B 968 2.46 -8.61 0.84
N ARG B 969 3.03 -9.00 2.07
CA ARG B 969 3.74 -8.05 2.88
C ARG B 969 4.89 -7.51 2.04
N LEU B 970 5.65 -8.46 1.35
CA LEU B 970 6.82 -8.05 0.61
C LEU B 970 6.51 -7.29 -0.65
N ILE B 971 5.50 -7.63 -1.41
CA ILE B 971 5.07 -7.00 -2.61
C ILE B 971 4.71 -5.56 -2.39
N THR B 972 3.92 -5.31 -1.31
CA THR B 972 3.54 -3.93 -0.91
C THR B 972 4.76 -3.09 -0.66
N GLY B 973 5.64 -3.57 0.13
CA GLY B 973 6.93 -2.99 0.47
C GLY B 973 7.96 -2.76 -0.57
N ARG B 974 8.12 -3.77 -1.41
CA ARG B 974 9.00 -3.76 -2.56
C ARG B 974 8.51 -2.87 -3.69
N LEU B 975 7.19 -2.83 -3.99
CA LEU B 975 6.65 -1.95 -4.97
C LEU B 975 6.94 -0.54 -4.62
N GLN B 976 6.75 -0.25 -3.31
CA GLN B 976 7.07 1.04 -2.69
C GLN B 976 8.55 1.44 -2.82
N SER B 977 9.46 0.49 -2.58
CA SER B 977 10.92 0.68 -2.73
C SER B 977 11.25 1.01 -4.20
N LEU B 978 10.62 0.32 -5.15
CA LEU B 978 10.75 0.57 -6.56
C LEU B 978 10.21 1.90 -6.95
N GLN B 979 9.06 2.22 -6.40
CA GLN B 979 8.55 3.57 -6.64
C GLN B 979 9.41 4.71 -6.21
N THR B 980 10.11 4.58 -5.05
CA THR B 980 11.09 5.53 -4.53
C THR B 980 12.26 5.52 -5.56
N TYR B 981 12.80 4.37 -6.01
CA TYR B 981 13.91 4.30 -6.97
C TYR B 981 13.59 5.02 -8.25
N VAL B 982 12.50 4.64 -8.85
CA VAL B 982 12.04 5.11 -10.16
C VAL B 982 11.80 6.63 -10.05
N THR B 983 11.16 7.06 -8.95
CA THR B 983 10.92 8.52 -8.68
C THR B 983 12.20 9.23 -8.62
N GLN B 984 13.22 8.64 -7.86
CA GLN B 984 14.53 9.25 -7.81
C GLN B 984 15.28 9.34 -9.11
N GLN B 985 15.18 8.28 -9.97
CA GLN B 985 15.75 8.28 -11.30
C GLN B 985 15.03 9.29 -12.12
N LEU B 986 13.72 9.46 -11.95
CA LEU B 986 12.91 10.44 -12.69
C LEU B 986 13.32 11.84 -12.39
N ILE B 987 13.46 12.13 -11.10
CA ILE B 987 13.93 13.40 -10.58
C ILE B 987 15.32 13.69 -11.03
N ARG B 988 16.31 12.82 -10.93
CA ARG B 988 17.63 12.95 -11.41
C ARG B 988 17.57 13.33 -12.89
N ALA B 989 16.84 12.53 -13.71
CA ALA B 989 16.61 12.74 -15.09
C ALA B 989 15.92 14.05 -15.40
N ALA B 990 14.91 14.54 -14.57
CA ALA B 990 14.18 15.81 -14.71
C ALA B 990 15.03 17.07 -14.50
N GLU B 991 15.88 17.08 -13.47
CA GLU B 991 16.86 18.13 -13.11
C GLU B 991 17.86 18.25 -14.19
N ILE B 992 18.28 17.06 -14.69
CA ILE B 992 19.16 17.01 -15.87
C ILE B 992 18.57 17.39 -17.05
N ARG B 993 17.31 16.94 -17.32
CA ARG B 993 16.62 17.37 -18.47
C ARG B 993 16.51 18.84 -18.58
N ALA B 994 16.18 19.56 -17.42
CA ALA B 994 16.10 21.00 -17.41
C ALA B 994 17.36 21.55 -17.81
N SER B 995 18.46 21.02 -17.32
CA SER B 995 19.85 21.41 -17.69
C SER B 995 20.22 21.14 -19.09
N ALA B 996 19.78 19.99 -19.66
CA ALA B 996 20.02 19.54 -21.01
C ALA B 996 19.32 20.50 -21.93
N ASN B 997 18.07 20.91 -21.62
CA ASN B 997 17.32 21.88 -22.39
C ASN B 997 17.95 23.25 -22.42
N LEU B 998 18.49 23.61 -21.24
CA LEU B 998 19.29 24.80 -21.05
C LEU B 998 20.54 24.67 -21.94
N ALA B 999 21.19 23.46 -21.88
CA ALA B 999 22.38 23.12 -22.59
C ALA B 999 22.09 23.28 -24.08
N ALA B 1000 20.91 22.81 -24.56
CA ALA B 1000 20.45 22.84 -25.90
C ALA B 1000 20.27 24.24 -26.34
N THR B 1001 19.67 25.03 -25.45
CA THR B 1001 19.45 26.44 -25.60
C THR B 1001 20.78 27.24 -25.74
N LYS B 1002 21.75 27.05 -24.81
CA LYS B 1002 23.06 27.64 -24.74
C LYS B 1002 23.90 27.19 -25.93
N MET B 1003 23.82 25.91 -26.39
CA MET B 1003 24.50 25.47 -27.59
C MET B 1003 24.15 26.31 -28.77
N SER B 1004 22.81 26.53 -28.92
CA SER B 1004 22.29 27.43 -29.95
C SER B 1004 22.63 28.91 -29.74
N GLU B 1005 22.49 29.43 -28.51
CA GLU B 1005 22.65 30.79 -28.11
C GLU B 1005 24.17 31.16 -27.81
N CYS B 1006 25.05 30.20 -27.55
CA CYS B 1006 26.44 30.43 -27.15
C CYS B 1006 27.51 29.90 -28.09
N VAL B 1007 27.23 28.76 -28.82
CA VAL B 1007 28.18 28.15 -29.72
C VAL B 1007 27.87 28.46 -31.14
N LEU B 1008 26.59 28.29 -31.44
CA LEU B 1008 26.06 28.53 -32.74
C LEU B 1008 25.58 30.02 -32.77
N GLY B 1009 26.07 30.83 -31.81
CA GLY B 1009 25.69 32.19 -31.82
C GLY B 1009 26.34 32.93 -30.70
N GLN B 1010 25.87 34.20 -30.60
CA GLN B 1010 26.28 35.11 -29.62
C GLN B 1010 25.11 35.64 -28.85
N SER B 1011 25.03 35.38 -27.52
CA SER B 1011 24.00 35.77 -26.60
C SER B 1011 24.05 37.27 -26.40
N LYS B 1012 22.88 37.91 -26.28
CA LYS B 1012 22.89 39.33 -25.96
C LYS B 1012 22.21 39.37 -24.59
N ARG B 1013 22.04 38.18 -23.98
CA ARG B 1013 21.37 38.06 -22.72
C ARG B 1013 22.38 38.30 -21.61
N VAL B 1014 22.10 39.14 -20.48
CA VAL B 1014 23.04 39.48 -19.51
C VAL B 1014 23.45 38.23 -18.78
N ASP B 1015 24.75 37.94 -18.78
CA ASP B 1015 25.44 36.85 -18.14
C ASP B 1015 24.81 35.48 -18.39
N PHE B 1016 24.25 35.21 -19.58
CA PHE B 1016 23.66 33.93 -19.86
C PHE B 1016 24.77 32.88 -20.20
N CYS B 1017 25.69 33.35 -21.14
CA CYS B 1017 26.75 32.52 -21.57
C CYS B 1017 27.98 33.09 -20.94
N GLY B 1018 28.35 32.67 -19.69
CA GLY B 1018 29.46 33.18 -18.90
C GLY B 1018 29.16 34.54 -18.30
N LYS B 1019 30.08 35.08 -17.49
CA LYS B 1019 30.03 36.38 -16.87
C LYS B 1019 30.73 37.40 -17.77
N GLY B 1020 30.05 38.51 -18.03
CA GLY B 1020 30.65 39.57 -18.84
C GLY B 1020 29.96 39.61 -20.17
N TYR B 1021 30.60 40.36 -21.15
CA TYR B 1021 29.98 40.53 -22.45
C TYR B 1021 30.41 39.40 -23.44
N HIS B 1022 29.46 38.45 -23.71
CA HIS B 1022 29.75 37.23 -24.44
C HIS B 1022 30.31 37.51 -25.85
N LEU B 1023 31.44 36.84 -26.22
CA LEU B 1023 31.98 36.94 -27.48
C LEU B 1023 31.70 35.62 -28.18
N MET B 1024 32.02 34.38 -27.59
CA MET B 1024 31.79 33.08 -28.21
C MET B 1024 32.06 31.99 -27.09
N SER B 1025 31.46 30.77 -27.31
CA SER B 1025 31.72 29.56 -26.49
C SER B 1025 32.05 28.46 -27.34
N PHE B 1026 33.01 27.68 -26.77
CA PHE B 1026 33.46 26.51 -27.46
C PHE B 1026 32.96 25.35 -26.66
N PRO B 1027 32.31 24.34 -27.23
CA PRO B 1027 31.86 23.20 -26.44
C PRO B 1027 33.01 22.31 -26.18
N GLN B 1028 32.94 21.45 -25.09
CA GLN B 1028 33.81 20.31 -24.91
C GLN B 1028 32.86 19.24 -24.47
N SER B 1029 33.15 17.97 -24.82
CA SER B 1029 32.39 16.81 -24.37
C SER B 1029 32.92 16.28 -23.01
N ALA B 1030 32.05 15.63 -22.23
CA ALA B 1030 32.33 15.00 -20.91
C ALA B 1030 31.32 13.99 -20.65
N PRO B 1031 31.58 12.92 -19.75
CA PRO B 1031 30.54 11.98 -19.43
C PRO B 1031 29.37 12.72 -18.84
N HIS B 1032 28.15 12.33 -19.36
CA HIS B 1032 26.83 12.73 -18.90
C HIS B 1032 26.53 14.18 -19.06
N GLY B 1033 27.40 14.96 -19.80
CA GLY B 1033 27.18 16.32 -19.96
C GLY B 1033 28.01 16.92 -20.98
N VAL B 1034 27.91 18.30 -21.00
CA VAL B 1034 28.56 19.23 -21.88
C VAL B 1034 29.28 20.24 -21.07
N VAL B 1035 30.43 20.68 -21.55
CA VAL B 1035 31.20 21.64 -20.84
C VAL B 1035 31.23 22.75 -21.78
N PHE B 1036 30.96 24.00 -21.34
CA PHE B 1036 31.10 25.10 -22.28
C PHE B 1036 32.38 25.87 -21.83
N LEU B 1037 33.12 26.34 -22.85
CA LEU B 1037 34.20 27.28 -22.57
C LEU B 1037 33.80 28.72 -23.04
N HIS B 1038 33.38 29.48 -22.06
CA HIS B 1038 32.74 30.77 -22.40
C HIS B 1038 33.72 31.88 -22.52
N VAL B 1039 33.93 32.57 -23.67
CA VAL B 1039 34.97 33.60 -23.92
C VAL B 1039 34.05 34.87 -23.85
N THR B 1040 34.36 35.69 -22.88
CA THR B 1040 33.55 36.86 -22.56
C THR B 1040 34.56 37.88 -22.46
N TYR B 1041 34.13 39.19 -22.68
CA TYR B 1041 34.86 40.39 -22.59
C TYR B 1041 34.46 40.89 -21.15
N VAL B 1042 35.47 41.06 -20.25
CA VAL B 1042 35.27 41.48 -18.88
C VAL B 1042 36.20 42.69 -18.75
N PRO B 1043 35.75 43.86 -18.28
CA PRO B 1043 36.72 44.96 -18.05
C PRO B 1043 37.72 44.81 -16.91
N ALA B 1044 38.90 45.49 -16.97
CA ALA B 1044 39.88 45.28 -15.90
C ALA B 1044 40.17 46.50 -15.11
N GLN B 1045 40.27 47.67 -15.79
CA GLN B 1045 40.71 48.84 -15.11
C GLN B 1045 39.99 50.00 -15.73
N GLU B 1046 39.43 50.91 -14.93
CA GLU B 1046 38.71 52.02 -15.32
C GLU B 1046 39.36 53.16 -14.67
N LYS B 1047 39.19 54.37 -15.32
CA LYS B 1047 39.66 55.68 -14.74
C LYS B 1047 38.50 56.67 -14.74
N ASN B 1048 38.25 57.54 -13.77
CA ASN B 1048 37.17 58.47 -13.79
C ASN B 1048 37.50 59.73 -14.56
N PHE B 1049 36.57 60.24 -15.39
CA PHE B 1049 36.75 61.45 -16.13
C PHE B 1049 35.57 62.38 -16.01
N THR B 1050 35.79 63.76 -16.04
CA THR B 1050 34.71 64.70 -16.28
C THR B 1050 34.15 64.56 -17.68
N THR B 1051 32.78 64.46 -17.76
CA THR B 1051 32.06 64.07 -18.95
C THR B 1051 30.85 65.02 -18.99
N ALA B 1052 30.22 65.15 -20.26
CA ALA B 1052 29.01 65.89 -20.40
C ALA B 1052 28.24 65.06 -21.49
N PRO B 1053 26.93 65.01 -21.37
CA PRO B 1053 26.14 64.21 -22.33
C PRO B 1053 26.14 64.99 -23.63
N ALA B 1054 26.39 66.33 -23.61
CA ALA B 1054 26.23 67.14 -24.76
C ALA B 1054 27.14 68.38 -24.54
N ILE B 1055 27.55 68.95 -25.69
CA ILE B 1055 28.28 70.16 -25.72
C ILE B 1055 27.37 71.03 -26.53
N CYS B 1056 27.10 72.25 -26.02
CA CYS B 1056 26.27 73.16 -26.74
C CYS B 1056 27.21 74.20 -27.30
N HIS B 1057 27.17 74.38 -28.67
CA HIS B 1057 28.09 75.15 -29.45
C HIS B 1057 28.09 76.59 -29.03
N ASP B 1058 26.91 77.14 -29.18
CA ASP B 1058 26.49 78.44 -28.75
C ASP B 1058 24.94 78.50 -28.83
N GLY B 1059 24.30 77.34 -29.05
CA GLY B 1059 22.87 77.39 -29.29
C GLY B 1059 22.29 76.09 -29.65
N LYS B 1060 22.86 75.37 -30.62
CA LYS B 1060 22.48 73.96 -30.93
C LYS B 1060 23.22 73.04 -30.03
N ALA B 1061 22.51 72.00 -29.54
CA ALA B 1061 23.18 71.06 -28.69
C ALA B 1061 23.76 70.00 -29.58
N HIS B 1062 25.05 69.67 -29.37
CA HIS B 1062 25.73 68.62 -30.20
C HIS B 1062 25.86 67.49 -29.19
N PHE B 1063 25.41 66.31 -29.64
CA PHE B 1063 25.46 65.07 -28.86
C PHE B 1063 26.58 64.27 -29.55
N PRO B 1064 27.26 63.36 -28.91
CA PRO B 1064 28.21 62.57 -29.62
C PRO B 1064 27.61 61.42 -30.40
N ARG B 1065 28.29 60.99 -31.44
CA ARG B 1065 27.96 59.81 -32.15
C ARG B 1065 28.66 58.62 -31.61
N GLU B 1066 29.48 58.82 -30.62
CA GLU B 1066 30.18 57.73 -30.01
C GLU B 1066 30.39 58.06 -28.59
N GLY B 1067 29.90 57.23 -27.69
CA GLY B 1067 30.07 57.31 -26.23
C GLY B 1067 29.61 58.63 -25.68
N VAL B 1068 30.52 59.31 -24.96
CA VAL B 1068 30.27 60.54 -24.24
C VAL B 1068 31.45 61.42 -24.58
N PHE B 1069 31.19 62.74 -24.30
CA PHE B 1069 32.19 63.80 -24.40
C PHE B 1069 32.81 63.79 -23.05
N VAL B 1070 34.17 63.93 -23.18
CA VAL B 1070 34.96 64.04 -22.00
C VAL B 1070 35.96 65.20 -22.01
N SER B 1071 36.30 65.58 -20.80
CA SER B 1071 37.21 66.63 -20.61
C SER B 1071 38.42 65.99 -20.05
N ASN B 1072 39.63 66.51 -20.43
CA ASN B 1072 40.91 66.03 -19.81
C ASN B 1072 41.36 67.03 -18.85
N GLY B 1073 40.42 67.87 -18.47
CA GLY B 1073 40.42 68.93 -17.50
C GLY B 1073 40.52 70.23 -18.28
N THR B 1074 40.94 70.14 -19.55
CA THR B 1074 41.09 71.28 -20.42
C THR B 1074 40.23 71.01 -21.65
N HIS B 1075 40.81 70.20 -22.61
CA HIS B 1075 40.27 69.86 -23.83
C HIS B 1075 39.14 68.84 -23.80
N TRP B 1076 38.14 68.97 -24.70
CA TRP B 1076 37.02 68.08 -24.79
C TRP B 1076 37.38 67.16 -25.95
N PHE B 1077 36.98 65.88 -25.76
CA PHE B 1077 37.17 64.82 -26.70
C PHE B 1077 35.97 64.05 -26.69
N VAL B 1078 35.84 63.23 -27.70
CA VAL B 1078 34.79 62.20 -27.77
C VAL B 1078 35.58 60.92 -27.44
N THR B 1079 34.92 60.01 -26.58
CA THR B 1079 35.49 58.75 -26.35
C THR B 1079 34.32 57.77 -26.19
N GLN B 1080 34.51 56.47 -26.60
CA GLN B 1080 33.56 55.43 -26.29
C GLN B 1080 33.71 55.20 -24.81
N ARG B 1081 32.65 54.65 -24.21
CA ARG B 1081 32.53 54.27 -22.80
C ARG B 1081 33.10 52.85 -22.44
N ASN B 1082 33.59 52.08 -23.46
CA ASN B 1082 34.03 50.70 -23.29
C ASN B 1082 35.50 50.73 -23.41
N PHE B 1083 36.15 51.88 -23.78
CA PHE B 1083 37.58 51.96 -23.92
C PHE B 1083 37.80 53.46 -24.06
N TYR B 1084 38.96 53.96 -23.62
CA TYR B 1084 39.26 55.35 -23.70
C TYR B 1084 40.12 55.47 -24.89
N GLU B 1085 39.69 56.24 -25.87
CA GLU B 1085 40.23 56.58 -27.18
C GLU B 1085 39.69 57.99 -27.39
N PRO B 1086 40.38 59.06 -26.99
CA PRO B 1086 39.85 60.37 -27.15
C PRO B 1086 39.91 60.73 -28.55
N GLN B 1087 39.05 61.57 -29.14
CA GLN B 1087 39.20 62.12 -30.47
C GLN B 1087 38.65 63.46 -30.41
N ILE B 1088 39.12 64.35 -31.38
CA ILE B 1088 38.71 65.73 -31.41
C ILE B 1088 37.23 65.91 -31.51
N ILE B 1089 36.69 67.06 -30.92
CA ILE B 1089 35.30 67.55 -31.01
C ILE B 1089 34.97 68.14 -32.35
N THR B 1090 34.22 67.46 -33.22
CA THR B 1090 34.02 67.93 -34.54
C THR B 1090 32.65 67.49 -34.95
N THR B 1091 32.02 68.28 -35.90
CA THR B 1091 30.68 68.09 -36.32
C THR B 1091 30.48 66.68 -36.86
N ASP B 1092 31.56 66.07 -37.41
CA ASP B 1092 31.81 64.86 -38.12
C ASP B 1092 31.45 63.65 -37.27
N ASN B 1093 31.58 63.81 -35.90
CA ASN B 1093 31.39 62.79 -34.92
C ASN B 1093 30.46 63.19 -33.80
N THR B 1094 29.65 64.14 -34.09
CA THR B 1094 28.57 64.64 -33.19
C THR B 1094 27.35 64.70 -33.98
N PHE B 1095 26.14 64.95 -33.40
CA PHE B 1095 24.97 65.28 -34.16
C PHE B 1095 24.13 66.28 -33.39
N VAL B 1096 23.22 67.05 -34.06
CA VAL B 1096 22.32 68.18 -33.56
C VAL B 1096 21.00 67.61 -33.27
N SER B 1097 20.62 68.03 -32.03
CA SER B 1097 19.23 67.78 -31.63
C SER B 1097 19.03 68.90 -30.66
N GLY B 1098 17.72 69.34 -30.41
CA GLY B 1098 17.40 70.43 -29.53
C GLY B 1098 17.98 71.85 -29.74
N ASN B 1099 18.44 72.47 -28.62
CA ASN B 1099 19.10 73.78 -28.43
C ASN B 1099 19.61 73.72 -27.04
N CYS B 1100 20.36 74.75 -26.49
CA CYS B 1100 20.98 74.70 -25.16
C CYS B 1100 19.98 74.57 -24.00
N ASP B 1101 18.72 75.06 -24.27
CA ASP B 1101 17.79 75.30 -23.15
C ASP B 1101 16.89 74.08 -22.98
N VAL B 1102 17.12 73.01 -23.87
CA VAL B 1102 16.20 71.90 -23.76
C VAL B 1102 17.00 70.64 -23.55
N VAL B 1103 18.35 70.85 -23.27
CA VAL B 1103 19.22 69.72 -23.01
C VAL B 1103 19.92 69.89 -21.69
N ILE B 1104 19.96 68.81 -20.86
CA ILE B 1104 20.49 68.88 -19.47
C ILE B 1104 21.87 68.32 -19.41
N GLY B 1105 22.74 69.17 -18.73
CA GLY B 1105 24.09 68.89 -18.37
C GLY B 1105 25.05 69.37 -19.42
N ILE B 1106 24.66 70.23 -20.37
CA ILE B 1106 25.41 70.79 -21.44
C ILE B 1106 26.51 71.55 -20.77
N VAL B 1107 27.63 71.63 -21.53
CA VAL B 1107 28.75 72.47 -21.32
C VAL B 1107 28.93 73.36 -22.56
N ASN B 1108 29.60 74.50 -22.37
CA ASN B 1108 29.80 75.47 -23.46
C ASN B 1108 31.15 75.25 -24.10
N ASN B 1109 31.19 74.86 -25.39
CA ASN B 1109 32.45 74.65 -26.05
C ASN B 1109 31.97 74.52 -27.48
N THR B 1110 32.81 75.13 -28.36
CA THR B 1110 32.55 75.17 -29.75
C THR B 1110 32.86 73.79 -30.24
N VAL B 1111 32.33 73.40 -31.43
CA VAL B 1111 32.50 72.15 -32.16
C VAL B 1111 33.13 72.60 -33.47
N TYR B 1112 34.18 71.86 -33.81
CA TYR B 1112 34.97 72.14 -35.05
C TYR B 1112 34.24 71.66 -36.27
N ASP B 1113 34.07 72.52 -37.25
CA ASP B 1113 33.36 72.13 -38.43
C ASP B 1113 34.39 72.19 -39.51
N PRO B 1114 34.90 71.06 -40.00
CA PRO B 1114 35.98 71.07 -41.03
C PRO B 1114 35.46 71.53 -42.30
N LEU B 1115 34.11 71.57 -42.49
CA LEU B 1115 33.54 71.91 -43.80
C LEU B 1115 33.74 73.42 -44.13
N GLN B 1116 33.36 74.32 -43.12
CA GLN B 1116 33.44 75.78 -43.29
C GLN B 1116 34.80 76.39 -43.63
N PRO B 1117 36.00 76.02 -43.05
CA PRO B 1117 37.28 76.64 -43.50
C PRO B 1117 37.56 76.39 -44.94
N GLU B 1118 36.93 75.33 -45.51
CA GLU B 1118 37.12 74.92 -46.95
C GLU B 1118 36.20 75.63 -47.87
N LEU B 1119 34.95 75.86 -47.47
CA LEU B 1119 33.96 76.54 -48.25
C LEU B 1119 34.33 77.96 -48.37
N ASP B 1120 34.84 78.60 -47.27
CA ASP B 1120 35.20 79.97 -47.21
C ASP B 1120 36.71 80.28 -47.28
N ALA C 1 2.00 -35.94 -42.91
CA ALA C 1 2.10 -34.55 -43.40
C ALA C 1 1.58 -33.68 -42.31
N TYR C 2 2.14 -32.44 -42.27
CA TYR C 2 1.73 -31.50 -41.27
C TYR C 2 1.90 -30.10 -41.82
N THR C 3 1.31 -29.13 -41.12
CA THR C 3 1.40 -27.73 -41.34
C THR C 3 1.48 -26.93 -40.06
N ASN C 4 2.13 -25.79 -40.25
CA ASN C 4 2.32 -24.81 -39.22
C ASN C 4 1.11 -23.86 -39.10
N SER C 5 0.63 -23.76 -37.92
CA SER C 5 -0.50 -22.86 -37.56
C SER C 5 -0.03 -21.44 -37.50
N PHE C 6 -1.01 -20.52 -37.59
CA PHE C 6 -0.84 -19.09 -37.39
C PHE C 6 -2.22 -18.53 -37.50
N THR C 7 -2.59 -17.53 -36.62
CA THR C 7 -3.84 -16.81 -36.68
C THR C 7 -5.05 -17.67 -36.87
N ARG C 8 -5.25 -18.72 -36.04
CA ARG C 8 -6.40 -19.59 -36.11
C ARG C 8 -6.35 -20.29 -34.80
N GLY C 9 -7.58 -20.66 -34.34
CA GLY C 9 -7.69 -21.57 -33.24
C GLY C 9 -7.59 -20.99 -31.83
N VAL C 10 -8.04 -19.75 -31.71
CA VAL C 10 -8.01 -18.94 -30.46
C VAL C 10 -9.43 -18.67 -30.27
N TYR C 11 -9.86 -18.75 -28.98
CA TYR C 11 -11.21 -18.58 -28.64
C TYR C 11 -11.53 -17.81 -27.35
N TYR C 12 -12.87 -17.44 -27.24
CA TYR C 12 -13.26 -16.72 -26.08
C TYR C 12 -13.44 -17.64 -24.88
N PRO C 13 -12.71 -17.61 -23.72
CA PRO C 13 -12.85 -18.57 -22.68
C PRO C 13 -13.95 -18.10 -21.72
N ASP C 14 -14.60 -16.99 -21.90
CA ASP C 14 -15.37 -16.40 -20.82
C ASP C 14 -16.79 -16.51 -21.23
N LYS C 15 -17.76 -16.00 -20.40
CA LYS C 15 -19.21 -16.02 -20.67
C LYS C 15 -19.61 -14.57 -20.95
N VAL C 16 -18.96 -13.61 -20.26
CA VAL C 16 -19.45 -12.22 -20.21
C VAL C 16 -19.29 -11.51 -21.54
N PHE C 17 -20.20 -10.49 -21.87
CA PHE C 17 -20.13 -9.80 -23.09
C PHE C 17 -18.94 -8.89 -22.97
N ARG C 18 -18.08 -9.00 -23.98
CA ARG C 18 -17.01 -8.10 -24.17
C ARG C 18 -17.11 -7.89 -25.65
N SER C 19 -16.80 -6.66 -26.08
CA SER C 19 -16.80 -6.22 -27.52
C SER C 19 -15.86 -5.01 -27.42
N SER C 20 -15.29 -4.61 -28.63
CA SER C 20 -14.51 -3.38 -28.91
C SER C 20 -13.44 -3.04 -27.91
N VAL C 21 -12.67 -4.09 -27.50
CA VAL C 21 -11.72 -4.04 -26.47
C VAL C 21 -10.64 -5.04 -26.79
N LEU C 22 -9.38 -4.72 -26.32
CA LEU C 22 -8.26 -5.66 -26.50
C LEU C 22 -7.93 -6.16 -25.12
N HIS C 23 -7.68 -7.45 -24.88
CA HIS C 23 -7.29 -7.93 -23.60
C HIS C 23 -6.20 -8.85 -23.99
N SER C 24 -5.22 -9.03 -23.01
CA SER C 24 -4.26 -10.18 -23.08
C SER C 24 -4.80 -11.10 -22.05
N THR C 25 -4.99 -12.37 -22.50
CA THR C 25 -5.59 -13.45 -21.77
C THR C 25 -4.64 -14.54 -21.97
N GLN C 26 -4.74 -15.56 -21.10
CA GLN C 26 -3.96 -16.74 -21.20
C GLN C 26 -4.93 -17.86 -20.92
N ASP C 27 -5.00 -18.82 -21.85
CA ASP C 27 -5.84 -19.91 -21.67
C ASP C 27 -5.26 -20.81 -22.76
N LEU C 28 -5.89 -21.97 -22.84
CA LEU C 28 -5.54 -23.10 -23.67
C LEU C 28 -5.91 -22.99 -25.17
N PHE C 29 -4.99 -22.43 -25.95
CA PHE C 29 -5.19 -22.00 -27.36
C PHE C 29 -4.21 -22.68 -28.27
N LEU C 30 -4.47 -22.66 -29.59
CA LEU C 30 -3.68 -23.28 -30.61
C LEU C 30 -2.49 -22.41 -30.76
N PRO C 31 -1.27 -22.74 -30.42
CA PRO C 31 -0.14 -21.86 -30.63
C PRO C 31 0.08 -21.64 -32.09
N PHE C 32 0.56 -20.46 -32.34
CA PHE C 32 0.97 -20.15 -33.67
C PHE C 32 2.38 -20.78 -33.88
N PHE C 33 2.53 -21.27 -35.10
CA PHE C 33 3.63 -22.06 -35.67
C PHE C 33 3.52 -23.49 -35.26
N SER C 34 2.55 -23.91 -34.47
CA SER C 34 2.46 -25.31 -33.98
C SER C 34 2.21 -26.29 -35.05
N ASN C 35 2.53 -27.62 -34.78
CA ASN C 35 2.34 -28.69 -35.68
C ASN C 35 0.83 -29.17 -35.65
N VAL C 36 0.12 -28.99 -36.77
CA VAL C 36 -1.29 -29.42 -37.01
C VAL C 36 -1.08 -30.47 -38.04
N THR C 37 -1.44 -31.72 -37.70
CA THR C 37 -1.25 -32.97 -38.36
C THR C 37 -2.45 -33.38 -39.14
N TRP C 38 -2.16 -33.77 -40.42
CA TRP C 38 -3.17 -34.04 -41.41
C TRP C 38 -3.45 -35.49 -41.00
N PHE C 39 -4.67 -35.91 -40.90
CA PHE C 39 -5.07 -37.33 -40.85
C PHE C 39 -6.03 -37.62 -41.86
N HIS C 40 -5.97 -38.94 -42.27
CA HIS C 40 -6.79 -39.50 -43.28
C HIS C 40 -7.12 -40.79 -42.62
N ALA C 41 -8.40 -41.27 -42.65
CA ALA C 41 -8.70 -42.69 -42.37
C ALA C 41 -8.41 -43.43 -43.67
N ILE C 42 -7.89 -44.62 -43.57
CA ILE C 42 -7.40 -45.28 -44.77
C ILE C 42 -8.21 -46.46 -45.16
N HIS C 43 -8.58 -46.56 -46.48
CA HIS C 43 -9.25 -47.73 -46.96
C HIS C 43 -8.27 -48.88 -47.13
N VAL C 44 -8.77 -50.00 -46.67
CA VAL C 44 -8.06 -51.29 -46.62
C VAL C 44 -8.85 -52.34 -47.25
N SER C 45 -8.33 -53.56 -47.48
CA SER C 45 -9.09 -54.62 -48.13
C SER C 45 -10.12 -55.15 -47.11
N GLY C 46 -11.06 -56.10 -47.50
CA GLY C 46 -12.10 -56.50 -46.66
C GLY C 46 -13.21 -55.59 -47.02
N THR C 47 -13.21 -54.97 -48.18
CA THR C 47 -14.14 -54.08 -48.73
C THR C 47 -15.55 -54.58 -48.75
N ASN C 48 -15.72 -55.83 -49.19
CA ASN C 48 -16.92 -56.57 -49.25
C ASN C 48 -18.01 -55.90 -50.01
N GLY C 49 -17.68 -54.93 -50.89
CA GLY C 49 -18.60 -54.16 -51.68
C GLY C 49 -19.11 -52.98 -50.90
N THR C 50 -18.79 -52.95 -49.60
CA THR C 50 -19.34 -52.04 -48.73
C THR C 50 -18.36 -50.97 -48.25
N LYS C 51 -17.04 -51.18 -48.44
CA LYS C 51 -15.92 -50.38 -47.95
C LYS C 51 -15.62 -50.73 -46.53
N ARG C 52 -14.30 -50.64 -46.18
CA ARG C 52 -13.70 -50.89 -44.88
C ARG C 52 -12.51 -49.98 -44.76
N PHE C 53 -12.43 -49.35 -43.56
CA PHE C 53 -11.50 -48.24 -43.20
C PHE C 53 -10.61 -48.77 -42.12
N ASP C 54 -9.47 -48.15 -41.95
CA ASP C 54 -8.54 -48.38 -40.84
C ASP C 54 -8.51 -47.04 -40.16
N ASN C 55 -9.06 -46.95 -38.92
CA ASN C 55 -9.00 -45.70 -38.15
C ASN C 55 -8.34 -46.02 -36.88
N PRO C 56 -7.03 -45.91 -36.65
CA PRO C 56 -6.39 -46.33 -35.49
C PRO C 56 -6.76 -45.36 -34.37
N VAL C 57 -6.62 -45.84 -33.14
CA VAL C 57 -6.86 -45.09 -31.90
C VAL C 57 -5.73 -44.25 -31.71
N LEU C 58 -5.97 -42.92 -31.78
CA LEU C 58 -4.92 -41.97 -31.84
C LEU C 58 -4.77 -41.25 -30.53
N PRO C 59 -3.56 -40.92 -29.97
CA PRO C 59 -3.41 -40.07 -28.73
C PRO C 59 -3.52 -38.62 -29.03
N PHE C 60 -3.67 -37.77 -28.00
CA PHE C 60 -3.49 -36.39 -28.09
C PHE C 60 -2.16 -36.08 -27.52
N ASN C 61 -1.56 -34.90 -28.05
CA ASN C 61 -0.55 -34.21 -27.25
C ASN C 61 -1.25 -33.13 -26.43
N ASP C 62 -0.59 -32.06 -26.04
CA ASP C 62 -1.12 -30.95 -25.28
C ASP C 62 -2.40 -30.43 -25.97
N GLY C 63 -3.63 -30.59 -25.29
CA GLY C 63 -4.93 -30.10 -25.65
C GLY C 63 -5.56 -30.76 -26.81
N VAL C 64 -6.72 -30.24 -27.15
CA VAL C 64 -7.57 -30.81 -28.20
C VAL C 64 -8.07 -29.69 -29.07
N TYR C 65 -7.79 -29.90 -30.39
CA TYR C 65 -8.17 -29.06 -31.47
C TYR C 65 -8.43 -30.03 -32.51
N PHE C 66 -9.55 -29.90 -33.19
CA PHE C 66 -9.91 -30.67 -34.36
C PHE C 66 -10.20 -29.55 -35.34
N ALA C 67 -10.01 -29.87 -36.63
CA ALA C 67 -10.62 -29.09 -37.66
C ALA C 67 -10.88 -30.07 -38.71
N SER C 68 -12.11 -30.56 -38.82
CA SER C 68 -12.44 -31.71 -39.63
C SER C 68 -13.26 -31.33 -40.82
N THR C 69 -13.04 -32.09 -41.90
CA THR C 69 -13.75 -31.89 -43.08
C THR C 69 -14.99 -32.74 -43.15
N GLU C 70 -16.12 -32.19 -43.65
CA GLU C 70 -17.37 -32.87 -43.85
C GLU C 70 -17.78 -32.67 -45.30
N LYS C 71 -18.19 -33.72 -45.99
CA LYS C 71 -18.57 -33.62 -47.39
C LYS C 71 -20.10 -33.91 -47.58
N SER C 72 -20.73 -34.81 -46.87
CA SER C 72 -22.02 -35.37 -47.18
C SER C 72 -22.55 -35.94 -45.81
N ASN C 73 -22.42 -35.12 -44.69
CA ASN C 73 -22.91 -35.46 -43.40
C ASN C 73 -22.45 -36.91 -43.07
N ILE C 74 -21.12 -37.23 -43.33
CA ILE C 74 -20.57 -38.60 -43.03
C ILE C 74 -20.30 -38.85 -41.52
N ILE C 75 -19.85 -37.82 -40.76
CA ILE C 75 -19.50 -37.83 -39.34
C ILE C 75 -20.81 -38.03 -38.47
N ARG C 76 -20.93 -39.14 -37.70
CA ARG C 76 -22.04 -39.38 -36.88
C ARG C 76 -21.79 -39.06 -35.45
N GLY C 77 -20.53 -38.74 -35.08
CA GLY C 77 -20.12 -38.31 -33.81
C GLY C 77 -18.63 -38.52 -33.64
N TRP C 78 -18.30 -38.50 -32.36
CA TRP C 78 -16.91 -38.62 -31.91
C TRP C 78 -16.87 -39.55 -30.76
N ILE C 79 -15.74 -40.32 -30.54
CA ILE C 79 -15.44 -41.12 -29.40
C ILE C 79 -14.01 -40.82 -28.89
N PHE C 80 -14.00 -40.69 -27.51
CA PHE C 80 -12.82 -40.30 -26.80
C PHE C 80 -12.74 -41.32 -25.71
N GLY C 81 -11.49 -41.70 -25.34
CA GLY C 81 -11.41 -42.67 -24.22
C GLY C 81 -10.01 -43.31 -24.46
N THR C 82 -9.80 -44.58 -24.10
CA THR C 82 -8.48 -45.12 -24.23
C THR C 82 -8.45 -46.22 -25.22
N THR C 83 -8.82 -47.42 -24.76
CA THR C 83 -8.76 -48.61 -25.59
C THR C 83 -9.98 -48.73 -26.48
N LEU C 84 -11.10 -48.06 -26.05
CA LEU C 84 -12.36 -47.92 -26.80
C LEU C 84 -12.95 -49.25 -27.21
N ASP C 85 -12.81 -50.23 -26.28
CA ASP C 85 -13.32 -51.52 -26.54
C ASP C 85 -14.30 -51.81 -25.33
N SER C 86 -14.96 -50.76 -24.78
CA SER C 86 -15.93 -50.90 -23.72
C SER C 86 -15.40 -51.79 -22.60
N LYS C 87 -14.19 -51.46 -22.10
CA LYS C 87 -13.55 -52.01 -20.95
C LYS C 87 -13.26 -50.94 -20.02
N THR C 88 -13.19 -49.74 -20.63
CA THR C 88 -12.98 -48.53 -19.96
C THR C 88 -14.00 -47.49 -20.30
N GLN C 89 -14.26 -46.58 -19.34
CA GLN C 89 -15.26 -45.56 -19.49
C GLN C 89 -14.80 -44.58 -20.51
N SER C 90 -15.73 -44.13 -21.41
CA SER C 90 -15.44 -43.37 -22.54
C SER C 90 -16.52 -42.35 -22.76
N LEU C 91 -16.20 -41.32 -23.60
CA LEU C 91 -17.13 -40.26 -23.92
C LEU C 91 -17.43 -40.48 -25.33
N LEU C 92 -18.73 -40.63 -25.56
CA LEU C 92 -19.25 -40.95 -26.85
C LEU C 92 -20.14 -39.78 -27.04
N ILE C 93 -20.04 -39.06 -28.19
CA ILE C 93 -20.92 -38.02 -28.56
C ILE C 93 -21.44 -38.50 -29.83
N VAL C 94 -22.71 -38.72 -29.82
CA VAL C 94 -23.55 -39.36 -30.75
C VAL C 94 -24.44 -38.36 -31.26
N ASN C 95 -24.41 -38.18 -32.59
CA ASN C 95 -25.34 -37.25 -33.20
C ASN C 95 -26.24 -37.99 -34.04
N ASN C 96 -25.77 -38.90 -34.87
CA ASN C 96 -26.46 -39.79 -35.75
C ASN C 96 -27.42 -39.01 -36.57
N ALA C 97 -26.91 -37.91 -37.13
CA ALA C 97 -27.67 -37.08 -38.08
C ALA C 97 -28.88 -36.48 -37.45
N THR C 98 -28.89 -36.39 -36.13
CA THR C 98 -29.95 -35.73 -35.45
C THR C 98 -29.29 -35.05 -34.29
N ASN C 99 -30.13 -34.71 -33.24
CA ASN C 99 -29.77 -34.09 -32.00
C ASN C 99 -28.63 -34.72 -31.18
N VAL C 100 -27.85 -33.85 -30.57
CA VAL C 100 -26.57 -34.18 -29.98
C VAL C 100 -26.77 -34.82 -28.64
N VAL C 101 -26.21 -36.09 -28.59
CA VAL C 101 -26.23 -36.86 -27.41
C VAL C 101 -24.80 -36.99 -26.87
N ILE C 102 -24.63 -36.54 -25.60
CA ILE C 102 -23.38 -36.51 -24.91
C ILE C 102 -23.71 -37.35 -23.75
N LYS C 103 -23.03 -38.50 -23.68
CA LYS C 103 -23.33 -39.54 -22.64
C LYS C 103 -21.94 -40.13 -22.31
N VAL C 104 -21.57 -40.50 -21.01
CA VAL C 104 -20.39 -41.21 -20.61
C VAL C 104 -20.68 -42.51 -19.95
N CYS C 105 -20.17 -43.65 -20.43
CA CYS C 105 -20.28 -45.00 -19.98
C CYS C 105 -19.19 -45.65 -20.84
N GLU C 106 -19.13 -47.02 -20.78
CA GLU C 106 -18.12 -47.78 -21.52
C GLU C 106 -18.62 -48.12 -22.89
N PHE C 107 -18.02 -47.40 -23.83
CA PHE C 107 -18.52 -47.49 -25.22
C PHE C 107 -17.28 -48.04 -25.92
N GLN C 108 -17.65 -48.46 -27.17
CA GLN C 108 -16.80 -49.06 -28.10
C GLN C 108 -17.03 -48.46 -29.49
N PHE C 109 -15.90 -48.41 -30.27
CA PHE C 109 -15.94 -48.10 -31.70
C PHE C 109 -14.82 -48.90 -32.26
N CYS C 110 -14.86 -49.49 -33.47
CA CYS C 110 -13.67 -50.21 -33.98
C CYS C 110 -13.75 -50.11 -35.52
N ASN C 111 -12.73 -50.69 -36.26
CA ASN C 111 -12.71 -50.74 -37.73
C ASN C 111 -13.86 -51.44 -38.33
N ASP C 112 -14.69 -52.22 -37.59
CA ASP C 112 -15.90 -52.92 -38.07
C ASP C 112 -17.11 -52.48 -37.23
N PRO C 113 -17.64 -51.23 -37.28
CA PRO C 113 -18.71 -50.71 -36.38
C PRO C 113 -19.96 -51.55 -36.82
N PHE C 114 -20.95 -51.57 -35.98
CA PHE C 114 -22.07 -52.40 -36.12
C PHE C 114 -23.29 -51.65 -36.69
N LEU C 115 -23.19 -50.34 -36.93
CA LEU C 115 -24.20 -49.40 -37.24
C LEU C 115 -23.64 -48.38 -38.18
N GLY C 116 -22.28 -48.38 -38.36
CA GLY C 116 -21.45 -47.36 -38.96
C GLY C 116 -21.56 -47.51 -40.44
N VAL C 117 -22.81 -47.46 -40.95
CA VAL C 117 -23.10 -47.62 -42.27
C VAL C 117 -23.89 -46.37 -42.59
N TYR C 118 -23.47 -45.71 -43.72
CA TYR C 118 -24.05 -44.45 -44.21
C TYR C 118 -25.52 -44.48 -44.40
N TYR C 119 -26.11 -43.37 -43.84
CA TYR C 119 -27.55 -43.20 -43.65
C TYR C 119 -28.17 -42.90 -45.03
N HIS C 120 -28.19 -43.98 -45.87
CA HIS C 120 -28.87 -43.92 -47.15
C HIS C 120 -30.17 -44.61 -46.89
N LYS C 121 -30.06 -45.81 -46.32
CA LYS C 121 -31.06 -46.78 -45.96
C LYS C 121 -31.01 -47.09 -44.44
N ASN C 122 -30.26 -46.40 -43.55
CA ASN C 122 -30.14 -46.79 -42.13
C ASN C 122 -30.45 -45.47 -41.44
N ASN C 123 -30.97 -45.65 -40.32
CA ASN C 123 -31.20 -44.59 -39.28
C ASN C 123 -31.85 -43.33 -39.86
N LYS C 124 -30.97 -42.26 -39.98
CA LYS C 124 -31.25 -40.88 -40.34
C LYS C 124 -31.74 -40.12 -39.17
N SER C 125 -31.82 -40.81 -38.05
CA SER C 125 -32.05 -40.29 -36.71
C SER C 125 -31.91 -41.48 -35.81
N TRP C 126 -31.18 -41.25 -34.73
CA TRP C 126 -31.14 -42.17 -33.59
C TRP C 126 -30.57 -41.43 -32.41
N MET C 127 -31.35 -41.19 -31.34
CA MET C 127 -31.01 -40.29 -30.23
C MET C 127 -30.60 -41.14 -29.13
N GLU C 128 -30.42 -42.43 -29.43
CA GLU C 128 -29.88 -43.45 -28.47
C GLU C 128 -28.48 -43.74 -28.82
N SER C 129 -27.61 -44.03 -27.82
CA SER C 129 -26.22 -44.34 -28.04
C SER C 129 -26.04 -45.76 -28.42
N GLU C 130 -24.86 -46.16 -28.98
CA GLU C 130 -24.54 -47.56 -29.26
C GLU C 130 -23.96 -48.18 -28.02
N PHE C 131 -24.77 -49.06 -27.32
CA PHE C 131 -24.42 -49.71 -26.07
C PHE C 131 -25.10 -51.09 -26.09
N ARG C 132 -25.11 -51.63 -27.37
CA ARG C 132 -25.63 -52.98 -27.55
C ARG C 132 -24.48 -53.97 -27.38
N VAL C 133 -23.25 -53.51 -27.55
CA VAL C 133 -22.08 -54.26 -27.47
C VAL C 133 -21.26 -53.48 -26.44
N TYR C 134 -20.85 -54.16 -25.32
CA TYR C 134 -20.12 -53.75 -24.22
C TYR C 134 -19.67 -55.03 -23.60
N SER C 135 -18.65 -55.00 -22.79
CA SER C 135 -18.05 -56.17 -22.15
C SER C 135 -18.92 -56.53 -20.89
N SER C 136 -19.86 -55.64 -20.45
CA SER C 136 -20.76 -55.76 -19.30
C SER C 136 -20.08 -55.73 -18.02
N ALA C 137 -20.92 -55.98 -17.01
CA ALA C 137 -20.68 -55.97 -15.64
C ALA C 137 -20.23 -54.55 -15.22
N ASN C 138 -20.59 -53.50 -16.03
CA ASN C 138 -20.24 -52.10 -15.73
C ASN C 138 -21.54 -51.59 -15.18
N ASN C 139 -21.48 -50.26 -14.93
CA ASN C 139 -22.60 -49.60 -14.22
C ASN C 139 -22.56 -48.29 -14.84
N CYS C 140 -23.56 -47.96 -15.76
CA CYS C 140 -23.58 -46.66 -16.33
C CYS C 140 -24.24 -45.80 -15.35
N THR C 141 -23.58 -44.66 -15.04
CA THR C 141 -23.92 -43.66 -14.05
C THR C 141 -23.41 -42.46 -14.77
N PHE C 142 -23.98 -41.23 -14.39
CA PHE C 142 -23.65 -39.99 -14.95
C PHE C 142 -23.94 -38.95 -14.01
N GLU C 143 -23.27 -37.77 -14.30
CA GLU C 143 -23.49 -36.55 -13.59
C GLU C 143 -24.64 -35.82 -14.28
N TYR C 144 -24.57 -35.70 -15.58
CA TYR C 144 -25.49 -34.97 -16.44
C TYR C 144 -25.25 -35.67 -17.74
N VAL C 145 -26.33 -35.79 -18.53
CA VAL C 145 -26.34 -36.25 -19.95
C VAL C 145 -27.27 -35.26 -20.61
N SER C 146 -27.19 -35.24 -21.96
CA SER C 146 -28.13 -34.36 -22.65
C SER C 146 -28.49 -35.24 -23.90
N GLN C 147 -29.68 -35.01 -24.54
CA GLN C 147 -30.17 -35.67 -25.78
C GLN C 147 -30.86 -34.72 -26.71
N PRO C 148 -32.00 -33.98 -26.44
CA PRO C 148 -32.50 -33.04 -27.37
C PRO C 148 -31.68 -31.75 -27.26
N PHE C 149 -30.37 -31.84 -27.70
CA PHE C 149 -29.41 -30.83 -27.46
C PHE C 149 -28.78 -30.34 -28.74
N LEU C 150 -28.78 -29.01 -28.95
CA LEU C 150 -28.22 -28.25 -30.05
C LEU C 150 -29.00 -28.49 -31.30
N MET C 151 -29.53 -27.42 -32.00
CA MET C 151 -30.04 -27.48 -33.37
C MET C 151 -28.96 -26.85 -34.20
N ASP C 152 -27.79 -26.52 -33.55
CA ASP C 152 -26.65 -25.87 -34.16
C ASP C 152 -25.55 -26.72 -34.75
N LEU C 153 -25.34 -27.92 -34.12
CA LEU C 153 -24.28 -28.80 -34.46
C LEU C 153 -24.89 -29.90 -35.24
N GLU C 154 -25.79 -30.66 -34.52
CA GLU C 154 -26.39 -31.94 -35.01
C GLU C 154 -25.36 -32.75 -35.66
N GLY C 155 -25.79 -33.87 -36.29
CA GLY C 155 -24.91 -34.79 -37.04
C GLY C 155 -25.12 -34.55 -38.47
N LYS C 156 -25.76 -33.39 -38.74
CA LYS C 156 -26.10 -32.90 -40.08
C LYS C 156 -26.12 -31.35 -40.11
N GLN C 157 -25.68 -30.90 -41.31
CA GLN C 157 -25.67 -29.54 -41.70
C GLN C 157 -26.32 -29.44 -43.05
N GLY C 158 -26.93 -28.30 -43.33
CA GLY C 158 -27.44 -27.87 -44.60
C GLY C 158 -26.53 -27.67 -45.71
N ASN C 159 -25.33 -27.27 -45.39
CA ASN C 159 -24.17 -26.98 -46.14
C ASN C 159 -23.34 -28.21 -45.99
N PHE C 160 -22.65 -28.40 -47.11
CA PHE C 160 -21.75 -29.49 -47.45
C PHE C 160 -20.41 -28.78 -47.73
N LYS C 161 -19.35 -29.57 -47.65
CA LYS C 161 -17.98 -29.12 -48.00
C LYS C 161 -17.55 -27.97 -47.18
N ASN C 162 -17.29 -28.35 -45.92
CA ASN C 162 -16.97 -27.36 -44.92
C ASN C 162 -16.01 -27.98 -43.95
N LEU C 163 -15.55 -27.04 -43.14
CA LEU C 163 -14.63 -27.31 -42.06
C LEU C 163 -15.31 -26.95 -40.76
N ARG C 164 -15.11 -27.90 -39.78
CA ARG C 164 -15.63 -27.61 -38.47
C ARG C 164 -14.54 -27.76 -37.53
N GLU C 165 -14.33 -26.62 -36.87
CA GLU C 165 -13.24 -26.50 -35.85
C GLU C 165 -13.75 -26.71 -34.44
N PHE C 166 -13.11 -27.45 -33.52
CA PHE C 166 -13.55 -27.75 -32.17
C PHE C 166 -12.40 -27.59 -31.32
N VAL C 167 -12.59 -27.14 -30.06
CA VAL C 167 -11.67 -27.28 -29.01
C VAL C 167 -12.45 -27.82 -27.85
N PHE C 168 -11.79 -28.66 -26.99
CA PHE C 168 -12.47 -29.32 -25.87
C PHE C 168 -11.84 -28.85 -24.59
N LYS C 169 -12.71 -28.45 -23.61
CA LYS C 169 -12.15 -28.12 -22.37
C LYS C 169 -13.19 -28.38 -21.42
N ASN C 170 -12.72 -28.95 -20.31
CA ASN C 170 -13.45 -29.45 -19.17
C ASN C 170 -12.78 -28.81 -18.10
N ILE C 171 -13.48 -28.02 -17.37
CA ILE C 171 -12.90 -27.34 -16.19
C ILE C 171 -13.89 -27.53 -15.07
N ASP C 172 -13.43 -28.06 -13.89
CA ASP C 172 -14.33 -28.22 -12.71
C ASP C 172 -15.61 -28.94 -13.05
N GLY C 173 -15.58 -29.89 -14.02
CA GLY C 173 -16.65 -30.79 -14.33
C GLY C 173 -17.43 -30.16 -15.43
N TYR C 174 -17.20 -28.88 -15.75
CA TYR C 174 -17.98 -28.18 -16.82
C TYR C 174 -17.45 -28.47 -18.15
N PHE C 175 -18.17 -29.28 -18.92
CA PHE C 175 -17.68 -29.81 -20.16
C PHE C 175 -18.07 -28.75 -21.15
N LYS C 176 -17.09 -28.09 -21.74
CA LYS C 176 -17.25 -27.02 -22.58
C LYS C 176 -16.75 -27.50 -23.90
N ILE C 177 -17.35 -27.08 -25.08
CA ILE C 177 -16.83 -27.28 -26.40
C ILE C 177 -16.98 -25.96 -27.03
N TYR C 178 -16.06 -25.40 -27.79
CA TYR C 178 -16.17 -24.20 -28.47
C TYR C 178 -16.01 -24.78 -29.82
N SER C 179 -16.65 -24.08 -30.87
CA SER C 179 -16.58 -24.52 -32.27
C SER C 179 -16.72 -23.30 -33.29
N LYS C 180 -16.40 -23.51 -34.60
CA LYS C 180 -16.52 -22.62 -35.71
C LYS C 180 -16.90 -23.55 -36.89
N HIS C 181 -17.86 -23.04 -37.67
CA HIS C 181 -18.32 -23.65 -38.90
C HIS C 181 -17.95 -22.67 -39.97
N THR C 182 -17.08 -23.10 -40.96
CA THR C 182 -16.59 -22.15 -42.00
C THR C 182 -16.63 -23.00 -43.25
N PRO C 183 -16.95 -22.53 -44.46
CA PRO C 183 -16.85 -23.38 -45.66
C PRO C 183 -15.42 -23.44 -46.00
N ILE C 184 -15.07 -24.40 -46.94
CA ILE C 184 -13.73 -24.63 -47.49
C ILE C 184 -13.96 -24.50 -48.99
N ASN C 185 -12.94 -24.34 -49.81
CA ASN C 185 -12.92 -24.26 -51.30
C ASN C 185 -12.21 -25.52 -51.82
N LEU C 186 -11.13 -26.06 -51.10
CA LEU C 186 -10.34 -27.20 -51.50
C LEU C 186 -10.63 -28.27 -50.53
N VAL C 187 -10.26 -29.45 -50.86
CA VAL C 187 -10.43 -30.64 -50.07
C VAL C 187 -9.69 -30.61 -48.84
N ARG C 188 -8.37 -30.24 -49.03
CA ARG C 188 -7.56 -30.16 -47.82
C ARG C 188 -7.41 -28.69 -47.64
N ASP C 189 -8.05 -28.12 -46.66
CA ASP C 189 -8.29 -26.69 -46.64
C ASP C 189 -8.52 -26.24 -45.21
N LEU C 190 -7.58 -25.38 -44.77
CA LEU C 190 -7.63 -24.67 -43.53
C LEU C 190 -7.72 -23.18 -43.80
N PRO C 191 -8.50 -22.37 -43.17
CA PRO C 191 -8.50 -20.93 -43.45
C PRO C 191 -7.19 -20.29 -43.30
N GLN C 192 -6.70 -19.29 -44.15
CA GLN C 192 -5.44 -18.61 -43.98
C GLN C 192 -5.90 -17.29 -43.28
N GLY C 193 -7.22 -17.13 -43.04
CA GLY C 193 -7.74 -16.02 -42.37
C GLY C 193 -7.93 -16.57 -40.98
N PHE C 194 -8.47 -15.72 -40.14
CA PHE C 194 -8.67 -15.98 -38.72
C PHE C 194 -9.95 -16.77 -38.35
N SER C 195 -9.97 -17.73 -37.39
CA SER C 195 -11.14 -18.37 -36.95
C SER C 195 -11.08 -18.21 -35.50
N ALA C 196 -12.27 -17.69 -34.98
CA ALA C 196 -12.57 -17.70 -33.57
C ALA C 196 -13.66 -18.80 -33.39
N LEU C 197 -13.43 -19.54 -32.27
CA LEU C 197 -14.40 -20.51 -31.88
C LEU C 197 -15.18 -19.91 -30.78
N GLU C 198 -16.51 -20.13 -30.78
CA GLU C 198 -17.48 -19.54 -29.84
C GLU C 198 -18.07 -20.70 -29.06
N PRO C 199 -18.56 -20.51 -27.84
CA PRO C 199 -19.01 -21.64 -27.03
C PRO C 199 -20.05 -22.36 -27.79
N LEU C 200 -20.07 -23.67 -27.57
CA LEU C 200 -21.11 -24.47 -28.10
C LEU C 200 -21.82 -25.24 -26.95
N VAL C 201 -21.00 -25.84 -26.13
CA VAL C 201 -21.49 -26.73 -25.15
C VAL C 201 -20.99 -26.23 -23.86
N ASP C 202 -21.81 -26.31 -22.79
CA ASP C 202 -21.27 -25.99 -21.45
C ASP C 202 -22.18 -26.60 -20.47
N LEU C 203 -22.02 -27.96 -20.23
CA LEU C 203 -22.89 -28.90 -19.53
C LEU C 203 -22.00 -29.51 -18.50
N PRO C 204 -22.36 -29.69 -17.22
CA PRO C 204 -21.48 -30.32 -16.27
C PRO C 204 -21.64 -31.78 -16.33
N ILE C 205 -20.98 -32.39 -17.32
CA ILE C 205 -21.07 -33.83 -17.71
C ILE C 205 -19.82 -34.53 -17.31
N GLY C 206 -18.62 -33.91 -17.51
CA GLY C 206 -17.31 -34.52 -17.49
C GLY C 206 -16.78 -34.87 -18.86
N ILE C 207 -15.47 -35.37 -18.79
CA ILE C 207 -14.55 -35.53 -19.91
C ILE C 207 -13.90 -36.87 -19.89
N ASN C 208 -13.67 -37.58 -21.06
CA ASN C 208 -12.92 -38.76 -21.06
C ASN C 208 -11.82 -38.80 -22.06
N ILE C 209 -11.19 -37.64 -22.38
CA ILE C 209 -10.39 -37.52 -23.53
C ILE C 209 -8.92 -37.76 -23.18
N THR C 210 -8.29 -38.82 -23.90
CA THR C 210 -6.96 -39.32 -23.83
C THR C 210 -6.53 -39.59 -25.27
N ARG C 211 -7.31 -40.46 -25.96
CA ARG C 211 -7.12 -40.94 -27.29
C ARG C 211 -8.50 -40.69 -27.85
N PHE C 212 -8.62 -40.87 -29.20
CA PHE C 212 -9.80 -40.57 -29.85
C PHE C 212 -9.84 -41.47 -31.06
N GLN C 213 -11.05 -41.55 -31.67
CA GLN C 213 -11.34 -42.06 -33.02
C GLN C 213 -12.49 -41.14 -33.37
N THR C 214 -12.59 -40.99 -34.68
CA THR C 214 -13.66 -40.26 -35.25
C THR C 214 -14.71 -41.26 -35.70
N LEU C 215 -16.08 -40.98 -35.51
CA LEU C 215 -17.10 -41.88 -35.90
C LEU C 215 -17.57 -41.47 -37.28
N LEU C 216 -17.03 -42.26 -38.27
CA LEU C 216 -17.27 -42.02 -39.69
C LEU C 216 -18.03 -43.29 -40.11
N ALA C 217 -19.01 -43.07 -41.01
CA ALA C 217 -19.76 -44.15 -41.60
C ALA C 217 -19.16 -44.32 -42.98
N LEU C 218 -18.13 -45.25 -43.07
CA LEU C 218 -17.24 -45.45 -44.21
C LEU C 218 -17.50 -46.82 -44.60
N HIS C 219 -18.83 -47.12 -44.50
CA HIS C 219 -19.41 -48.35 -44.94
C HIS C 219 -20.62 -47.83 -45.58
N ARG C 220 -21.19 -48.48 -46.63
CA ARG C 220 -22.44 -48.16 -47.19
C ARG C 220 -23.01 -49.54 -47.34
N SER C 221 -24.36 -49.61 -47.52
CA SER C 221 -25.18 -50.82 -47.59
C SER C 221 -25.16 -51.49 -48.96
N TYR C 222 -24.53 -50.81 -49.98
CA TYR C 222 -24.44 -51.25 -51.33
C TYR C 222 -23.30 -52.18 -51.49
N LEU C 223 -23.32 -53.09 -52.47
CA LEU C 223 -22.32 -54.07 -52.62
C LEU C 223 -21.53 -53.70 -53.86
N THR C 224 -21.52 -52.40 -54.32
CA THR C 224 -20.79 -51.94 -55.47
C THR C 224 -19.61 -51.27 -54.84
N PRO C 225 -18.40 -51.81 -54.94
CA PRO C 225 -17.27 -51.19 -54.29
C PRO C 225 -16.83 -49.97 -55.02
N GLY C 226 -17.29 -49.74 -56.30
CA GLY C 226 -16.96 -48.72 -57.25
C GLY C 226 -17.62 -47.41 -56.93
N ASP C 227 -18.74 -47.51 -56.15
CA ASP C 227 -19.62 -46.43 -55.89
C ASP C 227 -19.24 -46.02 -54.50
N SER C 228 -18.71 -44.82 -54.39
CA SER C 228 -18.31 -44.22 -53.17
C SER C 228 -19.35 -43.28 -52.94
N SER C 229 -19.69 -43.12 -51.63
CA SER C 229 -20.60 -42.10 -51.21
C SER C 229 -19.88 -41.55 -49.93
N SER C 230 -19.01 -42.40 -49.31
CA SER C 230 -18.19 -42.09 -48.12
C SER C 230 -17.04 -43.03 -48.19
N GLY C 231 -16.64 -43.52 -49.39
CA GLY C 231 -15.57 -44.53 -49.57
C GLY C 231 -14.27 -43.78 -49.76
N TRP C 232 -14.25 -42.38 -49.62
CA TRP C 232 -13.08 -41.60 -49.85
C TRP C 232 -12.12 -41.65 -48.74
N THR C 233 -10.80 -41.58 -48.97
CA THR C 233 -9.79 -41.54 -47.94
C THR C 233 -9.41 -40.09 -47.88
N ALA C 234 -10.08 -39.22 -48.66
CA ALA C 234 -9.89 -37.75 -48.67
C ALA C 234 -11.20 -36.98 -48.61
N GLY C 235 -12.25 -37.59 -47.93
CA GLY C 235 -13.57 -37.00 -47.74
C GLY C 235 -13.67 -36.62 -46.33
N ALA C 236 -14.67 -37.06 -45.53
CA ALA C 236 -14.76 -36.63 -44.17
C ALA C 236 -13.72 -37.49 -43.37
N ALA C 237 -13.03 -38.42 -44.17
CA ALA C 237 -11.91 -39.25 -43.80
C ALA C 237 -10.70 -38.44 -43.41
N ALA C 238 -10.73 -37.21 -43.92
CA ALA C 238 -9.60 -36.34 -43.68
C ALA C 238 -10.11 -35.33 -42.73
N TYR C 239 -9.22 -34.97 -41.76
CA TYR C 239 -9.41 -34.06 -40.73
C TYR C 239 -8.09 -33.69 -40.24
N TYR C 240 -8.01 -32.53 -39.55
CA TYR C 240 -6.86 -32.09 -38.82
C TYR C 240 -7.02 -32.18 -37.35
N VAL C 241 -5.91 -32.45 -36.71
CA VAL C 241 -5.81 -32.58 -35.33
C VAL C 241 -4.66 -31.57 -35.03
N GLY C 242 -4.81 -30.61 -34.10
CA GLY C 242 -3.85 -29.65 -33.64
C GLY C 242 -3.73 -29.87 -32.15
N TYR C 243 -2.94 -29.00 -31.49
CA TYR C 243 -2.63 -29.07 -30.05
C TYR C 243 -2.67 -27.73 -29.44
N LEU C 244 -3.14 -27.66 -28.18
CA LEU C 244 -3.30 -26.42 -27.46
C LEU C 244 -2.33 -26.33 -26.33
N GLN C 245 -1.86 -25.09 -26.04
CA GLN C 245 -0.96 -24.89 -24.96
C GLN C 245 -1.46 -23.54 -24.35
N PRO C 246 -1.35 -23.42 -23.03
CA PRO C 246 -1.79 -22.30 -22.25
C PRO C 246 -0.88 -21.14 -22.30
N ARG C 247 -0.84 -20.48 -23.47
CA ARG C 247 0.01 -19.44 -23.82
C ARG C 247 -0.81 -18.13 -23.83
N THR C 248 -0.10 -16.99 -23.72
CA THR C 248 -0.74 -15.70 -23.73
C THR C 248 -0.94 -15.17 -25.10
N PHE C 249 -2.12 -14.65 -25.36
CA PHE C 249 -2.58 -14.09 -26.60
C PHE C 249 -3.10 -12.73 -26.30
N LEU C 250 -2.91 -11.85 -27.31
CA LEU C 250 -3.62 -10.60 -27.37
C LEU C 250 -4.81 -10.81 -28.22
N LEU C 251 -5.98 -10.55 -27.61
CA LEU C 251 -7.25 -10.88 -28.30
C LEU C 251 -7.81 -9.57 -28.65
N LYS C 252 -8.40 -9.42 -29.88
CA LYS C 252 -9.10 -8.22 -30.23
C LYS C 252 -10.52 -8.59 -30.60
N TYR C 253 -11.47 -7.99 -29.92
CA TYR C 253 -12.87 -8.28 -30.08
C TYR C 253 -13.40 -7.17 -30.92
N ASN C 254 -14.35 -7.45 -31.76
CA ASN C 254 -15.09 -6.66 -32.62
C ASN C 254 -16.32 -6.23 -31.82
N GLU C 255 -17.33 -5.54 -32.50
CA GLU C 255 -18.60 -5.10 -31.90
C GLU C 255 -19.50 -6.21 -31.41
N ASN C 256 -19.47 -7.34 -32.12
CA ASN C 256 -20.32 -8.51 -31.74
C ASN C 256 -19.87 -9.22 -30.50
N GLY C 257 -18.54 -9.23 -30.24
CA GLY C 257 -17.86 -9.87 -29.14
C GLY C 257 -17.08 -11.11 -29.64
N THR C 258 -16.86 -11.21 -30.97
CA THR C 258 -16.14 -12.27 -31.62
C THR C 258 -14.68 -11.83 -31.81
N ILE C 259 -13.72 -12.75 -31.52
CA ILE C 259 -12.37 -12.46 -31.71
C ILE C 259 -12.11 -12.47 -33.17
N THR C 260 -11.47 -11.35 -33.71
CA THR C 260 -11.31 -11.33 -35.19
C THR C 260 -9.86 -11.41 -35.56
N ASP C 261 -9.05 -11.35 -34.50
CA ASP C 261 -7.63 -11.45 -34.70
C ASP C 261 -7.02 -11.75 -33.36
N ALA C 262 -5.78 -12.24 -33.33
CA ALA C 262 -5.09 -12.50 -32.08
C ALA C 262 -3.60 -12.57 -32.39
N VAL C 263 -2.69 -12.22 -31.32
CA VAL C 263 -1.33 -12.32 -31.40
C VAL C 263 -0.83 -13.33 -30.46
N ASP C 264 -0.11 -14.33 -30.89
CA ASP C 264 0.53 -15.36 -30.01
C ASP C 264 1.83 -14.73 -29.53
N CYS C 265 1.77 -14.37 -28.20
CA CYS C 265 2.71 -13.49 -27.57
C CYS C 265 3.98 -14.28 -27.22
N ALA C 266 4.05 -15.55 -27.67
CA ALA C 266 5.16 -16.42 -27.42
C ALA C 266 5.61 -16.88 -28.79
N LEU C 267 5.10 -16.28 -29.88
CA LEU C 267 5.49 -16.72 -31.20
C LEU C 267 6.86 -16.15 -31.61
N ASP C 268 7.11 -14.79 -31.79
CA ASP C 268 8.32 -14.28 -32.35
C ASP C 268 8.48 -12.88 -31.71
N PRO C 269 9.64 -12.32 -31.57
CA PRO C 269 9.73 -10.98 -30.97
C PRO C 269 8.81 -9.93 -31.44
N LEU C 270 8.42 -9.93 -32.72
CA LEU C 270 7.50 -8.95 -33.26
C LEU C 270 6.13 -9.01 -32.63
N SER C 271 5.62 -10.25 -32.49
CA SER C 271 4.35 -10.60 -31.78
C SER C 271 4.41 -10.18 -30.36
N GLU C 272 5.54 -10.36 -29.67
CA GLU C 272 5.79 -9.89 -28.34
C GLU C 272 5.70 -8.42 -28.17
N THR C 273 6.22 -7.59 -29.15
CA THR C 273 6.06 -6.14 -29.13
C THR C 273 4.63 -5.77 -29.17
N LYS C 274 3.78 -6.37 -30.13
CA LYS C 274 2.34 -6.17 -30.22
C LYS C 274 1.53 -6.51 -28.92
N CYS C 275 1.84 -7.66 -28.22
CA CYS C 275 1.27 -7.93 -26.96
C CYS C 275 1.75 -6.96 -25.90
N THR C 276 2.99 -6.45 -25.94
CA THR C 276 3.44 -5.46 -24.97
C THR C 276 2.73 -4.17 -25.13
N LEU C 277 2.57 -3.70 -26.37
CA LEU C 277 1.96 -2.45 -26.63
C LEU C 277 0.43 -2.49 -26.69
N LYS C 278 -0.24 -3.73 -26.74
CA LYS C 278 -1.63 -3.90 -26.83
C LYS C 278 -2.19 -3.27 -28.08
N SER C 279 -1.53 -3.51 -29.24
CA SER C 279 -1.79 -3.00 -30.52
C SER C 279 -1.25 -4.00 -31.49
N PHE C 280 -1.90 -4.07 -32.65
CA PHE C 280 -1.62 -4.91 -33.70
C PHE C 280 -0.81 -4.00 -34.65
N THR C 281 -0.54 -2.77 -34.24
CA THR C 281 0.21 -1.82 -34.96
C THR C 281 1.32 -1.38 -34.11
N VAL C 282 2.52 -1.33 -34.67
CA VAL C 282 3.76 -0.91 -34.07
C VAL C 282 4.29 0.17 -35.01
N GLU C 283 5.17 1.02 -34.38
CA GLU C 283 5.82 2.04 -35.23
C GLU C 283 7.23 1.52 -35.47
N LYS C 284 7.85 2.08 -36.51
CA LYS C 284 9.24 1.83 -36.91
C LYS C 284 10.11 2.22 -35.78
N GLY C 285 10.98 1.27 -35.27
CA GLY C 285 11.82 1.68 -34.14
C GLY C 285 12.20 0.42 -33.40
N ILE C 286 12.56 0.65 -32.13
CA ILE C 286 13.03 -0.46 -31.28
C ILE C 286 12.20 -0.25 -29.98
N TYR C 287 11.66 -1.36 -29.39
CA TYR C 287 10.94 -1.35 -28.11
C TYR C 287 11.64 -2.29 -27.20
N GLN C 288 11.62 -2.01 -25.85
CA GLN C 288 11.96 -2.91 -24.76
C GLN C 288 10.68 -3.61 -24.45
N THR C 289 10.60 -4.94 -24.45
CA THR C 289 9.35 -5.57 -24.29
C THR C 289 9.27 -6.54 -23.06
N SER C 290 10.40 -7.12 -22.68
CA SER C 290 10.53 -8.06 -21.63
C SER C 290 12.00 -8.09 -21.22
N ASN C 291 12.38 -8.87 -20.10
CA ASN C 291 13.80 -9.07 -19.64
C ASN C 291 13.68 -10.55 -19.51
N PHE C 292 14.51 -11.31 -20.26
CA PHE C 292 14.41 -12.70 -20.20
C PHE C 292 15.16 -13.35 -19.02
N ARG C 293 14.76 -14.59 -18.57
CA ARG C 293 15.50 -15.24 -17.57
C ARG C 293 15.37 -16.71 -17.86
N VAL C 294 16.51 -17.45 -17.77
CA VAL C 294 16.68 -18.89 -17.97
C VAL C 294 16.03 -19.67 -16.82
N GLN C 295 15.13 -20.70 -17.19
CA GLN C 295 14.42 -21.45 -16.09
C GLN C 295 15.13 -22.79 -15.78
N PRO C 296 15.13 -23.37 -14.61
CA PRO C 296 15.63 -24.71 -14.34
C PRO C 296 14.77 -25.81 -14.92
N THR C 297 15.41 -26.97 -15.18
CA THR C 297 14.83 -28.14 -15.77
C THR C 297 14.85 -29.27 -14.86
N GLU C 298 15.68 -29.10 -13.84
CA GLU C 298 15.98 -30.15 -12.89
C GLU C 298 16.46 -29.52 -11.63
N SER C 299 16.41 -30.33 -10.57
CA SER C 299 16.98 -29.97 -9.25
C SER C 299 18.16 -30.90 -9.05
N ILE C 300 19.04 -30.43 -8.15
CA ILE C 300 20.11 -31.23 -7.66
C ILE C 300 19.68 -32.28 -6.64
N VAL C 301 20.06 -33.54 -6.92
CA VAL C 301 19.65 -34.60 -6.08
C VAL C 301 20.76 -35.18 -5.20
N ARG C 302 20.43 -35.42 -3.87
CA ARG C 302 21.34 -35.82 -2.78
C ARG C 302 20.86 -37.14 -2.29
N PHE C 303 21.80 -37.81 -1.62
CA PHE C 303 21.61 -39.08 -1.09
C PHE C 303 22.72 -39.17 -0.07
N PRO C 304 22.50 -39.76 1.10
CA PRO C 304 23.51 -39.92 2.14
C PRO C 304 24.46 -40.96 1.69
N ASN C 305 25.50 -41.14 2.49
CA ASN C 305 26.60 -42.03 2.32
C ASN C 305 26.30 -43.38 2.92
N ILE C 306 25.08 -43.62 3.50
CA ILE C 306 24.78 -44.91 4.10
C ILE C 306 23.34 -44.99 3.78
N THR C 307 22.87 -46.29 3.57
CA THR C 307 21.52 -46.64 3.16
C THR C 307 20.47 -46.90 4.24
N ASN C 308 20.91 -46.79 5.55
CA ASN C 308 20.03 -47.01 6.68
C ASN C 308 18.85 -46.05 6.75
N LEU C 309 17.62 -46.55 6.97
CA LEU C 309 16.45 -45.75 7.06
C LEU C 309 16.52 -44.99 8.35
N CYS C 310 16.23 -43.66 8.39
CA CYS C 310 16.32 -42.84 9.62
C CYS C 310 15.36 -43.38 10.62
N PRO C 311 15.82 -43.57 11.91
CA PRO C 311 15.06 -44.24 12.93
C PRO C 311 14.15 -43.15 13.51
N PHE C 312 13.01 -43.07 12.80
CA PHE C 312 11.84 -42.33 13.11
C PHE C 312 10.81 -43.24 13.76
N GLY C 313 11.22 -44.48 14.14
CA GLY C 313 10.38 -45.59 14.67
C GLY C 313 9.47 -45.35 15.75
N GLU C 314 10.01 -44.89 16.90
CA GLU C 314 9.19 -44.67 18.10
C GLU C 314 8.13 -43.68 18.03
N VAL C 315 8.42 -42.59 17.25
CA VAL C 315 7.46 -41.53 17.00
C VAL C 315 6.41 -42.06 16.04
N PHE C 316 6.73 -42.69 14.97
CA PHE C 316 5.80 -43.33 14.07
C PHE C 316 4.84 -44.32 14.71
N ASN C 317 5.28 -45.19 15.61
CA ASN C 317 4.47 -46.22 16.21
C ASN C 317 3.65 -45.64 17.34
N ALA C 318 3.65 -44.29 17.48
CA ALA C 318 2.88 -43.44 18.32
C ALA C 318 3.12 -43.72 19.79
N THR C 319 4.39 -43.83 20.12
CA THR C 319 4.76 -44.07 21.49
C THR C 319 5.63 -42.91 22.06
N ARG C 320 5.57 -42.88 23.40
CA ARG C 320 6.39 -42.10 24.28
C ARG C 320 6.18 -40.62 23.97
N PHE C 321 4.89 -40.23 23.83
CA PHE C 321 4.42 -38.88 23.72
C PHE C 321 4.02 -38.43 25.04
N ALA C 322 4.81 -37.51 25.60
CA ALA C 322 4.55 -37.11 27.00
C ALA C 322 5.13 -35.67 27.30
N SER C 323 4.65 -35.05 28.38
CA SER C 323 5.16 -33.79 28.89
C SER C 323 5.03 -32.76 27.73
N VAL C 324 5.78 -31.61 27.85
CA VAL C 324 5.97 -30.72 26.66
C VAL C 324 7.36 -30.17 26.58
N TYR C 325 8.20 -30.57 27.46
CA TYR C 325 9.56 -30.15 27.55
C TYR C 325 10.24 -31.44 27.79
N ALA C 326 9.71 -32.32 28.65
CA ALA C 326 10.30 -33.59 29.03
C ALA C 326 10.01 -34.65 27.94
N TRP C 327 10.57 -34.34 26.71
CA TRP C 327 10.37 -34.97 25.45
C TRP C 327 11.05 -36.31 25.39
N ASN C 328 10.55 -37.17 24.55
CA ASN C 328 11.16 -38.33 23.96
C ASN C 328 11.87 -37.81 22.70
N ARG C 329 13.22 -37.76 22.76
CA ARG C 329 13.99 -37.04 21.70
C ARG C 329 14.85 -38.12 21.21
N LYS C 330 14.85 -38.35 19.89
CA LYS C 330 15.86 -39.22 19.30
C LYS C 330 16.57 -38.29 18.37
N ARG C 331 17.96 -38.50 18.28
CA ARG C 331 18.81 -37.87 17.36
C ARG C 331 18.92 -38.75 16.23
N ILE C 332 18.54 -38.12 15.05
CA ILE C 332 18.59 -38.75 13.80
C ILE C 332 19.72 -38.22 12.98
N SER C 333 20.67 -39.07 12.53
CA SER C 333 21.81 -38.61 11.76
C SER C 333 22.21 -39.82 11.03
N ASN C 334 23.07 -39.54 9.91
CA ASN C 334 23.69 -40.48 9.01
C ASN C 334 22.77 -41.55 8.52
N CYS C 335 21.74 -41.17 7.73
CA CYS C 335 20.71 -42.13 7.37
C CYS C 335 19.91 -41.45 6.29
N VAL C 336 19.02 -42.25 5.66
CA VAL C 336 18.14 -41.92 4.54
C VAL C 336 16.86 -41.35 5.21
N ALA C 337 16.44 -40.11 4.80
CA ALA C 337 15.24 -39.53 5.35
C ALA C 337 13.96 -40.25 4.88
N ASP C 338 12.79 -40.06 5.53
CA ASP C 338 11.56 -40.68 5.18
C ASP C 338 10.60 -39.50 5.05
N TYR C 339 10.99 -38.36 4.44
CA TYR C 339 10.04 -37.19 4.44
C TYR C 339 9.33 -37.08 3.10
N SER C 340 9.58 -37.93 2.16
CA SER C 340 8.81 -37.88 0.88
C SER C 340 7.38 -38.11 1.18
N VAL C 341 7.09 -39.13 1.99
CA VAL C 341 5.79 -39.62 2.34
C VAL C 341 5.13 -38.65 3.33
N LEU C 342 5.91 -37.89 4.12
CA LEU C 342 5.48 -36.86 5.06
C LEU C 342 4.71 -35.76 4.33
N TYR C 343 5.33 -35.10 3.31
CA TYR C 343 4.74 -34.09 2.46
C TYR C 343 3.60 -34.64 1.65
N ASN C 344 3.78 -35.93 1.22
CA ASN C 344 2.70 -36.63 0.43
C ASN C 344 1.55 -37.11 1.19
N SER C 345 1.66 -37.23 2.55
CA SER C 345 0.53 -37.62 3.38
C SER C 345 -0.42 -36.56 3.26
N ALA C 346 0.00 -35.32 2.91
CA ALA C 346 -0.98 -34.27 2.75
C ALA C 346 -2.10 -34.20 3.77
N SER C 347 -1.70 -34.06 5.02
CA SER C 347 -2.58 -34.13 6.20
C SER C 347 -2.06 -33.14 7.21
N PHE C 348 -2.49 -33.27 8.53
CA PHE C 348 -2.12 -32.52 9.70
C PHE C 348 -2.86 -31.24 9.91
N SER C 349 -3.22 -30.96 11.19
CA SER C 349 -3.82 -29.68 11.58
C SER C 349 -2.84 -28.56 11.46
N THR C 350 -1.57 -28.80 11.80
CA THR C 350 -0.48 -27.81 11.69
C THR C 350 0.56 -28.55 10.91
N PHE C 351 1.12 -27.89 9.91
CA PHE C 351 2.27 -28.41 9.18
C PHE C 351 3.19 -27.28 8.96
N LYS C 352 3.62 -26.66 10.06
CA LYS C 352 4.23 -25.36 10.03
C LYS C 352 5.69 -25.52 10.06
N CYS C 353 6.33 -25.26 8.88
CA CYS C 353 7.76 -25.42 8.60
C CYS C 353 8.37 -24.01 8.47
N TYR C 354 9.61 -23.87 8.89
CA TYR C 354 10.37 -22.65 8.60
C TYR C 354 11.77 -23.18 8.37
N GLY C 355 12.44 -22.67 7.37
CA GLY C 355 13.87 -23.03 7.04
C GLY C 355 14.15 -24.23 6.22
N VAL C 356 13.15 -25.04 6.02
CA VAL C 356 13.21 -26.29 5.25
C VAL C 356 12.09 -26.17 4.30
N SER C 357 12.03 -27.07 3.21
CA SER C 357 11.14 -26.80 2.15
C SER C 357 10.19 -27.94 1.84
N PRO C 358 8.89 -27.99 2.27
CA PRO C 358 7.92 -28.99 1.90
C PRO C 358 7.75 -29.22 0.46
N THR C 359 7.61 -30.50 0.12
CA THR C 359 7.44 -30.93 -1.28
C THR C 359 8.68 -30.76 -2.06
N LYS C 360 9.72 -30.34 -1.32
CA LYS C 360 11.09 -30.23 -1.83
C LYS C 360 11.96 -30.79 -0.78
N LEU C 361 11.48 -31.59 0.20
CA LEU C 361 12.29 -32.05 1.31
C LEU C 361 13.18 -33.18 0.88
N ASN C 362 12.92 -33.86 -0.30
CA ASN C 362 13.66 -34.96 -0.79
C ASN C 362 15.07 -34.67 -1.16
N ASP C 363 15.40 -33.50 -1.56
CA ASP C 363 16.75 -33.16 -1.90
C ASP C 363 17.28 -32.36 -0.70
N LEU C 364 16.53 -32.27 0.45
CA LEU C 364 16.98 -31.21 1.44
C LEU C 364 17.64 -32.01 2.56
N CYS C 365 18.96 -31.74 2.73
CA CYS C 365 19.84 -32.54 3.62
C CYS C 365 19.83 -31.71 4.83
N PHE C 366 20.00 -32.43 5.96
CA PHE C 366 20.00 -31.95 7.33
C PHE C 366 21.30 -32.34 7.97
N THR C 367 21.79 -31.50 8.89
CA THR C 367 23.00 -31.86 9.63
C THR C 367 22.57 -32.61 10.84
N ASN C 368 21.46 -32.21 11.56
CA ASN C 368 20.96 -32.99 12.71
C ASN C 368 19.45 -32.85 12.63
N VAL C 369 18.80 -33.98 12.88
CA VAL C 369 17.33 -34.03 12.94
C VAL C 369 17.07 -34.56 14.24
N TYR C 370 16.12 -33.96 14.97
CA TYR C 370 15.67 -34.43 16.23
C TYR C 370 14.23 -34.55 16.06
N ALA C 371 13.66 -35.64 16.60
CA ALA C 371 12.23 -35.83 16.59
C ALA C 371 11.89 -35.81 17.96
N ASP C 372 10.98 -34.84 18.35
CA ASP C 372 10.58 -34.61 19.72
C ASP C 372 9.11 -34.88 19.67
N SER C 373 8.65 -35.86 20.52
CA SER C 373 7.25 -36.22 20.59
C SER C 373 6.70 -35.93 22.02
N PHE C 374 5.43 -35.32 22.04
CA PHE C 374 4.70 -34.88 23.23
C PHE C 374 3.22 -34.69 23.07
N VAL C 375 2.45 -34.56 24.24
CA VAL C 375 1.02 -34.35 24.15
C VAL C 375 0.83 -33.10 24.87
N ILE C 376 0.08 -32.17 24.22
CA ILE C 376 -0.32 -30.94 24.84
C ILE C 376 -1.79 -30.73 24.54
N ARG C 377 -2.45 -29.83 25.18
CA ARG C 377 -3.86 -29.64 25.00
C ARG C 377 -4.19 -28.74 23.85
N GLY C 378 -5.49 -28.75 23.33
CA GLY C 378 -5.93 -27.86 22.28
C GLY C 378 -5.50 -26.43 22.38
N ASP C 379 -5.78 -25.87 23.53
CA ASP C 379 -5.38 -24.51 23.78
C ASP C 379 -3.84 -24.28 23.71
N GLU C 380 -3.07 -25.33 24.01
CA GLU C 380 -1.57 -25.11 23.86
C GLU C 380 -1.09 -25.22 22.51
N VAL C 381 -1.79 -26.10 21.75
CA VAL C 381 -1.47 -26.24 20.33
C VAL C 381 -1.72 -24.93 19.63
N ARG C 382 -2.88 -24.21 19.94
CA ARG C 382 -3.27 -22.88 19.40
C ARG C 382 -2.12 -21.85 19.51
N GLN C 383 -1.42 -21.91 20.65
CA GLN C 383 -0.43 -20.98 21.13
C GLN C 383 0.98 -21.28 20.75
N ILE C 384 1.24 -22.35 19.90
CA ILE C 384 2.55 -22.73 19.43
C ILE C 384 3.25 -21.63 18.64
N ALA C 385 2.52 -20.96 17.72
CA ALA C 385 3.05 -19.86 16.94
C ALA C 385 3.42 -18.65 17.91
N PRO C 386 4.42 -17.81 17.57
CA PRO C 386 4.82 -16.66 18.28
C PRO C 386 3.94 -15.47 18.28
N GLY C 387 4.09 -14.62 19.31
CA GLY C 387 3.31 -13.42 19.55
C GLY C 387 2.05 -13.69 20.35
N GLN C 388 2.29 -14.43 21.45
CA GLN C 388 1.22 -14.73 22.32
C GLN C 388 1.12 -13.65 23.41
N THR C 389 0.00 -13.77 24.17
CA THR C 389 -0.43 -12.90 25.22
C THR C 389 0.53 -13.27 26.38
N GLY C 390 1.19 -12.25 26.97
CA GLY C 390 1.97 -12.35 28.19
C GLY C 390 3.26 -12.89 27.90
N LYS C 391 4.22 -12.70 28.86
CA LYS C 391 5.57 -13.21 28.82
C LYS C 391 5.44 -14.52 29.55
N ILE C 392 4.21 -14.91 29.97
CA ILE C 392 4.03 -16.14 30.67
C ILE C 392 3.63 -17.20 29.60
N ALA C 393 3.35 -16.76 28.31
CA ALA C 393 3.05 -17.66 27.22
C ALA C 393 4.28 -18.19 26.57
N ASP C 394 5.32 -17.29 26.61
CA ASP C 394 6.59 -17.52 26.05
C ASP C 394 7.22 -18.78 26.64
N TYR C 395 6.93 -19.06 27.98
CA TYR C 395 7.60 -20.17 28.64
C TYR C 395 6.64 -21.28 28.86
N ASN C 396 5.35 -21.08 28.40
CA ASN C 396 4.38 -22.17 28.42
C ASN C 396 4.71 -23.11 27.28
N TYR C 397 4.76 -22.67 26.01
CA TYR C 397 5.26 -23.37 24.91
C TYR C 397 5.10 -22.31 23.81
N LYS C 398 6.17 -22.17 23.02
CA LYS C 398 6.26 -21.39 21.88
C LYS C 398 7.30 -21.94 21.00
N LEU C 399 7.01 -22.00 19.72
CA LEU C 399 8.00 -22.35 18.74
C LEU C 399 8.12 -21.19 17.84
N PRO C 400 9.15 -20.32 17.98
CA PRO C 400 9.26 -19.13 17.15
C PRO C 400 9.33 -19.44 15.63
N ASP C 401 9.04 -18.41 14.81
CA ASP C 401 9.14 -18.39 13.36
C ASP C 401 10.55 -18.33 12.99
N ASP C 402 11.48 -18.15 13.99
CA ASP C 402 12.95 -18.10 13.78
C ASP C 402 13.58 -19.44 13.93
N PHE C 403 12.83 -20.28 14.59
CA PHE C 403 13.17 -21.63 15.04
C PHE C 403 12.96 -22.37 13.69
N THR C 404 14.00 -23.21 13.33
CA THR C 404 13.95 -24.03 12.11
C THR C 404 13.44 -25.40 12.39
N GLY C 405 12.38 -25.90 11.63
CA GLY C 405 11.83 -27.15 11.96
C GLY C 405 10.42 -27.17 11.32
N CYS C 406 9.72 -28.25 11.56
CA CYS C 406 8.34 -28.43 11.10
C CYS C 406 7.60 -28.86 12.33
N VAL C 407 6.41 -28.28 12.54
CA VAL C 407 5.42 -28.54 13.61
C VAL C 407 4.42 -29.38 12.98
N ILE C 408 4.32 -30.67 13.51
CA ILE C 408 3.40 -31.60 12.91
C ILE C 408 2.39 -31.81 13.98
N ALA C 409 1.14 -31.43 13.76
CA ALA C 409 0.14 -31.62 14.79
C ALA C 409 -1.11 -32.09 14.09
N TRP C 410 -1.90 -33.10 14.60
CA TRP C 410 -3.08 -33.62 14.10
C TRP C 410 -3.81 -34.18 15.21
N ASN C 411 -4.98 -34.61 14.89
CA ASN C 411 -6.08 -34.74 15.74
C ASN C 411 -6.07 -36.05 16.54
N SER C 412 -4.98 -36.91 16.51
CA SER C 412 -4.80 -38.16 17.20
C SER C 412 -4.76 -37.90 18.74
N ASN C 413 -5.32 -38.85 19.55
CA ASN C 413 -5.43 -38.63 20.98
C ASN C 413 -4.81 -39.71 21.80
N ASN C 414 -3.81 -40.52 21.15
CA ASN C 414 -3.10 -41.60 21.83
C ASN C 414 -2.30 -41.07 22.96
N LEU C 415 -2.31 -41.82 24.09
CA LEU C 415 -1.56 -41.48 25.25
C LEU C 415 -2.05 -40.26 25.98
N ASP C 416 -2.43 -40.43 27.29
CA ASP C 416 -3.11 -39.27 27.94
C ASP C 416 -2.29 -38.90 29.22
N SER C 417 -1.80 -39.91 29.95
CA SER C 417 -1.21 -39.64 31.18
C SER C 417 0.17 -39.08 31.00
N LYS C 418 0.76 -38.59 32.15
CA LYS C 418 2.08 -38.04 32.24
C LYS C 418 2.25 -36.85 31.34
N VAL C 419 1.29 -35.86 31.42
CA VAL C 419 1.58 -34.64 30.71
C VAL C 419 1.82 -33.54 31.71
N GLY C 420 2.14 -33.95 32.96
CA GLY C 420 2.39 -33.02 34.03
C GLY C 420 2.73 -33.93 35.17
N GLY C 421 2.55 -35.29 35.05
CA GLY C 421 2.82 -36.21 36.06
C GLY C 421 4.29 -36.43 36.25
N ASN C 422 5.02 -36.12 35.18
CA ASN C 422 6.43 -36.29 35.06
C ASN C 422 7.13 -35.34 35.94
N TYR C 423 8.29 -35.77 36.48
CA TYR C 423 9.20 -35.17 37.44
C TYR C 423 10.37 -34.60 36.71
N ASN C 424 10.54 -34.87 35.43
CA ASN C 424 11.56 -34.29 34.61
C ASN C 424 11.05 -33.13 33.83
N TYR C 425 9.79 -32.67 34.19
CA TYR C 425 9.03 -31.69 33.45
C TYR C 425 8.91 -30.58 34.43
N LEU C 426 9.71 -29.55 34.26
CA LEU C 426 9.82 -28.31 35.07
C LEU C 426 10.44 -27.24 34.16
N TYR C 427 10.14 -26.00 34.33
CA TYR C 427 10.80 -24.91 33.67
C TYR C 427 10.66 -23.67 34.49
N ARG C 428 11.46 -22.66 34.02
CA ARG C 428 11.68 -21.37 34.56
C ARG C 428 10.93 -20.37 33.86
N LEU C 429 10.46 -19.31 34.53
CA LEU C 429 9.83 -18.14 33.92
C LEU C 429 10.80 -17.00 33.68
N PHE C 430 11.65 -16.76 34.70
CA PHE C 430 12.70 -15.73 34.75
C PHE C 430 13.84 -16.46 35.17
N ARG C 431 15.01 -15.86 34.76
CA ARG C 431 16.29 -16.26 35.14
C ARG C 431 17.07 -14.99 34.84
N LYS C 432 18.11 -14.71 35.66
CA LYS C 432 18.88 -13.56 35.67
C LYS C 432 19.85 -13.57 34.50
N SER C 433 19.88 -14.63 33.75
CA SER C 433 20.66 -14.88 32.60
C SER C 433 19.81 -15.20 31.40
N ASN C 434 18.45 -14.84 31.61
CA ASN C 434 17.38 -14.94 30.66
C ASN C 434 17.36 -16.30 29.94
N LEU C 435 16.81 -17.35 30.69
CA LEU C 435 16.59 -18.67 30.15
C LEU C 435 15.69 -18.46 29.03
N LYS C 436 15.95 -19.22 27.89
CA LYS C 436 15.17 -19.27 26.62
C LYS C 436 14.66 -20.72 26.52
N PRO C 437 13.48 -20.93 25.83
CA PRO C 437 12.78 -22.17 25.62
C PRO C 437 13.56 -23.43 25.26
N PHE C 438 13.09 -24.62 25.62
CA PHE C 438 13.74 -25.98 25.39
C PHE C 438 14.88 -26.12 26.37
N GLU C 439 14.72 -25.44 27.56
CA GLU C 439 15.69 -25.47 28.54
C GLU C 439 15.12 -25.64 29.87
N ARG C 440 15.70 -26.48 30.76
CA ARG C 440 15.10 -26.72 32.10
C ARG C 440 16.29 -26.62 33.04
N ASP C 441 16.01 -26.19 34.31
CA ASP C 441 17.04 -26.34 35.32
C ASP C 441 16.39 -26.33 36.73
N ILE C 442 17.23 -26.55 37.72
CA ILE C 442 16.85 -26.63 39.14
C ILE C 442 17.71 -25.56 39.67
N SER C 443 17.13 -24.64 40.50
CA SER C 443 17.89 -23.45 40.96
C SER C 443 17.66 -23.31 42.43
N THR C 444 18.68 -22.70 43.11
CA THR C 444 18.67 -22.34 44.52
C THR C 444 18.34 -20.89 44.59
N GLU C 445 18.43 -20.15 43.41
CA GLU C 445 18.41 -18.72 43.44
C GLU C 445 17.20 -18.33 42.69
N ILE C 446 16.45 -17.31 43.21
CA ILE C 446 15.22 -16.77 42.77
C ILE C 446 15.46 -15.50 41.96
N TYR C 447 14.85 -15.35 40.76
CA TYR C 447 14.79 -14.03 40.09
C TYR C 447 13.66 -13.30 40.79
N GLN C 448 14.04 -12.21 41.50
CA GLN C 448 13.12 -11.50 42.30
C GLN C 448 13.47 -10.04 41.92
N ALA C 449 12.40 -9.33 41.43
CA ALA C 449 12.51 -7.96 41.05
C ALA C 449 11.27 -7.20 41.59
N GLY C 450 10.06 -7.84 41.45
CA GLY C 450 8.74 -7.27 41.80
C GLY C 450 8.36 -6.26 40.69
N SER C 451 7.06 -6.18 40.33
CA SER C 451 6.40 -4.99 39.90
C SER C 451 6.16 -4.04 41.09
N THR C 452 6.20 -4.47 42.33
CA THR C 452 6.25 -3.68 43.53
C THR C 452 7.42 -4.37 44.26
N PRO C 453 8.35 -3.54 44.77
CA PRO C 453 9.51 -4.04 45.39
C PRO C 453 9.15 -5.12 46.42
N CYS C 454 9.86 -6.31 46.45
CA CYS C 454 9.59 -7.49 47.21
C CYS C 454 10.15 -7.33 48.59
N ASN C 455 9.55 -8.03 49.60
CA ASN C 455 9.81 -8.22 50.95
C ASN C 455 9.04 -7.10 51.64
N GLY C 456 8.16 -7.47 52.60
CA GLY C 456 7.31 -6.63 53.30
C GLY C 456 6.09 -6.35 52.53
N VAL C 457 6.26 -5.84 51.27
CA VAL C 457 5.33 -5.62 50.24
C VAL C 457 5.85 -6.39 49.12
N GLU C 458 4.91 -7.15 48.40
CA GLU C 458 5.34 -7.95 47.31
C GLU C 458 4.37 -7.75 46.24
N GLY C 459 4.87 -7.44 44.99
CA GLY C 459 4.05 -7.40 43.79
C GLY C 459 4.27 -8.66 42.97
N PHE C 460 4.17 -8.54 41.61
CA PHE C 460 4.32 -9.63 40.63
C PHE C 460 5.79 -9.70 40.27
N ASN C 461 6.24 -10.95 39.89
CA ASN C 461 7.62 -11.26 39.63
C ASN C 461 8.45 -11.17 40.90
N CYS C 462 7.80 -11.54 42.03
CA CYS C 462 8.41 -11.86 43.34
C CYS C 462 8.47 -13.39 43.63
N TYR C 463 8.03 -14.10 42.61
CA TYR C 463 7.81 -15.51 42.66
C TYR C 463 9.16 -16.13 42.59
N PHE C 464 9.17 -17.36 43.08
CA PHE C 464 10.15 -18.36 42.75
C PHE C 464 9.69 -18.91 41.40
N PRO C 465 10.26 -18.57 40.22
CA PRO C 465 9.68 -18.81 38.94
C PRO C 465 9.84 -20.33 38.57
N LEU C 466 9.12 -21.24 39.28
CA LEU C 466 9.19 -22.69 38.96
C LEU C 466 7.86 -23.18 38.52
N GLN C 467 7.74 -23.61 37.23
CA GLN C 467 6.50 -23.98 36.67
C GLN C 467 6.58 -25.31 36.00
N SER C 468 5.33 -25.84 35.85
CA SER C 468 4.90 -26.98 35.05
C SER C 468 3.42 -26.89 35.11
N TYR C 469 2.82 -27.20 33.95
CA TYR C 469 1.36 -27.27 33.84
C TYR C 469 1.08 -28.48 33.06
N GLY C 470 0.09 -29.25 33.58
CA GLY C 470 -0.52 -30.43 32.89
C GLY C 470 -1.96 -30.08 32.66
N PHE C 471 -2.81 -31.11 32.34
CA PHE C 471 -4.18 -30.78 32.14
C PHE C 471 -4.92 -32.06 32.30
N GLN C 472 -6.24 -31.89 32.50
CA GLN C 472 -7.21 -32.99 32.68
C GLN C 472 -8.41 -32.68 31.72
N PRO C 473 -8.58 -33.49 30.61
CA PRO C 473 -9.52 -33.11 29.58
C PRO C 473 -10.89 -33.33 30.11
N THR C 474 -11.89 -32.67 29.51
CA THR C 474 -13.31 -32.74 29.68
C THR C 474 -13.63 -32.46 31.09
N ASN C 475 -12.86 -31.53 31.66
CA ASN C 475 -13.16 -30.95 32.94
C ASN C 475 -13.28 -29.50 32.68
N GLY C 476 -13.48 -29.11 31.43
CA GLY C 476 -13.55 -27.75 30.99
C GLY C 476 -13.41 -27.97 29.53
N VAL C 477 -13.21 -26.86 28.86
CA VAL C 477 -13.09 -26.86 27.40
C VAL C 477 -11.80 -26.33 26.91
N GLY C 478 -11.20 -27.11 25.92
CA GLY C 478 -9.95 -26.67 25.33
C GLY C 478 -8.78 -27.45 26.02
N TYR C 479 -9.12 -28.52 26.79
CA TYR C 479 -8.21 -29.25 27.50
C TYR C 479 -8.09 -30.60 26.90
N GLN C 480 -8.56 -30.81 25.66
CA GLN C 480 -8.49 -32.03 24.90
C GLN C 480 -7.00 -32.25 24.45
N PRO C 481 -6.42 -33.40 24.60
CA PRO C 481 -5.07 -33.69 24.20
C PRO C 481 -4.98 -33.79 22.73
N TYR C 482 -3.81 -33.44 22.16
CA TYR C 482 -3.56 -33.73 20.82
C TYR C 482 -2.16 -34.15 20.72
N ARG C 483 -1.77 -35.03 19.82
CA ARG C 483 -0.35 -35.33 19.62
C ARG C 483 0.31 -34.39 18.72
N VAL C 484 1.56 -33.97 19.10
CA VAL C 484 2.34 -33.08 18.34
C VAL C 484 3.76 -33.67 18.27
N VAL C 485 4.32 -33.56 17.07
CA VAL C 485 5.70 -33.97 16.83
C VAL C 485 6.33 -32.79 16.31
N VAL C 486 7.57 -32.49 16.81
CA VAL C 486 8.35 -31.40 16.21
C VAL C 486 9.63 -31.99 15.63
N LEU C 487 9.89 -31.61 14.40
CA LEU C 487 11.06 -32.08 13.75
C LEU C 487 11.90 -30.85 13.72
N SER C 488 12.94 -30.89 14.56
CA SER C 488 13.83 -29.77 14.77
C SER C 488 14.96 -30.02 13.74
N PHE C 489 15.15 -29.04 12.82
CA PHE C 489 16.06 -29.18 11.72
C PHE C 489 17.09 -28.16 11.88
N GLU C 490 18.37 -28.62 11.98
CA GLU C 490 19.55 -27.90 12.07
C GLU C 490 20.26 -27.94 10.76
N LEU C 491 20.32 -26.77 10.06
CA LEU C 491 20.97 -26.59 8.73
C LEU C 491 22.11 -25.64 9.02
N LEU C 492 23.37 -26.11 9.05
CA LEU C 492 24.50 -25.21 9.34
C LEU C 492 25.73 -25.80 8.78
N HIS C 493 26.91 -25.10 8.97
CA HIS C 493 28.24 -25.51 8.58
C HIS C 493 28.59 -26.83 9.12
N ALA C 494 29.55 -27.51 8.43
CA ALA C 494 29.93 -28.87 8.66
C ALA C 494 29.19 -29.81 7.81
N PRO C 495 29.62 -31.05 7.40
CA PRO C 495 28.76 -31.90 6.47
C PRO C 495 27.32 -32.29 6.95
N ALA C 496 26.35 -32.30 6.02
CA ALA C 496 24.99 -32.82 6.30
C ALA C 496 25.10 -34.32 6.16
N THR C 497 24.35 -35.07 6.93
CA THR C 497 24.48 -36.55 7.10
C THR C 497 23.08 -37.17 6.74
N VAL C 498 22.00 -36.39 6.64
CA VAL C 498 20.68 -36.95 6.37
C VAL C 498 20.24 -36.29 5.10
N CYS C 499 19.88 -37.06 4.05
CA CYS C 499 19.35 -36.61 2.82
C CYS C 499 18.31 -37.65 2.55
N GLY C 500 17.51 -37.48 1.47
CA GLY C 500 16.42 -38.32 1.01
C GLY C 500 16.79 -39.59 0.21
N PRO C 501 15.84 -40.45 -0.06
CA PRO C 501 16.06 -41.69 -0.76
C PRO C 501 16.06 -41.42 -2.22
N LYS C 502 17.08 -40.59 -2.71
CA LYS C 502 16.96 -40.20 -4.06
C LYS C 502 18.24 -40.69 -4.71
N LYS C 503 18.25 -40.55 -6.02
CA LYS C 503 19.44 -41.01 -6.72
C LYS C 503 20.57 -40.02 -6.60
N SER C 504 21.71 -40.65 -6.19
CA SER C 504 22.91 -39.93 -6.02
C SER C 504 23.37 -39.40 -7.40
N THR C 505 23.88 -38.15 -7.30
CA THR C 505 24.57 -37.42 -8.36
C THR C 505 25.44 -36.49 -7.51
N ASN C 506 26.53 -35.92 -8.16
CA ASN C 506 27.40 -35.01 -7.43
C ASN C 506 26.96 -33.59 -7.40
N LEU C 507 26.77 -33.15 -8.63
CA LEU C 507 26.25 -31.83 -9.02
C LEU C 507 25.99 -31.80 -10.48
N VAL C 508 25.32 -30.77 -10.94
CA VAL C 508 25.14 -30.41 -12.36
C VAL C 508 25.84 -29.10 -12.42
N LYS C 509 26.68 -28.89 -13.50
CA LYS C 509 27.48 -27.71 -13.65
C LYS C 509 27.10 -26.86 -14.88
N ASN C 510 27.18 -25.55 -14.64
CA ASN C 510 27.03 -24.56 -15.64
C ASN C 510 25.74 -24.76 -16.31
N LYS C 511 24.68 -24.90 -15.47
CA LYS C 511 23.39 -25.05 -16.00
C LYS C 511 22.45 -24.37 -14.97
N CYS C 512 21.41 -23.70 -15.38
CA CYS C 512 20.44 -23.26 -14.46
C CYS C 512 19.58 -24.50 -13.99
N VAL C 513 19.74 -24.77 -12.65
CA VAL C 513 19.15 -25.91 -11.95
C VAL C 513 18.64 -25.22 -10.64
N ASN C 514 17.82 -25.94 -9.82
CA ASN C 514 17.36 -25.65 -8.49
C ASN C 514 18.47 -26.34 -7.71
N PHE C 515 19.32 -25.71 -6.94
CA PHE C 515 20.45 -26.33 -6.30
C PHE C 515 19.97 -26.66 -4.97
N ASN C 516 20.55 -27.58 -4.21
CA ASN C 516 20.19 -27.93 -2.96
C ASN C 516 21.42 -28.60 -2.41
N PHE C 517 22.22 -27.88 -1.58
CA PHE C 517 23.43 -28.37 -1.00
C PHE C 517 23.33 -27.93 0.43
N ASN C 518 23.58 -28.80 1.40
CA ASN C 518 23.59 -28.67 2.85
C ASN C 518 22.26 -28.12 3.33
N GLY C 519 21.21 -28.38 2.59
CA GLY C 519 19.81 -27.96 2.91
C GLY C 519 19.45 -26.57 2.46
N LEU C 520 20.41 -25.85 1.79
CA LEU C 520 20.20 -24.52 1.32
C LEU C 520 19.76 -24.66 -0.06
N THR C 521 18.66 -23.93 -0.44
CA THR C 521 18.12 -24.14 -1.73
C THR C 521 18.06 -22.75 -2.38
N GLY C 522 17.88 -22.86 -3.72
CA GLY C 522 17.58 -21.68 -4.53
C GLY C 522 17.68 -22.11 -5.99
N THR C 523 17.59 -21.25 -6.93
CA THR C 523 17.60 -21.47 -8.33
C THR C 523 18.94 -20.75 -8.71
N GLY C 524 19.80 -21.43 -9.57
CA GLY C 524 21.03 -20.78 -9.97
C GLY C 524 21.92 -21.65 -10.81
N VAL C 525 23.10 -21.11 -11.19
CA VAL C 525 24.10 -21.77 -12.05
C VAL C 525 25.21 -22.08 -11.13
N LEU C 526 25.70 -23.37 -11.22
CA LEU C 526 26.77 -23.87 -10.34
C LEU C 526 28.10 -24.01 -10.99
N THR C 527 29.09 -23.43 -10.38
CA THR C 527 30.44 -23.45 -10.76
C THR C 527 31.15 -23.66 -9.45
N GLU C 528 32.47 -24.11 -9.52
CA GLU C 528 33.38 -24.28 -8.40
C GLU C 528 33.64 -23.03 -7.67
N SER C 529 33.65 -23.06 -6.29
CA SER C 529 33.89 -21.85 -5.52
C SER C 529 35.32 -21.35 -5.59
N ASN C 530 35.42 -19.99 -5.64
CA ASN C 530 36.53 -19.09 -5.79
C ASN C 530 36.46 -18.03 -4.69
N LYS C 531 36.24 -18.41 -3.38
CA LYS C 531 36.31 -17.37 -2.35
C LYS C 531 36.66 -18.11 -1.16
N LYS C 532 37.13 -17.35 -0.12
CA LYS C 532 37.61 -17.84 1.16
C LYS C 532 36.38 -18.10 2.05
N PHE C 533 36.51 -19.09 2.99
CA PHE C 533 35.53 -19.45 3.97
C PHE C 533 36.26 -19.66 5.35
N LEU C 534 35.48 -19.41 6.39
CA LEU C 534 35.83 -19.74 7.79
C LEU C 534 35.15 -21.04 8.14
N PRO C 535 35.64 -21.81 9.18
CA PRO C 535 35.10 -23.13 9.55
C PRO C 535 33.80 -23.04 10.35
N PHE C 536 33.26 -21.79 10.35
CA PHE C 536 32.02 -21.53 11.05
C PHE C 536 31.22 -21.01 9.96
N GLN C 537 31.79 -20.63 8.79
CA GLN C 537 31.02 -19.94 7.82
C GLN C 537 31.10 -20.64 6.54
N GLN C 538 30.29 -21.66 6.30
CA GLN C 538 30.50 -22.46 5.10
C GLN C 538 29.22 -22.40 4.33
N PHE C 539 28.19 -21.71 4.90
CA PHE C 539 26.90 -21.61 4.22
C PHE C 539 26.48 -20.20 4.04
N GLY C 540 26.33 -19.87 2.73
CA GLY C 540 26.15 -18.58 2.13
C GLY C 540 24.84 -17.88 2.26
N ARG C 541 24.87 -16.65 1.84
CA ARG C 541 23.82 -15.63 1.86
C ARG C 541 24.51 -14.57 1.00
N ASP C 542 23.70 -13.86 0.20
CA ASP C 542 24.28 -12.73 -0.51
C ASP C 542 23.46 -11.44 -0.15
N ILE C 543 23.77 -10.36 -0.79
CA ILE C 543 23.03 -9.10 -0.60
C ILE C 543 21.57 -9.26 -0.98
N ALA C 544 21.23 -10.22 -1.88
CA ALA C 544 19.90 -10.43 -2.34
C ALA C 544 19.17 -11.33 -1.34
N ASP C 545 19.95 -11.77 -0.25
CA ASP C 545 19.61 -12.66 0.84
C ASP C 545 19.29 -14.05 0.33
N THR C 546 20.05 -14.38 -0.78
CA THR C 546 19.90 -15.66 -1.34
C THR C 546 21.29 -16.27 -1.17
N THR C 547 21.42 -17.59 -1.39
CA THR C 547 22.68 -18.21 -1.16
C THR C 547 23.67 -17.88 -2.30
N ASP C 548 24.93 -17.52 -1.91
CA ASP C 548 25.97 -17.17 -2.82
C ASP C 548 26.88 -18.33 -3.04
N ALA C 549 27.00 -19.17 -1.97
CA ALA C 549 27.94 -20.31 -1.96
C ALA C 549 27.50 -21.19 -0.79
N VAL C 550 27.77 -22.45 -0.87
CA VAL C 550 27.49 -23.42 0.24
C VAL C 550 28.31 -24.65 -0.11
N ARG C 551 28.87 -25.21 0.99
CA ARG C 551 29.60 -26.41 0.99
C ARG C 551 28.69 -27.58 0.64
N ASP C 552 29.32 -28.51 -0.17
CA ASP C 552 28.79 -29.85 -0.49
C ASP C 552 28.79 -30.76 0.70
N PRO C 553 27.72 -31.40 1.06
CA PRO C 553 27.55 -32.11 2.33
C PRO C 553 28.29 -33.47 2.26
N GLN C 554 28.76 -33.92 1.09
CA GLN C 554 29.28 -35.22 0.89
C GLN C 554 30.75 -35.16 0.55
N THR C 555 31.23 -34.07 -0.15
CA THR C 555 32.58 -34.02 -0.62
C THR C 555 33.02 -32.84 0.05
N LEU C 556 34.29 -32.47 -0.22
CA LEU C 556 34.92 -31.28 0.37
C LEU C 556 34.72 -30.05 -0.50
N GLU C 557 34.04 -30.29 -1.69
CA GLU C 557 33.83 -29.26 -2.61
C GLU C 557 32.78 -28.19 -2.08
N ILE C 558 33.12 -26.92 -2.36
CA ILE C 558 32.28 -25.79 -2.10
C ILE C 558 32.01 -25.21 -3.44
N LEU C 559 30.70 -24.91 -3.74
CA LEU C 559 30.21 -24.38 -5.00
C LEU C 559 29.77 -22.94 -4.85
N ASP C 560 29.97 -22.08 -5.90
CA ASP C 560 29.36 -20.81 -5.88
C ASP C 560 28.16 -20.96 -6.76
N ILE C 561 27.11 -20.19 -6.40
CA ILE C 561 25.79 -20.03 -7.01
C ILE C 561 25.90 -18.76 -7.67
N THR C 562 25.68 -18.77 -8.97
CA THR C 562 25.65 -17.65 -9.83
C THR C 562 24.21 -17.59 -10.30
N PRO C 563 23.38 -16.64 -9.95
CA PRO C 563 21.98 -16.61 -10.38
C PRO C 563 21.71 -16.69 -11.88
N CYS C 564 20.63 -17.40 -12.38
CA CYS C 564 20.35 -17.65 -13.80
C CYS C 564 20.22 -16.41 -14.70
N SER C 565 20.79 -16.58 -15.94
CA SER C 565 21.14 -15.54 -16.95
C SER C 565 19.92 -14.73 -17.22
N PHE C 566 20.05 -13.42 -17.39
CA PHE C 566 18.97 -12.61 -17.81
C PHE C 566 19.56 -11.38 -18.51
N GLY C 567 18.71 -10.64 -19.22
CA GLY C 567 18.99 -9.47 -19.90
C GLY C 567 17.72 -9.06 -20.54
N GLY C 568 17.77 -7.84 -21.14
CA GLY C 568 16.67 -7.19 -21.78
C GLY C 568 16.39 -7.77 -23.14
N VAL C 569 15.10 -7.66 -23.49
CA VAL C 569 14.73 -8.05 -24.76
C VAL C 569 14.28 -6.80 -25.40
N SER C 570 14.96 -6.35 -26.48
CA SER C 570 14.59 -5.24 -27.23
C SER C 570 14.31 -5.68 -28.60
N VAL C 571 13.09 -5.38 -29.11
CA VAL C 571 12.56 -5.95 -30.33
C VAL C 571 12.77 -4.80 -31.30
N ILE C 572 13.31 -5.19 -32.51
CA ILE C 572 13.57 -4.32 -33.61
C ILE C 572 12.44 -4.60 -34.59
N THR C 573 11.75 -3.54 -34.95
CA THR C 573 10.54 -3.76 -35.84
C THR C 573 10.53 -2.55 -36.80
N PRO C 574 10.16 -2.80 -38.07
CA PRO C 574 9.93 -1.82 -39.09
C PRO C 574 8.64 -1.11 -38.98
N GLY C 575 8.41 -0.21 -39.95
CA GLY C 575 7.13 0.49 -40.04
C GLY C 575 6.20 -0.49 -40.70
N THR C 576 4.99 -0.01 -40.98
CA THR C 576 3.89 -0.79 -41.54
C THR C 576 3.71 -0.55 -43.00
N ASN C 577 4.61 0.32 -43.55
CA ASN C 577 4.63 0.75 -44.93
C ASN C 577 5.55 -0.13 -45.68
N THR C 578 6.13 -1.10 -44.92
CA THR C 578 7.10 -2.06 -45.47
C THR C 578 6.65 -3.47 -45.04
N SER C 579 7.32 -4.60 -45.41
CA SER C 579 6.99 -5.93 -44.96
C SER C 579 7.39 -5.98 -43.52
N ASN C 580 6.87 -7.08 -42.88
CA ASN C 580 7.07 -7.39 -41.53
C ASN C 580 8.47 -8.13 -41.47
N GLN C 581 9.37 -7.49 -40.74
CA GLN C 581 10.69 -7.87 -40.46
C GLN C 581 10.63 -8.03 -38.92
N VAL C 582 11.48 -8.89 -38.29
CA VAL C 582 11.55 -9.12 -36.89
C VAL C 582 13.06 -9.40 -36.68
N ALA C 583 13.65 -8.72 -35.65
CA ALA C 583 14.92 -8.97 -35.11
C ALA C 583 14.84 -8.59 -33.68
N VAL C 584 15.84 -9.14 -32.90
CA VAL C 584 15.84 -8.90 -31.44
C VAL C 584 17.23 -8.67 -31.03
N LEU C 585 17.39 -7.65 -30.12
CA LEU C 585 18.55 -7.32 -29.48
C LEU C 585 18.42 -7.79 -28.04
N TYR C 586 19.39 -8.55 -27.53
CA TYR C 586 19.40 -9.04 -26.15
C TYR C 586 20.42 -8.15 -25.43
N GLN C 587 19.95 -7.22 -24.49
CA GLN C 587 20.73 -6.15 -24.00
C GLN C 587 21.97 -6.66 -23.26
N ASP C 588 23.13 -6.26 -23.86
CA ASP C 588 24.54 -6.60 -23.43
C ASP C 588 24.77 -8.09 -23.14
N VAL C 589 24.35 -8.87 -24.12
CA VAL C 589 24.36 -10.32 -24.13
C VAL C 589 25.28 -10.80 -25.21
N ASN C 590 26.07 -11.84 -24.98
CA ASN C 590 26.97 -12.32 -25.99
C ASN C 590 26.23 -13.14 -27.09
N CYS C 591 26.91 -13.40 -28.15
CA CYS C 591 26.44 -14.22 -29.18
C CYS C 591 27.41 -15.49 -29.08
N THR C 592 27.94 -15.81 -27.88
CA THR C 592 28.66 -17.01 -27.69
C THR C 592 27.69 -18.02 -27.10
N GLU C 593 26.60 -17.49 -26.41
CA GLU C 593 25.49 -18.17 -25.82
C GLU C 593 24.32 -17.41 -26.41
N VAL C 594 24.03 -17.72 -27.69
CA VAL C 594 23.06 -17.12 -28.52
C VAL C 594 21.58 -17.44 -27.99
N PRO C 595 21.12 -18.64 -27.52
CA PRO C 595 19.72 -18.85 -27.03
C PRO C 595 19.27 -18.04 -25.85
N VAL C 596 17.96 -17.77 -25.76
CA VAL C 596 17.31 -17.11 -24.58
C VAL C 596 17.34 -18.00 -23.27
N ALA C 597 16.94 -19.36 -23.40
CA ALA C 597 16.92 -20.31 -22.35
C ALA C 597 18.24 -21.10 -22.39
N ILE C 598 19.33 -20.42 -21.85
CA ILE C 598 20.61 -20.99 -22.06
C ILE C 598 20.61 -22.26 -21.22
N HIS C 599 20.68 -23.44 -21.92
CA HIS C 599 20.63 -24.85 -21.53
C HIS C 599 19.37 -25.25 -20.82
N ALA C 600 18.20 -24.72 -21.32
CA ALA C 600 16.94 -25.05 -20.80
C ALA C 600 16.03 -24.84 -21.89
N ASP C 601 14.77 -25.42 -21.74
CA ASP C 601 13.65 -25.19 -22.52
C ASP C 601 12.65 -24.53 -21.55
N GLN C 602 11.66 -23.73 -22.10
CA GLN C 602 10.70 -23.00 -21.37
C GLN C 602 9.31 -23.33 -21.86
N LEU C 603 9.02 -24.58 -22.08
CA LEU C 603 7.81 -25.09 -22.77
C LEU C 603 7.80 -24.62 -24.20
N THR C 604 8.92 -24.11 -24.69
CA THR C 604 9.05 -23.63 -26.09
C THR C 604 10.49 -23.91 -26.37
N PRO C 605 11.02 -24.15 -27.61
CA PRO C 605 12.41 -24.45 -27.95
C PRO C 605 13.54 -23.55 -27.41
N THR C 606 14.74 -24.11 -27.07
CA THR C 606 15.87 -23.45 -26.36
C THR C 606 16.11 -22.02 -26.75
N TRP C 607 16.06 -21.60 -28.00
CA TRP C 607 16.26 -20.24 -28.40
C TRP C 607 14.92 -19.52 -28.37
N ARG C 608 14.13 -19.78 -29.43
CA ARG C 608 12.81 -19.17 -29.51
C ARG C 608 11.86 -20.13 -30.12
N VAL C 609 11.93 -20.47 -31.49
CA VAL C 609 11.14 -21.55 -32.02
C VAL C 609 12.13 -22.60 -32.58
N TYR C 610 13.40 -22.51 -32.26
CA TYR C 610 14.28 -23.44 -32.76
C TYR C 610 15.38 -23.36 -31.73
N SER C 611 16.46 -24.20 -31.84
CA SER C 611 17.51 -24.35 -30.91
C SER C 611 18.49 -23.23 -30.96
N THR C 612 18.53 -22.44 -32.08
CA THR C 612 19.42 -21.34 -32.44
C THR C 612 18.74 -20.51 -33.41
N GLY C 613 19.15 -19.19 -33.44
CA GLY C 613 18.71 -18.21 -34.46
C GLY C 613 19.55 -18.30 -35.66
N SER C 614 19.26 -17.30 -36.53
CA SER C 614 19.91 -17.20 -37.80
C SER C 614 20.36 -15.75 -37.87
N ASN C 615 21.38 -15.42 -38.73
CA ASN C 615 21.89 -14.07 -38.91
C ASN C 615 22.19 -13.42 -37.57
N VAL C 616 23.23 -13.96 -36.88
CA VAL C 616 23.62 -13.64 -35.58
C VAL C 616 24.81 -12.67 -35.62
N PHE C 617 24.58 -11.46 -35.06
CA PHE C 617 25.51 -10.40 -35.07
C PHE C 617 25.87 -9.94 -33.65
N GLN C 618 27.22 -9.99 -33.25
CA GLN C 618 27.64 -9.44 -32.00
C GLN C 618 27.90 -7.93 -32.10
N THR C 619 27.09 -7.13 -31.42
CA THR C 619 27.17 -5.71 -31.43
C THR C 619 27.71 -5.14 -30.11
N ARG C 620 27.81 -3.77 -30.06
CA ARG C 620 28.22 -3.07 -28.86
C ARG C 620 27.02 -2.90 -28.00
N ALA C 621 25.82 -3.31 -28.45
CA ALA C 621 24.59 -3.02 -27.73
C ALA C 621 24.12 -4.31 -27.15
N GLY C 622 24.61 -5.49 -27.63
CA GLY C 622 24.12 -6.78 -27.28
C GLY C 622 24.22 -7.72 -28.51
N CYS C 623 23.47 -8.83 -28.46
CA CYS C 623 23.51 -9.84 -29.46
C CYS C 623 22.27 -9.53 -30.19
N LEU C 624 22.43 -9.41 -31.49
CA LEU C 624 21.36 -9.04 -32.35
C LEU C 624 21.11 -10.20 -33.24
N ILE C 625 19.83 -10.70 -33.24
CA ILE C 625 19.48 -11.80 -34.05
C ILE C 625 18.65 -11.24 -35.12
N GLY C 626 18.93 -11.64 -36.39
CA GLY C 626 18.24 -11.06 -37.47
C GLY C 626 19.08 -10.04 -38.17
N ALA C 627 20.40 -10.11 -37.91
CA ALA C 627 21.18 -9.08 -38.65
C ALA C 627 22.63 -9.50 -38.73
N GLU C 628 23.28 -8.87 -39.79
CA GLU C 628 24.68 -9.04 -40.10
C GLU C 628 25.21 -7.69 -40.40
N HIS C 629 26.51 -7.53 -40.11
CA HIS C 629 27.30 -6.35 -40.33
C HIS C 629 27.52 -5.97 -41.86
N VAL C 630 27.35 -4.69 -42.20
CA VAL C 630 27.54 -4.21 -43.54
C VAL C 630 28.52 -3.08 -43.34
N ASN C 631 29.31 -2.75 -44.38
CA ASN C 631 30.34 -1.69 -44.37
C ASN C 631 29.74 -0.38 -44.81
N ASN C 632 28.40 -0.34 -45.23
CA ASN C 632 27.73 0.90 -45.61
C ASN C 632 26.90 1.42 -44.51
N SER C 633 26.55 2.66 -44.51
CA SER C 633 25.89 3.21 -43.38
C SER C 633 24.96 4.23 -43.88
N TYR C 634 23.99 4.67 -43.08
CA TYR C 634 23.05 5.72 -43.40
C TYR C 634 23.17 6.48 -42.10
N GLU C 635 22.41 7.55 -41.96
CA GLU C 635 22.47 8.48 -40.87
C GLU C 635 21.53 8.00 -39.83
N CYS C 636 21.10 6.67 -39.92
CA CYS C 636 20.23 6.00 -39.00
C CYS C 636 18.76 5.95 -39.40
N ASP C 637 18.13 4.80 -39.22
CA ASP C 637 16.78 4.55 -39.58
C ASP C 637 16.03 3.94 -38.40
N ILE C 638 16.35 2.66 -38.08
CA ILE C 638 15.80 1.89 -37.02
C ILE C 638 16.93 1.76 -35.98
N PRO C 639 16.93 2.45 -34.82
CA PRO C 639 17.96 2.42 -33.87
C PRO C 639 18.17 1.01 -33.35
N ILE C 640 19.42 0.61 -33.01
CA ILE C 640 19.68 -0.61 -32.27
C ILE C 640 20.10 -0.37 -30.91
N GLY C 641 21.07 0.48 -30.85
CA GLY C 641 21.69 0.98 -29.62
C GLY C 641 23.16 0.89 -29.83
N ALA C 642 23.96 1.60 -29.01
CA ALA C 642 25.43 1.67 -28.98
C ALA C 642 25.97 2.21 -30.26
N GLY C 643 25.22 3.02 -30.99
CA GLY C 643 25.75 3.70 -32.15
C GLY C 643 25.54 2.81 -33.31
N ILE C 644 24.76 1.74 -33.19
CA ILE C 644 24.36 0.79 -34.18
C ILE C 644 22.90 1.13 -34.47
N CYS C 645 22.59 1.12 -35.78
CA CYS C 645 21.24 1.34 -36.30
C CYS C 645 21.12 0.25 -37.37
N ALA C 646 19.89 -0.04 -37.82
CA ALA C 646 19.66 -0.82 -38.96
C ALA C 646 18.68 -0.06 -39.83
N SER C 647 18.41 -0.52 -41.11
CA SER C 647 17.53 0.22 -41.97
C SER C 647 16.74 -0.82 -42.76
N TYR C 648 15.48 -0.53 -43.17
CA TYR C 648 14.73 -1.33 -44.15
C TYR C 648 14.11 -0.40 -45.11
N GLN C 649 14.50 -0.45 -46.41
CA GLN C 649 14.04 0.54 -47.37
C GLN C 649 13.41 -0.24 -48.51
N THR C 650 12.65 -1.34 -48.16
CA THR C 650 12.00 -2.25 -49.10
C THR C 650 13.08 -2.91 -49.91
N GLN C 651 14.04 -3.44 -49.17
CA GLN C 651 15.18 -4.16 -49.65
C GLN C 651 14.97 -5.69 -49.83
N THR C 652 13.71 -6.09 -49.77
CA THR C 652 13.20 -7.45 -49.80
C THR C 652 13.84 -8.29 -48.73
N ASN C 653 13.58 -7.87 -47.48
CA ASN C 653 14.15 -8.41 -46.29
C ASN C 653 15.48 -7.70 -45.93
N SER C 654 15.63 -7.13 -44.74
CA SER C 654 16.85 -6.53 -44.32
C SER C 654 17.14 -6.88 -42.80
N PRO C 655 16.57 -6.43 -41.68
CA PRO C 655 16.80 -6.90 -40.34
C PRO C 655 15.99 -8.17 -40.17
N ARG C 656 16.31 -9.17 -41.00
CA ARG C 656 15.71 -10.48 -41.07
C ARG C 656 16.85 -11.24 -41.69
N ALA C 657 17.46 -10.59 -42.64
CA ALA C 657 18.34 -11.08 -43.66
C ALA C 657 19.84 -11.09 -43.41
N ALA C 658 20.61 -11.71 -44.37
CA ALA C 658 22.09 -11.73 -44.42
C ALA C 658 22.48 -10.48 -45.16
N ALA C 659 23.66 -10.02 -44.82
CA ALA C 659 24.20 -8.85 -45.33
C ALA C 659 24.79 -9.01 -46.74
N SER C 660 24.80 -7.81 -47.36
CA SER C 660 25.60 -7.53 -48.52
C SER C 660 26.01 -6.11 -48.44
N VAL C 661 27.06 -5.68 -49.13
CA VAL C 661 27.57 -4.36 -49.12
C VAL C 661 27.65 -3.98 -50.56
N ALA C 662 27.44 -4.94 -51.44
CA ALA C 662 27.61 -4.83 -52.86
C ALA C 662 26.31 -4.81 -53.63
N SER C 663 25.21 -4.85 -52.85
CA SER C 663 23.84 -4.97 -53.31
C SER C 663 23.13 -4.47 -52.03
N GLN C 664 21.76 -4.55 -52.15
CA GLN C 664 20.79 -4.19 -51.05
C GLN C 664 20.95 -5.21 -49.94
N SER C 665 20.23 -4.92 -48.85
CA SER C 665 20.35 -5.68 -47.64
C SER C 665 21.49 -4.98 -46.97
N ILE C 666 21.38 -3.64 -46.88
CA ILE C 666 22.31 -2.85 -46.08
C ILE C 666 21.50 -2.84 -44.85
N ILE C 667 21.98 -3.58 -43.84
CA ILE C 667 21.12 -3.97 -42.68
C ILE C 667 21.64 -3.17 -41.55
N ALA C 668 22.68 -3.68 -40.80
CA ALA C 668 23.08 -3.12 -39.53
C ALA C 668 24.44 -2.60 -39.65
N TYR C 669 24.62 -1.31 -39.24
CA TYR C 669 25.73 -0.49 -39.49
C TYR C 669 25.98 0.37 -38.34
N THR C 670 27.16 0.95 -38.22
CA THR C 670 27.41 2.00 -37.20
C THR C 670 26.88 3.29 -37.80
N MET C 671 26.08 3.98 -36.97
CA MET C 671 25.55 5.22 -37.41
C MET C 671 26.51 6.31 -37.76
N SER C 672 26.23 6.98 -38.96
CA SER C 672 26.78 8.17 -39.52
C SER C 672 26.22 9.41 -38.88
N LEU C 673 27.05 10.47 -38.66
CA LEU C 673 26.54 11.65 -37.94
C LEU C 673 26.08 12.73 -38.90
N GLY C 674 26.14 12.50 -40.22
CA GLY C 674 25.80 13.44 -41.20
C GLY C 674 27.01 13.58 -42.06
N ALA C 675 26.70 14.23 -43.22
CA ALA C 675 27.66 14.55 -44.28
C ALA C 675 28.68 15.48 -43.71
N GLU C 676 29.87 15.26 -44.29
CA GLU C 676 31.11 16.04 -44.10
C GLU C 676 30.99 17.41 -44.89
N ASN C 677 31.44 18.53 -44.25
CA ASN C 677 31.46 19.80 -44.93
C ASN C 677 32.73 20.30 -44.45
N SER C 678 33.61 20.61 -45.41
CA SER C 678 34.98 20.98 -45.14
C SER C 678 35.06 22.39 -45.73
N VAL C 679 35.42 23.38 -44.88
CA VAL C 679 35.56 24.76 -45.24
C VAL C 679 36.93 25.25 -45.07
N ALA C 680 37.51 25.82 -46.18
CA ALA C 680 38.87 26.34 -46.16
C ALA C 680 39.16 27.47 -45.16
N TYR C 681 40.32 27.49 -44.53
CA TYR C 681 40.76 28.50 -43.59
C TYR C 681 41.54 29.47 -44.44
N SER C 682 41.22 30.75 -44.38
CA SER C 682 41.84 31.79 -45.17
C SER C 682 42.27 32.72 -44.10
N ASN C 683 42.82 33.87 -44.54
CA ASN C 683 43.23 34.92 -43.68
C ASN C 683 43.01 36.25 -44.40
N ASN C 684 42.37 36.17 -45.61
CA ASN C 684 42.16 37.34 -46.37
C ASN C 684 40.81 37.20 -47.06
N SER C 685 39.91 36.22 -46.75
CA SER C 685 38.70 36.14 -47.50
C SER C 685 37.61 35.56 -46.65
N ILE C 686 36.40 35.98 -47.09
CA ILE C 686 35.15 35.57 -46.52
C ILE C 686 34.25 35.21 -47.65
N ALA C 687 33.15 34.49 -47.31
CA ALA C 687 32.01 34.12 -48.13
C ALA C 687 30.89 35.00 -47.73
N ILE C 688 30.35 35.71 -48.73
CA ILE C 688 29.25 36.72 -48.56
C ILE C 688 28.00 36.17 -49.26
N PRO C 689 26.76 35.99 -48.70
CA PRO C 689 25.58 35.51 -49.45
C PRO C 689 25.25 36.25 -50.67
N THR C 690 24.91 35.63 -51.80
CA THR C 690 24.49 36.23 -53.09
C THR C 690 23.01 35.89 -53.33
N ASN C 691 22.48 34.89 -52.55
CA ASN C 691 21.07 34.47 -52.58
C ASN C 691 20.75 33.97 -51.17
N PHE C 692 19.46 33.96 -50.89
CA PHE C 692 18.81 33.65 -49.62
C PHE C 692 17.46 33.09 -49.90
N THR C 693 16.86 32.42 -48.85
CA THR C 693 15.51 31.92 -48.90
C THR C 693 14.81 32.43 -47.67
N ILE C 694 13.51 32.94 -47.89
CA ILE C 694 12.68 33.23 -46.77
C ILE C 694 11.84 31.96 -46.56
N SER C 695 12.04 31.37 -45.43
CA SER C 695 11.45 30.11 -45.11
C SER C 695 10.53 30.33 -43.97
N VAL C 696 9.53 29.47 -43.81
CA VAL C 696 8.55 29.47 -42.70
C VAL C 696 8.63 28.10 -42.12
N THR C 697 8.89 28.14 -40.81
CA THR C 697 9.04 26.95 -40.04
C THR C 697 7.87 26.85 -39.23
N THR C 698 7.29 25.65 -39.15
CA THR C 698 6.14 25.29 -38.36
C THR C 698 6.54 24.53 -37.13
N GLU C 699 6.16 25.06 -35.93
CA GLU C 699 6.57 24.38 -34.70
C GLU C 699 5.24 24.23 -34.00
N ILE C 700 5.03 22.98 -33.54
CA ILE C 700 3.86 22.56 -32.80
C ILE C 700 4.15 22.47 -31.33
N LEU C 701 3.42 23.18 -30.49
CA LEU C 701 3.55 23.14 -29.04
C LEU C 701 2.22 22.94 -28.39
N PRO C 702 2.16 22.13 -27.32
CA PRO C 702 1.04 22.07 -26.39
C PRO C 702 0.94 23.22 -25.41
N VAL C 703 -0.25 23.57 -24.90
CA VAL C 703 -0.46 24.58 -23.90
C VAL C 703 -1.14 23.99 -22.66
N SER C 704 -2.14 23.21 -22.81
CA SER C 704 -2.91 22.77 -21.66
C SER C 704 -3.59 21.44 -21.87
N MET C 705 -4.16 20.87 -20.82
CA MET C 705 -5.02 19.78 -20.89
C MET C 705 -6.34 20.12 -20.23
N THR C 706 -7.30 19.26 -20.58
CA THR C 706 -8.67 19.24 -20.13
C THR C 706 -8.76 19.10 -18.60
N LYS C 707 -9.86 19.69 -18.00
CA LYS C 707 -9.98 19.91 -16.59
C LYS C 707 -10.54 18.55 -16.03
N THR C 708 -9.71 17.49 -16.11
CA THR C 708 -9.91 16.15 -15.59
C THR C 708 -9.96 16.03 -14.14
N SER C 709 -11.01 15.25 -13.61
CA SER C 709 -11.22 15.22 -12.23
C SER C 709 -11.64 13.86 -11.85
N VAL C 710 -11.17 13.39 -10.63
CA VAL C 710 -11.61 12.09 -10.18
C VAL C 710 -12.19 12.32 -8.81
N ASP C 711 -13.39 11.77 -8.53
CA ASP C 711 -13.98 11.82 -7.18
C ASP C 711 -13.48 10.58 -6.47
N CYS C 712 -12.51 10.70 -5.56
CA CYS C 712 -11.80 9.65 -4.87
C CYS C 712 -12.84 8.75 -4.24
N THR C 713 -13.82 9.37 -3.54
CA THR C 713 -14.81 8.67 -2.79
C THR C 713 -15.68 7.82 -3.63
N MET C 714 -16.12 8.38 -4.75
CA MET C 714 -16.96 7.73 -5.71
C MET C 714 -16.20 6.61 -6.28
N TYR C 715 -14.88 6.81 -6.58
CA TYR C 715 -14.08 5.76 -7.15
C TYR C 715 -14.01 4.50 -6.24
N ILE C 716 -13.73 4.72 -4.95
CA ILE C 716 -13.43 3.72 -3.92
C ILE C 716 -14.70 3.13 -3.36
N CYS C 717 -15.59 3.97 -2.81
CA CYS C 717 -16.69 3.58 -2.04
C CYS C 717 -18.04 3.70 -2.73
N GLY C 718 -18.24 4.71 -3.62
CA GLY C 718 -19.59 4.90 -4.22
C GLY C 718 -20.62 5.12 -3.15
N ASP C 719 -21.59 4.26 -3.08
CA ASP C 719 -22.69 4.39 -2.10
C ASP C 719 -22.63 3.55 -0.91
N SER C 720 -21.47 2.93 -0.71
CA SER C 720 -21.16 1.99 0.35
C SER C 720 -20.82 2.87 1.58
N THR C 721 -21.79 2.79 2.52
CA THR C 721 -21.76 3.42 3.84
C THR C 721 -20.68 2.92 4.73
N GLU C 722 -20.50 1.56 4.82
CA GLU C 722 -19.47 0.85 5.55
C GLU C 722 -18.04 1.07 4.96
N CYS C 723 -17.96 1.12 3.59
CA CYS C 723 -16.71 1.49 2.98
C CYS C 723 -16.19 2.95 3.50
N SER C 724 -17.11 3.98 3.52
CA SER C 724 -16.87 5.34 4.00
C SER C 724 -16.38 5.41 5.36
N ASN C 725 -16.96 4.56 6.24
CA ASN C 725 -16.55 4.40 7.58
C ASN C 725 -15.18 3.93 7.69
N LEU C 726 -14.82 2.97 6.78
CA LEU C 726 -13.44 2.46 6.71
C LEU C 726 -12.50 3.34 6.00
N LEU C 727 -12.97 4.17 5.07
CA LEU C 727 -12.23 5.17 4.33
C LEU C 727 -11.72 6.33 5.08
N LEU C 728 -12.55 6.86 6.05
CA LEU C 728 -12.27 7.97 7.02
C LEU C 728 -11.06 7.71 7.91
N GLN C 729 -10.77 6.40 8.08
CA GLN C 729 -9.61 5.85 8.76
C GLN C 729 -8.29 6.12 8.09
N TYR C 730 -8.25 6.54 6.80
CA TYR C 730 -7.10 6.86 6.08
C TYR C 730 -6.95 8.31 6.05
N GLY C 731 -7.68 9.03 6.94
CA GLY C 731 -7.69 10.45 7.18
C GLY C 731 -8.22 11.24 6.10
N SER C 732 -7.48 12.27 5.68
CA SER C 732 -7.83 13.29 4.70
C SER C 732 -7.07 12.93 3.51
N PHE C 733 -6.42 11.72 3.52
CA PHE C 733 -5.50 11.30 2.44
C PHE C 733 -6.27 11.44 1.08
N CYS C 734 -7.51 10.83 1.15
CA CYS C 734 -8.50 10.79 0.08
C CYS C 734 -8.98 12.19 -0.31
N THR C 735 -9.18 13.16 0.71
CA THR C 735 -9.65 14.51 0.45
C THR C 735 -8.56 15.20 -0.33
N GLN C 736 -7.26 15.04 0.04
CA GLN C 736 -6.09 15.64 -0.54
C GLN C 736 -5.97 15.31 -1.99
N LEU C 737 -6.33 14.04 -2.29
CA LEU C 737 -6.34 13.57 -3.66
C LEU C 737 -7.32 14.32 -4.44
N ASN C 738 -8.53 14.58 -3.87
CA ASN C 738 -9.52 15.38 -4.59
C ASN C 738 -9.07 16.85 -4.83
N ARG C 739 -8.51 17.46 -3.76
CA ARG C 739 -8.03 18.85 -3.75
C ARG C 739 -6.94 19.09 -4.72
N ALA C 740 -5.94 18.10 -4.81
CA ALA C 740 -4.86 18.23 -5.76
C ALA C 740 -5.34 18.30 -7.20
N LEU C 741 -6.28 17.41 -7.60
CA LEU C 741 -6.89 17.43 -8.97
C LEU C 741 -7.70 18.70 -9.27
N THR C 742 -8.43 19.22 -8.28
CA THR C 742 -9.12 20.52 -8.42
C THR C 742 -8.15 21.65 -8.70
N GLY C 743 -7.05 21.74 -7.91
CA GLY C 743 -6.03 22.73 -8.16
C GLY C 743 -5.40 22.65 -9.50
N ILE C 744 -5.16 21.42 -10.06
CA ILE C 744 -4.59 21.24 -11.42
C ILE C 744 -5.49 21.84 -12.42
N ALA C 745 -6.84 21.60 -12.31
CA ALA C 745 -7.89 22.05 -13.19
C ALA C 745 -7.86 23.57 -13.35
N VAL C 746 -7.63 24.31 -12.19
CA VAL C 746 -7.51 25.71 -12.08
C VAL C 746 -6.24 26.20 -12.89
N GLU C 747 -5.09 25.52 -12.74
CA GLU C 747 -3.88 25.81 -13.40
C GLU C 747 -3.97 25.66 -14.93
N GLN C 748 -4.74 24.68 -15.42
CA GLN C 748 -4.99 24.45 -16.83
C GLN C 748 -5.72 25.53 -17.49
N ASP C 749 -6.76 26.20 -16.88
CA ASP C 749 -7.33 27.47 -17.42
C ASP C 749 -6.39 28.68 -17.58
N LYS C 750 -5.50 28.80 -16.53
CA LYS C 750 -4.46 29.81 -16.58
C LYS C 750 -3.36 29.63 -17.63
N ASN C 751 -2.85 28.37 -17.86
CA ASN C 751 -1.82 28.04 -18.81
C ASN C 751 -2.30 28.50 -20.16
N THR C 752 -3.58 28.27 -20.51
CA THR C 752 -4.26 28.77 -21.73
C THR C 752 -4.40 30.27 -21.85
N GLN C 753 -4.78 30.97 -20.72
CA GLN C 753 -4.85 32.41 -20.74
C GLN C 753 -3.44 33.01 -21.01
N GLU C 754 -2.45 32.45 -20.35
CA GLU C 754 -1.02 32.86 -20.32
C GLU C 754 -0.44 32.90 -21.69
N VAL C 755 -0.88 31.94 -22.55
CA VAL C 755 -0.46 31.89 -23.92
C VAL C 755 -1.33 32.73 -24.81
N PHE C 756 -2.70 32.71 -24.72
CA PHE C 756 -3.56 33.40 -25.68
C PHE C 756 -4.25 34.66 -25.29
N ALA C 757 -4.44 34.97 -23.98
CA ALA C 757 -5.18 36.10 -23.43
C ALA C 757 -4.37 37.32 -23.19
N GLN C 758 -3.12 37.18 -23.72
CA GLN C 758 -2.06 38.15 -23.69
C GLN C 758 -2.55 39.45 -24.32
N VAL C 759 -3.39 39.34 -25.44
CA VAL C 759 -4.06 40.46 -26.08
C VAL C 759 -5.55 40.19 -25.96
N LYS C 760 -6.28 40.95 -25.00
CA LYS C 760 -7.68 40.69 -24.65
C LYS C 760 -8.54 41.51 -25.57
N GLN C 761 -7.94 42.32 -26.50
CA GLN C 761 -8.71 43.13 -27.44
C GLN C 761 -8.75 42.36 -28.73
N ILE C 762 -9.96 42.28 -29.34
CA ILE C 762 -10.20 41.57 -30.62
C ILE C 762 -10.11 42.52 -31.75
N TYR C 763 -9.22 42.17 -32.72
CA TYR C 763 -8.84 42.95 -33.86
C TYR C 763 -9.35 41.99 -34.96
N LYS C 764 -9.86 42.52 -36.14
CA LYS C 764 -10.29 41.73 -37.35
C LYS C 764 -9.24 41.67 -38.42
N THR C 765 -9.35 40.73 -39.39
CA THR C 765 -8.36 40.53 -40.46
C THR C 765 -8.27 41.80 -41.36
N PRO C 766 -7.18 42.05 -42.12
CA PRO C 766 -6.91 43.10 -43.05
C PRO C 766 -8.09 43.15 -44.00
N PRO C 767 -8.82 44.20 -44.11
CA PRO C 767 -9.94 44.16 -45.09
C PRO C 767 -9.40 44.31 -46.49
N ILE C 768 -8.13 44.84 -46.52
CA ILE C 768 -7.35 45.15 -47.63
C ILE C 768 -6.12 44.25 -47.55
N LYS C 769 -5.70 43.44 -48.61
CA LYS C 769 -4.67 42.47 -48.74
C LYS C 769 -3.45 43.03 -49.50
N ASP C 770 -3.25 44.32 -49.67
CA ASP C 770 -2.21 44.94 -50.40
C ASP C 770 -1.05 44.86 -49.45
N PHE C 771 -0.29 43.78 -49.51
CA PHE C 771 0.86 43.51 -48.78
C PHE C 771 1.97 43.71 -49.86
N GLY C 772 1.83 44.61 -50.85
CA GLY C 772 2.86 44.77 -51.83
C GLY C 772 2.97 43.47 -52.58
N GLY C 773 4.25 42.98 -52.63
CA GLY C 773 4.61 41.75 -53.30
C GLY C 773 3.95 40.50 -52.75
N PHE C 774 3.53 40.50 -51.47
CA PHE C 774 2.93 39.31 -50.81
C PHE C 774 1.50 38.99 -51.10
N ASN C 775 1.15 37.69 -50.99
CA ASN C 775 -0.15 37.29 -51.29
C ASN C 775 -0.52 36.20 -50.27
N PHE C 776 -1.18 36.59 -49.17
CA PHE C 776 -1.61 35.59 -48.19
C PHE C 776 -2.86 36.04 -47.48
N SER C 777 -3.67 35.05 -47.18
CA SER C 777 -4.89 35.14 -46.44
C SER C 777 -5.12 33.71 -45.84
N GLN C 778 -4.18 32.86 -46.20
CA GLN C 778 -4.24 31.48 -46.02
C GLN C 778 -3.69 31.21 -44.63
N ILE C 779 -3.46 32.25 -43.80
CA ILE C 779 -2.93 32.03 -42.48
C ILE C 779 -3.94 32.65 -41.59
N LEU C 780 -4.96 33.23 -42.23
CA LEU C 780 -5.98 33.91 -41.62
C LEU C 780 -7.32 33.13 -41.63
N PRO C 781 -8.20 33.36 -40.67
CA PRO C 781 -9.48 32.69 -40.65
C PRO C 781 -10.30 32.75 -41.88
N ASP C 782 -11.00 31.65 -42.25
CA ASP C 782 -11.89 31.61 -43.41
C ASP C 782 -13.26 31.56 -42.74
N PRO C 783 -14.00 32.68 -42.70
CA PRO C 783 -15.28 32.74 -41.97
C PRO C 783 -16.31 31.80 -42.60
N SER C 784 -16.07 31.28 -43.84
CA SER C 784 -17.09 30.49 -44.57
C SER C 784 -17.10 29.13 -44.04
N LYS C 785 -16.11 28.79 -43.20
CA LYS C 785 -15.91 27.47 -42.56
C LYS C 785 -16.74 27.37 -41.36
N PRO C 786 -17.17 26.24 -40.75
CA PRO C 786 -17.90 26.15 -39.45
C PRO C 786 -17.28 26.88 -38.26
N SER C 787 -16.04 27.09 -38.25
CA SER C 787 -15.30 27.76 -37.21
C SER C 787 -14.31 28.66 -37.87
N LYS C 788 -13.97 29.89 -37.31
CA LYS C 788 -13.16 30.89 -37.97
C LYS C 788 -11.75 30.36 -37.90
N ARG C 789 -11.44 29.38 -38.77
CA ARG C 789 -10.17 28.76 -38.83
C ARG C 789 -9.61 28.96 -40.19
N SER C 790 -8.28 29.11 -40.24
CA SER C 790 -7.45 29.29 -41.35
C SER C 790 -7.30 27.93 -42.00
N PRO C 791 -7.01 27.87 -43.32
CA PRO C 791 -6.73 26.62 -44.04
C PRO C 791 -5.72 25.75 -43.30
N ILE C 792 -4.76 26.42 -42.64
CA ILE C 792 -3.77 25.70 -41.77
C ILE C 792 -4.45 25.18 -40.47
N GLU C 793 -5.27 25.98 -39.72
CA GLU C 793 -5.95 25.52 -38.53
C GLU C 793 -6.91 24.45 -38.70
N ASP C 794 -7.56 24.40 -39.94
CA ASP C 794 -8.42 23.28 -40.30
C ASP C 794 -7.79 21.93 -40.21
N LEU C 795 -6.49 21.93 -40.63
CA LEU C 795 -5.72 20.69 -40.50
C LEU C 795 -5.23 20.47 -39.10
N LEU C 796 -4.82 21.51 -38.36
CA LEU C 796 -4.40 21.38 -36.99
C LEU C 796 -5.52 20.87 -36.05
N PHE C 797 -6.80 21.18 -36.50
CA PHE C 797 -7.94 20.57 -35.78
C PHE C 797 -8.40 19.25 -36.26
N ASN C 798 -8.64 18.96 -37.60
CA ASN C 798 -9.20 17.72 -38.02
C ASN C 798 -8.19 16.57 -37.89
N LYS C 799 -6.88 16.83 -37.76
CA LYS C 799 -5.90 15.78 -37.72
C LYS C 799 -5.51 15.51 -36.20
N VAL C 800 -6.33 16.15 -35.23
CA VAL C 800 -6.17 16.02 -33.75
C VAL C 800 -7.51 15.47 -33.20
N THR C 801 -7.47 14.21 -32.59
CA THR C 801 -8.68 13.55 -32.07
C THR C 801 -8.29 13.44 -30.68
N LEU C 802 -9.11 13.97 -29.81
CA LEU C 802 -8.89 13.89 -28.43
C LEU C 802 -10.00 12.99 -27.89
N ALA C 803 -9.61 12.20 -26.84
CA ALA C 803 -10.46 11.29 -26.15
C ALA C 803 -10.68 11.92 -24.76
N ASP C 804 -11.91 12.37 -24.44
CA ASP C 804 -12.18 12.90 -23.14
C ASP C 804 -13.58 12.48 -22.73
N ALA C 805 -13.72 12.00 -21.48
CA ALA C 805 -14.98 11.65 -20.81
C ALA C 805 -15.99 12.83 -20.63
N GLY C 806 -17.21 12.64 -21.12
CA GLY C 806 -18.19 13.72 -21.07
C GLY C 806 -18.29 14.35 -22.47
N PHE C 807 -17.29 14.15 -23.31
CA PHE C 807 -17.34 14.59 -24.69
C PHE C 807 -17.63 13.31 -25.47
N ILE C 808 -17.13 12.18 -24.93
CA ILE C 808 -17.41 10.80 -25.34
C ILE C 808 -18.52 10.53 -24.42
N LYS C 809 -19.63 10.07 -25.01
CA LYS C 809 -20.91 9.80 -24.31
C LYS C 809 -20.83 8.37 -24.05
N GLN C 810 -21.78 7.88 -23.19
CA GLN C 810 -21.96 6.47 -22.89
C GLN C 810 -22.49 5.65 -24.04
N TYR C 811 -22.31 4.30 -23.88
CA TYR C 811 -22.85 3.38 -24.82
C TYR C 811 -23.93 2.69 -24.05
N GLY C 812 -25.18 2.92 -24.46
CA GLY C 812 -26.36 2.41 -23.88
C GLY C 812 -27.07 3.48 -23.15
N ASP C 813 -26.27 4.63 -22.88
CA ASP C 813 -26.89 5.78 -22.21
C ASP C 813 -27.31 5.44 -20.80
N CYS C 814 -27.48 6.43 -19.88
CA CYS C 814 -28.04 6.17 -18.51
C CYS C 814 -29.27 7.10 -18.42
N LEU C 815 -28.98 8.43 -18.24
CA LEU C 815 -30.03 9.45 -18.17
C LEU C 815 -29.66 10.73 -18.89
N GLY C 816 -30.63 11.30 -19.69
CA GLY C 816 -30.62 12.52 -20.42
C GLY C 816 -30.33 12.24 -21.85
N ASP C 817 -30.69 13.23 -22.67
CA ASP C 817 -30.59 13.29 -24.06
C ASP C 817 -29.15 13.24 -24.55
N ILE C 818 -28.93 12.52 -25.65
CA ILE C 818 -27.67 12.30 -26.26
C ILE C 818 -26.98 13.63 -26.63
N ALA C 819 -27.88 14.69 -26.84
CA ALA C 819 -27.60 16.02 -27.21
C ALA C 819 -26.77 16.65 -26.18
N ALA C 820 -25.98 17.62 -26.65
CA ALA C 820 -25.21 18.54 -25.84
C ALA C 820 -24.46 17.73 -24.81
N ARG C 821 -24.60 18.00 -23.53
CA ARG C 821 -23.99 17.35 -22.40
C ARG C 821 -25.15 17.03 -21.47
N ASP C 822 -26.31 16.76 -22.11
CA ASP C 822 -27.54 16.48 -21.46
C ASP C 822 -27.49 15.09 -20.89
N LEU C 823 -26.69 14.14 -21.59
CA LEU C 823 -26.52 12.74 -21.23
C LEU C 823 -25.31 12.67 -20.45
N ILE C 824 -25.44 12.14 -19.17
CA ILE C 824 -24.38 11.87 -18.19
C ILE C 824 -23.41 10.80 -18.65
N CYS C 825 -22.13 11.15 -18.44
CA CYS C 825 -21.09 10.23 -18.82
C CYS C 825 -20.06 10.44 -17.74
N ALA C 826 -19.54 9.34 -17.28
CA ALA C 826 -18.48 9.17 -16.21
C ALA C 826 -17.85 7.83 -16.43
N GLN C 827 -17.54 7.53 -17.68
CA GLN C 827 -16.92 6.35 -18.25
C GLN C 827 -17.59 5.08 -17.79
N LYS C 828 -17.02 4.35 -16.80
CA LYS C 828 -17.55 3.03 -16.26
C LYS C 828 -18.24 3.38 -14.90
N PHE C 829 -18.48 4.70 -14.72
CA PHE C 829 -19.23 5.25 -13.61
C PHE C 829 -18.53 5.07 -12.33
N ASN C 830 -17.20 5.36 -12.37
CA ASN C 830 -16.28 5.22 -11.25
C ASN C 830 -15.74 6.58 -10.84
N GLY C 831 -16.52 7.60 -11.12
CA GLY C 831 -16.26 8.98 -10.81
C GLY C 831 -15.15 9.64 -11.64
N LEU C 832 -14.93 9.12 -12.86
CA LEU C 832 -13.86 9.48 -13.78
C LEU C 832 -14.61 10.32 -14.80
N THR C 833 -14.42 11.69 -14.71
CA THR C 833 -15.11 12.62 -15.53
C THR C 833 -14.08 13.59 -16.00
N VAL C 834 -14.38 14.40 -17.03
CA VAL C 834 -13.53 15.49 -17.54
C VAL C 834 -14.39 16.71 -17.72
N LEU C 835 -13.93 17.89 -17.15
CA LEU C 835 -14.66 19.16 -17.35
C LEU C 835 -14.10 19.92 -18.51
N PRO C 836 -14.75 20.70 -19.31
CA PRO C 836 -14.11 21.50 -20.32
C PRO C 836 -13.34 22.69 -19.75
N PRO C 837 -12.28 23.19 -20.43
CA PRO C 837 -11.51 24.43 -20.13
C PRO C 837 -12.46 25.61 -20.16
N LEU C 838 -12.09 26.71 -19.49
CA LEU C 838 -12.66 27.97 -19.52
C LEU C 838 -12.63 28.54 -20.94
N LEU C 839 -11.45 28.58 -21.51
CA LEU C 839 -11.18 29.02 -22.88
C LEU C 839 -11.00 27.69 -23.65
N THR C 840 -12.06 27.35 -24.37
CA THR C 840 -12.07 26.18 -25.15
C THR C 840 -11.53 26.52 -26.49
N ASP C 841 -11.29 25.57 -27.42
CA ASP C 841 -10.75 25.73 -28.75
C ASP C 841 -11.33 26.79 -29.65
N GLU C 842 -12.68 27.09 -29.59
CA GLU C 842 -13.26 28.13 -30.37
C GLU C 842 -12.77 29.54 -29.92
N MET C 843 -12.75 29.81 -28.60
CA MET C 843 -12.27 31.10 -28.05
C MET C 843 -10.75 31.24 -28.22
N ILE C 844 -9.98 30.15 -28.17
CA ILE C 844 -8.59 30.14 -28.42
C ILE C 844 -8.35 30.58 -29.82
N ALA C 845 -9.13 30.02 -30.81
CA ALA C 845 -9.14 30.35 -32.22
C ALA C 845 -9.50 31.81 -32.45
N GLN C 846 -10.52 32.34 -31.71
CA GLN C 846 -10.83 33.79 -31.75
C GLN C 846 -9.79 34.71 -31.18
N TYR C 847 -9.12 34.40 -30.08
CA TYR C 847 -7.98 35.17 -29.66
C TYR C 847 -6.90 35.09 -30.66
N THR C 848 -6.60 33.91 -31.28
CA THR C 848 -5.56 33.72 -32.29
C THR C 848 -5.74 34.57 -33.47
N SER C 849 -7.01 34.69 -33.96
CA SER C 849 -7.48 35.46 -34.97
C SER C 849 -7.14 36.97 -34.73
N ALA C 850 -7.35 37.48 -33.49
CA ALA C 850 -6.91 38.85 -33.10
C ALA C 850 -5.47 39.12 -33.13
N LEU C 851 -4.71 38.14 -32.69
CA LEU C 851 -3.26 38.10 -32.69
C LEU C 851 -2.64 38.10 -34.06
N LEU C 852 -3.33 37.29 -34.96
CA LEU C 852 -2.94 37.30 -36.41
C LEU C 852 -3.13 38.64 -37.14
N ALA C 853 -4.35 39.19 -36.87
CA ALA C 853 -4.78 40.51 -37.38
C ALA C 853 -3.86 41.61 -36.99
N GLY C 854 -3.41 41.69 -35.70
CA GLY C 854 -2.39 42.57 -35.18
C GLY C 854 -1.04 42.36 -35.77
N THR C 855 -0.57 41.06 -35.78
CA THR C 855 0.76 40.72 -36.28
C THR C 855 1.04 41.36 -37.60
N ILE C 856 0.06 41.34 -38.52
CA ILE C 856 0.06 41.87 -39.86
C ILE C 856 -0.09 43.37 -39.83
N THR C 857 -1.12 43.93 -39.06
CA THR C 857 -1.37 45.37 -39.16
C THR C 857 -0.52 46.28 -38.36
N SER C 858 -0.25 45.93 -37.11
CA SER C 858 0.36 46.67 -36.07
C SER C 858 1.74 46.24 -35.81
N GLY C 859 2.13 45.11 -36.49
CA GLY C 859 3.32 44.40 -36.06
C GLY C 859 3.19 43.82 -34.60
N TRP C 860 4.12 44.12 -33.75
CA TRP C 860 4.10 43.67 -32.39
C TRP C 860 3.45 44.70 -31.45
N THR C 861 3.21 45.97 -31.93
CA THR C 861 2.75 47.00 -31.08
C THR C 861 1.22 47.01 -30.98
N PHE C 862 0.67 45.95 -30.44
CA PHE C 862 -0.79 45.92 -30.17
C PHE C 862 -0.86 45.05 -28.91
N GLY C 863 0.29 44.39 -28.45
CA GLY C 863 0.43 43.58 -27.31
C GLY C 863 1.43 44.32 -26.42
N ALA C 864 1.84 45.53 -26.81
CA ALA C 864 2.80 46.38 -26.16
C ALA C 864 2.27 47.77 -26.08
N GLY C 865 0.93 47.95 -26.15
CA GLY C 865 0.27 49.25 -26.17
C GLY C 865 -0.74 49.27 -27.26
N PRO C 866 -1.60 50.31 -27.50
CA PRO C 866 -2.63 50.43 -28.55
C PRO C 866 -2.13 50.19 -29.94
N ALA C 867 -2.97 49.50 -30.69
CA ALA C 867 -2.69 49.10 -32.00
C ALA C 867 -2.37 50.25 -32.92
N LEU C 868 -1.36 50.09 -33.75
CA LEU C 868 -0.92 51.01 -34.73
C LEU C 868 -1.31 50.50 -36.09
N GLN C 869 -1.28 51.38 -37.12
CA GLN C 869 -1.45 50.98 -38.53
C GLN C 869 -0.07 51.34 -39.04
N ILE C 870 0.65 50.27 -39.57
CA ILE C 870 1.89 50.42 -40.17
C ILE C 870 1.75 49.61 -41.42
N PRO C 871 2.00 50.16 -42.62
CA PRO C 871 1.95 49.41 -43.91
C PRO C 871 2.78 48.18 -43.94
N PHE C 872 2.39 47.01 -44.44
CA PHE C 872 3.15 45.81 -44.39
C PHE C 872 4.46 45.85 -45.10
N PRO C 873 4.69 46.29 -46.34
CA PRO C 873 6.02 46.58 -46.88
C PRO C 873 6.88 47.43 -45.98
N MET C 874 6.49 48.43 -45.21
CA MET C 874 7.38 49.15 -44.40
C MET C 874 7.84 48.42 -43.14
N GLN C 875 6.97 47.60 -42.54
CA GLN C 875 7.22 46.79 -41.44
C GLN C 875 8.35 45.81 -41.74
N MET C 876 8.25 45.23 -42.98
CA MET C 876 9.13 44.32 -43.55
C MET C 876 10.49 44.87 -43.69
N ALA C 877 10.61 46.14 -44.10
CA ALA C 877 11.86 46.85 -44.22
C ALA C 877 12.73 46.93 -42.97
N TYR C 878 12.03 47.17 -41.87
CA TYR C 878 12.52 47.23 -40.49
C TYR C 878 12.99 45.84 -40.14
N ARG C 879 12.15 44.81 -40.35
CA ARG C 879 12.42 43.47 -39.96
C ARG C 879 13.70 42.94 -40.57
N PHE C 880 13.93 43.30 -41.84
CA PHE C 880 15.14 43.05 -42.60
C PHE C 880 16.38 43.70 -41.96
N ASN C 881 16.35 45.06 -41.73
CA ASN C 881 17.45 45.85 -41.13
C ASN C 881 17.76 45.24 -39.75
N GLY C 882 16.68 44.77 -39.11
CA GLY C 882 16.68 44.30 -37.75
C GLY C 882 17.49 43.04 -37.47
N ILE C 883 17.83 42.35 -38.62
CA ILE C 883 18.62 41.05 -38.61
C ILE C 883 19.94 41.20 -39.33
N GLY C 884 20.20 42.52 -39.59
CA GLY C 884 21.36 42.98 -40.28
C GLY C 884 21.50 42.85 -41.77
N VAL C 885 20.33 42.79 -42.44
CA VAL C 885 20.25 42.68 -43.91
C VAL C 885 19.58 43.94 -44.34
N THR C 886 20.21 44.73 -45.26
CA THR C 886 19.64 45.99 -45.67
C THR C 886 18.18 45.92 -46.30
N GLN C 887 17.34 46.89 -46.00
CA GLN C 887 16.02 47.01 -46.61
C GLN C 887 16.04 46.97 -48.15
N ASN C 888 17.23 47.29 -48.72
CA ASN C 888 17.45 47.33 -50.15
C ASN C 888 17.09 45.99 -50.78
N VAL C 889 17.36 44.90 -50.04
CA VAL C 889 17.12 43.51 -50.45
C VAL C 889 15.58 43.28 -50.62
N LEU C 890 14.77 43.83 -49.65
CA LEU C 890 13.37 43.66 -49.65
C LEU C 890 12.76 44.02 -50.97
N TYR C 891 13.28 45.17 -51.46
CA TYR C 891 12.85 45.79 -52.67
C TYR C 891 13.36 45.22 -54.01
N GLU C 892 14.64 44.93 -54.01
CA GLU C 892 15.33 44.40 -55.19
C GLU C 892 14.88 43.01 -55.46
N ASN C 893 14.63 42.25 -54.40
CA ASN C 893 14.25 40.85 -54.36
C ASN C 893 12.87 40.70 -53.92
N GLN C 894 11.96 41.70 -54.07
CA GLN C 894 10.58 41.71 -53.66
C GLN C 894 9.87 40.46 -54.17
N LYS C 895 10.14 40.13 -55.44
CA LYS C 895 9.46 38.95 -56.00
C LYS C 895 9.85 37.63 -55.43
N LEU C 896 11.17 37.54 -55.23
CA LEU C 896 11.79 36.36 -54.75
C LEU C 896 11.19 36.04 -53.34
N ILE C 897 11.23 37.07 -52.47
CA ILE C 897 10.79 37.05 -51.12
C ILE C 897 9.32 36.67 -50.91
N ALA C 898 8.39 37.25 -51.67
CA ALA C 898 7.01 36.95 -51.67
C ALA C 898 6.66 35.61 -52.06
N ASN C 899 7.38 35.12 -53.14
CA ASN C 899 7.13 33.82 -53.76
C ASN C 899 7.44 32.72 -52.77
N GLN C 900 8.55 32.87 -52.14
CA GLN C 900 9.05 31.95 -51.17
C GLN C 900 8.14 31.79 -49.93
N PHE C 901 7.69 32.97 -49.42
CA PHE C 901 6.72 32.98 -48.35
C PHE C 901 5.31 32.39 -48.76
N ASN C 902 4.78 32.89 -49.89
CA ASN C 902 3.52 32.42 -50.37
C ASN C 902 3.45 30.92 -50.54
N SER C 903 4.53 30.29 -51.11
CA SER C 903 4.75 28.93 -51.34
C SER C 903 4.90 28.10 -50.04
N ALA C 904 5.68 28.72 -49.08
CA ALA C 904 5.99 28.05 -47.83
C ALA C 904 4.67 27.71 -47.15
N ILE C 905 3.67 28.66 -47.19
CA ILE C 905 2.31 28.52 -46.64
C ILE C 905 1.63 27.37 -47.29
N GLY C 906 1.74 27.25 -48.68
CA GLY C 906 1.22 26.11 -49.39
C GLY C 906 1.72 24.80 -48.82
N LYS C 907 3.07 24.63 -48.68
CA LYS C 907 3.87 23.48 -48.22
C LYS C 907 3.56 23.04 -46.82
N ILE C 908 3.30 24.00 -45.95
CA ILE C 908 2.92 23.82 -44.55
C ILE C 908 1.58 23.08 -44.48
N GLN C 909 0.61 23.56 -45.33
CA GLN C 909 -0.71 22.90 -45.38
C GLN C 909 -0.61 21.38 -45.80
N ASP C 910 0.22 21.16 -46.87
CA ASP C 910 0.54 19.87 -47.40
C ASP C 910 1.29 19.04 -46.42
N SER C 911 2.26 19.68 -45.64
CA SER C 911 3.11 18.98 -44.62
C SER C 911 2.34 18.45 -43.49
N LEU C 912 1.45 19.29 -43.00
CA LEU C 912 0.57 18.96 -41.89
C LEU C 912 -0.42 17.81 -42.19
N SER C 913 -1.00 17.76 -43.42
CA SER C 913 -1.88 16.71 -43.95
C SER C 913 -1.08 15.42 -44.11
N SER C 914 0.16 15.48 -44.73
CA SER C 914 1.03 14.34 -44.96
C SER C 914 1.69 13.77 -43.80
N THR C 915 2.18 14.60 -42.86
CA THR C 915 2.95 14.22 -41.64
C THR C 915 2.26 14.87 -40.42
N PRO C 916 1.14 14.37 -40.01
CA PRO C 916 0.49 15.11 -38.92
C PRO C 916 1.06 14.43 -37.63
N SER C 917 2.17 13.70 -37.76
CA SER C 917 2.84 12.95 -36.77
C SER C 917 3.21 13.85 -35.57
N ALA C 918 3.65 15.09 -35.95
CA ALA C 918 4.01 16.12 -35.02
C ALA C 918 2.94 16.59 -34.07
N LEU C 919 1.63 16.37 -34.49
CA LEU C 919 0.46 16.88 -33.74
C LEU C 919 0.25 15.89 -32.58
N GLY C 920 1.05 14.83 -32.50
CA GLY C 920 1.10 13.96 -31.47
C GLY C 920 1.46 14.69 -30.21
N LYS C 921 2.24 15.83 -30.33
CA LYS C 921 2.68 16.64 -29.22
C LYS C 921 1.49 17.25 -28.49
N LEU C 922 0.32 17.28 -29.20
CA LEU C 922 -0.93 17.82 -28.67
C LEU C 922 -1.78 16.76 -28.12
N GLN C 923 -1.99 15.71 -29.00
CA GLN C 923 -2.88 14.63 -28.77
C GLN C 923 -2.55 13.82 -27.55
N ASP C 924 -1.30 13.46 -27.39
CA ASP C 924 -0.76 12.66 -26.29
C ASP C 924 -0.88 13.29 -24.96
N VAL C 925 -0.68 14.64 -24.96
CA VAL C 925 -0.72 15.39 -23.71
C VAL C 925 -2.08 15.20 -23.08
N VAL C 926 -3.16 15.26 -23.92
CA VAL C 926 -4.55 15.07 -23.48
C VAL C 926 -4.94 13.58 -23.41
N ASN C 927 -4.64 12.75 -24.47
CA ASN C 927 -5.08 11.41 -24.55
C ASN C 927 -4.48 10.48 -23.60
N GLN C 928 -3.18 10.84 -23.13
CA GLN C 928 -2.58 10.04 -22.06
C GLN C 928 -3.43 10.24 -20.76
N ASN C 929 -4.29 11.25 -20.58
CA ASN C 929 -5.22 11.41 -19.48
C ASN C 929 -6.32 10.41 -19.60
N ALA C 930 -6.87 10.27 -20.80
CA ALA C 930 -7.87 9.24 -21.04
C ALA C 930 -7.38 7.85 -20.70
N GLN C 931 -6.05 7.55 -21.06
CA GLN C 931 -5.32 6.40 -20.66
C GLN C 931 -5.01 6.17 -19.17
N ALA C 932 -4.70 7.30 -18.51
CA ALA C 932 -4.51 7.35 -17.09
C ALA C 932 -5.77 7.02 -16.35
N LEU C 933 -6.90 7.51 -16.88
CA LEU C 933 -8.24 7.21 -16.38
C LEU C 933 -8.63 5.73 -16.67
N ASN C 934 -8.32 5.27 -17.93
CA ASN C 934 -8.57 3.90 -18.33
C ASN C 934 -7.71 2.98 -17.43
N THR C 935 -6.49 3.38 -16.96
CA THR C 935 -5.64 2.71 -15.97
C THR C 935 -6.32 2.56 -14.63
N LEU C 936 -6.96 3.66 -14.13
CA LEU C 936 -7.85 3.62 -12.94
C LEU C 936 -9.06 2.70 -13.07
N VAL C 937 -9.68 2.59 -14.23
CA VAL C 937 -10.71 1.60 -14.56
C VAL C 937 -10.14 0.16 -14.49
N LYS C 938 -8.97 -0.10 -15.10
CA LYS C 938 -8.24 -1.39 -15.00
C LYS C 938 -7.88 -1.74 -13.56
N GLN C 939 -7.49 -0.80 -12.66
CA GLN C 939 -7.11 -1.08 -11.30
C GLN C 939 -8.29 -1.62 -10.45
N LEU C 940 -9.55 -1.63 -11.09
CA LEU C 940 -10.78 -2.13 -10.51
C LEU C 940 -11.08 -3.57 -10.83
N SER C 941 -10.13 -4.24 -11.56
CA SER C 941 -10.04 -5.66 -11.95
C SER C 941 -9.02 -6.30 -11.11
N SER C 942 -8.40 -5.51 -10.20
CA SER C 942 -7.32 -5.87 -9.33
C SER C 942 -8.09 -5.93 -8.03
N ASN C 943 -7.94 -7.05 -7.33
CA ASN C 943 -8.66 -7.30 -6.10
C ASN C 943 -7.81 -6.89 -4.90
N PHE C 944 -6.53 -6.52 -5.08
CA PHE C 944 -5.70 -6.01 -4.03
C PHE C 944 -5.60 -7.04 -2.89
N GLY C 945 -5.77 -8.36 -3.31
CA GLY C 945 -5.65 -9.48 -2.43
C GLY C 945 -6.92 -9.89 -1.85
N ALA C 946 -8.07 -9.31 -2.34
CA ALA C 946 -9.41 -9.65 -2.01
C ALA C 946 -9.84 -10.70 -2.94
N ILE C 947 -11.05 -11.22 -2.68
CA ILE C 947 -11.67 -12.24 -3.51
C ILE C 947 -12.53 -11.51 -4.54
N SER C 948 -12.75 -10.19 -4.43
CA SER C 948 -13.60 -9.46 -5.38
C SER C 948 -13.18 -7.98 -5.29
N SER C 949 -13.60 -7.14 -6.28
CA SER C 949 -13.29 -5.74 -6.26
C SER C 949 -14.59 -4.95 -6.02
N VAL C 950 -15.78 -5.62 -5.76
CA VAL C 950 -17.08 -4.98 -5.51
C VAL C 950 -17.17 -5.11 -4.02
N LEU C 951 -17.32 -3.96 -3.34
CA LEU C 951 -17.34 -3.73 -1.87
C LEU C 951 -18.67 -4.06 -1.26
N ASN C 952 -19.77 -3.74 -1.91
CA ASN C 952 -21.20 -4.04 -1.53
C ASN C 952 -21.47 -5.56 -1.48
N ASP C 953 -20.78 -6.28 -2.39
CA ASP C 953 -20.90 -7.74 -2.40
C ASP C 953 -20.29 -8.37 -1.20
N ILE C 954 -19.08 -7.84 -0.75
CA ILE C 954 -18.26 -8.26 0.37
C ILE C 954 -18.98 -8.03 1.61
N LEU C 955 -19.62 -6.79 1.72
CA LEU C 955 -20.39 -6.42 2.87
C LEU C 955 -21.49 -7.36 3.07
N SER C 956 -22.14 -7.82 2.00
CA SER C 956 -23.21 -8.77 2.09
C SER C 956 -22.88 -10.28 2.23
N ARG C 957 -21.75 -10.72 1.56
CA ARG C 957 -21.30 -12.09 1.45
C ARG C 957 -20.40 -12.59 2.56
N LEU C 958 -19.47 -11.72 3.08
CA LEU C 958 -18.42 -12.14 4.03
C LEU C 958 -18.79 -11.48 5.32
N ASP C 959 -18.42 -12.12 6.46
CA ASP C 959 -18.69 -11.80 7.86
C ASP C 959 -17.71 -10.74 8.17
N PRO C 960 -17.95 -9.62 8.87
CA PRO C 960 -16.92 -8.67 9.35
C PRO C 960 -15.48 -9.17 9.52
N PRO C 961 -14.99 -10.23 10.21
CA PRO C 961 -13.58 -10.59 10.30
C PRO C 961 -12.86 -10.73 8.99
N GLU C 962 -13.66 -11.05 7.97
CA GLU C 962 -13.18 -11.26 6.59
C GLU C 962 -13.43 -10.05 5.83
N ALA C 963 -14.71 -9.54 5.85
CA ALA C 963 -15.22 -8.43 5.08
C ALA C 963 -14.56 -7.10 5.34
N GLU C 964 -14.22 -6.66 6.58
CA GLU C 964 -13.52 -5.48 6.93
C GLU C 964 -12.11 -5.49 6.38
N VAL C 965 -11.36 -6.63 6.41
CA VAL C 965 -10.09 -6.78 5.83
C VAL C 965 -10.05 -6.74 4.29
N GLN C 966 -10.98 -7.46 3.57
CA GLN C 966 -11.16 -7.48 2.23
C GLN C 966 -11.45 -6.05 1.59
N ILE C 967 -12.26 -5.26 2.27
CA ILE C 967 -12.55 -3.91 1.93
C ILE C 967 -11.43 -3.01 2.20
N ASP C 968 -10.75 -3.04 3.35
CA ASP C 968 -9.59 -2.27 3.59
C ASP C 968 -8.46 -2.49 2.63
N ARG C 969 -8.22 -3.75 2.18
CA ARG C 969 -7.22 -4.05 1.17
C ARG C 969 -7.55 -3.34 -0.14
N LEU C 970 -8.83 -3.34 -0.55
CA LEU C 970 -9.32 -2.65 -1.69
C LEU C 970 -9.30 -1.12 -1.50
N ILE C 971 -9.64 -0.59 -0.32
CA ILE C 971 -9.53 0.89 -0.08
C ILE C 971 -8.06 1.37 -0.20
N THR C 972 -7.20 0.66 0.49
CA THR C 972 -5.75 0.93 0.44
C THR C 972 -5.09 0.92 -0.91
N GLY C 973 -5.34 -0.20 -1.60
CA GLY C 973 -4.82 -0.43 -2.96
C GLY C 973 -5.32 0.64 -3.97
N ARG C 974 -6.62 1.05 -3.77
CA ARG C 974 -7.23 2.06 -4.60
C ARG C 974 -6.81 3.47 -4.31
N LEU C 975 -6.54 3.75 -3.01
CA LEU C 975 -5.96 5.03 -2.55
C LEU C 975 -4.56 5.17 -3.10
N GLN C 976 -3.81 4.04 -3.13
CA GLN C 976 -2.51 3.97 -3.75
C GLN C 976 -2.51 4.16 -5.19
N SER C 977 -3.56 3.60 -5.89
CA SER C 977 -3.71 3.81 -7.27
C SER C 977 -3.98 5.19 -7.65
N LEU C 978 -4.89 5.87 -6.86
CA LEU C 978 -5.24 7.21 -7.04
C LEU C 978 -4.10 8.09 -6.75
N GLN C 979 -3.35 7.72 -5.66
CA GLN C 979 -2.18 8.43 -5.25
C GLN C 979 -1.23 8.50 -6.40
N THR C 980 -0.94 7.37 -7.11
CA THR C 980 -0.12 7.30 -8.32
C THR C 980 -0.74 8.19 -9.47
N TYR C 981 -2.03 8.10 -9.77
CA TYR C 981 -2.72 8.89 -10.77
C TYR C 981 -2.60 10.34 -10.57
N VAL C 982 -2.98 10.80 -9.32
CA VAL C 982 -2.94 12.20 -8.95
C VAL C 982 -1.47 12.77 -8.97
N THR C 983 -0.42 12.07 -8.43
CA THR C 983 1.03 12.51 -8.47
C THR C 983 1.47 12.66 -9.93
N GLN C 984 1.13 11.68 -10.84
CA GLN C 984 1.47 11.73 -12.21
C GLN C 984 0.87 12.88 -12.95
N GLN C 985 -0.45 13.13 -12.59
CA GLN C 985 -1.19 14.28 -13.15
C GLN C 985 -0.64 15.56 -12.74
N LEU C 986 -0.16 15.69 -11.45
CA LEU C 986 0.39 16.88 -10.91
C LEU C 986 1.71 17.20 -11.49
N ILE C 987 2.56 16.16 -11.64
CA ILE C 987 3.80 16.30 -12.31
C ILE C 987 3.60 16.63 -13.72
N ARG C 988 2.72 15.86 -14.40
CA ARG C 988 2.35 16.22 -15.74
C ARG C 988 1.90 17.65 -15.93
N ALA C 989 1.03 18.17 -15.01
CA ALA C 989 0.60 19.53 -14.98
C ALA C 989 1.75 20.48 -14.89
N ALA C 990 2.81 20.19 -14.08
CA ALA C 990 4.02 20.97 -13.92
C ALA C 990 4.81 21.14 -15.26
N GLU C 991 4.90 20.02 -16.03
CA GLU C 991 5.50 19.92 -17.30
C GLU C 991 4.79 20.64 -18.44
N ILE C 992 3.41 20.58 -18.38
CA ILE C 992 2.48 21.25 -19.24
C ILE C 992 2.55 22.68 -18.98
N ARG C 993 2.60 23.09 -17.68
CA ARG C 993 2.79 24.47 -17.32
C ARG C 993 4.10 25.00 -17.92
N ALA C 994 5.18 24.23 -17.72
CA ALA C 994 6.43 24.62 -18.25
C ALA C 994 6.38 24.76 -19.74
N SER C 995 5.69 23.88 -20.48
CA SER C 995 5.42 23.88 -21.93
C SER C 995 4.56 25.08 -22.35
N ALA C 996 3.54 25.40 -21.51
CA ALA C 996 2.70 26.51 -21.67
C ALA C 996 3.50 27.84 -21.60
N ASN C 997 4.48 27.90 -20.61
CA ASN C 997 5.49 28.98 -20.44
C ASN C 997 6.43 29.08 -21.59
N LEU C 998 6.93 27.92 -22.16
CA LEU C 998 7.64 28.00 -23.43
C LEU C 998 6.85 28.56 -24.59
N ALA C 999 5.56 28.06 -24.79
CA ALA C 999 4.58 28.51 -25.73
C ALA C 999 4.22 30.00 -25.51
N ALA C 1000 4.04 30.44 -24.20
CA ALA C 1000 3.75 31.77 -23.88
C ALA C 1000 4.96 32.63 -24.29
N THR C 1001 6.21 32.11 -24.01
CA THR C 1001 7.43 32.78 -24.37
C THR C 1001 7.51 32.87 -25.89
N LYS C 1002 7.30 31.82 -26.70
CA LYS C 1002 7.37 31.91 -28.17
C LYS C 1002 6.36 32.91 -28.73
N MET C 1003 5.12 32.91 -28.13
CA MET C 1003 4.17 33.99 -28.42
C MET C 1003 4.64 35.41 -28.21
N SER C 1004 5.29 35.65 -27.11
CA SER C 1004 5.83 37.00 -26.83
C SER C 1004 6.99 37.37 -27.65
N GLU C 1005 7.89 36.38 -27.76
CA GLU C 1005 9.22 36.52 -28.35
C GLU C 1005 9.25 36.41 -29.85
N CYS C 1006 8.26 35.66 -30.42
CA CYS C 1006 8.20 35.37 -31.83
C CYS C 1006 7.10 36.18 -32.51
N VAL C 1007 5.92 36.40 -31.77
CA VAL C 1007 4.80 37.08 -32.43
C VAL C 1007 4.60 38.53 -32.02
N LEU C 1008 4.53 38.82 -30.68
CA LEU C 1008 4.18 40.10 -30.07
C LEU C 1008 5.53 40.72 -29.88
N GLY C 1009 6.58 40.36 -30.59
CA GLY C 1009 7.89 40.99 -30.51
C GLY C 1009 8.77 40.17 -31.38
N GLN C 1010 10.01 40.68 -31.69
CA GLN C 1010 11.02 39.90 -32.40
C GLN C 1010 11.95 39.11 -31.47
N SER C 1011 12.52 37.93 -31.83
CA SER C 1011 13.45 37.16 -30.93
C SER C 1011 14.87 37.50 -31.29
N LYS C 1012 15.70 37.65 -30.26
CA LYS C 1012 17.18 37.83 -30.50
C LYS C 1012 17.82 36.56 -29.93
N ARG C 1013 16.94 35.52 -29.65
CA ARG C 1013 17.39 34.23 -29.17
C ARG C 1013 17.60 33.25 -30.33
N VAL C 1014 18.81 32.81 -30.54
CA VAL C 1014 19.19 32.05 -31.71
C VAL C 1014 18.50 30.74 -31.85
N ASP C 1015 17.87 30.57 -33.01
CA ASP C 1015 17.11 29.38 -33.40
C ASP C 1015 16.01 29.07 -32.33
N PHE C 1016 15.56 30.11 -31.60
CA PHE C 1016 14.43 29.95 -30.68
C PHE C 1016 13.14 29.94 -31.52
N CYS C 1017 13.07 30.84 -32.57
CA CYS C 1017 11.87 30.94 -33.47
C CYS C 1017 12.27 30.40 -34.79
N GLY C 1018 12.15 29.04 -34.99
CA GLY C 1018 12.73 28.46 -36.14
C GLY C 1018 14.17 28.39 -36.39
N LYS C 1019 14.65 28.40 -37.65
CA LYS C 1019 16.05 28.35 -37.98
C LYS C 1019 16.42 29.54 -38.87
N GLY C 1020 17.57 30.16 -38.65
CA GLY C 1020 17.91 31.28 -39.49
C GLY C 1020 17.59 32.47 -38.66
N TYR C 1021 17.56 33.66 -39.33
CA TYR C 1021 17.38 35.00 -38.72
C TYR C 1021 15.94 35.31 -38.71
N HIS C 1022 15.39 35.56 -37.50
CA HIS C 1022 13.98 35.78 -37.27
C HIS C 1022 13.46 37.16 -37.76
N LEU C 1023 12.39 37.17 -38.66
CA LEU C 1023 11.79 38.35 -39.08
C LEU C 1023 10.48 38.57 -38.23
N MET C 1024 9.53 37.57 -38.28
CA MET C 1024 8.21 37.57 -37.76
C MET C 1024 7.74 36.09 -37.67
N SER C 1025 6.72 36.02 -36.88
CA SER C 1025 5.91 34.84 -36.71
C SER C 1025 4.48 35.15 -36.59
N PHE C 1026 3.66 34.15 -37.05
CA PHE C 1026 2.29 34.25 -37.02
C PHE C 1026 1.81 33.12 -36.13
N PRO C 1027 0.90 33.31 -35.17
CA PRO C 1027 0.32 32.13 -34.45
C PRO C 1027 -0.83 31.35 -35.21
N GLN C 1028 -1.01 30.09 -34.86
CA GLN C 1028 -2.17 29.35 -35.30
C GLN C 1028 -2.66 28.62 -34.10
N SER C 1029 -3.99 28.43 -33.97
CA SER C 1029 -4.47 27.65 -32.85
C SER C 1029 -4.38 26.19 -33.28
N ALA C 1030 -4.48 25.25 -32.26
CA ALA C 1030 -4.67 23.81 -32.38
C ALA C 1030 -5.40 23.32 -31.13
N PRO C 1031 -6.11 22.22 -31.12
CA PRO C 1031 -6.84 21.85 -29.92
C PRO C 1031 -5.75 21.81 -28.83
N HIS C 1032 -6.09 22.50 -27.70
CA HIS C 1032 -5.30 22.62 -26.49
C HIS C 1032 -3.82 22.91 -26.74
N GLY C 1033 -3.61 23.71 -27.79
CA GLY C 1033 -2.27 24.11 -28.13
C GLY C 1033 -2.18 25.24 -29.12
N VAL C 1034 -0.88 25.54 -29.46
CA VAL C 1034 -0.59 26.67 -30.28
C VAL C 1034 0.39 26.14 -31.27
N VAL C 1035 0.36 26.59 -32.59
CA VAL C 1035 1.38 26.15 -33.61
C VAL C 1035 1.80 27.56 -34.13
N PHE C 1036 3.19 27.75 -34.27
CA PHE C 1036 3.69 29.05 -34.70
C PHE C 1036 4.25 28.79 -36.11
N LEU C 1037 4.10 29.82 -36.91
CA LEU C 1037 4.75 29.90 -38.27
C LEU C 1037 5.80 30.92 -38.25
N HIS C 1038 7.10 30.50 -38.13
CA HIS C 1038 8.24 31.34 -37.91
C HIS C 1038 8.88 31.74 -39.23
N VAL C 1039 8.95 33.04 -39.62
CA VAL C 1039 9.44 33.52 -40.90
C VAL C 1039 10.82 33.96 -40.59
N THR C 1040 11.70 33.27 -41.27
CA THR C 1040 13.18 33.45 -41.05
C THR C 1040 13.84 33.60 -42.34
N TYR C 1041 15.04 34.33 -42.29
CA TYR C 1041 15.91 34.53 -43.46
C TYR C 1041 17.06 33.59 -43.25
N VAL C 1042 17.33 32.61 -44.19
CA VAL C 1042 18.38 31.64 -44.05
C VAL C 1042 19.10 31.86 -45.36
N PRO C 1043 20.38 31.96 -45.33
CA PRO C 1043 21.16 32.10 -46.56
C PRO C 1043 20.96 30.97 -47.55
N ALA C 1044 21.10 31.14 -48.90
CA ALA C 1044 20.91 30.00 -49.79
C ALA C 1044 22.20 29.83 -50.56
N GLN C 1045 22.90 30.90 -51.07
CA GLN C 1045 24.08 30.67 -51.91
C GLN C 1045 25.15 31.74 -51.52
N GLU C 1046 26.36 31.28 -51.17
CA GLU C 1046 27.50 32.06 -50.70
C GLU C 1046 28.42 32.27 -51.89
N LYS C 1047 29.25 33.32 -51.84
CA LYS C 1047 30.33 33.50 -52.82
C LYS C 1047 31.52 34.13 -52.10
N ASN C 1048 32.77 33.68 -52.42
CA ASN C 1048 34.04 34.13 -51.85
C ASN C 1048 34.64 35.34 -52.51
N PHE C 1049 35.02 36.34 -51.60
CA PHE C 1049 35.60 37.65 -51.89
C PHE C 1049 36.78 37.91 -51.06
N THR C 1050 37.80 38.58 -51.56
CA THR C 1050 38.93 38.99 -50.72
C THR C 1050 38.65 40.30 -49.90
N THR C 1051 39.01 40.37 -48.61
CA THR C 1051 38.66 41.37 -47.69
C THR C 1051 39.86 42.10 -47.22
N ALA C 1052 39.60 43.30 -46.49
CA ALA C 1052 40.52 43.97 -45.71
C ALA C 1052 39.66 44.68 -44.63
N PRO C 1053 40.12 44.65 -43.37
CA PRO C 1053 39.39 45.20 -42.27
C PRO C 1053 39.46 46.68 -42.31
N ALA C 1054 40.44 47.30 -43.00
CA ALA C 1054 40.68 48.68 -42.96
C ALA C 1054 41.52 48.99 -44.10
N ILE C 1055 41.57 50.30 -44.52
CA ILE C 1055 42.46 50.82 -45.52
C ILE C 1055 43.31 51.85 -44.84
N CYS C 1056 44.61 51.90 -45.03
CA CYS C 1056 45.45 52.93 -44.50
C CYS C 1056 45.60 53.96 -45.64
N HIS C 1057 44.90 55.11 -45.38
CA HIS C 1057 44.82 56.09 -46.47
C HIS C 1057 46.05 56.96 -46.63
N ASP C 1058 46.55 57.63 -45.54
CA ASP C 1058 47.68 58.55 -45.54
C ASP C 1058 48.40 58.43 -44.24
N GLY C 1059 48.26 57.29 -43.50
CA GLY C 1059 48.77 57.11 -42.18
C GLY C 1059 47.67 57.03 -41.24
N LYS C 1060 46.47 57.54 -41.56
CA LYS C 1060 45.23 57.44 -40.78
C LYS C 1060 44.63 56.14 -41.24
N ALA C 1061 44.15 55.16 -40.36
CA ALA C 1061 43.52 53.99 -40.86
C ALA C 1061 42.09 54.30 -40.79
N HIS C 1062 41.41 53.97 -41.89
CA HIS C 1062 39.99 54.14 -42.16
C HIS C 1062 39.33 52.76 -42.02
N PHE C 1063 38.30 52.58 -41.21
CA PHE C 1063 37.49 51.40 -41.05
C PHE C 1063 36.24 51.88 -41.68
N PRO C 1064 35.38 51.01 -42.29
CA PRO C 1064 34.03 51.33 -42.80
C PRO C 1064 33.12 51.54 -41.69
N ARG C 1065 32.02 52.34 -41.80
CA ARG C 1065 31.03 52.47 -40.70
C ARG C 1065 30.36 51.15 -40.30
N GLU C 1066 30.26 50.29 -41.37
CA GLU C 1066 29.68 48.99 -41.20
C GLU C 1066 30.25 48.11 -42.25
N GLY C 1067 30.55 46.83 -41.93
CA GLY C 1067 30.91 45.91 -42.97
C GLY C 1067 32.40 45.82 -43.10
N VAL C 1068 32.84 45.25 -44.26
CA VAL C 1068 34.29 45.10 -44.49
C VAL C 1068 34.61 45.61 -45.92
N PHE C 1069 35.91 45.83 -46.24
CA PHE C 1069 36.32 46.21 -47.55
C PHE C 1069 36.47 44.91 -48.27
N VAL C 1070 35.97 44.86 -49.53
CA VAL C 1070 36.12 43.72 -50.36
C VAL C 1070 36.76 44.10 -51.71
N SER C 1071 37.57 43.21 -52.32
CA SER C 1071 38.20 43.39 -53.59
C SER C 1071 37.33 42.57 -54.50
N ASN C 1072 37.12 43.15 -55.76
CA ASN C 1072 36.52 42.38 -56.82
C ASN C 1072 37.65 41.97 -57.79
N GLY C 1073 38.94 42.07 -57.36
CA GLY C 1073 40.08 41.75 -58.18
C GLY C 1073 40.63 43.00 -58.76
N THR C 1074 39.88 44.13 -58.76
CA THR C 1074 40.32 45.39 -59.29
C THR C 1074 40.13 46.47 -58.18
N HIS C 1075 38.86 46.85 -58.03
CA HIS C 1075 38.36 47.87 -57.14
C HIS C 1075 38.02 47.21 -55.81
N TRP C 1076 38.01 48.06 -54.76
CA TRP C 1076 37.71 47.71 -53.43
C TRP C 1076 36.38 48.41 -53.25
N PHE C 1077 35.46 47.78 -52.44
CA PHE C 1077 34.15 48.39 -52.14
C PHE C 1077 33.96 48.02 -50.67
N VAL C 1078 32.87 48.55 -49.99
CA VAL C 1078 32.44 48.31 -48.61
C VAL C 1078 31.19 47.43 -48.88
N THR C 1079 31.01 46.34 -48.08
CA THR C 1079 29.78 45.55 -48.15
C THR C 1079 29.72 44.89 -46.85
N GLN C 1080 28.49 44.55 -46.35
CA GLN C 1080 28.32 43.78 -45.14
C GLN C 1080 28.41 42.31 -45.46
N ARG C 1081 28.81 41.49 -44.50
CA ARG C 1081 28.95 40.07 -44.66
C ARG C 1081 27.64 39.36 -44.99
N ASN C 1082 26.41 39.96 -44.81
CA ASN C 1082 25.10 39.23 -44.97
C ASN C 1082 24.56 39.46 -46.41
N PHE C 1083 25.22 40.29 -47.25
CA PHE C 1083 24.73 40.53 -48.56
C PHE C 1083 25.86 41.26 -49.35
N TYR C 1084 25.92 41.14 -50.72
CA TYR C 1084 26.92 41.79 -51.46
C TYR C 1084 26.37 43.05 -52.02
N GLU C 1085 26.83 44.14 -51.56
CA GLU C 1085 26.37 45.46 -52.01
C GLU C 1085 27.60 46.31 -52.13
N PRO C 1086 28.27 46.37 -53.27
CA PRO C 1086 29.55 47.05 -53.31
C PRO C 1086 29.18 48.53 -53.21
N GLN C 1087 29.58 49.15 -52.09
CA GLN C 1087 29.35 50.62 -51.83
C GLN C 1087 30.65 51.28 -52.18
N ILE C 1088 30.67 52.50 -52.77
CA ILE C 1088 31.85 53.23 -53.19
C ILE C 1088 32.63 53.62 -51.96
N ILE C 1089 33.99 53.47 -51.96
CA ILE C 1089 34.71 53.83 -50.81
C ILE C 1089 34.96 55.33 -50.77
N THR C 1090 34.47 56.06 -49.75
CA THR C 1090 34.61 57.49 -49.72
C THR C 1090 34.73 57.77 -48.19
N THR C 1091 35.44 58.88 -47.75
CA THR C 1091 35.68 59.22 -46.37
C THR C 1091 34.48 59.24 -45.49
N ASP C 1092 33.30 59.71 -45.99
CA ASP C 1092 32.03 59.79 -45.35
C ASP C 1092 31.41 58.49 -44.88
N ASN C 1093 31.75 57.37 -45.48
CA ASN C 1093 31.27 56.05 -45.14
C ASN C 1093 32.20 55.25 -44.31
N THR C 1094 33.33 55.89 -43.83
CA THR C 1094 34.44 55.30 -43.04
C THR C 1094 34.52 56.16 -41.80
N PHE C 1095 35.37 55.77 -40.90
CA PHE C 1095 35.77 56.56 -39.79
C PHE C 1095 37.19 56.24 -39.50
N VAL C 1096 37.99 57.11 -38.82
CA VAL C 1096 39.44 57.02 -38.59
C VAL C 1096 39.59 56.44 -37.26
N SER C 1097 40.42 55.39 -37.12
CA SER C 1097 40.69 54.83 -35.81
C SER C 1097 41.93 54.06 -35.95
N GLY C 1098 42.98 54.46 -35.32
CA GLY C 1098 44.30 53.90 -35.56
C GLY C 1098 45.10 54.40 -36.80
N ASN C 1099 46.21 53.72 -37.09
CA ASN C 1099 47.16 54.15 -38.12
C ASN C 1099 47.66 52.88 -38.67
N CYS C 1100 48.63 52.94 -39.68
CA CYS C 1100 49.06 51.84 -40.51
C CYS C 1100 49.56 50.74 -39.63
N ASP C 1101 50.19 51.03 -38.48
CA ASP C 1101 50.93 50.09 -37.67
C ASP C 1101 50.05 49.57 -36.51
N VAL C 1102 48.77 49.89 -36.47
CA VAL C 1102 47.92 49.42 -35.40
C VAL C 1102 47.10 48.18 -35.81
N VAL C 1103 46.61 48.26 -37.10
CA VAL C 1103 45.63 47.37 -37.70
C VAL C 1103 46.34 46.29 -38.50
N ILE C 1104 45.87 45.05 -38.30
CA ILE C 1104 46.39 43.86 -38.86
C ILE C 1104 45.52 43.54 -40.06
N GLY C 1105 46.20 43.29 -41.18
CA GLY C 1105 45.55 42.90 -42.45
C GLY C 1105 45.20 44.16 -43.24
N ILE C 1106 45.55 45.31 -42.67
CA ILE C 1106 45.27 46.59 -43.29
C ILE C 1106 45.98 46.72 -44.63
N VAL C 1107 45.31 47.30 -45.63
CA VAL C 1107 45.84 47.56 -46.99
C VAL C 1107 45.99 48.97 -47.25
N ASN C 1108 46.97 49.30 -48.12
CA ASN C 1108 47.32 50.66 -48.55
C ASN C 1108 46.48 50.90 -49.76
N ASN C 1109 45.61 51.93 -49.63
CA ASN C 1109 44.72 52.29 -50.70
C ASN C 1109 44.09 53.62 -50.41
N THR C 1110 43.34 54.11 -51.39
CA THR C 1110 42.68 55.44 -51.48
C THR C 1110 41.29 55.25 -50.90
N VAL C 1111 40.96 56.25 -50.08
CA VAL C 1111 39.64 56.55 -49.63
C VAL C 1111 39.32 57.92 -50.17
N TYR C 1112 38.26 57.99 -51.02
CA TYR C 1112 38.12 59.16 -51.84
C TYR C 1112 37.47 60.24 -51.03
N ASP C 1113 38.01 61.46 -51.13
CA ASP C 1113 37.37 62.63 -50.45
C ASP C 1113 36.27 63.11 -51.34
N PRO C 1114 34.98 63.14 -50.85
CA PRO C 1114 33.83 63.54 -51.63
C PRO C 1114 33.61 65.06 -51.67
N LEU C 1115 34.38 65.83 -50.97
CA LEU C 1115 34.14 67.23 -50.87
C LEU C 1115 35.11 68.06 -51.70
N GLN C 1116 36.48 67.81 -51.62
CA GLN C 1116 37.47 68.61 -52.30
C GLN C 1116 37.25 68.79 -53.88
N PRO C 1117 36.78 67.81 -54.68
CA PRO C 1117 36.50 67.84 -56.12
C PRO C 1117 35.61 68.93 -56.56
N GLU C 1118 34.78 69.45 -55.62
CA GLU C 1118 33.85 70.54 -56.00
C GLU C 1118 34.35 71.89 -55.55
N LEU C 1119 35.51 72.01 -54.83
CA LEU C 1119 36.00 73.19 -54.28
C LEU C 1119 37.30 73.50 -54.95
N ASP C 1120 38.20 72.48 -55.20
CA ASP C 1120 39.52 72.70 -55.81
C ASP C 1120 39.48 72.28 -57.25
N GLN D 1 -30.69 -20.83 14.23
CA GLN D 1 -29.56 -21.81 14.25
C GLN D 1 -30.09 -23.11 13.87
N VAL D 2 -29.40 -23.98 13.06
CA VAL D 2 -29.61 -25.37 12.64
C VAL D 2 -29.60 -26.22 13.85
N GLN D 3 -30.49 -27.16 13.71
CA GLN D 3 -30.83 -28.13 14.66
C GLN D 3 -32.04 -27.75 15.40
N LEU D 4 -33.20 -27.82 14.68
CA LEU D 4 -34.50 -27.66 15.34
C LEU D 4 -35.05 -29.05 15.37
N VAL D 5 -35.87 -29.39 16.44
CA VAL D 5 -36.61 -30.67 16.54
C VAL D 5 -38.06 -30.18 16.61
N GLU D 6 -38.91 -30.68 15.70
CA GLU D 6 -40.30 -30.29 15.71
C GLU D 6 -41.11 -31.48 16.11
N SER D 7 -42.24 -31.23 16.73
CA SER D 7 -43.31 -32.24 16.92
C SER D 7 -44.66 -31.48 16.98
N GLY D 8 -45.63 -32.29 17.19
CA GLY D 8 -47.01 -31.92 17.06
C GLY D 8 -47.31 -31.86 15.58
N GLY D 9 -48.45 -31.16 15.28
CA GLY D 9 -48.98 -31.06 14.00
C GLY D 9 -49.96 -32.09 13.90
N GLY D 10 -50.26 -32.50 12.70
CA GLY D 10 -51.25 -33.52 12.33
C GLY D 10 -52.40 -32.84 11.54
N LEU D 11 -53.52 -33.61 11.44
CA LEU D 11 -54.65 -33.31 10.64
C LEU D 11 -55.67 -32.65 11.47
N VAL D 12 -55.95 -31.43 11.16
CA VAL D 12 -56.86 -30.60 11.96
C VAL D 12 -57.72 -30.02 10.94
N GLN D 13 -58.84 -29.49 11.40
CA GLN D 13 -59.83 -28.77 10.61
C GLN D 13 -59.55 -27.34 10.93
N ALA D 14 -60.11 -26.46 10.11
CA ALA D 14 -60.10 -25.04 10.37
C ALA D 14 -60.82 -24.58 11.65
N GLY D 15 -60.29 -23.44 12.19
CA GLY D 15 -60.74 -22.87 13.46
C GLY D 15 -59.90 -23.46 14.48
N GLY D 16 -60.58 -23.77 15.59
CA GLY D 16 -60.15 -24.44 16.79
C GLY D 16 -58.73 -23.99 17.22
N SER D 17 -57.86 -24.98 17.57
CA SER D 17 -56.48 -24.66 17.92
C SER D 17 -55.72 -25.92 17.68
N LEU D 18 -54.39 -25.72 17.60
CA LEU D 18 -53.37 -26.70 17.39
C LEU D 18 -52.15 -26.17 18.06
N ARG D 19 -51.50 -26.99 18.88
CA ARG D 19 -50.29 -26.68 19.61
C ARG D 19 -49.24 -27.56 19.05
N LEU D 20 -48.02 -26.96 18.83
CA LEU D 20 -46.79 -27.57 18.39
C LEU D 20 -45.83 -27.57 19.60
N SER D 21 -44.95 -28.65 19.56
CA SER D 21 -43.97 -28.94 20.60
C SER D 21 -42.68 -28.85 19.83
N CYS D 22 -41.60 -28.74 20.53
CA CYS D 22 -40.34 -28.59 19.84
C CYS D 22 -39.36 -28.90 20.91
N ALA D 23 -38.14 -28.99 20.44
CA ALA D 23 -36.96 -28.97 21.24
C ALA D 23 -35.87 -28.37 20.32
N ALA D 24 -34.82 -27.74 20.86
CA ALA D 24 -33.81 -27.15 20.11
C ALA D 24 -32.70 -26.85 21.07
N SER D 25 -31.62 -26.40 20.59
CA SER D 25 -30.47 -25.96 21.32
C SER D 25 -30.85 -24.77 22.11
N GLY D 26 -30.05 -24.38 23.16
CA GLY D 26 -30.41 -23.30 24.10
C GLY D 26 -30.56 -21.95 23.42
N ILE D 27 -29.93 -21.76 22.24
CA ILE D 27 -29.90 -20.55 21.48
C ILE D 27 -31.29 -20.34 20.93
N ILE D 28 -32.14 -21.36 20.84
CA ILE D 28 -33.52 -21.27 20.38
C ILE D 28 -34.43 -21.65 21.50
N PHE D 29 -34.33 -22.85 22.07
CA PHE D 29 -35.33 -23.48 22.94
C PHE D 29 -35.58 -22.72 24.18
N GLY D 30 -34.48 -22.13 24.72
CA GLY D 30 -34.48 -21.39 25.94
C GLY D 30 -34.98 -20.02 25.74
N ARG D 31 -35.44 -19.59 24.55
CA ARG D 31 -35.88 -18.20 24.39
C ARG D 31 -37.24 -18.14 25.00
N ASN D 32 -37.60 -16.96 25.68
CA ASN D 32 -38.94 -16.81 26.20
C ASN D 32 -39.99 -16.75 25.14
N ALA D 33 -39.56 -16.46 23.88
CA ALA D 33 -40.53 -16.41 22.80
C ALA D 33 -39.93 -17.08 21.61
N MET D 34 -40.81 -17.87 20.99
CA MET D 34 -40.52 -18.52 19.67
C MET D 34 -41.78 -18.34 18.92
N GLY D 35 -41.57 -18.31 17.59
CA GLY D 35 -42.63 -18.03 16.68
C GLY D 35 -42.77 -19.10 15.68
N TRP D 36 -43.43 -18.67 14.59
CA TRP D 36 -43.80 -19.61 13.52
C TRP D 36 -43.14 -19.24 12.30
N TYR D 37 -42.49 -20.26 11.72
CA TYR D 37 -41.96 -20.15 10.42
C TYR D 37 -42.36 -21.40 9.74
N ARG D 38 -42.61 -21.37 8.41
CA ARG D 38 -43.13 -22.46 7.62
C ARG D 38 -42.66 -22.21 6.22
N GLN D 39 -42.74 -23.23 5.40
CA GLN D 39 -42.34 -23.23 4.03
C GLN D 39 -43.62 -23.74 3.28
N ALA D 40 -43.80 -23.20 2.05
CA ALA D 40 -44.93 -23.49 1.18
C ALA D 40 -45.42 -22.09 0.70
N PRO D 41 -44.96 -21.76 -0.59
CA PRO D 41 -45.20 -20.49 -1.22
C PRO D 41 -46.62 -20.03 -1.15
N GLY D 42 -46.86 -18.71 -0.77
CA GLY D 42 -48.18 -18.10 -0.53
C GLY D 42 -48.30 -17.55 0.82
N LYS D 43 -47.57 -18.22 1.73
CA LYS D 43 -47.33 -17.85 3.12
C LYS D 43 -45.99 -18.43 3.37
N GLU D 44 -44.91 -17.67 3.09
CA GLU D 44 -43.59 -18.26 2.99
C GLU D 44 -42.73 -17.52 3.93
N ARG D 45 -42.23 -18.30 4.91
CA ARG D 45 -41.39 -17.71 6.01
C ARG D 45 -42.03 -16.55 6.69
N GLU D 46 -43.40 -16.52 6.85
CA GLU D 46 -44.11 -15.36 7.46
C GLU D 46 -44.34 -15.63 8.91
N LEU D 47 -44.10 -14.58 9.72
CA LEU D 47 -44.34 -14.56 11.16
C LEU D 47 -45.49 -13.53 11.20
N VAL D 48 -46.73 -13.92 11.62
CA VAL D 48 -47.85 -12.99 11.37
C VAL D 48 -48.48 -12.64 12.66
N ALA D 49 -48.06 -13.25 13.81
CA ALA D 49 -48.79 -13.04 15.02
C ALA D 49 -47.78 -13.42 16.00
N GLY D 50 -47.97 -12.90 17.27
CA GLY D 50 -47.19 -13.40 18.41
C GLY D 50 -47.70 -12.76 19.62
N ILE D 51 -47.03 -12.95 20.75
CA ILE D 51 -47.56 -12.44 22.02
C ILE D 51 -46.33 -12.10 22.82
N THR D 52 -46.42 -11.10 23.73
CA THR D 52 -45.47 -10.58 24.69
C THR D 52 -44.85 -11.52 25.62
N ARG D 53 -43.82 -11.00 26.42
CA ARG D 53 -43.04 -11.84 27.25
C ARG D 53 -43.75 -12.11 28.54
N ARG D 54 -44.64 -11.15 28.86
CA ARG D 54 -45.41 -10.98 30.03
C ARG D 54 -46.52 -10.06 29.63
N GLY D 55 -47.73 -10.41 30.13
CA GLY D 55 -48.87 -9.57 29.91
C GLY D 55 -49.54 -10.43 28.90
N SER D 56 -50.55 -9.96 28.12
CA SER D 56 -51.25 -10.73 27.24
C SER D 56 -51.43 -9.88 26.00
N ILE D 57 -50.51 -9.02 25.58
CA ILE D 57 -50.65 -8.17 24.41
C ILE D 57 -50.22 -9.09 23.30
N THR D 58 -51.20 -9.28 22.41
CA THR D 58 -51.13 -10.14 21.22
C THR D 58 -51.12 -9.23 20.04
N TYR D 59 -50.10 -9.45 19.23
CA TYR D 59 -49.89 -8.61 18.06
C TYR D 59 -49.96 -9.38 16.79
N TYR D 60 -50.16 -8.61 15.66
CA TYR D 60 -50.17 -9.30 14.40
C TYR D 60 -49.82 -8.30 13.34
N ALA D 61 -49.33 -8.89 12.24
CA ALA D 61 -48.90 -8.22 11.04
C ALA D 61 -50.17 -7.90 10.35
N ASP D 62 -50.28 -6.77 9.67
CA ASP D 62 -51.53 -6.32 9.05
C ASP D 62 -51.74 -7.23 7.81
N SER D 63 -52.01 -8.47 8.01
CA SER D 63 -52.27 -9.41 6.92
C SER D 63 -53.39 -10.25 7.50
N VAL D 64 -53.56 -10.15 8.78
CA VAL D 64 -54.57 -10.81 9.49
C VAL D 64 -54.78 -12.26 9.15
N LYS D 65 -53.75 -13.06 9.46
CA LYS D 65 -53.77 -14.47 9.07
C LYS D 65 -53.79 -15.24 10.38
N GLY D 66 -54.55 -14.65 11.34
CA GLY D 66 -54.71 -15.21 12.63
C GLY D 66 -53.88 -14.45 13.64
N ARG D 67 -54.24 -14.66 14.93
CA ARG D 67 -53.66 -14.17 16.09
C ARG D 67 -53.29 -15.27 17.02
N PHE D 68 -51.98 -15.73 16.94
CA PHE D 68 -51.52 -16.87 17.60
C PHE D 68 -50.97 -16.53 18.99
N THR D 69 -50.76 -17.60 19.83
CA THR D 69 -50.24 -17.48 21.15
C THR D 69 -48.93 -18.29 21.36
N ILE D 70 -47.91 -17.64 22.02
CA ILE D 70 -46.67 -18.23 22.37
C ILE D 70 -46.82 -18.56 23.79
N SER D 71 -46.77 -19.85 24.15
CA SER D 71 -47.12 -20.29 25.48
C SER D 71 -45.71 -20.27 26.07
N ARG D 72 -45.58 -19.52 27.14
CA ARG D 72 -44.40 -19.34 27.93
C ARG D 72 -44.80 -19.08 29.40
N ASP D 73 -43.88 -19.44 30.38
CA ASP D 73 -44.11 -19.31 31.76
C ASP D 73 -42.73 -19.05 32.23
N ASN D 74 -42.51 -17.79 32.82
CA ASN D 74 -41.28 -17.23 33.25
C ASN D 74 -40.91 -17.99 34.57
N ALA D 75 -40.76 -19.32 34.50
CA ALA D 75 -40.49 -20.10 35.74
C ALA D 75 -40.00 -21.43 35.26
N LYS D 76 -38.73 -21.44 34.82
CA LYS D 76 -38.01 -22.48 34.07
C LYS D 76 -38.64 -22.74 32.67
N ASN D 77 -38.60 -21.71 31.80
CA ASN D 77 -39.31 -21.68 30.56
C ASN D 77 -38.75 -22.54 29.49
N THR D 78 -39.71 -23.15 28.73
CA THR D 78 -39.56 -23.61 27.37
C THR D 78 -40.82 -23.09 26.67
N VAL D 79 -40.86 -23.01 25.30
CA VAL D 79 -41.94 -22.44 24.56
C VAL D 79 -42.66 -23.48 23.79
N TYR D 80 -44.01 -23.41 23.77
CA TYR D 80 -44.92 -24.22 23.01
C TYR D 80 -45.55 -23.17 22.21
N LEU D 81 -45.95 -23.54 20.97
CA LEU D 81 -46.52 -22.63 19.96
C LEU D 81 -47.95 -23.04 19.86
N GLN D 82 -48.85 -22.14 20.17
CA GLN D 82 -50.23 -22.44 20.17
C GLN D 82 -50.76 -21.61 19.03
N MET D 83 -51.47 -22.26 18.04
CA MET D 83 -52.12 -21.51 17.00
C MET D 83 -53.57 -21.58 17.29
N ASN D 84 -54.31 -20.40 17.08
CA ASN D 84 -55.68 -20.21 17.31
C ASN D 84 -56.25 -19.93 15.94
N SER D 85 -57.49 -20.39 15.67
CA SER D 85 -58.35 -20.00 14.53
C SER D 85 -57.61 -20.13 13.21
N LEU D 86 -57.27 -21.39 13.02
CA LEU D 86 -56.47 -21.82 11.89
C LEU D 86 -57.24 -21.50 10.62
N LYS D 87 -56.58 -21.02 9.54
CA LYS D 87 -57.20 -20.79 8.32
C LYS D 87 -56.71 -21.74 7.33
N PRO D 88 -57.36 -22.07 6.20
CA PRO D 88 -56.80 -22.94 5.09
C PRO D 88 -55.35 -22.58 4.65
N GLU D 89 -54.95 -21.31 4.69
CA GLU D 89 -53.64 -20.81 4.37
C GLU D 89 -52.58 -21.21 5.38
N ASP D 90 -52.98 -21.85 6.55
CA ASP D 90 -52.01 -22.26 7.63
C ASP D 90 -51.53 -23.68 7.46
N THR D 91 -51.81 -24.27 6.27
CA THR D 91 -51.29 -25.58 5.80
C THR D 91 -49.90 -25.39 5.21
N ALA D 92 -48.86 -26.06 5.82
CA ALA D 92 -47.50 -25.86 5.46
C ALA D 92 -46.74 -26.85 6.24
N VAL D 93 -45.40 -26.88 5.91
CA VAL D 93 -44.50 -27.58 6.74
C VAL D 93 -43.91 -26.47 7.67
N TYR D 94 -43.99 -26.72 8.98
CA TYR D 94 -43.73 -25.79 9.99
C TYR D 94 -42.42 -26.11 10.63
N TYR D 95 -41.68 -25.04 11.14
CA TYR D 95 -40.53 -25.09 11.96
C TYR D 95 -40.95 -24.32 13.16
N CYS D 96 -40.36 -24.76 14.27
CA CYS D 96 -40.55 -24.18 15.58
C CYS D 96 -39.27 -23.56 15.91
N ALA D 97 -39.18 -22.17 15.71
CA ALA D 97 -37.85 -21.45 15.77
C ALA D 97 -38.13 -20.20 16.40
N ALA D 98 -37.05 -19.55 16.93
CA ALA D 98 -37.18 -18.25 17.54
C ALA D 98 -37.70 -17.22 16.60
N ASP D 99 -38.45 -16.24 17.13
CA ASP D 99 -38.99 -15.15 16.32
C ASP D 99 -38.13 -14.51 15.26
N PRO D 100 -36.84 -14.07 15.46
CA PRO D 100 -36.14 -13.44 14.36
C PRO D 100 -35.62 -14.56 13.48
N ALA D 101 -35.69 -15.86 13.89
CA ALA D 101 -35.02 -16.92 13.17
C ALA D 101 -35.75 -17.14 11.83
N SER D 102 -35.02 -17.73 10.90
CA SER D 102 -35.62 -17.98 9.61
C SER D 102 -35.27 -19.35 9.21
N PRO D 103 -35.77 -20.42 9.69
CA PRO D 103 -35.56 -21.71 9.11
C PRO D 103 -36.28 -21.75 7.72
N ALA D 104 -35.69 -22.47 6.76
CA ALA D 104 -36.26 -22.49 5.45
C ALA D 104 -35.64 -23.71 4.75
N PRO D 105 -36.18 -24.29 3.67
CA PRO D 105 -35.63 -25.36 2.87
C PRO D 105 -34.46 -24.88 2.16
N GLY D 106 -33.49 -25.76 1.83
CA GLY D 106 -32.20 -25.55 1.11
C GLY D 106 -31.09 -26.01 1.97
N ASP D 107 -31.33 -26.04 3.29
CA ASP D 107 -30.34 -26.59 4.19
C ASP D 107 -31.03 -27.34 5.29
N TYR D 108 -32.36 -27.04 5.50
CA TYR D 108 -33.22 -27.71 6.44
C TYR D 108 -32.80 -27.87 7.87
N TRP D 109 -33.16 -26.88 8.73
CA TRP D 109 -32.95 -26.72 10.14
C TRP D 109 -33.86 -27.72 10.72
N GLY D 110 -33.56 -29.06 10.53
CA GLY D 110 -34.54 -30.09 10.89
C GLY D 110 -35.39 -30.29 9.67
N GLN D 111 -36.39 -31.23 9.80
CA GLN D 111 -37.26 -31.64 8.72
C GLN D 111 -38.62 -31.04 8.98
N GLY D 112 -38.92 -30.29 10.11
CA GLY D 112 -40.24 -29.75 10.34
C GLY D 112 -41.35 -30.72 10.64
N THR D 113 -42.64 -30.22 10.63
CA THR D 113 -43.72 -31.07 10.87
C THR D 113 -44.74 -30.45 9.98
N GLN D 114 -45.64 -31.30 9.50
CA GLN D 114 -46.74 -30.96 8.72
C GLN D 114 -48.03 -30.72 9.49
N VAL D 115 -48.60 -29.53 9.15
CA VAL D 115 -49.88 -29.04 9.63
C VAL D 115 -50.70 -28.97 8.44
N THR D 116 -51.78 -29.73 8.45
CA THR D 116 -52.73 -29.78 7.36
C THR D 116 -54.05 -29.41 7.97
N VAL D 117 -54.62 -28.27 7.50
CA VAL D 117 -55.86 -27.72 7.96
C VAL D 117 -56.95 -28.20 7.03
N SER D 118 -57.05 -29.55 6.98
CA SER D 118 -57.98 -30.33 6.18
C SER D 118 -57.67 -31.77 6.55
N SER D 119 -58.58 -32.71 6.08
CA SER D 119 -58.31 -34.10 6.24
C SER D 119 -57.41 -34.67 5.15
N GLY D 120 -56.73 -35.80 5.51
CA GLY D 120 -55.93 -36.61 4.61
C GLY D 120 -54.54 -36.04 4.57
N ALA D 121 -53.61 -36.76 3.83
CA ALA D 121 -52.23 -36.44 3.68
C ALA D 121 -51.60 -36.50 5.03
N GLY D 122 -50.94 -35.41 5.42
CA GLY D 122 -50.23 -35.41 6.63
C GLY D 122 -48.75 -35.67 6.40
N GLY D 123 -47.93 -35.60 7.47
CA GLY D 123 -46.46 -35.66 7.61
C GLY D 123 -46.12 -37.15 7.35
N SER D 124 -46.16 -37.56 6.04
CA SER D 124 -45.79 -38.83 5.47
C SER D 124 -46.71 -39.89 6.04
N GLY D 125 -48.04 -39.63 5.97
CA GLY D 125 -49.14 -40.48 6.40
C GLY D 125 -49.85 -40.25 7.71
N GLY D 126 -50.52 -39.11 7.92
CA GLY D 126 -51.17 -38.84 9.17
C GLY D 126 -50.30 -38.24 10.23
N SER D 127 -49.03 -37.91 9.87
CA SER D 127 -48.04 -37.30 10.72
C SER D 127 -47.78 -38.35 11.88
N SER D 128 -47.74 -39.64 11.63
CA SER D 128 -47.39 -40.51 12.73
C SER D 128 -46.72 -41.53 11.91
N GLY D 129 -45.42 -41.63 12.15
CA GLY D 129 -44.52 -42.51 11.42
C GLY D 129 -43.15 -41.98 11.49
N SER D 130 -42.31 -42.35 10.47
CA SER D 130 -40.93 -41.96 10.44
C SER D 130 -40.70 -40.52 10.04
N ASP D 131 -39.42 -40.15 10.18
CA ASP D 131 -38.81 -38.92 9.69
C ASP D 131 -38.31 -38.26 10.97
N GLY D 132 -36.97 -38.13 11.20
CA GLY D 132 -36.29 -37.58 12.36
C GLY D 132 -36.11 -36.12 12.15
N ALA D 133 -35.18 -35.58 12.86
CA ALA D 133 -35.04 -34.10 12.75
C ALA D 133 -33.70 -33.92 12.19
N SER D 134 -32.64 -34.17 12.99
CA SER D 134 -31.25 -33.98 12.78
C SER D 134 -30.55 -34.78 13.84
N GLY D 135 -29.22 -34.81 13.77
CA GLY D 135 -28.34 -35.36 14.86
C GLY D 135 -28.07 -34.37 15.91
N SER D 136 -27.27 -34.86 16.87
CA SER D 136 -26.91 -34.12 18.02
C SER D 136 -25.51 -34.61 18.25
N ARG D 137 -25.37 -35.83 18.90
CA ARG D 137 -24.27 -36.71 18.99
C ARG D 137 -23.51 -36.81 17.69
N VAL D 138 -22.22 -36.73 17.87
CA VAL D 138 -21.10 -36.62 17.02
C VAL D 138 -21.30 -37.16 15.55
N THR D 139 -22.18 -38.15 15.33
CA THR D 139 -22.74 -38.47 14.09
C THR D 139 -24.00 -39.35 14.31
N ALA D 140 -24.93 -39.25 13.36
CA ALA D 140 -26.15 -39.96 13.39
C ALA D 140 -26.54 -40.13 11.98
N PHE D 141 -27.37 -41.19 11.75
CA PHE D 141 -28.03 -41.46 10.54
C PHE D 141 -29.44 -41.30 10.96
N SER D 142 -30.34 -41.54 9.95
CA SER D 142 -31.79 -41.45 10.00
C SER D 142 -32.32 -42.84 10.36
N ASN D 143 -32.80 -43.57 9.31
CA ASN D 143 -33.48 -44.89 9.35
C ASN D 143 -32.56 -46.07 9.44
N MET D 144 -33.14 -47.25 9.78
CA MET D 144 -32.57 -48.51 9.90
C MET D 144 -31.89 -48.89 8.56
N ASP D 145 -32.62 -48.59 7.46
CA ASP D 145 -32.23 -48.81 6.03
C ASP D 145 -31.04 -47.85 5.68
N ASP D 146 -31.01 -46.66 6.22
CA ASP D 146 -29.96 -45.68 6.00
C ASP D 146 -28.69 -46.29 6.42
N MET D 147 -28.62 -46.82 7.60
CA MET D 147 -27.47 -47.49 8.12
C MET D 147 -27.27 -48.78 7.47
N LEU D 148 -28.20 -49.73 7.62
CA LEU D 148 -27.98 -51.10 7.40
C LEU D 148 -27.53 -51.36 5.97
N GLN D 149 -28.06 -50.62 4.95
CA GLN D 149 -27.80 -50.89 3.59
C GLN D 149 -26.45 -50.36 3.04
N LYS D 150 -25.85 -49.25 3.68
CA LYS D 150 -24.64 -48.69 3.10
C LYS D 150 -23.75 -48.16 4.17
N ALA D 151 -23.74 -48.71 5.40
CA ALA D 151 -22.87 -48.29 6.48
C ALA D 151 -21.88 -49.41 6.50
N HIS D 152 -20.86 -49.26 5.62
CA HIS D 152 -19.77 -50.14 5.51
C HIS D 152 -18.60 -49.35 5.20
N LEU D 153 -18.74 -48.03 5.26
CA LEU D 153 -17.61 -47.09 4.98
C LEU D 153 -17.39 -46.53 6.38
N VAL D 154 -18.04 -47.13 7.43
CA VAL D 154 -18.00 -46.70 8.77
C VAL D 154 -16.83 -47.44 9.41
N ILE D 155 -15.90 -46.68 10.01
CA ILE D 155 -14.67 -47.11 10.59
C ILE D 155 -14.96 -47.46 12.00
N GLU D 156 -14.35 -48.60 12.43
CA GLU D 156 -14.47 -49.14 13.75
C GLU D 156 -14.29 -48.16 14.90
N GLY D 157 -15.26 -48.11 15.88
CA GLY D 157 -15.11 -47.13 16.96
C GLY D 157 -15.94 -45.93 16.87
N THR D 158 -16.55 -45.70 15.68
CA THR D 158 -17.43 -44.57 15.41
C THR D 158 -18.65 -44.69 16.34
N PHE D 159 -19.14 -43.66 17.02
CA PHE D 159 -20.24 -43.66 17.95
C PHE D 159 -21.28 -43.03 17.10
N ILE D 160 -22.50 -43.64 16.85
CA ILE D 160 -23.49 -43.18 15.87
C ILE D 160 -24.85 -43.31 16.48
N TYR D 161 -25.87 -42.36 16.35
CA TYR D 161 -27.26 -42.61 16.64
C TYR D 161 -27.99 -43.01 15.35
N LEU D 162 -29.20 -43.67 15.59
CA LEU D 162 -30.31 -43.71 14.64
C LEU D 162 -31.36 -43.03 15.27
N ARG D 163 -31.62 -41.71 14.92
CA ARG D 163 -32.56 -40.94 15.67
C ARG D 163 -33.94 -41.08 15.05
N ASP D 164 -34.16 -42.07 14.16
CA ASP D 164 -35.42 -42.41 13.59
C ASP D 164 -35.77 -43.75 14.27
N SER D 165 -35.01 -44.33 15.27
CA SER D 165 -35.20 -45.57 15.98
C SER D 165 -34.83 -45.34 17.39
N THR D 166 -34.07 -44.21 17.60
CA THR D 166 -33.56 -43.74 18.85
C THR D 166 -32.45 -44.64 19.17
N GLU D 167 -31.96 -45.48 18.27
CA GLU D 167 -30.92 -46.46 18.61
C GLU D 167 -29.62 -45.78 18.97
N PHE D 168 -28.96 -46.24 20.06
CA PHE D 168 -27.64 -45.80 20.49
C PHE D 168 -26.77 -46.98 20.13
N PHE D 169 -25.86 -46.90 19.22
CA PHE D 169 -25.02 -48.03 18.85
C PHE D 169 -23.65 -47.56 18.53
N ILE D 170 -22.67 -48.50 18.52
CA ILE D 170 -21.24 -48.32 18.32
C ILE D 170 -20.79 -49.28 17.26
N ARG D 171 -19.94 -48.80 16.28
CA ARG D 171 -19.29 -49.61 15.28
C ARG D 171 -18.15 -50.33 15.99
N VAL D 172 -18.21 -51.71 15.90
CA VAL D 172 -17.34 -52.59 16.56
C VAL D 172 -16.86 -53.42 15.31
N ARG D 173 -15.93 -54.33 15.52
CA ARG D 173 -15.32 -55.24 14.58
C ARG D 173 -16.34 -56.03 13.82
N ASP D 174 -16.54 -55.73 12.48
CA ASP D 174 -17.46 -56.36 11.56
C ASP D 174 -18.86 -56.38 11.98
N GLY D 175 -19.35 -55.36 12.66
CA GLY D 175 -20.75 -55.19 13.06
C GLY D 175 -20.96 -54.01 14.01
N TRP D 176 -22.15 -53.99 14.66
CA TRP D 176 -22.51 -53.01 15.63
C TRP D 176 -22.91 -53.67 16.87
N LYS D 177 -22.88 -52.94 18.01
CA LYS D 177 -23.44 -53.39 19.31
C LYS D 177 -24.37 -52.24 19.67
N LYS D 178 -25.44 -52.44 20.52
CA LYS D 178 -26.36 -51.53 21.08
C LYS D 178 -25.98 -51.26 22.51
N LEU D 179 -26.38 -50.11 23.00
CA LEU D 179 -26.19 -49.75 24.36
C LEU D 179 -27.52 -50.09 24.90
N GLN D 180 -28.59 -49.59 24.16
CA GLN D 180 -29.94 -49.57 24.67
C GLN D 180 -30.04 -48.75 25.93
N LEU D 181 -30.97 -49.11 26.81
CA LEU D 181 -31.40 -48.35 27.93
C LEU D 181 -30.94 -48.88 29.26
N GLY D 182 -30.60 -47.99 30.23
CA GLY D 182 -30.40 -48.39 31.59
C GLY D 182 -31.46 -47.81 32.52
N GLU D 183 -32.14 -46.70 31.97
CA GLU D 183 -33.11 -45.98 32.74
C GLU D 183 -33.72 -45.16 31.66
N LEU D 184 -35.01 -44.79 31.77
CA LEU D 184 -35.87 -44.03 30.84
C LEU D 184 -36.44 -42.86 31.64
N ILE D 185 -36.32 -41.62 31.13
CA ILE D 185 -36.92 -40.44 31.79
C ILE D 185 -37.83 -39.83 30.77
N PRO D 186 -39.07 -39.32 31.00
CA PRO D 186 -39.91 -38.81 29.94
C PRO D 186 -39.31 -37.70 29.15
N ILE D 187 -39.84 -37.56 27.92
CA ILE D 187 -39.51 -36.64 26.82
C ILE D 187 -39.47 -35.21 27.28
N PRO D 188 -38.56 -34.36 26.85
CA PRO D 188 -38.46 -32.93 27.23
C PRO D 188 -39.70 -32.14 26.98
N ALA D 189 -39.82 -30.95 27.68
CA ALA D 189 -40.95 -30.04 27.63
C ALA D 189 -42.12 -30.80 28.23
N ASP D 190 -41.91 -31.64 29.23
CA ASP D 190 -43.01 -32.34 29.91
C ASP D 190 -43.82 -31.46 30.74
N SER D 191 -43.18 -30.89 31.81
CA SER D 191 -43.87 -29.96 32.61
C SER D 191 -42.80 -29.01 33.11
N PRO D 192 -42.21 -28.16 32.31
CA PRO D 192 -41.15 -27.21 32.80
C PRO D 192 -41.59 -26.32 34.00
N PRO D 193 -42.85 -25.78 34.13
CA PRO D 193 -43.25 -24.88 35.24
C PRO D 193 -43.03 -25.21 36.76
N PRO D 194 -43.44 -26.21 37.57
CA PRO D 194 -43.23 -26.25 39.01
C PRO D 194 -41.87 -26.53 39.53
N PRO D 195 -40.88 -27.16 38.90
CA PRO D 195 -39.55 -27.34 39.47
C PRO D 195 -38.79 -26.06 39.33
N ALA D 196 -39.26 -25.02 39.98
CA ALA D 196 -38.89 -23.63 39.93
C ALA D 196 -37.78 -23.39 40.87
N LEU D 197 -36.90 -24.42 41.06
CA LEU D 197 -35.68 -24.49 41.84
C LEU D 197 -34.52 -24.07 40.93
N GLN E 1 -8.10 -42.46 6.08
CA GLN E 1 -6.72 -42.01 5.94
C GLN E 1 -5.99 -42.68 6.96
N VAL E 2 -6.18 -42.21 8.26
CA VAL E 2 -5.81 -42.90 9.50
C VAL E 2 -6.96 -43.77 9.88
N GLN E 3 -6.76 -44.75 10.86
CA GLN E 3 -7.88 -45.56 11.38
C GLN E 3 -8.42 -46.36 10.22
N LEU E 4 -7.55 -47.15 9.51
CA LEU E 4 -7.88 -47.99 8.42
C LEU E 4 -8.20 -49.27 9.21
N VAL E 5 -9.06 -50.12 8.62
CA VAL E 5 -9.45 -51.43 9.15
C VAL E 5 -8.96 -52.59 8.22
N GLU E 6 -8.13 -53.48 8.85
CA GLU E 6 -7.53 -54.54 8.10
C GLU E 6 -7.71 -55.87 8.72
N SER E 7 -7.63 -56.92 7.88
CA SER E 7 -7.63 -58.30 8.35
C SER E 7 -6.66 -59.05 7.55
N GLY E 8 -6.17 -60.14 8.10
CA GLY E 8 -5.18 -60.94 7.42
C GLY E 8 -3.84 -60.57 7.75
N GLY E 9 -2.90 -61.40 7.23
CA GLY E 9 -1.48 -61.27 7.40
C GLY E 9 -1.13 -62.51 8.25
N GLY E 10 0.08 -62.41 8.84
CA GLY E 10 0.75 -63.42 9.67
C GLY E 10 1.69 -64.14 8.81
N LEU E 11 2.01 -65.46 9.16
CA LEU E 11 3.05 -66.25 8.47
C LEU E 11 2.46 -67.07 7.37
N VAL E 12 3.12 -66.84 6.17
CA VAL E 12 2.87 -67.50 4.93
C VAL E 12 4.17 -67.97 4.40
N GLN E 13 4.15 -68.90 3.42
CA GLN E 13 5.34 -69.33 2.77
C GLN E 13 5.56 -68.66 1.45
N ALA E 14 6.83 -68.66 0.99
CA ALA E 14 7.22 -68.17 -0.32
C ALA E 14 6.47 -68.91 -1.28
N GLY E 15 6.09 -68.25 -2.38
CA GLY E 15 5.23 -68.73 -3.50
C GLY E 15 3.88 -68.37 -3.14
N GLY E 16 2.95 -69.23 -3.61
CA GLY E 16 1.52 -69.03 -3.31
C GLY E 16 0.88 -67.65 -3.45
N SER E 17 0.12 -67.32 -2.42
CA SER E 17 -0.51 -66.05 -2.35
C SER E 17 -0.95 -65.83 -0.94
N LEU E 18 -1.17 -64.52 -0.68
CA LEU E 18 -1.74 -64.04 0.53
C LEU E 18 -2.72 -62.99 0.13
N ARG E 19 -3.96 -63.09 0.64
CA ARG E 19 -5.01 -62.21 0.42
C ARG E 19 -5.33 -61.49 1.79
N LEU E 20 -5.29 -60.11 1.71
CA LEU E 20 -5.53 -59.27 2.79
C LEU E 20 -6.81 -58.61 2.52
N SER E 21 -7.53 -58.17 3.61
CA SER E 21 -8.76 -57.38 3.33
C SER E 21 -8.61 -56.07 4.02
N CYS E 22 -9.29 -54.95 3.47
CA CYS E 22 -9.22 -53.72 4.05
C CYS E 22 -10.46 -52.97 3.75
N ALA E 23 -10.83 -52.09 4.73
CA ALA E 23 -11.88 -51.10 4.56
C ALA E 23 -11.43 -49.80 5.11
N ALA E 24 -11.94 -48.65 4.59
CA ALA E 24 -11.25 -47.40 4.96
C ALA E 24 -12.20 -46.32 4.66
N SER E 25 -11.82 -45.03 4.98
CA SER E 25 -12.47 -43.74 4.65
C SER E 25 -12.62 -43.62 3.19
N GLY E 26 -13.55 -42.78 2.74
CA GLY E 26 -13.90 -42.46 1.33
C GLY E 26 -12.66 -41.98 0.61
N ILE E 27 -11.75 -41.28 1.28
CA ILE E 27 -10.46 -40.70 0.88
C ILE E 27 -9.54 -41.81 0.38
N ILE E 28 -9.65 -43.00 0.95
CA ILE E 28 -8.78 -44.11 0.56
C ILE E 28 -9.64 -45.03 -0.28
N PHE E 29 -10.83 -45.31 0.22
CA PHE E 29 -11.73 -46.34 -0.34
C PHE E 29 -12.10 -46.13 -1.72
N GLY E 30 -12.44 -44.88 -2.08
CA GLY E 30 -12.87 -44.44 -3.40
C GLY E 30 -11.92 -44.19 -4.50
N ARG E 31 -10.58 -44.34 -4.11
CA ARG E 31 -9.52 -44.10 -5.02
C ARG E 31 -9.22 -45.40 -5.73
N ASN E 32 -8.18 -45.46 -6.65
CA ASN E 32 -7.98 -46.52 -7.66
C ASN E 32 -8.54 -47.81 -7.09
N ALA E 33 -8.00 -48.17 -5.89
CA ALA E 33 -8.30 -49.36 -5.07
C ALA E 33 -7.49 -49.16 -3.86
N MET E 34 -7.01 -50.28 -3.24
CA MET E 34 -6.08 -50.20 -2.14
C MET E 34 -4.92 -51.14 -2.60
N GLY E 35 -3.70 -50.63 -2.46
CA GLY E 35 -2.50 -51.35 -2.79
C GLY E 35 -1.72 -51.53 -1.50
N TRP E 36 -0.37 -51.55 -1.76
CA TRP E 36 0.47 -51.80 -0.58
C TRP E 36 1.62 -50.77 -0.38
N TYR E 37 1.80 -50.35 0.90
CA TYR E 37 3.00 -49.77 1.38
C TYR E 37 3.56 -50.76 2.33
N ARG E 38 4.91 -50.83 2.39
CA ARG E 38 5.52 -51.79 3.28
C ARG E 38 6.77 -51.09 3.85
N GLN E 39 7.23 -51.48 5.04
CA GLN E 39 8.52 -51.04 5.52
C GLN E 39 8.98 -52.13 6.45
N ALA E 40 10.28 -52.21 6.68
CA ALA E 40 10.91 -53.15 7.54
C ALA E 40 12.15 -52.40 8.07
N PRO E 41 12.81 -52.71 9.23
CA PRO E 41 14.03 -51.95 9.64
C PRO E 41 15.14 -52.07 8.56
N GLY E 42 15.14 -53.13 7.63
CA GLY E 42 16.10 -53.27 6.59
C GLY E 42 15.61 -52.84 5.31
N LYS E 43 14.33 -52.26 5.27
CA LYS E 43 13.68 -51.86 4.00
C LYS E 43 13.03 -50.56 4.18
N GLU E 44 13.30 -49.59 3.24
CA GLU E 44 12.81 -48.27 3.10
C GLU E 44 11.42 -48.46 2.72
N ARG E 45 10.64 -47.49 3.27
CA ARG E 45 9.22 -47.43 2.97
C ARG E 45 9.04 -47.15 1.56
N GLU E 46 8.20 -47.94 0.90
CA GLU E 46 7.98 -47.80 -0.54
C GLU E 46 6.59 -48.19 -0.81
N LEU E 47 6.12 -47.68 -1.96
CA LEU E 47 4.84 -48.07 -2.65
C LEU E 47 5.23 -49.25 -3.55
N VAL E 48 4.54 -50.41 -3.33
CA VAL E 48 4.88 -51.69 -3.91
C VAL E 48 4.19 -51.81 -5.22
N ALA E 49 2.82 -51.78 -5.19
CA ALA E 49 2.13 -52.15 -6.35
C ALA E 49 0.82 -51.58 -6.16
N GLY E 50 0.14 -51.44 -7.34
CA GLY E 50 -1.14 -50.93 -7.43
C GLY E 50 -1.93 -51.35 -8.61
N ILE E 51 -2.99 -50.65 -8.90
CA ILE E 51 -3.91 -51.05 -9.93
C ILE E 51 -4.59 -49.74 -10.35
N THR E 52 -5.15 -49.87 -11.58
CA THR E 52 -5.89 -48.83 -12.21
C THR E 52 -7.25 -49.46 -12.46
N ARG E 53 -7.97 -49.87 -11.36
CA ARG E 53 -9.18 -50.61 -11.38
C ARG E 53 -8.98 -51.95 -12.07
N ARG E 54 -9.87 -52.88 -11.63
CA ARG E 54 -9.86 -54.27 -12.01
C ARG E 54 -9.73 -54.51 -13.50
N GLY E 55 -8.77 -55.35 -13.79
CA GLY E 55 -8.44 -55.70 -15.15
C GLY E 55 -7.28 -56.67 -15.06
N SER E 56 -6.61 -56.98 -16.22
CA SER E 56 -5.57 -57.96 -16.19
C SER E 56 -4.36 -57.24 -15.83
N ILE E 57 -4.45 -55.90 -16.02
CA ILE E 57 -3.44 -54.97 -15.82
C ILE E 57 -3.32 -54.32 -14.45
N THR E 58 -2.19 -54.60 -13.79
CA THR E 58 -1.87 -54.11 -12.46
C THR E 58 -0.43 -53.62 -12.68
N TYR E 59 0.17 -52.84 -11.72
CA TYR E 59 1.55 -52.35 -11.87
C TYR E 59 2.33 -52.50 -10.61
N TYR E 60 3.69 -52.54 -10.74
CA TYR E 60 4.58 -52.72 -9.60
C TYR E 60 5.88 -52.16 -10.03
N ALA E 61 6.62 -51.72 -9.02
CA ALA E 61 7.96 -51.16 -9.20
C ALA E 61 8.87 -52.22 -9.49
N ASP E 62 10.06 -51.82 -10.08
CA ASP E 62 11.14 -52.80 -10.34
C ASP E 62 11.97 -52.86 -9.02
N SER E 63 11.69 -52.05 -7.99
CA SER E 63 12.40 -52.14 -6.76
C SER E 63 11.88 -53.26 -6.01
N VAL E 64 10.61 -53.62 -6.24
CA VAL E 64 10.00 -54.70 -5.61
C VAL E 64 9.03 -55.22 -6.60
N LYS E 65 9.29 -56.43 -7.14
CA LYS E 65 8.42 -56.99 -8.16
C LYS E 65 7.46 -57.92 -7.52
N GLY E 66 6.50 -58.32 -8.36
CA GLY E 66 5.48 -59.36 -8.01
C GLY E 66 4.23 -58.97 -8.70
N ARG E 67 3.62 -59.97 -9.42
CA ARG E 67 2.42 -59.74 -10.24
C ARG E 67 1.29 -59.86 -9.25
N PHE E 68 1.21 -58.81 -8.42
CA PHE E 68 0.30 -58.63 -7.35
C PHE E 68 -1.05 -58.32 -8.05
N THR E 69 -2.21 -58.73 -7.44
CA THR E 69 -3.50 -58.46 -8.08
C THR E 69 -4.35 -57.79 -7.02
N ILE E 70 -5.09 -56.74 -7.38
CA ILE E 70 -5.96 -56.07 -6.43
C ILE E 70 -7.39 -56.22 -7.01
N SER E 71 -8.46 -56.54 -6.23
CA SER E 71 -9.81 -56.73 -6.74
C SER E 71 -10.85 -56.37 -5.73
N ARG E 72 -12.10 -56.17 -6.18
CA ARG E 72 -13.26 -55.88 -5.32
C ARG E 72 -14.32 -56.81 -5.83
N ASP E 73 -14.88 -57.52 -4.80
CA ASP E 73 -15.93 -58.46 -4.95
C ASP E 73 -17.18 -57.58 -4.85
N ASN E 74 -18.40 -58.02 -5.16
CA ASN E 74 -19.63 -57.19 -4.86
C ASN E 74 -20.40 -57.71 -3.66
N ALA E 75 -20.02 -58.99 -3.22
CA ALA E 75 -20.64 -59.68 -2.13
C ALA E 75 -20.50 -58.87 -0.85
N LYS E 76 -19.38 -58.13 -0.66
CA LYS E 76 -19.19 -57.35 0.53
C LYS E 76 -18.34 -56.21 0.03
N ASN E 77 -18.73 -54.95 0.24
CA ASN E 77 -18.03 -53.82 -0.37
C ASN E 77 -16.91 -53.42 0.53
N THR E 78 -15.84 -54.15 0.26
CA THR E 78 -14.53 -54.05 0.88
C THR E 78 -13.59 -54.15 -0.24
N VAL E 79 -12.26 -54.10 0.06
CA VAL E 79 -11.22 -54.29 -0.97
C VAL E 79 -10.35 -55.46 -0.53
N TYR E 80 -10.06 -56.33 -1.52
CA TYR E 80 -9.30 -57.51 -1.30
C TYR E 80 -8.02 -57.12 -1.95
N LEU E 81 -6.90 -57.44 -1.29
CA LEU E 81 -5.59 -57.14 -1.72
C LEU E 81 -4.87 -58.49 -1.77
N GLN E 82 -4.38 -58.95 -2.99
CA GLN E 82 -3.73 -60.23 -3.05
C GLN E 82 -2.38 -60.08 -3.55
N MET E 83 -1.39 -60.62 -2.79
CA MET E 83 -0.03 -60.64 -3.16
C MET E 83 0.29 -62.03 -3.60
N ASN E 84 0.94 -62.17 -4.77
CA ASN E 84 1.21 -63.46 -5.41
C ASN E 84 2.66 -63.57 -5.36
N SER E 85 3.16 -64.83 -5.34
CA SER E 85 4.62 -65.18 -5.58
C SER E 85 5.54 -64.43 -4.67
N LEU E 86 5.28 -64.64 -3.36
CA LEU E 86 6.02 -64.03 -2.22
C LEU E 86 7.36 -64.72 -2.01
N LYS E 87 8.38 -63.91 -1.56
CA LYS E 87 9.72 -64.34 -1.28
C LYS E 87 10.06 -63.84 0.12
N PRO E 88 10.98 -64.36 0.89
CA PRO E 88 11.40 -63.86 2.17
C PRO E 88 11.68 -62.40 2.12
N GLU E 89 12.15 -61.82 1.01
CA GLU E 89 12.44 -60.35 0.91
C GLU E 89 11.17 -59.43 1.19
N ASP E 90 9.95 -60.07 1.11
CA ASP E 90 8.65 -59.46 1.33
C ASP E 90 8.21 -59.32 2.79
N THR E 91 8.96 -59.88 3.80
CA THR E 91 8.71 -59.70 5.23
C THR E 91 8.82 -58.26 5.53
N ALA E 92 7.74 -57.68 5.96
CA ALA E 92 7.59 -56.21 6.16
C ALA E 92 6.36 -56.04 6.83
N VAL E 93 6.25 -54.84 7.38
CA VAL E 93 5.04 -54.32 7.96
C VAL E 93 4.28 -53.80 6.81
N TYR E 94 2.95 -54.13 6.57
CA TYR E 94 2.22 -53.70 5.37
C TYR E 94 1.11 -52.76 5.86
N TYR E 95 0.80 -51.88 4.92
CA TYR E 95 -0.39 -51.12 5.21
C TYR E 95 -1.17 -51.29 3.95
N CYS E 96 -2.52 -51.51 4.09
CA CYS E 96 -3.40 -51.68 2.98
C CYS E 96 -4.15 -50.40 2.75
N ALA E 97 -3.72 -49.66 1.70
CA ALA E 97 -4.14 -48.30 1.34
C ALA E 97 -3.87 -48.05 -0.07
N ALA E 98 -4.69 -47.10 -0.58
CA ALA E 98 -4.57 -46.61 -1.95
C ALA E 98 -3.21 -46.00 -2.22
N ASP E 99 -2.74 -46.19 -3.43
CA ASP E 99 -1.60 -45.68 -4.06
C ASP E 99 -1.42 -44.19 -3.96
N PRO E 100 -2.29 -43.20 -4.22
CA PRO E 100 -1.88 -41.77 -4.00
C PRO E 100 -1.55 -41.46 -2.59
N ALA E 101 -0.73 -40.37 -2.33
CA ALA E 101 -0.32 -40.12 -0.98
C ALA E 101 0.50 -41.26 -0.42
N SER E 102 0.70 -41.25 0.93
CA SER E 102 1.52 -42.24 1.62
C SER E 102 1.47 -41.92 3.11
N PRO E 103 1.53 -42.92 3.98
CA PRO E 103 1.55 -42.61 5.43
C PRO E 103 2.80 -41.79 5.79
N ALA E 104 2.67 -40.80 6.72
CA ALA E 104 3.77 -40.02 7.17
C ALA E 104 4.55 -40.81 8.20
N PRO E 105 5.79 -40.54 8.47
CA PRO E 105 6.55 -41.21 9.51
C PRO E 105 6.13 -40.53 10.80
N GLY E 106 5.33 -39.40 10.72
CA GLY E 106 4.94 -38.57 11.84
C GLY E 106 3.43 -38.82 11.95
N ASP E 107 2.96 -39.99 11.48
CA ASP E 107 1.56 -40.30 11.57
C ASP E 107 1.51 -41.81 11.51
N TYR E 108 0.32 -42.42 11.63
CA TYR E 108 0.33 -43.88 11.55
C TYR E 108 -0.98 -44.18 11.04
N TRP E 109 -1.08 -44.87 9.92
CA TRP E 109 -2.31 -45.24 9.23
C TRP E 109 -2.79 -46.54 9.68
N GLY E 110 -4.02 -46.54 10.33
CA GLY E 110 -4.77 -47.69 10.87
C GLY E 110 -3.94 -48.49 11.80
N GLN E 111 -4.13 -49.84 11.93
CA GLN E 111 -3.32 -50.76 12.65
C GLN E 111 -2.23 -51.31 11.79
N GLY E 112 -2.51 -51.49 10.47
CA GLY E 112 -1.59 -52.22 9.67
C GLY E 112 -1.75 -53.67 9.87
N THR E 113 -0.88 -54.46 9.23
CA THR E 113 -0.81 -55.90 9.35
C THR E 113 0.61 -56.21 9.22
N GLN E 114 1.13 -57.32 9.82
CA GLN E 114 2.53 -57.77 9.60
C GLN E 114 2.36 -58.99 8.72
N VAL E 115 3.24 -59.12 7.70
CA VAL E 115 3.41 -60.24 6.80
C VAL E 115 4.90 -60.61 6.82
N THR E 116 5.11 -61.93 7.05
CA THR E 116 6.37 -62.55 7.07
C THR E 116 6.30 -63.75 6.22
N VAL E 117 7.36 -64.05 5.38
CA VAL E 117 7.29 -65.03 4.39
C VAL E 117 8.44 -65.93 4.75
N SER E 118 8.04 -67.14 4.92
CA SER E 118 8.83 -68.23 5.28
C SER E 118 9.74 -67.96 6.42
N SER E 119 9.26 -67.29 7.49
CA SER E 119 10.10 -67.13 8.63
C SER E 119 9.27 -67.22 9.86
N GLY E 120 8.66 -66.07 10.18
CA GLY E 120 7.98 -65.95 11.49
C GLY E 120 8.49 -64.72 12.18
N ALA E 121 9.03 -63.74 11.43
CA ALA E 121 9.59 -62.56 11.98
C ALA E 121 8.57 -61.54 12.31
N GLY E 122 7.30 -61.84 11.92
CA GLY E 122 6.20 -60.97 12.10
C GLY E 122 5.02 -61.80 12.45
N GLY E 123 3.96 -61.08 12.78
CA GLY E 123 2.70 -61.67 13.13
C GLY E 123 2.59 -61.81 14.62
N SER E 124 3.23 -60.79 15.26
CA SER E 124 3.32 -60.70 16.63
C SER E 124 2.50 -59.52 17.07
N GLY E 125 1.35 -59.75 17.65
CA GLY E 125 0.39 -58.81 18.08
C GLY E 125 1.13 -57.99 19.17
N GLY E 126 0.77 -56.69 19.20
CA GLY E 126 1.35 -55.73 20.19
C GLY E 126 2.53 -54.91 19.69
N SER E 127 3.06 -55.32 18.57
CA SER E 127 4.10 -54.65 17.88
C SER E 127 3.51 -53.98 16.65
N SER E 128 4.34 -53.11 15.96
CA SER E 128 4.08 -52.29 14.79
C SER E 128 3.47 -53.03 13.64
N GLY E 129 2.26 -52.64 13.21
CA GLY E 129 1.46 -53.27 12.17
C GLY E 129 0.49 -54.15 12.88
N SER E 130 0.46 -54.10 14.21
CA SER E 130 -0.54 -54.79 15.00
C SER E 130 -0.68 -53.93 16.27
N ASP E 131 -0.49 -52.65 16.06
CA ASP E 131 -0.55 -51.65 17.13
C ASP E 131 -0.64 -50.36 16.33
N GLY E 132 -1.81 -49.72 16.41
CA GLY E 132 -2.05 -48.53 15.68
C GLY E 132 -3.43 -47.95 16.02
N ALA E 133 -3.92 -47.17 15.06
CA ALA E 133 -5.16 -46.33 15.20
C ALA E 133 -6.44 -47.06 14.89
N SER E 134 -7.52 -46.64 15.56
CA SER E 134 -8.85 -46.98 15.32
C SER E 134 -9.67 -45.91 15.96
N GLY E 135 -11.01 -46.07 15.95
CA GLY E 135 -11.88 -44.98 16.32
C GLY E 135 -12.05 -44.67 17.75
N SER E 136 -12.49 -43.46 17.98
CA SER E 136 -12.78 -43.12 19.37
C SER E 136 -13.78 -41.94 19.40
N ARG E 137 -14.25 -41.60 20.63
CA ARG E 137 -14.96 -40.33 20.84
C ARG E 137 -14.00 -39.19 21.48
N VAL E 138 -13.43 -39.52 22.68
CA VAL E 138 -12.56 -38.62 23.39
C VAL E 138 -11.18 -39.23 23.51
N THR E 139 -11.04 -40.42 24.02
CA THR E 139 -9.72 -41.11 24.06
C THR E 139 -9.96 -42.57 23.94
N ALA E 140 -8.92 -43.41 23.75
CA ALA E 140 -9.06 -44.78 23.67
C ALA E 140 -7.67 -45.26 24.02
N PHE E 141 -7.62 -46.50 24.49
CA PHE E 141 -6.47 -47.20 24.92
C PHE E 141 -6.62 -48.46 24.27
N SER E 142 -5.55 -49.26 24.18
CA SER E 142 -5.57 -50.60 23.43
C SER E 142 -6.19 -51.77 24.26
N ASN E 143 -6.16 -51.68 25.60
CA ASN E 143 -6.56 -52.67 26.60
C ASN E 143 -6.74 -52.07 27.90
N MET E 144 -7.24 -52.85 28.89
CA MET E 144 -7.44 -52.47 30.28
C MET E 144 -6.01 -52.10 30.84
N ASP E 145 -5.06 -53.00 30.47
CA ASP E 145 -3.67 -53.04 30.84
C ASP E 145 -3.05 -51.76 30.52
N ASP E 146 -3.48 -51.14 29.37
CA ASP E 146 -3.11 -49.80 28.95
C ASP E 146 -3.88 -48.68 29.62
N MET E 147 -5.19 -48.80 29.77
CA MET E 147 -6.15 -47.83 30.33
C MET E 147 -5.76 -47.42 31.72
N LEU E 148 -4.99 -48.32 32.40
CA LEU E 148 -4.51 -48.21 33.74
C LEU E 148 -3.77 -47.02 34.00
N GLN E 149 -3.17 -46.48 32.96
CA GLN E 149 -2.37 -45.33 32.98
C GLN E 149 -3.05 -44.13 33.55
N LYS E 150 -4.40 -44.13 33.59
CA LYS E 150 -5.23 -43.02 34.12
C LYS E 150 -5.39 -43.12 35.63
N ALA E 151 -4.87 -44.20 36.23
CA ALA E 151 -4.88 -44.59 37.65
C ALA E 151 -3.56 -44.29 38.16
N HIS E 152 -2.74 -43.61 37.35
CA HIS E 152 -1.37 -43.25 37.70
C HIS E 152 -1.09 -41.77 37.40
N LEU E 153 -2.08 -40.96 37.45
CA LEU E 153 -2.21 -39.56 37.28
C LEU E 153 -3.54 -39.24 37.85
N VAL E 154 -3.72 -37.97 38.45
CA VAL E 154 -5.01 -37.46 38.86
C VAL E 154 -5.70 -37.04 37.68
N ILE E 155 -6.63 -37.88 37.21
CA ILE E 155 -7.20 -37.59 35.97
C ILE E 155 -8.46 -38.46 36.08
N GLU E 156 -9.58 -37.85 35.65
CA GLU E 156 -10.97 -38.34 35.74
C GLU E 156 -11.77 -37.55 34.73
N GLY E 157 -12.87 -38.22 34.35
CA GLY E 157 -14.02 -37.65 33.58
C GLY E 157 -13.67 -37.73 32.14
N THR E 158 -13.36 -39.05 31.72
CA THR E 158 -12.91 -39.31 30.48
C THR E 158 -13.82 -40.22 29.86
N PHE E 159 -14.18 -39.94 28.55
CA PHE E 159 -15.13 -40.81 27.84
C PHE E 159 -14.13 -41.76 27.11
N ILE E 160 -14.09 -43.11 27.45
CA ILE E 160 -13.09 -44.04 27.09
C ILE E 160 -13.81 -45.06 26.29
N TYR E 161 -13.15 -45.50 25.15
CA TYR E 161 -13.55 -46.56 24.41
C TYR E 161 -12.26 -47.32 24.07
N LEU E 162 -12.21 -48.70 24.22
CA LEU E 162 -11.09 -49.54 23.93
C LEU E 162 -11.20 -49.97 22.54
N ARG E 163 -10.63 -49.11 21.67
CA ARG E 163 -10.77 -49.04 20.25
C ARG E 163 -10.33 -50.38 19.66
N ASP E 164 -9.38 -51.11 20.36
CA ASP E 164 -8.78 -52.35 19.88
C ASP E 164 -9.41 -53.57 20.44
N SER E 165 -10.46 -53.44 21.28
CA SER E 165 -11.13 -54.59 21.86
C SER E 165 -12.62 -54.40 21.94
N THR E 166 -13.04 -53.22 21.44
CA THR E 166 -14.46 -52.76 21.34
C THR E 166 -15.19 -52.78 22.66
N GLU E 167 -14.58 -52.17 23.68
CA GLU E 167 -15.14 -52.09 25.00
C GLU E 167 -15.36 -50.66 25.38
N PHE E 168 -16.40 -50.38 26.25
CA PHE E 168 -16.98 -49.05 26.60
C PHE E 168 -16.81 -48.80 28.13
N PHE E 169 -16.02 -47.73 28.46
CA PHE E 169 -15.67 -47.30 29.84
C PHE E 169 -15.85 -45.80 29.98
N ILE E 170 -16.04 -45.38 31.21
CA ILE E 170 -16.05 -43.97 31.57
C ILE E 170 -15.03 -44.06 32.73
N ARG E 171 -14.13 -43.06 32.71
CA ARG E 171 -13.28 -42.87 33.84
C ARG E 171 -14.00 -41.79 34.65
N VAL E 172 -14.44 -42.18 35.85
CA VAL E 172 -15.24 -41.43 36.71
C VAL E 172 -14.37 -41.17 37.94
N ARG E 173 -14.87 -40.33 38.85
CA ARG E 173 -14.24 -39.98 40.08
C ARG E 173 -13.91 -41.25 40.88
N ASP E 174 -12.61 -41.45 41.11
CA ASP E 174 -12.15 -42.62 41.78
C ASP E 174 -12.67 -43.91 41.21
N GLY E 175 -12.78 -44.11 39.84
CA GLY E 175 -13.14 -45.39 39.41
C GLY E 175 -13.27 -45.36 37.91
N TRP E 176 -13.80 -46.52 37.24
CA TRP E 176 -14.00 -46.51 35.83
C TRP E 176 -15.40 -47.14 35.76
N LYS E 177 -16.37 -46.73 34.91
CA LYS E 177 -17.49 -47.62 34.76
C LYS E 177 -17.04 -48.67 33.70
N LYS E 178 -17.54 -49.97 33.98
CA LYS E 178 -17.37 -51.14 33.12
C LYS E 178 -18.72 -51.50 32.56
N LEU E 179 -19.08 -50.89 31.41
CA LEU E 179 -20.35 -50.77 30.79
C LEU E 179 -20.66 -51.89 29.86
N GLN E 180 -21.96 -52.41 29.85
CA GLN E 180 -22.41 -53.44 28.94
C GLN E 180 -22.71 -52.97 27.55
N LEU E 181 -22.28 -53.72 26.47
CA LEU E 181 -22.72 -53.47 25.16
C LEU E 181 -23.41 -54.70 24.82
N GLY E 182 -24.46 -54.67 23.94
CA GLY E 182 -25.28 -55.86 23.55
C GLY E 182 -24.58 -56.53 22.41
N GLU E 183 -25.31 -57.41 21.68
CA GLU E 183 -24.94 -58.24 20.63
C GLU E 183 -24.49 -57.53 19.33
N LEU E 184 -23.51 -58.25 18.82
CA LEU E 184 -22.88 -57.96 17.58
C LEU E 184 -23.98 -58.18 16.45
N ILE E 185 -24.13 -57.16 15.58
CA ILE E 185 -24.93 -57.17 14.46
C ILE E 185 -23.98 -57.04 13.29
N PRO E 186 -23.74 -58.18 12.54
CA PRO E 186 -22.79 -58.27 11.41
C PRO E 186 -23.09 -57.27 10.33
N ILE E 187 -22.08 -56.73 9.64
CA ILE E 187 -22.28 -55.77 8.50
C ILE E 187 -22.82 -56.38 7.27
N PRO E 188 -24.04 -56.09 6.72
CA PRO E 188 -24.54 -56.75 5.50
C PRO E 188 -24.00 -56.28 4.20
N ALA E 189 -24.31 -57.00 3.07
CA ALA E 189 -24.03 -56.53 1.77
C ALA E 189 -24.69 -55.26 1.29
N ASP E 190 -23.95 -54.45 0.45
CA ASP E 190 -24.42 -53.22 -0.18
C ASP E 190 -25.61 -53.44 -1.02
N SER E 191 -26.60 -52.54 -0.89
CA SER E 191 -27.76 -52.56 -1.68
C SER E 191 -28.12 -51.09 -1.60
N PRO E 192 -28.64 -50.42 -2.56
CA PRO E 192 -29.04 -48.98 -2.62
C PRO E 192 -30.40 -48.53 -1.93
N PRO E 193 -31.29 -49.11 -1.11
CA PRO E 193 -32.51 -48.49 -0.56
C PRO E 193 -32.38 -47.21 0.25
N PRO E 194 -31.34 -46.67 0.81
CA PRO E 194 -31.46 -45.41 1.54
C PRO E 194 -32.14 -44.16 0.96
N PRO E 195 -32.16 -43.68 -0.30
CA PRO E 195 -32.93 -42.45 -0.62
C PRO E 195 -34.36 -42.82 -0.87
N ALA E 196 -34.99 -43.33 0.19
CA ALA E 196 -36.31 -43.84 0.18
C ALA E 196 -37.03 -43.31 1.39
N LEU E 197 -36.59 -42.14 1.90
CA LEU E 197 -37.18 -41.59 3.01
C LEU E 197 -37.78 -40.26 2.62
N GLN F 1 -4.49 -23.92 36.24
CA GLN F 1 -5.27 -24.95 35.37
C GLN F 1 -6.23 -25.94 36.12
N VAL F 2 -7.18 -26.49 35.34
CA VAL F 2 -8.29 -27.21 35.78
C VAL F 2 -7.94 -28.50 36.53
N GLN F 3 -8.68 -28.63 37.75
CA GLN F 3 -8.73 -29.85 38.67
C GLN F 3 -7.51 -30.03 39.50
N LEU F 4 -7.76 -30.08 40.89
CA LEU F 4 -6.80 -30.30 41.95
C LEU F 4 -7.75 -30.72 43.03
N VAL F 5 -7.39 -31.85 43.75
CA VAL F 5 -8.26 -32.29 44.84
C VAL F 5 -7.65 -32.03 46.22
N GLU F 6 -8.36 -31.16 47.02
CA GLU F 6 -7.89 -30.69 48.29
C GLU F 6 -8.81 -31.19 49.37
N SER F 7 -8.17 -31.46 50.60
CA SER F 7 -8.86 -31.77 51.83
C SER F 7 -7.85 -31.41 52.93
N GLY F 8 -8.00 -31.82 54.20
CA GLY F 8 -7.17 -31.45 55.31
C GLY F 8 -7.53 -30.09 55.77
N GLY F 9 -6.71 -29.33 56.51
CA GLY F 9 -7.01 -28.04 57.08
C GLY F 9 -7.80 -28.14 58.40
N GLY F 10 -8.66 -27.10 58.76
CA GLY F 10 -9.35 -27.18 60.09
C GLY F 10 -8.92 -25.98 60.99
N LEU F 11 -9.43 -26.08 62.25
CA LEU F 11 -9.30 -25.05 63.23
C LEU F 11 -8.12 -25.50 64.17
N VAL F 12 -7.10 -24.59 64.31
CA VAL F 12 -5.95 -24.70 65.17
C VAL F 12 -5.93 -23.34 65.85
N GLN F 13 -5.02 -23.32 66.91
CA GLN F 13 -4.67 -22.15 67.68
C GLN F 13 -3.34 -21.76 67.01
N ALA F 14 -2.92 -20.45 67.16
CA ALA F 14 -1.66 -19.97 66.71
C ALA F 14 -0.62 -20.80 67.27
N GLY F 15 0.45 -21.02 66.50
CA GLY F 15 1.50 -21.93 66.84
C GLY F 15 1.29 -23.21 66.07
N GLY F 16 1.68 -24.32 66.78
CA GLY F 16 1.61 -25.68 66.35
C GLY F 16 2.09 -25.97 64.99
N SER F 17 1.29 -26.86 64.34
CA SER F 17 1.53 -27.27 63.04
C SER F 17 0.16 -27.66 62.40
N LEU F 18 0.10 -27.71 61.05
CA LEU F 18 -1.11 -28.10 60.43
C LEU F 18 -0.69 -28.73 59.12
N ARG F 19 -1.34 -29.80 58.62
CA ARG F 19 -1.07 -30.41 57.40
C ARG F 19 -2.28 -30.39 56.58
N LEU F 20 -2.19 -30.37 55.23
CA LEU F 20 -3.30 -30.46 54.33
C LEU F 20 -3.22 -31.89 53.75
N SER F 21 -4.30 -32.32 53.09
CA SER F 21 -4.36 -33.61 52.39
C SER F 21 -4.63 -33.20 50.94
N CYS F 22 -4.06 -33.90 49.89
CA CYS F 22 -4.26 -33.50 48.51
C CYS F 22 -3.84 -34.72 47.71
N ALA F 23 -4.71 -34.97 46.70
CA ALA F 23 -4.47 -35.93 45.60
C ALA F 23 -4.06 -35.03 44.50
N ALA F 24 -2.76 -34.69 44.60
CA ALA F 24 -1.96 -33.75 43.91
C ALA F 24 -1.93 -34.01 42.41
N SER F 25 -2.46 -33.07 41.59
CA SER F 25 -2.56 -32.96 40.10
C SER F 25 -1.22 -32.78 39.47
N GLY F 26 -0.94 -33.28 38.18
CA GLY F 26 0.33 -33.05 37.49
C GLY F 26 0.65 -31.59 37.34
N ILE F 27 -0.47 -30.76 37.59
CA ILE F 27 -0.31 -29.33 37.49
C ILE F 27 0.74 -28.84 38.42
N ILE F 28 0.75 -29.41 39.65
CA ILE F 28 1.62 -29.04 40.72
C ILE F 28 2.53 -30.18 41.10
N PHE F 29 2.13 -31.52 40.97
CA PHE F 29 2.85 -32.68 41.49
C PHE F 29 4.18 -32.75 40.87
N GLY F 30 4.28 -32.60 39.54
CA GLY F 30 5.50 -32.74 38.85
C GLY F 30 6.43 -31.52 38.89
N ARG F 31 6.09 -30.40 39.50
CA ARG F 31 6.84 -29.14 39.54
C ARG F 31 8.03 -29.34 40.40
N ASN F 32 9.03 -28.46 40.18
CA ASN F 32 10.14 -28.38 41.04
C ASN F 32 9.72 -27.91 42.43
N ALA F 33 8.48 -27.25 42.55
CA ALA F 33 8.09 -26.80 43.82
C ALA F 33 6.60 -27.08 43.95
N MET F 34 6.16 -27.44 45.18
CA MET F 34 4.75 -27.63 45.48
C MET F 34 4.79 -27.32 46.93
N GLY F 35 4.04 -26.20 47.15
CA GLY F 35 3.97 -25.54 48.42
C GLY F 35 2.60 -25.11 48.51
N TRP F 36 2.43 -23.79 48.87
CA TRP F 36 1.12 -23.33 49.14
C TRP F 36 0.71 -22.12 48.31
N TYR F 37 -0.58 -22.08 48.05
CA TYR F 37 -1.27 -20.90 47.70
C TYR F 37 -2.19 -20.68 48.84
N ARG F 38 -2.64 -19.38 49.01
CA ARG F 38 -3.77 -19.13 50.01
C ARG F 38 -4.60 -18.02 49.38
N GLN F 39 -5.94 -17.94 49.80
CA GLN F 39 -6.71 -16.80 49.47
C GLN F 39 -7.69 -16.60 50.57
N ALA F 40 -8.35 -15.44 50.51
CA ALA F 40 -9.41 -15.07 51.48
C ALA F 40 -10.56 -14.40 50.67
N PRO F 41 -11.84 -14.51 51.04
CA PRO F 41 -12.86 -13.84 50.19
C PRO F 41 -12.77 -12.34 50.27
N GLY F 42 -11.69 -11.76 50.86
CA GLY F 42 -11.39 -10.40 50.78
C GLY F 42 -10.21 -10.16 49.88
N LYS F 43 -9.48 -11.20 49.47
CA LYS F 43 -8.33 -10.89 48.66
C LYS F 43 -7.91 -12.15 47.82
N GLU F 44 -7.51 -11.84 46.55
CA GLU F 44 -7.19 -12.78 45.55
C GLU F 44 -6.01 -13.61 45.85
N ARG F 45 -5.91 -14.75 45.14
CA ARG F 45 -4.89 -15.73 45.34
C ARG F 45 -3.47 -15.19 45.40
N GLU F 46 -2.76 -15.57 46.45
CA GLU F 46 -1.40 -15.21 46.61
C GLU F 46 -0.47 -16.48 46.85
N LEU F 47 0.82 -16.32 46.36
CA LEU F 47 1.94 -17.17 46.64
C LEU F 47 2.10 -17.19 48.13
N VAL F 48 2.49 -18.44 48.61
CA VAL F 48 2.87 -18.62 49.97
C VAL F 48 4.24 -19.17 50.08
N ALA F 49 4.58 -20.36 49.45
CA ALA F 49 5.87 -20.99 49.62
C ALA F 49 6.04 -21.93 48.41
N GLY F 50 7.35 -22.20 48.20
CA GLY F 50 7.87 -23.05 47.19
C GLY F 50 9.13 -23.61 47.80
N ILE F 51 9.79 -24.40 47.01
CA ILE F 51 10.91 -25.14 47.45
C ILE F 51 11.85 -25.38 46.21
N THR F 52 13.13 -25.55 46.43
CA THR F 52 14.22 -25.99 45.49
C THR F 52 14.26 -27.55 45.78
N ARG F 53 14.16 -28.42 44.75
CA ARG F 53 14.26 -29.84 44.84
C ARG F 53 15.62 -30.30 45.31
N ARG F 54 15.59 -31.23 46.29
CA ARG F 54 16.75 -31.79 46.97
C ARG F 54 17.32 -30.68 47.79
N GLY F 55 17.61 -30.96 49.06
CA GLY F 55 18.18 -30.00 49.93
C GLY F 55 17.10 -29.51 50.98
N SER F 56 17.52 -28.58 51.81
CA SER F 56 16.91 -27.86 52.95
C SER F 56 16.51 -26.48 52.53
N ILE F 57 16.53 -26.09 51.15
CA ILE F 57 16.23 -24.73 50.71
C ILE F 57 14.81 -24.53 50.38
N THR F 58 14.11 -23.70 51.26
CA THR F 58 12.70 -23.40 51.09
C THR F 58 12.64 -21.93 51.13
N TYR F 59 11.57 -21.42 50.55
CA TYR F 59 11.29 -20.04 50.60
C TYR F 59 9.84 -19.91 50.94
N TYR F 60 9.48 -18.78 51.62
CA TYR F 60 8.09 -18.46 51.90
C TYR F 60 7.97 -16.98 51.77
N ALA F 61 6.76 -16.58 51.44
CA ALA F 61 6.40 -15.18 51.24
C ALA F 61 5.94 -14.50 52.58
N ASP F 62 5.73 -13.16 52.60
CA ASP F 62 5.34 -12.31 53.63
C ASP F 62 3.80 -12.24 53.51
N SER F 63 3.23 -13.11 52.65
CA SER F 63 1.74 -13.23 52.48
C SER F 63 1.21 -13.94 53.70
N VAL F 64 2.18 -14.64 54.37
CA VAL F 64 1.97 -15.35 55.61
C VAL F 64 3.04 -14.94 56.58
N LYS F 65 2.82 -15.22 57.89
CA LYS F 65 3.76 -14.90 58.97
C LYS F 65 4.28 -16.22 59.46
N GLY F 66 3.84 -17.37 58.81
CA GLY F 66 4.28 -18.66 59.24
C GLY F 66 5.62 -18.87 58.69
N ARG F 67 6.17 -20.08 59.04
CA ARG F 67 7.49 -20.52 58.69
C ARG F 67 7.26 -21.98 58.19
N PHE F 68 6.42 -22.14 57.21
CA PHE F 68 5.94 -23.35 56.66
C PHE F 68 7.11 -24.17 56.04
N THR F 69 6.98 -25.49 56.08
CA THR F 69 8.07 -26.34 55.63
C THR F 69 7.53 -27.25 54.59
N ILE F 70 8.31 -27.47 53.58
CA ILE F 70 8.03 -28.31 52.44
C ILE F 70 9.18 -29.24 52.46
N SER F 71 8.92 -30.54 52.26
CA SER F 71 9.90 -31.57 52.06
C SER F 71 9.42 -32.39 50.96
N ARG F 72 10.24 -33.08 50.19
CA ARG F 72 9.92 -33.98 49.08
C ARG F 72 10.75 -35.23 49.19
N ASP F 73 10.17 -36.36 48.68
CA ASP F 73 10.70 -37.60 48.38
C ASP F 73 10.93 -37.54 46.89
N ASN F 74 12.13 -37.84 46.47
CA ASN F 74 12.60 -37.82 45.11
C ASN F 74 12.65 -39.22 44.47
N ALA F 75 12.03 -40.19 45.18
CA ALA F 75 11.91 -41.54 44.66
C ALA F 75 10.63 -41.94 45.31
N LYS F 76 9.70 -42.56 44.50
CA LYS F 76 8.34 -42.80 44.90
C LYS F 76 7.68 -41.58 45.41
N ASN F 77 7.79 -40.53 44.59
CA ASN F 77 7.53 -39.05 44.74
C ASN F 77 6.29 -38.77 45.52
N THR F 78 6.41 -37.93 46.51
CA THR F 78 5.29 -37.48 47.27
C THR F 78 5.85 -36.21 47.85
N VAL F 79 4.94 -35.29 48.22
CA VAL F 79 5.31 -34.03 48.76
C VAL F 79 4.74 -33.91 50.19
N TYR F 80 5.58 -33.40 51.17
CA TYR F 80 5.09 -33.21 52.52
C TYR F 80 4.85 -31.77 52.75
N LEU F 81 3.57 -31.34 52.94
CA LEU F 81 3.25 -29.98 53.13
C LEU F 81 2.81 -29.98 54.56
N GLN F 82 3.54 -29.20 55.44
CA GLN F 82 3.26 -28.96 56.86
C GLN F 82 3.47 -27.49 57.15
N MET F 83 2.42 -26.84 57.74
CA MET F 83 2.47 -25.44 58.22
C MET F 83 2.98 -25.44 59.56
N ASN F 84 3.74 -24.40 59.91
CA ASN F 84 4.35 -24.28 61.18
C ASN F 84 4.24 -22.82 61.61
N SER F 85 4.06 -22.63 62.95
CA SER F 85 4.05 -21.38 63.60
C SER F 85 3.01 -20.43 62.96
N LEU F 86 1.75 -20.94 62.85
CA LEU F 86 0.64 -20.23 62.28
C LEU F 86 0.32 -19.03 63.25
N LYS F 87 0.04 -17.82 62.67
CA LYS F 87 -0.33 -16.69 63.38
C LYS F 87 -1.79 -16.40 62.95
N PRO F 88 -2.72 -15.71 63.68
CA PRO F 88 -4.07 -15.38 63.31
C PRO F 88 -4.32 -14.85 61.88
N GLU F 89 -3.33 -14.09 61.36
CA GLU F 89 -3.24 -13.48 60.13
C GLU F 89 -3.13 -14.44 58.92
N ASP F 90 -2.79 -15.71 59.15
CA ASP F 90 -2.62 -16.72 58.21
C ASP F 90 -3.96 -17.39 57.93
N THR F 91 -5.10 -16.98 58.61
CA THR F 91 -6.36 -17.56 58.28
C THR F 91 -6.61 -17.35 56.79
N ALA F 92 -6.92 -18.46 56.06
CA ALA F 92 -7.10 -18.40 54.60
C ALA F 92 -7.66 -19.73 54.07
N VAL F 93 -8.08 -19.85 52.81
CA VAL F 93 -8.48 -20.94 52.00
C VAL F 93 -7.19 -21.31 51.39
N TYR F 94 -6.80 -22.61 51.52
CA TYR F 94 -5.50 -23.06 50.98
C TYR F 94 -5.67 -24.03 49.87
N TYR F 95 -4.65 -23.95 48.98
CA TYR F 95 -4.51 -24.83 47.90
C TYR F 95 -3.12 -25.23 47.89
N CYS F 96 -2.81 -26.42 47.30
CA CYS F 96 -1.41 -26.80 47.06
C CYS F 96 -0.91 -26.20 45.77
N ALA F 97 0.34 -25.60 45.69
CA ALA F 97 0.90 -25.01 44.45
C ALA F 97 2.29 -24.50 44.63
N ALA F 98 2.99 -24.27 43.54
CA ALA F 98 4.12 -23.41 43.53
C ALA F 98 3.75 -21.92 43.41
N ASP F 99 4.68 -21.06 43.78
CA ASP F 99 4.65 -19.61 43.73
C ASP F 99 3.91 -19.15 42.43
N PRO F 100 4.44 -19.45 41.21
CA PRO F 100 3.70 -19.23 39.98
C PRO F 100 2.70 -20.31 39.72
N ALA F 101 1.53 -19.95 39.15
CA ALA F 101 0.44 -20.85 38.68
C ALA F 101 -0.57 -20.01 37.88
N SER F 102 -1.62 -20.69 37.29
CA SER F 102 -2.57 -19.94 36.47
C SER F 102 -3.96 -20.22 37.09
N PRO F 103 -4.22 -19.75 38.33
CA PRO F 103 -5.51 -20.01 38.96
C PRO F 103 -6.58 -19.17 38.30
N ALA F 104 -7.81 -19.64 38.31
CA ALA F 104 -9.04 -19.06 37.85
C ALA F 104 -10.15 -19.98 38.32
N PRO F 105 -11.38 -19.49 38.53
CA PRO F 105 -12.59 -20.37 38.75
C PRO F 105 -12.91 -21.17 37.56
N GLY F 106 -12.31 -20.88 36.43
CA GLY F 106 -12.43 -21.61 35.17
C GLY F 106 -11.27 -22.64 35.09
N ASP F 107 -10.37 -22.55 36.06
CA ASP F 107 -9.17 -23.30 36.14
C ASP F 107 -9.24 -23.73 37.63
N TYR F 108 -10.43 -24.19 38.03
CA TYR F 108 -10.85 -24.39 39.37
C TYR F 108 -10.00 -25.42 39.98
N TRP F 109 -9.64 -25.31 41.30
CA TRP F 109 -8.94 -26.28 42.06
C TRP F 109 -9.92 -26.74 43.15
N GLY F 110 -11.19 -26.84 42.74
CA GLY F 110 -12.28 -27.16 43.55
C GLY F 110 -12.59 -26.13 44.49
N GLN F 111 -12.77 -26.53 45.80
CA GLN F 111 -13.18 -25.55 46.80
C GLN F 111 -11.93 -25.21 47.66
N GLY F 112 -10.93 -26.03 47.66
CA GLY F 112 -9.78 -25.94 48.55
C GLY F 112 -10.28 -26.35 49.93
N THR F 113 -9.54 -25.96 50.95
CA THR F 113 -9.93 -26.22 52.33
C THR F 113 -9.56 -24.99 53.12
N GLN F 114 -10.35 -24.64 54.14
CA GLN F 114 -10.27 -23.53 55.02
C GLN F 114 -9.42 -23.89 56.17
N VAL F 115 -8.44 -22.99 56.49
CA VAL F 115 -7.65 -23.04 57.68
C VAL F 115 -7.91 -21.81 58.45
N THR F 116 -8.26 -21.99 59.69
CA THR F 116 -8.53 -20.88 60.71
C THR F 116 -7.59 -21.04 61.85
N VAL F 117 -6.98 -19.92 62.32
CA VAL F 117 -5.96 -19.90 63.32
C VAL F 117 -6.56 -19.01 64.44
N SER F 118 -6.76 -19.50 65.67
CA SER F 118 -7.22 -18.82 66.86
C SER F 118 -8.49 -18.02 66.52
N SER F 119 -9.47 -18.59 65.78
CA SER F 119 -10.71 -17.98 65.47
C SER F 119 -11.67 -18.51 66.52
N GLY F 120 -11.62 -19.80 66.84
CA GLY F 120 -12.38 -20.58 67.80
C GLY F 120 -13.69 -21.00 67.23
N ALA F 121 -13.78 -20.84 65.80
CA ALA F 121 -14.93 -21.12 64.94
C ALA F 121 -14.54 -21.36 63.55
N GLY F 122 -15.34 -22.15 62.76
CA GLY F 122 -15.27 -22.40 61.34
C GLY F 122 -15.95 -21.36 60.53
N GLY F 123 -15.56 -21.17 59.25
CA GLY F 123 -16.25 -20.22 58.37
C GLY F 123 -15.25 -19.57 57.52
N SER F 124 -15.65 -18.58 56.67
CA SER F 124 -14.62 -17.97 55.81
C SER F 124 -14.85 -16.52 55.88
N GLY F 125 -14.04 -15.91 56.79
CA GLY F 125 -14.10 -14.52 57.08
C GLY F 125 -12.99 -13.83 56.43
N GLY F 126 -12.92 -12.48 56.78
CA GLY F 126 -11.88 -11.61 56.27
C GLY F 126 -12.22 -11.18 54.83
N SER F 127 -13.51 -11.25 54.56
CA SER F 127 -14.26 -10.98 53.37
C SER F 127 -14.40 -9.55 52.87
N SER F 128 -14.61 -9.37 51.51
CA SER F 128 -15.03 -8.06 50.97
C SER F 128 -16.04 -8.35 49.83
N GLY F 129 -15.93 -9.54 49.17
CA GLY F 129 -16.65 -10.04 48.00
C GLY F 129 -17.59 -11.16 48.43
N SER F 130 -18.06 -11.90 47.44
CA SER F 130 -18.97 -12.94 47.67
C SER F 130 -18.41 -14.25 47.24
N ASP F 131 -18.95 -15.34 47.71
CA ASP F 131 -18.70 -16.71 47.20
C ASP F 131 -19.99 -17.41 47.51
N GLY F 132 -21.01 -16.63 47.99
CA GLY F 132 -22.37 -16.99 48.30
C GLY F 132 -22.45 -18.10 49.34
N ALA F 133 -23.22 -19.12 49.03
CA ALA F 133 -23.38 -20.28 49.85
C ALA F 133 -23.23 -21.42 48.87
N SER F 134 -22.35 -21.29 47.81
CA SER F 134 -22.12 -22.16 46.69
C SER F 134 -23.46 -22.53 46.10
N GLY F 135 -23.89 -23.74 46.68
CA GLY F 135 -25.11 -24.41 46.32
C GLY F 135 -24.91 -25.47 45.20
N SER F 136 -26.02 -25.69 44.40
CA SER F 136 -26.11 -26.73 43.40
C SER F 136 -27.14 -26.17 42.53
N ARG F 137 -27.94 -26.98 41.71
CA ARG F 137 -29.01 -26.55 40.85
C ARG F 137 -28.59 -25.77 39.66
N VAL F 138 -27.97 -26.40 38.58
CA VAL F 138 -27.37 -25.70 37.49
C VAL F 138 -27.62 -26.49 36.20
N THR F 139 -27.76 -25.71 35.04
CA THR F 139 -28.00 -26.14 33.69
C THR F 139 -26.97 -27.14 33.34
N ALA F 140 -25.73 -26.92 33.70
CA ALA F 140 -24.72 -27.95 33.46
C ALA F 140 -24.57 -28.77 34.64
N PHE F 141 -25.41 -29.79 34.76
CA PHE F 141 -25.84 -30.51 35.98
C PHE F 141 -24.77 -30.86 37.07
N SER F 142 -25.21 -30.69 38.37
CA SER F 142 -24.33 -30.80 39.52
C SER F 142 -25.05 -31.68 40.52
N ASN F 143 -26.19 -32.31 40.21
CA ASN F 143 -27.02 -33.08 41.11
C ASN F 143 -27.89 -33.99 40.34
N MET F 144 -28.50 -34.88 41.08
CA MET F 144 -29.54 -35.80 40.63
C MET F 144 -30.83 -35.13 40.41
N ASP F 145 -31.02 -34.01 41.24
CA ASP F 145 -32.24 -33.15 41.07
C ASP F 145 -32.34 -32.60 39.65
N ASP F 146 -31.15 -32.26 39.09
CA ASP F 146 -30.93 -31.72 37.79
C ASP F 146 -31.14 -32.71 36.71
N MET F 147 -30.65 -33.95 36.98
CA MET F 147 -30.81 -35.10 36.12
C MET F 147 -32.27 -35.40 35.90
N LEU F 148 -33.12 -35.05 36.87
CA LEU F 148 -34.53 -35.36 36.73
C LEU F 148 -35.25 -34.16 36.26
N GLN F 149 -34.87 -32.95 36.73
CA GLN F 149 -35.77 -31.83 36.48
C GLN F 149 -35.37 -31.07 35.23
N LYS F 150 -34.05 -30.92 34.99
CA LYS F 150 -33.58 -30.02 34.02
C LYS F 150 -33.35 -30.74 32.76
N ALA F 151 -33.52 -32.13 32.76
CA ALA F 151 -33.32 -33.02 31.67
C ALA F 151 -34.31 -32.69 30.61
N HIS F 152 -35.36 -31.99 31.08
CA HIS F 152 -36.57 -31.56 30.39
C HIS F 152 -36.40 -30.17 29.73
N LEU F 153 -35.24 -29.52 30.03
CA LEU F 153 -34.98 -28.11 29.58
C LEU F 153 -33.91 -28.05 28.57
N VAL F 154 -33.47 -29.21 28.07
CA VAL F 154 -32.38 -29.42 27.13
C VAL F 154 -33.03 -30.15 25.94
N ILE F 155 -32.29 -30.10 24.77
CA ILE F 155 -32.62 -30.65 23.46
C ILE F 155 -32.67 -32.12 23.63
N GLU F 156 -33.47 -32.84 22.80
CA GLU F 156 -33.38 -34.29 22.76
C GLU F 156 -32.04 -34.70 22.04
N GLY F 157 -31.12 -35.43 22.82
CA GLY F 157 -29.81 -35.92 22.38
C GLY F 157 -28.73 -35.01 22.76
N THR F 158 -27.91 -35.35 23.85
CA THR F 158 -26.74 -34.67 24.40
C THR F 158 -26.15 -35.56 25.43
N PHE F 159 -24.84 -35.57 25.65
CA PHE F 159 -24.10 -36.14 26.71
C PHE F 159 -23.89 -35.14 27.87
N ILE F 160 -24.39 -35.37 29.08
CA ILE F 160 -24.41 -34.44 30.12
C ILE F 160 -23.35 -34.88 31.08
N TYR F 161 -22.33 -33.97 31.36
CA TYR F 161 -21.24 -34.28 32.27
C TYR F 161 -21.50 -33.67 33.58
N LEU F 162 -21.58 -34.57 34.63
CA LEU F 162 -21.90 -34.34 35.99
C LEU F 162 -20.59 -34.10 36.70
N ARG F 163 -20.25 -32.82 37.07
CA ARG F 163 -18.89 -32.50 37.53
C ARG F 163 -18.73 -32.95 38.97
N ASP F 164 -19.80 -33.46 39.68
CA ASP F 164 -19.67 -33.85 41.06
C ASP F 164 -19.65 -35.39 41.13
N SER F 165 -19.48 -36.05 39.98
CA SER F 165 -19.32 -37.50 40.05
C SER F 165 -18.39 -37.88 38.96
N THR F 166 -18.13 -36.88 38.03
CA THR F 166 -17.40 -36.95 36.80
C THR F 166 -17.94 -38.05 35.92
N GLU F 167 -19.33 -38.10 35.75
CA GLU F 167 -19.94 -39.17 34.99
C GLU F 167 -20.63 -38.50 33.80
N PHE F 168 -20.90 -39.30 32.75
CA PHE F 168 -21.60 -38.84 31.61
C PHE F 168 -22.93 -39.53 31.72
N PHE F 169 -23.96 -38.77 31.38
CA PHE F 169 -25.33 -39.24 31.28
C PHE F 169 -25.84 -38.89 29.96
N ILE F 170 -26.78 -39.66 29.41
CA ILE F 170 -27.19 -39.45 28.00
C ILE F 170 -28.70 -39.26 27.84
N ARG F 171 -29.11 -38.08 27.28
CA ARG F 171 -30.43 -37.67 27.02
C ARG F 171 -30.54 -38.12 25.58
N VAL F 172 -31.66 -38.83 25.14
CA VAL F 172 -31.77 -39.28 23.79
C VAL F 172 -33.11 -38.90 23.23
N ARG F 173 -33.27 -39.10 21.93
CA ARG F 173 -34.52 -38.97 21.29
C ARG F 173 -35.58 -39.80 21.98
N ASP F 174 -36.66 -39.18 22.45
CA ASP F 174 -37.85 -39.75 23.07
C ASP F 174 -37.49 -40.56 24.33
N GLY F 175 -36.48 -40.09 25.13
CA GLY F 175 -36.18 -40.67 26.39
C GLY F 175 -34.86 -40.42 26.86
N TRP F 176 -34.25 -41.46 27.54
CA TRP F 176 -33.03 -41.40 28.27
C TRP F 176 -32.34 -42.73 28.18
N LYS F 177 -30.99 -42.83 28.26
CA LYS F 177 -30.25 -44.03 28.31
C LYS F 177 -29.23 -43.87 29.44
N LYS F 178 -29.46 -44.29 30.69
CA LYS F 178 -28.47 -44.16 31.71
C LYS F 178 -27.47 -45.23 31.50
N LEU F 179 -26.17 -44.85 31.79
CA LEU F 179 -24.98 -45.74 31.72
C LEU F 179 -24.88 -46.52 32.99
N GLN F 180 -24.49 -47.80 33.01
CA GLN F 180 -24.32 -48.68 34.15
C GLN F 180 -23.20 -48.40 35.14
N LEU F 181 -23.50 -48.73 36.40
CA LEU F 181 -22.59 -48.61 37.55
C LEU F 181 -21.48 -49.62 37.51
N GLY F 182 -20.44 -49.14 38.24
CA GLY F 182 -19.24 -49.93 38.33
C GLY F 182 -18.36 -49.55 39.53
N GLU F 183 -17.07 -50.00 39.38
CA GLU F 183 -15.95 -49.98 40.33
C GLU F 183 -15.43 -48.58 40.75
N LEU F 184 -15.04 -48.49 42.01
CA LEU F 184 -14.47 -47.37 42.66
C LEU F 184 -13.06 -47.75 42.92
N ILE F 185 -12.09 -47.17 42.10
CA ILE F 185 -10.70 -47.41 42.11
C ILE F 185 -10.11 -46.04 42.44
N PRO F 186 -9.49 -45.81 43.62
CA PRO F 186 -9.06 -44.61 44.16
C PRO F 186 -7.94 -43.94 43.34
N ILE F 187 -7.90 -42.56 43.31
CA ILE F 187 -6.84 -41.83 42.60
C ILE F 187 -5.57 -41.47 43.44
N PRO F 188 -4.39 -41.97 43.04
CA PRO F 188 -3.10 -41.63 43.60
C PRO F 188 -2.73 -40.41 42.79
N ALA F 189 -1.76 -39.71 43.39
CA ALA F 189 -1.05 -38.63 42.70
C ALA F 189 -0.18 -39.23 41.61
N ASP F 190 0.46 -40.36 41.96
CA ASP F 190 1.40 -41.07 41.12
C ASP F 190 1.66 -42.41 41.82
N SER F 191 2.35 -43.31 41.07
CA SER F 191 2.79 -44.59 41.53
C SER F 191 3.78 -45.13 40.54
N PRO F 192 4.84 -45.81 40.99
CA PRO F 192 5.90 -46.33 40.15
C PRO F 192 5.44 -47.07 38.86
N PRO F 193 4.37 -47.86 38.80
CA PRO F 193 4.02 -48.68 37.62
C PRO F 193 3.94 -48.20 36.12
N PRO F 194 3.70 -47.02 35.67
CA PRO F 194 3.61 -46.67 34.28
C PRO F 194 4.60 -47.15 33.24
N PRO F 195 5.94 -47.19 33.43
CA PRO F 195 6.83 -47.75 32.43
C PRO F 195 6.68 -49.21 32.14
N ALA F 196 5.94 -49.91 33.03
CA ALA F 196 5.72 -51.34 32.78
C ALA F 196 4.47 -51.54 31.98
N LEU F 197 3.76 -50.43 31.56
CA LEU F 197 2.48 -50.50 30.82
C LEU F 197 2.74 -50.30 29.29
#